data_9CA9
#
_entry.id   9CA9
#
_cell.length_a   1.00
_cell.length_b   1.00
_cell.length_c   1.00
_cell.angle_alpha   90.00
_cell.angle_beta   90.00
_cell.angle_gamma   90.00
#
_symmetry.space_group_name_H-M   'P 1'
#
loop_
_entity.id
_entity.type
_entity.pdbx_description
1 polymer 'Helicase SRCAP'
2 polymer 'Vacuolar protein sorting-associated protein 72 homolog'
3 polymer 'Actin-related protein 6'
4 polymer 'Zinc finger HIT domain-containing protein 1'
5 polymer 'RuvB-like 1'
6 polymer 'RuvB-like 2'
7 non-polymer 'PHOSPHOTHIOPHOSPHORIC ACID-ADENYLATE ESTER'
8 non-polymer 'MAGNESIUM ION'
9 non-polymer 'ZINC ION'
10 non-polymer "ADENOSINE-5'-DIPHOSPHATE"
#
loop_
_entity_poly.entity_id
_entity_poly.type
_entity_poly.pdbx_seq_one_letter_code
_entity_poly.pdbx_strand_id
1 'polypeptide(L)'
;MQSSPSPAHPQLPVLQTQMVSDGMTGSNPVSPASSSSPASSGAGGISPQHIAQDSSLDGPPGPPDGATVPLEGFSLSQAA
DLANKGPKWEKSHAEIAEQAKHEAEIETRIAELRKEGFWSLKRLPKVPEPPRPKGHWDYLCEEMQWLSADFAQERRWKRG
VARKVVRMVIRHHEEQRQKEERARREEQAKLRRIASTMAKDVRQFWSNVEKVVQFKQQSRLEEKRKKALDLHLDFIVGQT
EKYSDLLSQSLNQPLTSSKAGSSPCLGSSSAASSPPPPASRLDDEDGDFQPQEDEEEDDEETIEVEEQQEGNDAEAQRRE
IELLRREGELPLEELLRSLPPQLLEGPSSPSQTPSSHDSDTRDGPEEGAEEEPPQVLEIKPPPSAVTQRNKQPWHPDEDD
EEFTANEEEAEDEEDTIAAEEQLEGEVDHAMELSELAREGELSMEELLQQYAGAYAPGSGSSEDEDEDEVDANSSDCEPE
GPVEAEEPPQEDSSSQSDSVEDRSEDEEDEHSEEEETSGSSASEESESEESEDAQSQSQADEEEEDDDFGVEYLLARDEE
QSEADAGSGPPTPGPTTLGPKKEITDIAAAAESLQPKGYTLATTQVKTPIPLLLRGQLREYQHIGLDWLVTMYEKKLNGI
LADEMGLGKTIQTISLLAHLACEKGNWGPHLIIVPTSVMLNWEMELKRWCPSFKILTYYGAQKERKLKRQGWTKPNAFHV
CITSYKLVLQDHQAFRRKNWRYLILDEAQNIKNFKSQRWQSLLNFNSQRRLLLTGTPLQNSLMELWSLMHFLMPHVFQSH
REFKEWFSNPLTGMIEGSQEYNEGLVKRLHKVLRPFLLRRVKVDVEKQMPKKYEHVIRCRLSKRQRCLYDDFMAQTTTKE
TLATGHFMSVINILMQLRKVCNHPNLFDPRPVTSPFITPGICFSTASLVLRATDVHPLQRIDMGRFDLIGLEGRVSRYEA
DTFLPRHRLSRRVLLEVATAPDPPPRPKPVKMKVNRMLQPVPKQEGRTVVVVNNPRAPLGPVPVRPPPGPELSAQPTPGP
VPQVLPASLMVSASPAGPPLIPASRPPGPVLLPPLQPNSGSLPQVLPSPLGVLSGTSRPPTPTLSLKPTPPAPVRLSPAP
PPGSSSLLKPLTVPPGYTFPPAAATTTSTTTATATTTAVPAPTPAPQRLILSPDMQARLPSGEVVSIGQLASLAQRPVAN
AGGSKPLTFQIQGNKLTLTGAQVRQLAVGQPRPLQRNVVHLVSAGGQHHLISQPAHVALIQAVAPTPGPTPVSVLPSSTP
STTPAPTGLSLPLAANQVPPTMVNNTGVVKIVVRQAPRDGLTPVPPLAPAPRPPSSGLPAVLNPRPTLTPGRLPTPTLGT
ARAPMPTPTLVRPLLKLVHSPSPEVSASAPGAAPLTISSPLHVPSSLPGPASSPMPIPNSSPLASPVSSTVSVPLSSSLP
ISVPTTLPAPASAPLTIPISAPLTVSASGPALLTSVTPPLAPVVPAAPGPPSLAPSGASPSASALTLGLATAPSLSSSQT
PGHPLLLAPTSSHVPGLNSTVAPACSPVLVPASALASPFPSAPNPAPAQASLLAPASSASQALATPLAPMAAPQTAILAP
SPAPPLAPLPVLAPSPGAAPVLASSQTPVPVMAPSSTPGTSLASASPVPAPTPVLAPSSTQTMLPAPVPSPLPSPASTQT
LALAPALAPTLGGSSPSQTLSLGTGNPQGPFPTQTLSLTPASSLVPTPAQTLSLAPGPPLGPTQTLSLAPAPPLAPASPV
GPAPAHTLTLAPASSSASLLAPASVQTLTLSPAPVPTLGPAAAQTLALAPASTQSPASQASSLVVSASGAAPLPVTMVSR
LPVSKDEPDTLTLRSGPPSPPSTATSFGGPRPRRQPPPPPRSPFYLDSLEEKRKRQRSERLERIFQLSEAHGALAPVYGT
EVLDFCTLPQPVASPIGPRSPGPSHPTFWTYTEAAHRAVLFPQQRLDQLSEIIERFIFVMPPVEAPPPSLHACHPPPWLA
PRQAAFQEQLASELWPRARPLHRIVCNMRTQFPDLRLIQYDCGKLQTLAVLLRQLKAEGHRVLIFTQMTRMLDVLEQFLT
YHGHLYLRLDGSTRVEQRQALMERFNADKRIFCFILSTRSGGVGVNLTGADTVVFYDSDWNPTMDAQAQDRCHRIGQTRD
VHIYRLISERTVEENILKKANQKRMLGDMAIEGGNFTTAYFKQQTIRELFDMPLEEPSSSSVPSAPEEEEETVASKQTHI
LEQALCRAEDEEDIRAATQAKAEQVAELAEFNENDGFPAGEGEEAGRPGAEDEEMSRAEQEIAALVEQLTPIERYAMKFL
EASLEEVSREELKQAEEQVEAARKDLDQAKEEVFRLPQEEEEGPGAGDESSCGTGGGTHRRSKKAKAPERPGTRVSERLR
GARAETQGANHTPVISAHQTRSTTTPPRCSPARERVPRPAPRPRPTPASAPAAIPALVPVPVSAPVPISAPNPITILPVH
ILPSPPPPSQIPPCSSPACTPPPACTPPPAHTPPPAQTCLVTPSSPLLLGPPSVPISASVTNLPLGLRPEAELCAQALAS
PESLELASVASSETSSLSLVPPKDLLPVAVEILPVSEKNLSLTPSAPSLTLEAGSIPNGQEQEAPDSAEGTTLTVLPEGE
ELPLCVSESNGLELPPSAASDEPLQEPLEADRTSEELTEAKTPTSSPEKPQELVTAEVAAPSTSSSATSSPEGPSPARPP
RRRTSADVEIRGQGTGRPGQPPGPKVLRKLPGRLVTVVEEKELVRRRRQQRGAASTLVPGVSETSASPGSPSVRSMSGPE
SSPPIGGPCEAAPSSSLPTPPQQPFIARRHIELGVTGGGSPENGDGALLAITPPAVKRRRGRPPKKNRSPADAGRGVDEA
PSSTLKGKTNGADPVPGPETLIVADPVLEPQLIPGPQPLGPQPVHRPNPLLSPVEKRRRGRPPKARDLPIPGTISSAGDG
NSESRTQPPPHPSPLTPLPPLLVCPTATVANTVTTVTISTSPPKRKRGRPPKNPPSPRPSQLPVLDRDSTSVLESCGLGR
RRQPQGQGESEGSSSDEDGSRPLTRLARLRLEAEGMRGRKSGGSMVVAVIQDDLDLADSGPGGLELTPPVVSLTPKLRST
RLRPGSLVPPLETEKLPRKRAGAPVGGSPGLAKRGRLQPPSPLGPEGSVEESEAEASGEEEEGDGTPRRRPGPRRLVGTT
NQGDQRILRSSAPPSLAGPAVSHRGRKAKT
;
A
2 'polypeptide(L)'
;MSLAGGRAPRKTAGNRLSGLLEAEEEDEFYQTTYGGFTEESGDDEYQGDQSDTEDEVDSDFDIDEGDEPSSDGEAEEPRR
KRRVVTKAYKEPLKSLRPRKVNTPAGSSQKAREEKALLPLELQDDGSDSRKSMRQSTAEHTRQTFLRVQERQGQSRRRKG
PHCERPLTQEELLREAKITEELNLRSLETYERLEADKKKQVHKKRKCPGPIITYHSVTVPLVGEPGPKEENVDIEGLDPA
PSVSALTPHAGTGPVNPPARCSRTFITFSDDATFEEWFPQGRPPKVPVREVCPVTHRPALYRDPVTDIPYATARAFKIIR
EAYKKYITAHGLPPTASALGPGPPPPEPLPGSGPRALRQKIVIK
;
B
3 'polypeptide(L)'
;MTTLVLDNGAYNAKIGYSHENVSVIPNCQFRSKTARLKTFTANQIDEIKDPSGLFYILPFQKGYLVNWDVQRQVWDYLFG
KEMYQVDFLDTNIIITEPYFNFTSIQESMNEILFEEYQFQAVLRVNAGALSAHRYFRDNPSELCCIIVDSGYSFTHIVPY
CRSKKKKEAIIRINVGGKLLTNHLKEIISYRQLHVMDETHVINQVKEDVCYVSQDFYRDMDIAKLKGEENTVMIDYVLPD
FSTIKKGFCKPREEMVLSGKYKSGEQILRLANERFAVPEILFNPSDIGIQEMGIPEAIVYSIQNLPEEMQPHFFKNIVLT
GGNSLFPGFRDRVYSEVRCLTPTDYDVSVVLPENPITYAWEGGKLISENDDFEDMVVTREDYEENGHSVCEEKFDI
;
C
4 'polypeptide(L)'
;MVEKKTSVRSQDPGQRRVLDRAARQRRINRQLEALENDNFQDDPHAGLPQLGKRLPQFDDDADTGKKKKKTRGDHFKLRF
RKNFQALLEEQNLSVAEGPNYLTACAGPPSRPQRPFCAVCGFPSPYTCVSCGARYCTVRCLGTHQETRCLKWTV
;
D
5 'polypeptide(L)'
;MKIEEVKSTTKTQRIASHSHVKGLGLDESGLAKQAASGLVGQENAREACGVIVELIKSKKMAGRAVLLAGPPGTGKTALA
LAIAQELGSKVPFCPMVGSEVYSTEIKKTEVLMENFRRAIGLRIKETKEVYEGEVTELTPCETENPMGGYGKTISHVIIG
LKTAKGTKQLKLDPSIFESLQKERVEAGDVIYIEANSGAVKRQGRCDTYATEFDLEAEEYVPLPKGDVHKKKEIIQDVTL
HDLDVANARPQGGQDILSMMGQLMKPKKTEITDKLRGEINKVVNKYIDQGIAELVPGVLFVDEVHMLDIECFTYLHRALE
SSIAPIVIFASNRGNCVIRGTEDITSPHGIPLDLLDRVMIIRTMLYTPQEMKQIIKIRAQTEGINISEEALNHLGEIGTK
TTLRYSVQLLTPANLLAKINGKDSIEKEHVEEISELFYDAKSSAKILADQQDKYMK
;
E,G,I
6 'polypeptide(L)'
;MATVTATTKVPEIRDVTRIERIGAHSHIRGLGLDDALEPRQASQGMVGQLAARRAAGVVLEMIREGKIAGRAVLIAGQPG
TGKTAIAMGMAQALGPDTPFTAIAGSEIFSLEMSKTEALTQAFRRSIGVRIKEETEIIEGEVVEIQIDRPATGTGSKVGK
LTLKTTEMETIYDLGTKMIESLTKDKVQAGDVITIDKATGKISKLGRSFTRARDYDAMGSQTKFVQCPDGELQKRKEVVH
TVSLHEIDVINSRTQGFLALFSGDTGEIKSEVREQINAKVAEWREEGKAEIIPGVLFIDEVHMLDIESFSFLNRALESDM
APVLIMATNRGITRIRGTSYQSPHGIPIDLLDRLLIVSTTPYSEKDTKQILRIRCEEEDVEMSEDAYTVLTRIGLETSLR
YAIQLITAASLVCRKRKGTEVQVDDIKRVYSLFLDESRSTQYMKEYQDAFLFNELKGETMDTS
;
F,H,J
#
# COMPACT_ATOMS: atom_id res chain seq x y z
N LYS A 851 4.56 -68.28 37.99
CA LYS A 851 5.82 -67.79 38.50
C LYS A 851 5.94 -66.28 38.30
N LYS A 852 6.89 -65.66 39.01
CA LYS A 852 7.18 -64.24 38.87
C LYS A 852 8.67 -64.03 38.79
N TYR A 853 9.08 -62.99 38.06
CA TYR A 853 10.47 -62.62 37.92
C TYR A 853 10.62 -61.12 38.16
N GLU A 854 11.80 -60.74 38.67
CA GLU A 854 12.10 -59.36 39.00
C GLU A 854 13.32 -58.91 38.20
N HIS A 855 13.19 -57.78 37.51
CA HIS A 855 14.27 -57.21 36.73
C HIS A 855 14.58 -55.81 37.22
N VAL A 856 15.87 -55.47 37.28
CA VAL A 856 16.33 -54.14 37.63
C VAL A 856 17.07 -53.57 36.43
N ILE A 857 16.61 -52.42 35.94
CA ILE A 857 17.18 -51.78 34.75
C ILE A 857 17.80 -50.46 35.18
N ARG A 858 19.07 -50.27 34.84
CA ARG A 858 19.77 -49.03 35.14
C ARG A 858 19.58 -48.02 34.00
N CYS A 859 19.40 -46.76 34.37
CA CYS A 859 19.21 -45.69 33.40
C CYS A 859 20.12 -44.52 33.74
N ARG A 860 20.52 -43.78 32.71
CA ARG A 860 21.39 -42.63 32.86
C ARG A 860 20.58 -41.34 32.83
N LEU A 861 21.16 -40.29 33.39
CA LEU A 861 20.51 -38.98 33.46
C LEU A 861 20.82 -38.16 32.23
N SER A 862 19.88 -37.29 31.87
CA SER A 862 20.08 -36.34 30.79
C SER A 862 20.91 -35.16 31.28
N LYS A 863 21.22 -34.24 30.36
CA LYS A 863 22.03 -33.08 30.72
C LYS A 863 21.31 -32.18 31.73
N ARG A 864 20.01 -31.93 31.50
CA ARG A 864 19.24 -31.12 32.44
C ARG A 864 19.15 -31.81 33.80
N GLN A 865 18.92 -33.12 33.81
CA GLN A 865 18.87 -33.86 35.07
C GLN A 865 20.20 -33.79 35.79
N ARG A 866 21.31 -33.95 35.05
CA ARG A 866 22.63 -33.91 35.66
C ARG A 866 22.92 -32.54 36.25
N CYS A 867 22.57 -31.47 35.51
CA CYS A 867 22.78 -30.13 36.01
C CYS A 867 21.97 -29.86 37.26
N LEU A 868 20.70 -30.27 37.27
CA LEU A 868 19.87 -30.07 38.45
C LEU A 868 20.40 -30.86 39.64
N TYR A 869 20.83 -32.10 39.40
CA TYR A 869 21.37 -32.92 40.49
C TYR A 869 22.63 -32.29 41.07
N ASP A 870 23.53 -31.80 40.20
CA ASP A 870 24.74 -31.15 40.68
C ASP A 870 24.42 -29.87 41.43
N ASP A 871 23.44 -29.10 40.96
CA ASP A 871 23.05 -27.88 41.65
C ASP A 871 22.51 -28.19 43.04
N PHE A 872 21.69 -29.24 43.16
CA PHE A 872 21.15 -29.59 44.47
C PHE A 872 22.25 -30.13 45.39
N MET A 873 23.14 -30.97 44.86
CA MET A 873 24.23 -31.47 45.68
C MET A 873 25.17 -30.36 46.13
N ALA A 874 25.26 -29.28 45.34
CA ALA A 874 26.01 -28.11 45.80
C ALA A 874 25.22 -27.34 46.86
N GLN A 875 23.90 -27.24 46.69
CA GLN A 875 23.06 -26.62 47.71
C GLN A 875 23.04 -27.41 49.01
N THR A 876 23.47 -28.68 48.98
CA THR A 876 23.56 -29.47 50.20
C THR A 876 24.51 -28.83 51.21
N THR A 877 25.65 -28.35 50.74
CA THR A 877 26.64 -27.73 51.63
C THR A 877 26.62 -26.21 51.50
N SER A 889 17.35 -28.80 54.54
CA SER A 889 17.91 -29.93 55.28
C SER A 889 18.18 -31.11 54.35
N VAL A 890 18.68 -32.21 54.92
CA VAL A 890 18.98 -33.39 54.12
C VAL A 890 17.70 -34.01 53.57
N ILE A 891 16.58 -33.87 54.29
CA ILE A 891 15.31 -34.43 53.82
C ILE A 891 14.82 -33.66 52.60
N ASN A 892 14.86 -32.33 52.65
CA ASN A 892 14.42 -31.53 51.50
C ASN A 892 15.30 -31.78 50.29
N ILE A 893 16.62 -31.83 50.49
CA ILE A 893 17.54 -32.16 49.41
C ILE A 893 17.23 -33.54 48.85
N LEU A 894 16.90 -34.48 49.73
CA LEU A 894 16.58 -35.84 49.30
C LEU A 894 15.35 -35.84 48.40
N MET A 895 14.31 -35.11 48.81
CA MET A 895 13.09 -35.04 48.02
C MET A 895 13.34 -34.34 46.68
N GLN A 896 14.13 -33.27 46.68
CA GLN A 896 14.43 -32.58 45.44
C GLN A 896 15.23 -33.48 44.49
N LEU A 897 16.17 -34.25 45.03
CA LEU A 897 16.92 -35.17 44.18
C LEU A 897 16.03 -36.28 43.62
N ARG A 898 15.09 -36.77 44.43
CA ARG A 898 14.15 -37.75 43.92
C ARG A 898 13.29 -37.17 42.79
N LYS A 899 12.83 -35.93 42.96
CA LYS A 899 12.06 -35.28 41.90
C LYS A 899 12.90 -35.09 40.64
N VAL A 900 14.17 -34.71 40.80
CA VAL A 900 15.05 -34.54 39.64
C VAL A 900 15.22 -35.87 38.92
N CYS A 901 15.46 -36.94 39.67
CA CYS A 901 15.60 -38.26 39.06
C CYS A 901 14.31 -38.70 38.38
N ASN A 902 13.16 -38.26 38.89
CA ASN A 902 11.89 -38.60 38.24
C ASN A 902 11.77 -37.89 36.90
N HIS A 903 11.75 -36.54 36.91
CA HIS A 903 11.71 -35.74 35.68
C HIS A 903 11.98 -34.28 36.00
N PRO A 904 12.85 -33.61 35.22
CA PRO A 904 13.08 -32.18 35.46
C PRO A 904 11.86 -31.31 35.20
N ASN A 905 10.87 -31.80 34.44
CA ASN A 905 9.65 -31.04 34.21
C ASN A 905 8.80 -30.86 35.47
N LEU A 906 9.08 -31.64 36.52
CA LEU A 906 8.40 -31.42 37.80
C LEU A 906 8.79 -30.09 38.43
N PHE A 907 9.87 -29.46 37.96
CA PHE A 907 10.33 -28.19 38.51
C PHE A 907 9.84 -27.01 37.66
N ASP A 908 10.15 -27.03 36.37
CA ASP A 908 9.68 -26.00 35.46
C ASP A 908 9.66 -26.52 34.03
N PRO A 909 8.50 -26.52 33.37
CA PRO A 909 8.43 -26.97 31.98
C PRO A 909 9.19 -26.03 31.06
N ARG A 910 9.56 -26.56 29.90
CA ARG A 910 10.17 -25.72 28.88
C ARG A 910 9.20 -24.64 28.46
N PRO A 911 9.62 -23.38 28.39
CA PRO A 911 8.66 -22.29 28.16
C PRO A 911 8.03 -22.36 26.78
N VAL A 912 6.79 -21.88 26.70
CA VAL A 912 6.15 -21.60 25.43
C VAL A 912 6.55 -20.17 25.06
N THR A 913 7.36 -20.04 24.02
CA THR A 913 7.90 -18.75 23.63
C THR A 913 6.93 -18.07 22.67
N SER A 914 6.67 -16.79 22.90
CA SER A 914 5.79 -15.99 22.09
C SER A 914 6.35 -14.58 22.00
N PRO A 915 5.94 -13.79 21.01
CA PRO A 915 6.44 -12.43 20.91
C PRO A 915 5.98 -11.57 22.08
N PHE A 916 6.76 -10.52 22.33
CA PHE A 916 6.41 -9.54 23.35
C PHE A 916 5.38 -8.58 22.78
N ILE A 917 4.17 -8.59 23.34
CA ILE A 917 3.08 -7.78 22.83
C ILE A 917 3.14 -6.41 23.46
N THR A 918 3.19 -5.38 22.63
CA THR A 918 3.24 -3.99 23.01
C THR A 918 1.95 -3.29 22.59
N PRO A 919 1.50 -2.29 23.34
CA PRO A 919 0.41 -1.46 22.85
C PRO A 919 0.88 -0.65 21.66
N GLY A 920 -0.07 -0.31 20.79
CA GLY A 920 0.25 0.46 19.61
C GLY A 920 0.64 1.88 19.96
N ILE A 921 1.17 2.57 18.96
CA ILE A 921 1.52 3.98 19.11
C ILE A 921 0.26 4.81 18.84
N CYS A 922 -0.12 5.62 19.81
CA CYS A 922 -1.26 6.52 19.66
C CYS A 922 -0.73 7.87 19.21
N PHE A 923 -0.91 8.17 17.93
CA PHE A 923 -0.42 9.41 17.34
C PHE A 923 -1.56 10.43 17.35
N SER A 924 -1.38 11.50 18.11
CA SER A 924 -2.40 12.51 18.30
C SER A 924 -2.09 13.71 17.42
N THR A 925 -3.10 14.22 16.73
CA THR A 925 -2.94 15.36 15.85
C THR A 925 -4.12 16.30 16.01
N ALA A 926 -3.97 17.50 15.46
CA ALA A 926 -5.04 18.49 15.52
C ALA A 926 -6.22 18.02 14.68
N SER A 927 -7.43 18.26 15.20
CA SER A 927 -8.62 17.85 14.47
C SER A 927 -8.77 18.61 13.16
N LEU A 928 -8.20 19.81 13.08
CA LEU A 928 -8.26 20.59 11.86
C LEU A 928 -7.43 19.98 10.74
N VAL A 929 -6.42 19.17 11.08
CA VAL A 929 -5.54 18.60 10.07
C VAL A 929 -6.28 17.60 9.19
N LEU A 930 -7.19 16.83 9.78
CA LEU A 930 -7.91 15.81 9.02
C LEU A 930 -8.89 16.40 8.00
N ARG A 931 -9.17 17.70 8.07
CA ARG A 931 -10.07 18.37 7.14
C ARG A 931 -9.32 19.25 6.15
N ALA A 932 -8.01 19.07 6.01
CA ALA A 932 -7.21 19.96 5.17
C ALA A 932 -7.59 19.84 3.70
N THR A 933 -7.78 18.62 3.20
CA THR A 933 -8.10 18.41 1.80
C THR A 933 -9.59 18.59 1.51
N ASP A 934 -10.42 18.58 2.55
CA ASP A 934 -11.87 18.64 2.35
C ASP A 934 -12.28 19.99 1.79
N VAL A 935 -13.11 19.96 0.75
CA VAL A 935 -13.63 21.16 0.11
C VAL A 935 -15.15 21.06 0.08
N HIS A 936 -15.82 22.14 0.46
CA HIS A 936 -17.27 22.15 0.50
C HIS A 936 -17.83 21.95 -0.91
N PRO A 937 -18.96 21.25 -1.04
CA PRO A 937 -19.54 21.05 -2.38
C PRO A 937 -19.89 22.34 -3.09
N LEU A 938 -20.30 23.37 -2.36
CA LEU A 938 -20.58 24.66 -2.98
C LEU A 938 -19.31 25.38 -3.41
N GLN A 939 -18.13 24.84 -3.10
CA GLN A 939 -16.87 25.46 -3.47
C GLN A 939 -16.09 24.68 -4.51
N ARG A 940 -16.63 23.56 -5.00
CA ARG A 940 -15.93 22.75 -5.98
C ARG A 940 -16.86 22.36 -7.11
N ILE A 941 -16.27 22.16 -8.29
CA ILE A 941 -17.03 21.77 -9.48
C ILE A 941 -17.15 20.25 -9.52
N ASP A 942 -18.05 19.76 -10.38
CA ASP A 942 -18.24 18.32 -10.53
C ASP A 942 -17.12 17.76 -11.41
N MET A 943 -16.29 16.91 -10.83
CA MET A 943 -15.21 16.28 -11.59
C MET A 943 -15.67 15.05 -12.36
N GLY A 944 -16.92 14.65 -12.22
CA GLY A 944 -17.44 13.52 -12.97
C GLY A 944 -17.68 13.80 -14.43
N ARG A 945 -17.63 15.06 -14.84
CA ARG A 945 -17.75 15.38 -16.26
C ARG A 945 -16.47 15.13 -17.04
N PHE A 946 -15.36 14.88 -16.36
CA PHE A 946 -14.11 14.49 -17.01
C PHE A 946 -13.72 13.05 -16.71
N ASP A 947 -14.64 12.25 -16.17
CA ASP A 947 -14.31 10.88 -15.77
C ASP A 947 -14.38 9.98 -17.00
N LEU A 948 -13.22 9.70 -17.59
CA LEU A 948 -13.14 8.78 -18.71
C LEU A 948 -12.87 7.36 -18.26
N ILE A 949 -12.03 7.18 -17.24
CA ILE A 949 -11.67 5.84 -16.79
C ILE A 949 -12.83 5.18 -16.06
N GLY A 950 -13.76 5.96 -15.51
CA GLY A 950 -14.91 5.38 -14.85
C GLY A 950 -15.92 4.77 -15.80
N LEU A 951 -15.89 5.18 -17.07
CA LEU A 951 -16.82 4.64 -18.06
C LEU A 951 -16.43 3.26 -18.56
N GLU A 952 -15.20 2.83 -18.31
CA GLU A 952 -14.73 1.56 -18.84
C GLU A 952 -15.31 0.41 -18.02
N GLY A 953 -15.88 -0.58 -18.71
CA GLY A 953 -16.55 -1.67 -18.03
C GLY A 953 -17.97 -1.38 -17.63
N ARG A 954 -18.47 -0.18 -17.88
CA ARG A 954 -19.82 0.20 -17.50
C ARG A 954 -20.62 0.78 -18.66
N VAL A 955 -19.97 1.53 -19.55
CA VAL A 955 -20.63 2.19 -20.67
C VAL A 955 -20.17 1.52 -21.96
N SER A 956 -21.10 1.30 -22.88
CA SER A 956 -20.82 0.60 -24.12
C SER A 956 -20.80 1.59 -25.29
N ARG A 957 -20.22 1.15 -26.40
CA ARG A 957 -20.20 1.97 -27.60
C ARG A 957 -21.60 2.17 -28.17
N TYR A 958 -22.48 1.19 -28.00
CA TYR A 958 -23.85 1.34 -28.48
C TYR A 958 -24.52 2.54 -27.80
N GLU A 959 -24.42 2.60 -26.48
CA GLU A 959 -25.05 3.69 -25.72
C GLU A 959 -24.53 5.04 -26.18
N ALA A 960 -23.22 5.15 -26.39
CA ALA A 960 -22.62 6.45 -26.69
C ALA A 960 -22.90 6.86 -28.13
N ASP A 961 -22.87 5.91 -29.08
CA ASP A 961 -22.89 6.24 -30.49
C ASP A 961 -24.28 6.15 -31.13
N THR A 962 -25.06 5.11 -30.83
CA THR A 962 -26.32 4.89 -31.53
C THR A 962 -27.55 5.26 -30.70
N PHE A 963 -27.58 4.87 -29.42
CA PHE A 963 -28.80 5.05 -28.64
C PHE A 963 -28.98 6.48 -28.17
N LEU A 964 -28.02 6.99 -27.39
CA LEU A 964 -28.20 8.31 -26.78
C LEU A 964 -28.41 9.43 -27.79
N PRO A 965 -27.69 9.51 -28.91
CA PRO A 965 -28.00 10.56 -29.89
C PRO A 965 -29.41 10.51 -30.42
N ARG A 966 -30.06 9.35 -30.39
CA ARG A 966 -31.43 9.23 -30.89
C ARG A 966 -32.48 9.41 -29.80
N HIS A 967 -32.20 8.95 -28.59
CA HIS A 967 -33.20 8.86 -27.53
C HIS A 967 -32.87 9.76 -26.35
N ARG A 968 -32.14 10.84 -26.61
CA ARG A 968 -31.98 11.87 -25.60
C ARG A 968 -33.30 12.59 -25.36
N LEU A 969 -33.59 12.89 -24.10
CA LEU A 969 -34.77 13.68 -23.80
C LEU A 969 -34.58 15.12 -24.28
N SER A 970 -35.71 15.78 -24.55
CA SER A 970 -35.74 17.19 -24.86
C SER A 970 -36.56 17.91 -23.80
N ARG A 971 -36.37 19.23 -23.71
CA ARG A 971 -37.13 20.01 -22.76
C ARG A 971 -38.63 19.90 -23.04
N ARG A 972 -39.00 19.87 -24.32
CA ARG A 972 -40.41 19.80 -24.68
C ARG A 972 -41.03 18.49 -24.21
N VAL A 973 -40.33 17.37 -24.46
CA VAL A 973 -40.85 16.06 -24.04
C VAL A 973 -40.95 15.99 -22.52
N LEU A 974 -39.93 16.48 -21.82
CA LEU A 974 -39.94 16.45 -20.37
C LEU A 974 -41.11 17.26 -19.82
N LEU A 975 -41.33 18.45 -20.37
CA LEU A 975 -42.43 19.28 -19.91
C LEU A 975 -43.77 18.62 -20.22
N GLU A 976 -43.90 18.02 -21.41
CA GLU A 976 -45.15 17.35 -21.77
C GLU A 976 -45.46 16.20 -20.82
N VAL A 977 -44.46 15.39 -20.50
CA VAL A 977 -44.69 14.27 -19.59
C VAL A 977 -45.02 14.77 -18.19
N ALA A 978 -44.30 15.79 -17.72
CA ALA A 978 -44.55 16.30 -16.37
C ALA A 978 -45.94 16.91 -16.25
N THR A 979 -46.36 17.69 -17.25
CA THR A 979 -47.65 18.37 -17.17
C THR A 979 -48.82 17.44 -17.42
N ALA A 980 -48.63 16.41 -18.24
CA ALA A 980 -49.73 15.52 -18.58
C ALA A 980 -50.17 14.74 -17.34
N PRO A 981 -51.44 14.33 -17.28
CA PRO A 981 -51.91 13.55 -16.14
C PRO A 981 -51.26 12.18 -16.09
N ASP A 982 -51.53 11.47 -15.00
CA ASP A 982 -50.97 10.14 -14.82
C ASP A 982 -51.53 9.19 -15.87
N PRO A 983 -50.73 8.24 -16.36
CA PRO A 983 -51.22 7.33 -17.38
C PRO A 983 -52.31 6.42 -16.82
N PRO A 984 -53.19 5.92 -17.67
CA PRO A 984 -54.23 5.01 -17.19
C PRO A 984 -53.62 3.74 -16.63
N PRO A 985 -54.28 3.11 -15.66
CA PRO A 985 -53.73 1.88 -15.07
C PRO A 985 -53.59 0.78 -16.13
N ARG A 986 -52.53 -0.01 -15.98
CA ARG A 986 -52.25 -1.06 -16.94
C ARG A 986 -53.34 -2.13 -16.87
N PRO A 987 -53.90 -2.55 -18.00
CA PRO A 987 -54.95 -3.59 -17.97
C PRO A 987 -54.40 -4.91 -17.46
N LYS A 988 -55.27 -5.64 -16.76
CA LYS A 988 -54.90 -6.95 -16.26
C LYS A 988 -54.77 -7.94 -17.42
N PRO A 989 -53.85 -8.90 -17.32
CA PRO A 989 -53.69 -9.89 -18.39
C PRO A 989 -54.96 -10.70 -18.57
N VAL A 990 -55.28 -10.99 -19.83
CA VAL A 990 -56.45 -11.79 -20.19
C VAL A 990 -56.01 -12.90 -21.11
N LYS A 991 -56.37 -14.14 -20.77
CA LYS A 991 -56.00 -15.30 -21.57
C LYS A 991 -56.85 -15.38 -22.82
N MET A 992 -56.35 -14.84 -23.93
CA MET A 992 -57.08 -14.84 -25.19
C MET A 992 -56.22 -15.36 -26.33
N SER A 1882 -62.59 27.01 -3.85
CA SER A 1882 -61.22 27.31 -3.48
C SER A 1882 -61.12 28.61 -2.67
N PRO A 1883 -61.55 28.55 -1.42
CA PRO A 1883 -61.54 29.76 -0.58
C PRO A 1883 -60.16 30.06 -0.01
N PHE A 1884 -59.40 29.00 0.26
CA PHE A 1884 -58.08 29.12 0.87
C PHE A 1884 -56.96 29.19 -0.16
N TYR A 1885 -57.30 29.26 -1.44
CA TYR A 1885 -56.27 29.34 -2.48
C TYR A 1885 -55.45 30.62 -2.33
N LEU A 1886 -54.14 30.48 -2.47
CA LEU A 1886 -53.22 31.60 -2.47
C LEU A 1886 -52.47 31.61 -3.80
N ASP A 1887 -52.42 32.79 -4.44
CA ASP A 1887 -51.75 32.89 -5.72
C ASP A 1887 -50.24 32.83 -5.56
N SER A 1888 -49.71 33.47 -4.52
CA SER A 1888 -48.26 33.50 -4.32
C SER A 1888 -47.71 32.10 -4.03
N LEU A 1889 -48.41 31.32 -3.21
CA LEU A 1889 -47.94 29.98 -2.90
C LEU A 1889 -47.90 29.11 -4.15
N GLU A 1890 -48.94 29.19 -4.99
CA GLU A 1890 -48.96 28.39 -6.20
C GLU A 1890 -47.91 28.86 -7.21
N GLU A 1891 -47.66 30.17 -7.27
CA GLU A 1891 -46.60 30.66 -8.13
C GLU A 1891 -45.25 30.13 -7.67
N LYS A 1892 -45.00 30.14 -6.36
CA LYS A 1892 -43.76 29.56 -5.84
C LYS A 1892 -43.67 28.08 -6.17
N ARG A 1893 -44.77 27.34 -6.02
CA ARG A 1893 -44.74 25.90 -6.27
C ARG A 1893 -44.50 25.60 -7.74
N LYS A 1894 -45.11 26.36 -8.65
CA LYS A 1894 -44.88 26.12 -10.07
C LYS A 1894 -43.48 26.55 -10.50
N ARG A 1895 -42.94 27.61 -9.89
CA ARG A 1895 -41.55 27.95 -10.14
C ARG A 1895 -40.62 26.84 -9.68
N GLN A 1896 -40.91 26.26 -8.51
CA GLN A 1896 -40.12 25.13 -8.03
C GLN A 1896 -40.20 23.94 -8.98
N ARG A 1897 -41.40 23.66 -9.49
CA ARG A 1897 -41.55 22.55 -10.43
C ARG A 1897 -40.76 22.80 -11.72
N SER A 1898 -40.82 24.03 -12.22
CA SER A 1898 -40.04 24.37 -13.42
C SER A 1898 -38.54 24.22 -13.16
N GLU A 1899 -38.07 24.68 -12.00
CA GLU A 1899 -36.66 24.54 -11.67
C GLU A 1899 -36.27 23.08 -11.56
N ARG A 1900 -37.13 22.26 -10.97
CA ARG A 1900 -36.85 20.84 -10.84
C ARG A 1900 -36.74 20.18 -12.22
N LEU A 1901 -37.66 20.53 -13.12
CA LEU A 1901 -37.60 19.95 -14.46
C LEU A 1901 -36.34 20.39 -15.20
N GLU A 1902 -35.97 21.67 -15.07
CA GLU A 1902 -34.74 22.14 -15.70
C GLU A 1902 -33.52 21.41 -15.13
N ARG A 1903 -33.50 21.19 -13.82
CA ARG A 1903 -32.39 20.45 -13.21
C ARG A 1903 -32.33 19.03 -13.72
N ILE A 1904 -33.49 18.38 -13.84
CA ILE A 1904 -33.53 17.02 -14.36
C ILE A 1904 -32.96 16.96 -15.77
N PHE A 1905 -33.38 17.92 -16.62
CA PHE A 1905 -32.86 17.97 -17.98
C PHE A 1905 -31.35 18.16 -18.00
N GLN A 1906 -30.84 19.15 -17.25
CA GLN A 1906 -29.43 19.44 -17.28
C GLN A 1906 -28.61 18.26 -16.75
N LEU A 1907 -29.11 17.59 -15.72
CA LEU A 1907 -28.37 16.45 -15.17
C LEU A 1907 -28.40 15.27 -16.12
N SER A 1908 -29.52 15.04 -16.79
CA SER A 1908 -29.59 13.94 -17.75
C SER A 1908 -28.65 14.19 -18.92
N GLU A 1909 -28.57 15.44 -19.39
CA GLU A 1909 -27.61 15.77 -20.44
C GLU A 1909 -26.18 15.61 -19.94
N ALA A 1910 -25.90 16.03 -18.71
CA ALA A 1910 -24.53 15.97 -18.21
C ALA A 1910 -24.06 14.55 -17.98
N HIS A 1911 -24.94 13.65 -17.55
CA HIS A 1911 -24.52 12.31 -17.16
C HIS A 1911 -24.32 11.36 -18.34
N GLY A 1912 -24.65 11.78 -19.56
CA GLY A 1912 -24.42 10.93 -20.71
C GLY A 1912 -23.67 11.62 -21.83
N ALA A 1913 -22.98 12.71 -21.52
CA ALA A 1913 -22.27 13.47 -22.54
C ALA A 1913 -21.00 12.75 -22.98
N LEU A 1914 -20.29 12.14 -22.05
CA LEU A 1914 -19.00 11.51 -22.37
C LEU A 1914 -19.19 10.15 -23.01
N ALA A 1915 -18.38 9.87 -24.02
CA ALA A 1915 -18.28 8.59 -24.69
C ALA A 1915 -17.01 7.88 -24.25
N PRO A 1916 -17.05 6.56 -24.08
CA PRO A 1916 -15.86 5.85 -23.61
C PRO A 1916 -14.74 5.91 -24.64
N VAL A 1917 -13.50 5.89 -24.12
CA VAL A 1917 -12.34 5.81 -25.01
C VAL A 1917 -12.36 4.50 -25.78
N TYR A 1918 -12.67 3.40 -25.09
CA TYR A 1918 -12.68 2.07 -25.70
C TYR A 1918 -14.06 1.47 -25.76
N GLY A 1919 -14.76 1.38 -24.64
CA GLY A 1919 -16.10 0.83 -24.61
C GLY A 1919 -16.11 -0.66 -24.27
N THR A 1920 -17.27 -1.09 -23.79
CA THR A 1920 -17.42 -2.48 -23.34
C THR A 1920 -17.30 -3.46 -24.50
N GLU A 1921 -17.89 -3.13 -25.66
CA GLU A 1921 -17.86 -4.05 -26.79
C GLU A 1921 -16.44 -4.26 -27.29
N VAL A 1922 -15.67 -3.17 -27.42
CA VAL A 1922 -14.29 -3.28 -27.91
C VAL A 1922 -13.45 -4.09 -26.94
N LEU A 1923 -13.57 -3.80 -25.64
CA LEU A 1923 -12.79 -4.52 -24.64
C LEU A 1923 -13.16 -6.00 -24.63
N ASP A 1924 -14.45 -6.31 -24.73
CA ASP A 1924 -14.86 -7.71 -24.76
C ASP A 1924 -14.32 -8.42 -25.98
N PHE A 1925 -14.37 -7.75 -27.15
CA PHE A 1925 -13.83 -8.35 -28.37
C PHE A 1925 -12.34 -8.61 -28.24
N CYS A 1926 -11.60 -7.65 -27.67
CA CYS A 1926 -10.15 -7.74 -27.60
C CYS A 1926 -9.64 -8.59 -26.45
N THR A 1927 -10.52 -9.07 -25.56
CA THR A 1927 -10.11 -9.80 -24.38
C THR A 1927 -10.15 -11.30 -24.66
N LEU A 1928 -8.98 -11.91 -24.80
CA LEU A 1928 -8.90 -13.35 -25.00
C LEU A 1928 -9.22 -14.06 -23.68
N PRO A 1929 -9.54 -15.35 -23.74
CA PRO A 1929 -9.82 -16.10 -22.51
C PRO A 1929 -8.68 -16.00 -21.51
N GLN A 1930 -9.05 -15.92 -20.23
CA GLN A 1930 -8.16 -15.37 -19.20
C GLN A 1930 -6.78 -16.01 -19.14
N PRO A 1931 -6.63 -17.34 -19.14
CA PRO A 1931 -5.25 -17.86 -19.11
C PRO A 1931 -4.59 -17.78 -20.48
N VAL A 1932 -4.09 -16.58 -20.81
CA VAL A 1932 -3.48 -16.34 -22.10
C VAL A 1932 -2.06 -16.89 -22.10
N ALA A 1933 -1.74 -17.68 -23.14
CA ALA A 1933 -0.40 -18.24 -23.33
C ALA A 1933 0.04 -19.06 -22.11
N SER A 1934 -0.70 -20.13 -21.86
CA SER A 1934 -0.39 -21.01 -20.75
C SER A 1934 -0.61 -22.45 -21.17
N PRO A 1935 0.10 -23.39 -20.57
CA PRO A 1935 -0.24 -24.81 -20.77
C PRO A 1935 -1.61 -25.17 -20.24
N ILE A 1936 -2.16 -24.39 -19.31
CA ILE A 1936 -3.51 -24.58 -18.81
C ILE A 1936 -4.48 -23.88 -19.74
N GLY A 1937 -5.47 -24.63 -20.24
CA GLY A 1937 -6.47 -24.06 -21.10
C GLY A 1937 -7.59 -23.40 -20.33
N PRO A 1938 -8.32 -22.50 -20.98
CA PRO A 1938 -9.50 -21.90 -20.36
C PRO A 1938 -10.62 -22.92 -20.22
N ARG A 1939 -11.67 -22.50 -19.53
CA ARG A 1939 -12.81 -23.37 -19.22
C ARG A 1939 -13.63 -23.53 -20.50
N SER A 1940 -13.31 -24.56 -21.26
CA SER A 1940 -14.07 -24.86 -22.46
C SER A 1940 -15.48 -25.29 -22.10
N PRO A 1941 -16.50 -24.78 -22.80
CA PRO A 1941 -17.88 -25.18 -22.48
C PRO A 1941 -18.14 -26.66 -22.63
N GLY A 1942 -17.48 -27.31 -23.58
CA GLY A 1942 -17.67 -28.72 -23.80
C GLY A 1942 -16.91 -29.19 -25.03
N PRO A 1943 -17.13 -30.44 -25.43
CA PRO A 1943 -16.39 -30.98 -26.59
C PRO A 1943 -16.72 -30.27 -27.89
N SER A 1944 -17.84 -29.54 -27.95
CA SER A 1944 -18.19 -28.80 -29.15
C SER A 1944 -17.23 -27.64 -29.42
N HIS A 1945 -16.55 -27.15 -28.39
CA HIS A 1945 -15.60 -26.04 -28.51
C HIS A 1945 -14.23 -26.56 -28.92
N PRO A 1946 -13.56 -25.87 -29.84
CA PRO A 1946 -12.22 -26.33 -30.26
C PRO A 1946 -11.19 -26.34 -29.15
N THR A 1947 -11.36 -25.51 -28.12
CA THR A 1947 -10.41 -25.47 -27.03
C THR A 1947 -10.40 -26.76 -26.21
N PHE A 1948 -11.49 -27.54 -26.28
CA PHE A 1948 -11.55 -28.78 -25.52
C PHE A 1948 -10.48 -29.76 -25.98
N TRP A 1949 -10.20 -29.81 -27.27
CA TRP A 1949 -9.29 -30.78 -27.85
C TRP A 1949 -7.91 -30.21 -28.12
N THR A 1950 -7.59 -29.06 -27.55
CA THR A 1950 -6.29 -28.43 -27.74
C THR A 1950 -5.34 -28.66 -26.57
N TYR A 1951 -5.84 -28.67 -25.35
CA TYR A 1951 -5.03 -28.79 -24.16
C TYR A 1951 -5.12 -30.19 -23.57
N THR A 1952 -4.07 -30.59 -22.87
CA THR A 1952 -3.96 -31.92 -22.29
C THR A 1952 -3.99 -31.85 -20.77
N GLU A 1953 -4.39 -32.95 -20.15
CA GLU A 1953 -4.36 -33.05 -18.70
C GLU A 1953 -2.95 -33.17 -18.17
N ALA A 1954 -2.03 -33.70 -18.98
CA ALA A 1954 -0.63 -33.81 -18.54
C ALA A 1954 -0.02 -32.44 -18.29
N ALA A 1955 -0.30 -31.48 -19.17
CA ALA A 1955 0.18 -30.12 -18.95
C ALA A 1955 -0.45 -29.52 -17.71
N HIS A 1956 -1.73 -29.83 -17.47
CA HIS A 1956 -2.40 -29.31 -16.28
C HIS A 1956 -1.77 -29.85 -15.01
N ARG A 1957 -1.42 -31.14 -15.00
CA ARG A 1957 -0.86 -31.74 -13.81
C ARG A 1957 0.58 -31.32 -13.55
N ALA A 1958 1.24 -30.69 -14.53
CA ALA A 1958 2.58 -30.16 -14.34
C ALA A 1958 2.59 -28.74 -13.77
N VAL A 1959 1.43 -28.12 -13.60
CA VAL A 1959 1.32 -26.80 -13.01
C VAL A 1959 0.59 -26.93 -11.68
N LEU A 1960 1.21 -26.44 -10.61
CA LEU A 1960 0.67 -26.55 -9.26
C LEU A 1960 0.20 -25.19 -8.77
N PHE A 1961 -1.06 -25.12 -8.33
CA PHE A 1961 -1.58 -23.93 -7.69
C PHE A 1961 -0.99 -23.77 -6.29
N PRO A 1962 -1.08 -22.57 -5.71
CA PRO A 1962 -0.53 -22.38 -4.35
C PRO A 1962 -1.11 -23.33 -3.33
N GLN A 1963 -2.39 -23.69 -3.43
CA GLN A 1963 -2.96 -24.67 -2.51
C GLN A 1963 -2.29 -26.03 -2.66
N GLN A 1964 -2.02 -26.45 -3.91
CA GLN A 1964 -1.32 -27.70 -4.12
C GLN A 1964 0.10 -27.64 -3.57
N ARG A 1965 0.75 -26.48 -3.71
CA ARG A 1965 2.08 -26.31 -3.13
C ARG A 1965 2.04 -26.43 -1.61
N LEU A 1966 1.04 -25.82 -0.98
CA LEU A 1966 0.90 -25.91 0.47
C LEU A 1966 0.66 -27.34 0.90
N ASP A 1967 -0.21 -28.06 0.20
CA ASP A 1967 -0.44 -29.48 0.49
C ASP A 1967 0.83 -30.30 0.26
N GLN A 1968 1.67 -29.87 -0.67
CA GLN A 1968 2.91 -30.59 -0.97
C GLN A 1968 3.98 -30.36 0.09
N LEU A 1969 3.95 -29.22 0.76
CA LEU A 1969 4.95 -28.86 1.75
C LEU A 1969 4.40 -28.88 3.17
N SER A 1970 3.38 -29.71 3.41
CA SER A 1970 2.72 -29.70 4.71
C SER A 1970 3.66 -30.14 5.82
N GLU A 1971 4.41 -31.22 5.59
CA GLU A 1971 5.34 -31.69 6.62
C GLU A 1971 6.45 -30.68 6.85
N ILE A 1972 6.97 -30.10 5.77
CA ILE A 1972 8.00 -29.07 5.90
C ILE A 1972 7.46 -27.88 6.66
N ILE A 1973 6.22 -27.48 6.39
CA ILE A 1973 5.63 -26.34 7.10
C ILE A 1973 5.47 -26.67 8.57
N GLU A 1974 5.02 -27.89 8.88
CA GLU A 1974 4.80 -28.26 10.28
C GLU A 1974 6.11 -28.34 11.05
N ARG A 1975 7.19 -28.77 10.40
CA ARG A 1975 8.43 -29.05 11.11
C ARG A 1975 9.43 -27.89 11.10
N PHE A 1976 9.41 -27.03 10.09
CA PHE A 1976 10.51 -26.10 9.85
C PHE A 1976 10.11 -24.64 9.94
N ILE A 1977 8.84 -24.33 10.15
CA ILE A 1977 8.38 -22.95 10.29
C ILE A 1977 8.30 -22.66 11.78
N PHE A 1978 9.28 -21.92 12.30
CA PHE A 1978 9.35 -21.65 13.73
C PHE A 1978 9.70 -20.22 14.08
N VAL A 1979 10.13 -19.38 13.13
CA VAL A 1979 10.65 -18.07 13.47
C VAL A 1979 9.52 -17.14 13.85
N MET A 1980 9.61 -16.56 15.03
CA MET A 1980 8.65 -15.61 15.55
C MET A 1980 9.31 -14.25 15.68
N PRO A 1981 8.61 -13.16 15.35
CA PRO A 1981 9.15 -11.83 15.60
C PRO A 1981 9.34 -11.62 17.10
N PRO A 1982 10.44 -11.00 17.52
CA PRO A 1982 10.64 -10.76 18.95
C PRO A 1982 9.56 -9.89 19.56
N VAL A 1983 9.03 -8.93 18.82
CA VAL A 1983 8.03 -8.00 19.31
C VAL A 1983 6.86 -8.01 18.34
N GLU A 1984 5.66 -7.79 18.88
CA GLU A 1984 4.45 -7.73 18.08
C GLU A 1984 3.62 -6.56 18.56
N ALA A 1985 3.21 -5.69 17.64
CA ALA A 1985 2.49 -4.48 17.98
C ALA A 1985 1.33 -4.28 17.02
N PRO A 1986 0.25 -3.68 17.48
CA PRO A 1986 -0.82 -3.28 16.57
C PRO A 1986 -0.44 -2.03 15.81
N PRO A 1987 -1.11 -1.74 14.69
CA PRO A 1987 -0.72 -0.60 13.89
C PRO A 1987 -0.92 0.69 14.66
N PRO A 1988 -0.13 1.71 14.36
CA PRO A 1988 -0.33 3.01 15.02
C PRO A 1988 -1.72 3.55 14.75
N SER A 1989 -2.30 4.17 15.77
CA SER A 1989 -3.65 4.70 15.69
C SER A 1989 -3.60 6.22 15.68
N LEU A 1990 -4.43 6.83 14.84
CA LEU A 1990 -4.51 8.26 14.70
C LEU A 1990 -5.67 8.77 15.56
N HIS A 1991 -5.37 9.68 16.48
CA HIS A 1991 -6.36 10.21 17.40
C HIS A 1991 -6.44 11.71 17.23
N ALA A 1992 -7.66 12.22 17.09
CA ALA A 1992 -7.91 13.65 17.09
C ALA A 1992 -9.09 13.95 18.00
N CYS A 1993 -9.07 15.14 18.61
CA CYS A 1993 -10.10 15.48 19.59
C CYS A 1993 -11.47 15.57 18.94
N HIS A 1994 -11.55 16.16 17.74
CA HIS A 1994 -12.81 16.36 17.03
C HIS A 1994 -12.63 15.93 15.58
N PRO A 1995 -12.53 14.64 15.32
CA PRO A 1995 -12.28 14.18 13.95
C PRO A 1995 -13.52 14.33 13.09
N PRO A 1996 -13.37 14.29 11.77
CA PRO A 1996 -14.53 14.23 10.89
C PRO A 1996 -15.36 13.00 11.17
N PRO A 1997 -16.63 13.17 11.56
CA PRO A 1997 -17.44 12.03 12.01
C PRO A 1997 -17.73 11.01 10.93
N TRP A 1998 -17.27 11.21 9.70
CA TRP A 1998 -17.51 10.26 8.63
C TRP A 1998 -16.30 9.38 8.32
N LEU A 1999 -15.11 9.76 8.77
CA LEU A 1999 -13.91 9.01 8.45
C LEU A 1999 -13.94 7.63 9.09
N ALA A 2000 -14.21 7.59 10.40
CA ALA A 2000 -14.20 6.31 11.11
C ALA A 2000 -15.25 5.33 10.60
N PRO A 2001 -16.52 5.71 10.40
CA PRO A 2001 -17.46 4.74 9.82
C PRO A 2001 -17.06 4.25 8.44
N ARG A 2002 -16.49 5.13 7.62
CA ARG A 2002 -16.05 4.72 6.29
C ARG A 2002 -14.92 3.71 6.38
N GLN A 2003 -13.94 3.95 7.24
CA GLN A 2003 -12.85 3.01 7.41
C GLN A 2003 -13.36 1.68 7.95
N ALA A 2004 -14.30 1.74 8.89
CA ALA A 2004 -14.85 0.51 9.45
C ALA A 2004 -15.58 -0.30 8.39
N ALA A 2005 -16.37 0.37 7.55
CA ALA A 2005 -17.09 -0.34 6.49
C ALA A 2005 -16.12 -0.93 5.47
N PHE A 2006 -15.08 -0.17 5.09
CA PHE A 2006 -14.09 -0.69 4.15
C PHE A 2006 -13.41 -1.92 4.72
N GLN A 2007 -13.00 -1.86 5.98
CA GLN A 2007 -12.35 -3.01 6.60
C GLN A 2007 -13.29 -4.19 6.68
N GLU A 2008 -14.56 -3.96 7.02
CA GLU A 2008 -15.52 -5.04 7.13
C GLU A 2008 -15.73 -5.74 5.79
N GLN A 2009 -15.89 -4.95 4.73
CA GLN A 2009 -16.09 -5.53 3.41
C GLN A 2009 -14.86 -6.30 2.95
N LEU A 2010 -13.67 -5.73 3.17
CA LEU A 2010 -12.45 -6.41 2.76
C LEU A 2010 -12.25 -7.71 3.52
N ALA A 2011 -12.55 -7.70 4.82
CA ALA A 2011 -12.44 -8.90 5.63
C ALA A 2011 -13.44 -9.95 5.18
N SER A 2012 -14.68 -9.54 4.91
CA SER A 2012 -15.70 -10.50 4.49
C SER A 2012 -15.38 -11.10 3.13
N GLU A 2013 -14.68 -10.36 2.28
CA GLU A 2013 -14.33 -10.89 0.97
C GLU A 2013 -13.03 -11.68 0.96
N LEU A 2014 -12.09 -11.39 1.86
CA LEU A 2014 -10.75 -11.95 1.77
C LEU A 2014 -10.40 -12.94 2.87
N TRP A 2015 -11.01 -12.86 4.05
CA TRP A 2015 -10.69 -13.81 5.11
C TRP A 2015 -10.93 -15.26 4.73
N PRO A 2016 -12.03 -15.63 4.07
CA PRO A 2016 -12.16 -17.05 3.66
C PRO A 2016 -11.03 -17.53 2.77
N ARG A 2017 -10.45 -16.65 1.96
CA ARG A 2017 -9.34 -17.03 1.10
C ARG A 2017 -8.01 -17.15 1.82
N ALA A 2018 -7.91 -16.65 3.06
CA ALA A 2018 -6.68 -16.71 3.81
C ALA A 2018 -6.60 -17.90 4.74
N ARG A 2019 -7.65 -18.73 4.79
CA ARG A 2019 -7.63 -19.90 5.65
C ARG A 2019 -6.48 -20.86 5.36
N PRO A 2020 -6.09 -21.13 4.11
CA PRO A 2020 -4.96 -22.06 3.89
C PRO A 2020 -3.68 -21.65 4.58
N LEU A 2021 -3.45 -20.35 4.79
CA LEU A 2021 -2.23 -19.90 5.44
C LEU A 2021 -2.32 -19.94 6.97
N HIS A 2022 -3.30 -20.67 7.50
CA HIS A 2022 -3.53 -20.66 8.94
C HIS A 2022 -2.39 -21.33 9.69
N ARG A 2023 -1.89 -22.44 9.16
CA ARG A 2023 -0.82 -23.15 9.86
C ARG A 2023 0.46 -22.34 9.85
N ILE A 2024 0.73 -21.63 8.75
CA ILE A 2024 1.91 -20.79 8.69
C ILE A 2024 1.80 -19.67 9.71
N VAL A 2025 0.64 -19.02 9.77
CA VAL A 2025 0.45 -17.92 10.71
C VAL A 2025 0.61 -18.41 12.14
N CYS A 2026 -0.01 -19.56 12.47
CA CYS A 2026 0.10 -20.10 13.82
C CYS A 2026 1.54 -20.45 14.16
N ASN A 2027 2.26 -21.09 13.23
CA ASN A 2027 3.64 -21.48 13.51
C ASN A 2027 4.54 -20.25 13.67
N MET A 2028 4.24 -19.17 12.96
CA MET A 2028 4.98 -17.93 13.15
C MET A 2028 4.50 -17.11 14.32
N ARG A 2029 3.39 -17.49 14.96
CA ARG A 2029 2.81 -16.69 16.03
C ARG A 2029 3.12 -17.23 17.41
N THR A 2030 3.26 -18.55 17.57
CA THR A 2030 3.55 -19.14 18.86
C THR A 2030 4.24 -20.47 18.68
N GLN A 2031 5.18 -20.76 19.58
CA GLN A 2031 6.00 -21.97 19.51
C GLN A 2031 5.89 -22.69 20.84
N PHE A 2032 5.49 -23.92 20.79
CA PHE A 2032 5.35 -24.78 21.95
C PHE A 2032 6.51 -25.77 22.02
N PRO A 2033 6.94 -26.16 23.23
CA PRO A 2033 8.00 -27.17 23.33
C PRO A 2033 7.58 -28.46 22.66
N ASP A 2034 8.55 -29.06 21.94
CA ASP A 2034 8.29 -30.31 21.25
C ASP A 2034 7.98 -31.43 22.24
N LEU A 2035 6.97 -32.24 21.91
CA LEU A 2035 6.65 -33.39 22.76
C LEU A 2035 7.78 -34.39 22.81
N ARG A 2036 8.66 -34.39 21.80
CA ARG A 2036 9.81 -35.29 21.82
C ARG A 2036 10.77 -34.95 22.94
N LEU A 2037 10.90 -33.67 23.28
CA LEU A 2037 11.84 -33.24 24.31
C LEU A 2037 11.45 -33.72 25.70
N ILE A 2038 10.20 -34.17 25.88
CA ILE A 2038 9.80 -34.76 27.16
C ILE A 2038 10.61 -36.03 27.42
N GLN A 2039 10.71 -36.89 26.41
CA GLN A 2039 11.50 -38.11 26.55
C GLN A 2039 12.99 -37.82 26.53
N TYR A 2040 13.42 -36.81 25.77
CA TYR A 2040 14.84 -36.50 25.67
C TYR A 2040 15.44 -36.01 26.98
N ASP A 2041 14.63 -35.45 27.87
CA ASP A 2041 15.14 -34.88 29.10
C ASP A 2041 15.18 -35.87 30.26
N CYS A 2042 14.78 -37.11 30.03
CA CYS A 2042 14.76 -38.13 31.09
C CYS A 2042 15.19 -39.46 30.49
N GLY A 2043 16.27 -40.04 31.03
CA GLY A 2043 16.70 -41.35 30.58
C GLY A 2043 15.72 -42.43 30.94
N LYS A 2044 15.04 -42.29 32.09
CA LYS A 2044 13.99 -43.21 32.46
C LYS A 2044 12.92 -43.28 31.38
N LEU A 2045 12.57 -42.13 30.79
CA LEU A 2045 11.53 -42.13 29.78
C LEU A 2045 11.98 -42.87 28.52
N GLN A 2046 13.25 -42.73 28.13
CA GLN A 2046 13.74 -43.46 26.98
C GLN A 2046 13.75 -44.96 27.24
N THR A 2047 14.27 -45.38 28.39
CA THR A 2047 14.30 -46.80 28.72
C THR A 2047 12.88 -47.36 28.82
N LEU A 2048 11.95 -46.59 29.38
CA LEU A 2048 10.58 -47.05 29.48
C LEU A 2048 9.91 -47.11 28.13
N ALA A 2049 10.25 -46.20 27.22
CA ALA A 2049 9.74 -46.27 25.86
C ALA A 2049 10.21 -47.55 25.17
N VAL A 2050 11.49 -47.87 25.31
CA VAL A 2050 12.02 -49.10 24.72
C VAL A 2050 11.31 -50.31 25.31
N LEU A 2051 11.18 -50.34 26.65
CA LEU A 2051 10.57 -51.48 27.32
C LEU A 2051 9.11 -51.64 26.92
N LEU A 2052 8.38 -50.52 26.83
CA LEU A 2052 6.96 -50.59 26.48
C LEU A 2052 6.78 -51.00 25.02
N ARG A 2053 7.66 -50.53 24.14
CA ARG A 2053 7.60 -50.97 22.75
C ARG A 2053 7.84 -52.47 22.65
N GLN A 2054 8.83 -52.97 23.38
CA GLN A 2054 9.09 -54.41 23.38
C GLN A 2054 7.89 -55.18 23.93
N LEU A 2055 7.31 -54.70 25.02
CA LEU A 2055 6.18 -55.39 25.64
C LEU A 2055 4.97 -55.40 24.72
N LYS A 2056 4.71 -54.29 24.03
CA LYS A 2056 3.60 -54.27 23.08
C LYS A 2056 3.88 -55.15 21.86
N ALA A 2057 5.14 -55.23 21.43
CA ALA A 2057 5.49 -56.13 20.33
C ALA A 2057 5.23 -57.57 20.72
N GLU A 2058 5.67 -57.97 21.92
CA GLU A 2058 5.44 -59.34 22.36
C GLU A 2058 4.01 -59.60 22.82
N GLY A 2059 3.21 -58.55 23.01
CA GLY A 2059 1.79 -58.72 23.29
C GLY A 2059 1.45 -58.85 24.75
N HIS A 2060 1.91 -57.91 25.58
CA HIS A 2060 1.63 -57.91 27.00
C HIS A 2060 0.93 -56.62 27.41
N ARG A 2061 0.50 -56.59 28.67
CA ARG A 2061 -0.12 -55.41 29.28
C ARG A 2061 0.71 -55.01 30.48
N VAL A 2062 0.84 -53.70 30.70
CA VAL A 2062 1.81 -53.15 31.63
C VAL A 2062 1.10 -52.34 32.71
N LEU A 2063 1.55 -52.49 33.95
CA LEU A 2063 1.18 -51.63 35.06
C LEU A 2063 2.38 -50.76 35.42
N ILE A 2064 2.18 -49.44 35.42
CA ILE A 2064 3.24 -48.49 35.77
C ILE A 2064 2.90 -47.88 37.12
N PHE A 2065 3.79 -48.05 38.08
CA PHE A 2065 3.61 -47.54 39.44
C PHE A 2065 4.60 -46.42 39.70
N THR A 2066 4.09 -45.27 40.15
CA THR A 2066 4.93 -44.16 40.56
C THR A 2066 4.39 -43.55 41.85
N GLN A 2067 5.29 -42.92 42.60
CA GLN A 2067 4.93 -42.33 43.89
C GLN A 2067 4.30 -40.96 43.77
N MET A 2068 4.41 -40.30 42.62
CA MET A 2068 3.99 -38.91 42.47
C MET A 2068 2.93 -38.78 41.37
N THR A 2069 1.94 -37.92 41.63
CA THR A 2069 0.89 -37.67 40.64
C THR A 2069 1.37 -36.77 39.52
N ARG A 2070 2.31 -35.86 39.80
CA ARG A 2070 2.90 -35.07 38.73
C ARG A 2070 3.69 -35.96 37.77
N MET A 2071 4.37 -36.98 38.31
CA MET A 2071 4.96 -37.99 37.46
C MET A 2071 3.88 -38.74 36.67
N LEU A 2072 2.70 -38.93 37.26
CA LEU A 2072 1.59 -39.51 36.49
C LEU A 2072 1.22 -38.62 35.32
N ASP A 2073 1.22 -37.30 35.53
CA ASP A 2073 0.90 -36.37 34.44
C ASP A 2073 1.96 -36.44 33.34
N VAL A 2074 3.24 -36.44 33.72
CA VAL A 2074 4.31 -36.51 32.73
C VAL A 2074 4.26 -37.84 31.98
N LEU A 2075 3.91 -38.92 32.69
CA LEU A 2075 3.73 -40.21 32.04
C LEU A 2075 2.54 -40.18 31.08
N GLU A 2076 1.47 -39.48 31.45
CA GLU A 2076 0.35 -39.32 30.54
C GLU A 2076 0.78 -38.63 29.26
N GLN A 2077 1.58 -37.57 29.41
CA GLN A 2077 2.08 -36.85 28.24
C GLN A 2077 2.93 -37.77 27.36
N PHE A 2078 3.84 -38.52 27.98
CA PHE A 2078 4.74 -39.39 27.23
C PHE A 2078 3.97 -40.49 26.51
N LEU A 2079 3.03 -41.13 27.22
CA LEU A 2079 2.27 -42.22 26.62
C LEU A 2079 1.39 -41.73 25.49
N THR A 2080 0.76 -40.56 25.67
CA THR A 2080 -0.07 -40.02 24.59
C THR A 2080 0.77 -39.59 23.40
N TYR A 2081 1.99 -39.09 23.65
CA TYR A 2081 2.90 -38.80 22.55
C TYR A 2081 3.27 -40.06 21.78
N HIS A 2082 3.55 -41.15 22.51
CA HIS A 2082 3.96 -42.39 21.87
C HIS A 2082 2.79 -43.21 21.34
N GLY A 2083 1.56 -42.89 21.74
CA GLY A 2083 0.39 -43.58 21.23
C GLY A 2083 -0.12 -44.72 22.08
N HIS A 2084 0.37 -44.87 23.31
CA HIS A 2084 -0.10 -45.93 24.20
C HIS A 2084 -1.36 -45.47 24.92
N LEU A 2085 -2.47 -46.17 24.67
CA LEU A 2085 -3.70 -45.91 25.41
C LEU A 2085 -3.52 -46.32 26.88
N TYR A 2086 -4.03 -45.49 27.78
CA TYR A 2086 -3.83 -45.70 29.21
C TYR A 2086 -5.09 -45.32 29.97
N LEU A 2087 -5.22 -45.90 31.16
CA LEU A 2087 -6.17 -45.46 32.17
C LEU A 2087 -5.39 -44.97 33.38
N ARG A 2088 -6.04 -44.16 34.21
CA ARG A 2088 -5.36 -43.50 35.32
C ARG A 2088 -6.16 -43.66 36.61
N LEU A 2089 -5.46 -44.05 37.68
CA LEU A 2089 -6.00 -44.05 39.04
C LEU A 2089 -4.96 -43.37 39.93
N ASP A 2090 -5.18 -42.11 40.26
CA ASP A 2090 -4.15 -41.27 40.87
C ASP A 2090 -4.35 -41.08 42.37
N GLY A 2091 -5.23 -41.86 42.99
CA GLY A 2091 -5.49 -41.73 44.41
C GLY A 2091 -6.46 -40.63 44.77
N SER A 2092 -6.81 -39.76 43.83
CA SER A 2092 -7.85 -38.75 44.05
C SER A 2092 -9.16 -39.11 43.36
N THR A 2093 -9.17 -40.16 42.54
CA THR A 2093 -10.39 -40.59 41.88
C THR A 2093 -11.39 -41.13 42.90
N ARG A 2094 -12.66 -40.94 42.61
CA ARG A 2094 -13.72 -41.38 43.52
C ARG A 2094 -13.81 -42.90 43.52
N VAL A 2095 -14.27 -43.45 44.65
CA VAL A 2095 -14.24 -44.89 44.86
C VAL A 2095 -15.12 -45.61 43.83
N GLU A 2096 -16.30 -45.05 43.54
CA GLU A 2096 -17.19 -45.69 42.58
C GLU A 2096 -16.58 -45.75 41.19
N GLN A 2097 -15.67 -44.83 40.87
CA GLN A 2097 -14.97 -44.87 39.60
C GLN A 2097 -13.88 -45.93 39.57
N ARG A 2098 -13.35 -46.31 40.73
CA ARG A 2098 -12.24 -47.26 40.77
C ARG A 2098 -12.67 -48.63 40.26
N GLN A 2099 -13.83 -49.11 40.71
CA GLN A 2099 -14.32 -50.41 40.25
C GLN A 2099 -14.64 -50.38 38.76
N ALA A 2100 -15.20 -49.27 38.28
CA ALA A 2100 -15.47 -49.13 36.85
C ALA A 2100 -14.18 -49.18 36.05
N LEU A 2101 -13.14 -48.48 36.52
CA LEU A 2101 -11.86 -48.51 35.82
C LEU A 2101 -11.27 -49.92 35.82
N MET A 2102 -11.36 -50.61 36.96
CA MET A 2102 -10.85 -51.98 37.03
C MET A 2102 -11.57 -52.87 36.02
N GLU A 2103 -12.90 -52.80 35.99
CA GLU A 2103 -13.67 -53.64 35.08
C GLU A 2103 -13.36 -53.30 33.63
N ARG A 2104 -13.25 -52.01 33.31
CA ARG A 2104 -12.93 -51.61 31.95
C ARG A 2104 -11.56 -52.12 31.52
N PHE A 2105 -10.56 -51.97 32.39
CA PHE A 2105 -9.21 -52.43 32.05
C PHE A 2105 -9.18 -53.94 31.88
N ASN A 2106 -9.85 -54.68 32.77
CA ASN A 2106 -9.87 -56.13 32.65
C ASN A 2106 -10.65 -56.58 31.43
N ALA A 2107 -11.62 -55.79 30.97
CA ALA A 2107 -12.45 -56.17 29.83
C ALA A 2107 -11.87 -55.69 28.51
N ASP A 2108 -11.29 -54.49 28.48
CA ASP A 2108 -10.78 -53.91 27.24
C ASP A 2108 -9.35 -54.38 26.99
N LYS A 2109 -9.10 -54.93 25.81
CA LYS A 2109 -7.77 -55.37 25.41
C LYS A 2109 -6.97 -54.27 24.72
N ARG A 2110 -7.58 -53.13 24.41
CA ARG A 2110 -6.87 -52.05 23.74
C ARG A 2110 -6.00 -51.25 24.71
N ILE A 2111 -6.42 -51.12 25.97
CA ILE A 2111 -5.70 -50.29 26.93
C ILE A 2111 -4.36 -50.95 27.21
N PHE A 2112 -3.28 -50.35 26.72
CA PHE A 2112 -1.96 -50.94 26.86
C PHE A 2112 -1.45 -50.83 28.28
N CYS A 2113 -1.56 -49.66 28.89
CA CYS A 2113 -0.97 -49.39 30.18
C CYS A 2113 -2.03 -48.95 31.18
N PHE A 2114 -1.69 -49.07 32.47
CA PHE A 2114 -2.55 -48.61 33.56
C PHE A 2114 -1.66 -47.97 34.62
N ILE A 2115 -1.43 -46.66 34.49
CA ILE A 2115 -0.58 -45.95 35.44
C ILE A 2115 -1.29 -45.86 36.78
N LEU A 2116 -0.55 -46.14 37.85
CA LEU A 2116 -1.12 -46.19 39.19
C LEU A 2116 -0.15 -45.58 40.19
N SER A 2117 -0.68 -45.20 41.34
CA SER A 2117 0.12 -44.77 42.49
C SER A 2117 0.19 -45.91 43.50
N THR A 2118 1.40 -46.19 43.99
CA THR A 2118 1.60 -47.33 44.88
C THR A 2118 0.79 -47.18 46.17
N ARG A 2119 0.79 -45.98 46.76
CA ARG A 2119 0.19 -45.79 48.07
C ARG A 2119 -1.33 -45.85 48.04
N SER A 2120 -1.94 -45.88 46.85
CA SER A 2120 -3.38 -45.83 46.70
C SER A 2120 -3.90 -47.18 46.20
N GLY A 2121 -5.22 -47.24 46.01
CA GLY A 2121 -5.87 -48.42 45.49
C GLY A 2121 -6.35 -49.41 46.53
N GLY A 2122 -5.85 -49.34 47.76
CA GLY A 2122 -6.24 -50.29 48.77
C GLY A 2122 -5.76 -51.69 48.46
N VAL A 2123 -6.60 -52.67 48.79
CA VAL A 2123 -6.27 -54.08 48.60
C VAL A 2123 -7.38 -54.76 47.81
N GLY A 2124 -8.47 -54.03 47.58
CA GLY A 2124 -9.61 -54.57 46.88
C GLY A 2124 -9.53 -54.52 45.37
N VAL A 2125 -8.45 -54.01 44.81
CA VAL A 2125 -8.29 -53.90 43.37
C VAL A 2125 -7.77 -55.21 42.82
N ASN A 2126 -8.44 -55.74 41.79
CA ASN A 2126 -8.13 -57.04 41.20
C ASN A 2126 -7.68 -56.82 39.75
N LEU A 2127 -6.41 -56.50 39.57
CA LEU A 2127 -5.85 -56.25 38.25
C LEU A 2127 -5.12 -57.49 37.73
N THR A 2128 -5.90 -58.54 37.49
CA THR A 2128 -5.33 -59.75 36.88
C THR A 2128 -5.28 -59.69 35.36
N GLY A 2129 -5.83 -58.64 34.75
CA GLY A 2129 -5.79 -58.54 33.30
C GLY A 2129 -4.38 -58.36 32.76
N ALA A 2130 -3.57 -57.57 33.44
CA ALA A 2130 -2.21 -57.30 33.00
C ALA A 2130 -1.31 -58.51 33.28
N ASP A 2131 -0.09 -58.44 32.76
CA ASP A 2131 0.92 -59.46 33.04
C ASP A 2131 2.30 -58.88 33.25
N THR A 2132 2.44 -57.55 33.30
CA THR A 2132 3.72 -56.91 33.52
C THR A 2132 3.54 -55.70 34.44
N VAL A 2133 4.47 -55.55 35.38
CA VAL A 2133 4.46 -54.44 36.31
C VAL A 2133 5.78 -53.70 36.18
N VAL A 2134 5.72 -52.39 35.96
CA VAL A 2134 6.90 -51.55 35.85
C VAL A 2134 6.87 -50.52 36.98
N PHE A 2135 7.89 -50.55 37.83
CA PHE A 2135 8.04 -49.59 38.92
C PHE A 2135 8.88 -48.42 38.42
N TYR A 2136 8.24 -47.28 38.16
CA TYR A 2136 8.99 -46.11 37.72
C TYR A 2136 9.98 -45.64 38.78
N ASP A 2137 9.55 -45.61 40.05
CA ASP A 2137 10.44 -45.31 41.16
C ASP A 2137 10.15 -46.27 42.30
N SER A 2138 11.15 -46.48 43.15
CA SER A 2138 11.06 -47.46 44.22
C SER A 2138 10.66 -46.78 45.51
N ASP A 2139 9.78 -47.44 46.27
CA ASP A 2139 9.36 -46.93 47.56
C ASP A 2139 10.38 -47.31 48.64
N TRP A 2140 10.44 -46.49 49.69
CA TRP A 2140 11.29 -46.82 50.82
C TRP A 2140 10.84 -48.09 51.52
N ASN A 2141 9.54 -48.37 51.51
CA ASN A 2141 8.99 -49.54 52.17
C ASN A 2141 8.73 -50.63 51.14
N PRO A 2142 9.43 -51.76 51.20
CA PRO A 2142 9.19 -52.82 50.22
C PRO A 2142 7.81 -53.44 50.30
N THR A 2143 7.09 -53.23 51.41
CA THR A 2143 5.74 -53.78 51.52
C THR A 2143 4.79 -53.14 50.52
N MET A 2144 4.94 -51.83 50.28
CA MET A 2144 4.09 -51.17 49.29
C MET A 2144 4.35 -51.68 47.88
N ASP A 2145 5.63 -51.88 47.53
CA ASP A 2145 5.94 -52.48 46.24
C ASP A 2145 5.43 -53.90 46.15
N ALA A 2146 5.49 -54.65 47.25
CA ALA A 2146 4.95 -56.01 47.26
C ALA A 2146 3.45 -56.00 47.01
N GLN A 2147 2.73 -55.06 47.63
CA GLN A 2147 1.29 -54.94 47.40
C GLN A 2147 1.00 -54.55 45.96
N ALA A 2148 1.78 -53.63 45.40
CA ALA A 2148 1.61 -53.25 44.01
C ALA A 2148 1.81 -54.45 43.08
N GLN A 2149 2.82 -55.28 43.37
CA GLN A 2149 3.03 -56.49 42.58
C GLN A 2149 1.87 -57.46 42.74
N ASP A 2150 1.44 -57.71 43.99
CA ASP A 2150 0.36 -58.65 44.24
C ASP A 2150 -0.97 -58.17 43.68
N ARG A 2151 -1.10 -56.88 43.38
CA ARG A 2151 -2.27 -56.40 42.66
C ARG A 2151 -2.45 -57.08 41.31
N CYS A 2152 -1.36 -57.59 40.72
CA CYS A 2152 -1.40 -58.28 39.45
C CYS A 2152 -0.97 -59.73 39.53
N HIS A 2153 -0.23 -60.12 40.57
CA HIS A 2153 0.27 -61.47 40.74
C HIS A 2153 -0.65 -62.33 41.60
N ARG A 2154 -1.81 -61.81 41.98
CA ARG A 2154 -2.69 -62.48 42.92
C ARG A 2154 -3.30 -63.74 42.29
N ILE A 2155 -4.06 -64.47 43.09
CA ILE A 2155 -4.64 -65.73 42.64
C ILE A 2155 -5.65 -65.48 41.52
N GLY A 2156 -5.78 -66.44 40.61
CA GLY A 2156 -6.66 -66.32 39.47
C GLY A 2156 -6.07 -65.65 38.26
N GLN A 2157 -4.74 -65.57 38.17
CA GLN A 2157 -4.07 -64.91 37.06
C GLN A 2157 -3.28 -65.95 36.28
N THR A 2158 -3.49 -65.98 34.97
CA THR A 2158 -3.13 -67.12 34.13
C THR A 2158 -1.94 -66.86 33.22
N ARG A 2159 -1.06 -65.92 33.58
CA ARG A 2159 0.09 -65.60 32.76
C ARG A 2159 1.29 -65.31 33.66
N ASP A 2160 2.48 -65.50 33.09
CA ASP A 2160 3.71 -65.17 33.82
C ASP A 2160 3.81 -63.67 34.03
N VAL A 2161 4.26 -63.28 35.22
CA VAL A 2161 4.34 -61.88 35.62
C VAL A 2161 5.81 -61.49 35.69
N HIS A 2162 6.16 -60.39 35.03
CA HIS A 2162 7.51 -59.85 35.04
C HIS A 2162 7.50 -58.48 35.71
N ILE A 2163 8.47 -58.26 36.59
CA ILE A 2163 8.58 -57.01 37.34
C ILE A 2163 9.81 -56.26 36.85
N TYR A 2164 9.61 -55.04 36.39
CA TYR A 2164 10.69 -54.20 35.89
C TYR A 2164 10.85 -53.01 36.83
N ARG A 2165 12.05 -52.83 37.36
CA ARG A 2165 12.38 -51.72 38.24
C ARG A 2165 13.41 -50.82 37.57
N LEU A 2166 13.10 -49.53 37.47
CA LEU A 2166 13.98 -48.56 36.83
C LEU A 2166 14.72 -47.75 37.89
N ILE A 2167 16.05 -47.73 37.79
CA ILE A 2167 16.90 -47.07 38.76
C ILE A 2167 17.89 -46.20 38.00
N SER A 2168 18.08 -44.97 38.46
CA SER A 2168 19.05 -44.06 37.84
C SER A 2168 20.44 -44.32 38.39
N GLU A 2169 21.41 -44.46 37.50
CA GLU A 2169 22.77 -44.78 37.90
C GLU A 2169 23.38 -43.64 38.69
N ARG A 2170 24.13 -43.98 39.75
CA ARG A 2170 24.86 -43.01 40.55
C ARG A 2170 23.95 -41.91 41.09
N THR A 2171 22.76 -42.31 41.55
CA THR A 2171 21.82 -41.36 42.13
C THR A 2171 21.29 -41.87 43.46
N VAL A 2172 20.31 -41.15 44.02
CA VAL A 2172 19.69 -41.56 45.27
C VAL A 2172 18.93 -42.87 45.11
N GLU A 2173 18.46 -43.17 43.89
CA GLU A 2173 17.64 -44.36 43.67
C GLU A 2173 18.41 -45.64 43.97
N GLU A 2174 19.73 -45.64 43.78
CA GLU A 2174 20.52 -46.79 44.21
C GLU A 2174 20.45 -46.97 45.72
N ASN A 2175 20.50 -45.86 46.48
CA ASN A 2175 20.35 -45.94 47.91
C ASN A 2175 18.95 -46.44 48.30
N ILE A 2176 17.93 -45.99 47.56
CA ILE A 2176 16.57 -46.43 47.83
C ILE A 2176 16.43 -47.93 47.60
N LEU A 2177 17.00 -48.42 46.50
CA LEU A 2177 16.94 -49.85 46.21
C LEU A 2177 17.72 -50.66 47.24
N LYS A 2178 18.88 -50.14 47.67
CA LYS A 2178 19.65 -50.83 48.70
C LYS A 2178 18.86 -50.91 50.01
N LYS A 2179 18.22 -49.81 50.40
CA LYS A 2179 17.41 -49.82 51.62
C LYS A 2179 16.23 -50.79 51.50
N ALA A 2180 15.57 -50.80 50.35
CA ALA A 2180 14.44 -51.70 50.13
C ALA A 2180 14.90 -53.16 50.16
N PRO B 210 -32.64 -42.07 8.75
CA PRO B 210 -32.53 -42.21 7.30
C PRO B 210 -31.12 -41.96 6.79
N ILE B 211 -30.47 -43.01 6.29
CA ILE B 211 -29.05 -42.97 5.94
C ILE B 211 -28.88 -43.49 4.53
N ILE B 212 -27.75 -43.12 3.92
CA ILE B 212 -27.31 -43.66 2.64
C ILE B 212 -26.03 -44.43 2.89
N THR B 213 -26.05 -45.73 2.57
CA THR B 213 -24.94 -46.61 2.84
C THR B 213 -24.15 -46.85 1.56
N TYR B 214 -22.88 -46.48 1.57
CA TYR B 214 -21.97 -46.72 0.46
C TYR B 214 -21.13 -47.95 0.79
N HIS B 215 -21.15 -48.93 -0.10
CA HIS B 215 -20.55 -50.23 0.17
C HIS B 215 -19.70 -50.64 -1.02
N SER B 216 -18.43 -50.99 -0.76
CA SER B 216 -17.54 -51.51 -1.78
C SER B 216 -17.02 -52.88 -1.33
N VAL B 217 -17.18 -53.87 -2.20
CA VAL B 217 -16.88 -55.26 -1.85
C VAL B 217 -15.85 -55.80 -2.84
N THR B 218 -15.23 -56.92 -2.45
CA THR B 218 -14.37 -57.70 -3.31
C THR B 218 -15.06 -59.04 -3.57
N VAL B 219 -15.40 -59.29 -4.83
CA VAL B 219 -16.14 -60.50 -5.18
C VAL B 219 -15.45 -61.22 -6.33
N PRO B 220 -15.53 -62.54 -6.40
CA PRO B 220 -14.88 -63.26 -7.50
C PRO B 220 -15.54 -62.94 -8.83
N LEU B 221 -14.72 -62.97 -9.88
CA LEU B 221 -15.21 -62.68 -11.23
C LEU B 221 -15.59 -63.96 -11.96
N ALA B 259 -8.73 -63.06 -10.30
CA ALA B 259 -9.79 -63.94 -9.84
C ALA B 259 -10.82 -63.17 -9.01
N ARG B 260 -10.52 -61.89 -8.77
CA ARG B 260 -11.38 -61.03 -7.97
C ARG B 260 -11.63 -59.73 -8.70
N CYS B 261 -12.80 -59.13 -8.45
CA CYS B 261 -13.17 -57.86 -9.04
C CYS B 261 -13.77 -56.98 -7.96
N SER B 262 -13.71 -55.68 -8.19
CA SER B 262 -14.22 -54.70 -7.24
C SER B 262 -15.59 -54.20 -7.68
N ARG B 263 -16.52 -54.14 -6.74
CA ARG B 263 -17.86 -53.65 -7.00
C ARG B 263 -18.28 -52.68 -5.91
N THR B 264 -19.05 -51.67 -6.28
CA THR B 264 -19.55 -50.67 -5.36
C THR B 264 -21.07 -50.71 -5.36
N PHE B 265 -21.66 -50.56 -4.18
CA PHE B 265 -23.09 -50.54 -4.02
C PHE B 265 -23.51 -49.34 -3.18
N ILE B 266 -24.70 -48.83 -3.46
CA ILE B 266 -25.30 -47.73 -2.70
C ILE B 266 -26.64 -48.20 -2.20
N THR B 267 -26.84 -48.13 -0.89
CA THR B 267 -28.05 -48.63 -0.23
C THR B 267 -28.79 -47.47 0.41
N PHE B 268 -30.08 -47.34 0.09
CA PHE B 268 -30.93 -46.32 0.68
C PHE B 268 -31.79 -46.95 1.76
N SER B 269 -31.79 -46.34 2.95
CA SER B 269 -32.53 -46.90 4.08
C SER B 269 -34.03 -46.88 3.83
N ASP B 270 -34.56 -45.80 3.26
CA ASP B 270 -35.99 -45.65 3.04
C ASP B 270 -36.27 -45.32 1.58
N ASP B 271 -37.48 -45.66 1.13
CA ASP B 271 -37.85 -45.41 -0.25
C ASP B 271 -37.97 -43.92 -0.56
N ALA B 272 -38.18 -43.08 0.46
CA ALA B 272 -38.27 -41.65 0.22
C ALA B 272 -36.96 -41.09 -0.29
N THR B 273 -35.84 -41.50 0.33
CA THR B 273 -34.53 -41.07 -0.14
C THR B 273 -34.26 -41.57 -1.56
N PHE B 274 -34.64 -42.82 -1.84
CA PHE B 274 -34.43 -43.37 -3.18
C PHE B 274 -35.22 -42.60 -4.22
N GLU B 275 -36.46 -42.24 -3.90
CA GLU B 275 -37.25 -41.43 -4.83
C GLU B 275 -36.67 -40.04 -4.98
N GLU B 276 -36.18 -39.45 -3.89
CA GLU B 276 -35.63 -38.10 -3.97
C GLU B 276 -34.38 -38.06 -4.83
N TRP B 277 -33.49 -39.03 -4.65
CA TRP B 277 -32.26 -39.04 -5.45
C TRP B 277 -32.51 -39.54 -6.86
N PHE B 278 -33.52 -40.39 -7.05
CA PHE B 278 -33.86 -40.95 -8.37
C PHE B 278 -35.34 -40.73 -8.60
N PRO B 279 -35.74 -39.54 -9.06
CA PRO B 279 -37.16 -39.30 -9.33
C PRO B 279 -37.71 -40.05 -10.53
N GLN B 280 -36.84 -40.62 -11.37
CA GLN B 280 -37.26 -41.31 -12.59
C GLN B 280 -38.15 -40.41 -13.45
N GLY B 281 -37.71 -39.16 -13.62
CA GLY B 281 -38.51 -38.21 -14.37
C GLY B 281 -38.65 -38.63 -15.82
N ARG B 282 -39.85 -38.45 -16.35
CA ARG B 282 -40.10 -38.74 -17.76
C ARG B 282 -39.41 -37.70 -18.63
N PRO B 283 -39.08 -38.05 -19.87
CA PRO B 283 -38.43 -37.08 -20.77
C PRO B 283 -39.33 -35.88 -21.01
N PRO B 284 -38.75 -34.69 -21.10
CA PRO B 284 -39.57 -33.49 -21.30
C PRO B 284 -40.16 -33.45 -22.70
N LYS B 285 -41.17 -32.61 -22.86
CA LYS B 285 -41.89 -32.49 -24.12
C LYS B 285 -41.36 -31.29 -24.88
N VAL B 286 -41.28 -31.42 -26.21
CA VAL B 286 -40.82 -30.30 -27.04
C VAL B 286 -41.96 -29.28 -27.14
N PRO B 287 -41.72 -28.01 -26.83
CA PRO B 287 -42.79 -27.02 -26.93
C PRO B 287 -43.25 -26.84 -28.37
N VAL B 288 -44.52 -26.49 -28.51
CA VAL B 288 -45.12 -26.26 -29.83
C VAL B 288 -44.63 -24.91 -30.35
N ARG B 289 -44.10 -24.91 -31.57
CA ARG B 289 -43.57 -23.69 -32.18
C ARG B 289 -44.75 -22.79 -32.54
N GLU B 290 -45.01 -21.80 -31.69
CA GLU B 290 -46.15 -20.92 -31.88
C GLU B 290 -45.96 -20.05 -33.12
N VAL B 291 -47.07 -19.62 -33.70
CA VAL B 291 -47.07 -18.87 -34.96
C VAL B 291 -47.96 -17.65 -34.77
N CYS B 292 -47.55 -16.54 -35.39
CA CYS B 292 -48.29 -15.29 -35.26
C CYS B 292 -49.60 -15.37 -36.02
N PRO B 293 -50.74 -15.16 -35.36
CA PRO B 293 -52.03 -15.25 -36.09
C PRO B 293 -52.20 -14.17 -37.15
N VAL B 294 -51.45 -13.09 -37.09
CA VAL B 294 -51.63 -11.99 -38.03
C VAL B 294 -50.82 -12.20 -39.29
N THR B 295 -49.53 -12.46 -39.17
CA THR B 295 -48.63 -12.55 -40.32
C THR B 295 -48.19 -13.97 -40.63
N HIS B 296 -48.59 -14.96 -39.82
CA HIS B 296 -48.30 -16.37 -40.01
C HIS B 296 -46.80 -16.67 -40.01
N ARG B 297 -45.96 -15.69 -39.69
CA ARG B 297 -44.54 -15.92 -39.50
C ARG B 297 -44.31 -16.58 -38.14
N PRO B 298 -43.20 -17.30 -37.98
CA PRO B 298 -42.90 -17.91 -36.67
C PRO B 298 -42.87 -16.85 -35.57
N ALA B 299 -43.48 -17.18 -34.44
CA ALA B 299 -43.66 -16.21 -33.37
C ALA B 299 -42.33 -15.92 -32.68
N LEU B 300 -42.14 -14.64 -32.33
CA LEU B 300 -40.95 -14.21 -31.60
C LEU B 300 -41.25 -13.45 -30.33
N TYR B 301 -42.49 -13.00 -30.14
CA TYR B 301 -42.87 -12.18 -28.99
C TYR B 301 -44.17 -12.71 -28.40
N ARG B 302 -44.59 -12.10 -27.29
CA ARG B 302 -45.78 -12.56 -26.56
C ARG B 302 -46.34 -11.37 -25.79
N ASP B 303 -47.39 -10.76 -26.33
CA ASP B 303 -47.99 -9.60 -25.71
C ASP B 303 -48.59 -9.98 -24.35
N PRO B 304 -48.11 -9.41 -23.24
CA PRO B 304 -48.57 -9.86 -21.92
C PRO B 304 -50.05 -9.63 -21.68
N VAL B 305 -50.63 -8.56 -22.22
CA VAL B 305 -52.03 -8.25 -21.95
C VAL B 305 -52.94 -9.29 -22.60
N THR B 306 -52.65 -9.66 -23.85
CA THR B 306 -53.51 -10.57 -24.59
C THR B 306 -52.99 -12.00 -24.64
N ASP B 307 -51.74 -12.24 -24.23
CA ASP B 307 -51.12 -13.56 -24.26
C ASP B 307 -51.11 -14.15 -25.67
N ILE B 308 -51.12 -13.28 -26.68
CA ILE B 308 -51.15 -13.69 -28.08
C ILE B 308 -49.75 -13.51 -28.65
N PRO B 309 -49.05 -14.58 -29.03
CA PRO B 309 -47.73 -14.41 -29.65
C PRO B 309 -47.83 -13.68 -30.98
N TYR B 310 -46.76 -12.95 -31.32
CA TYR B 310 -46.73 -12.18 -32.54
C TYR B 310 -45.27 -12.03 -32.98
N ALA B 311 -45.09 -11.63 -34.24
CA ALA B 311 -43.75 -11.49 -34.79
C ALA B 311 -43.56 -10.20 -35.58
N THR B 312 -44.43 -9.20 -35.40
CA THR B 312 -44.31 -7.96 -36.16
C THR B 312 -44.94 -6.84 -35.34
N ALA B 313 -44.38 -5.63 -35.50
CA ALA B 313 -44.96 -4.46 -34.85
C ALA B 313 -46.36 -4.19 -35.35
N ARG B 314 -46.58 -4.37 -36.66
CA ARG B 314 -47.93 -4.25 -37.20
C ARG B 314 -48.85 -5.30 -36.60
N ALA B 315 -48.34 -6.52 -36.40
CA ALA B 315 -49.14 -7.55 -35.74
C ALA B 315 -49.49 -7.15 -34.32
N PHE B 316 -48.55 -6.52 -33.60
CA PHE B 316 -48.85 -6.04 -32.26
C PHE B 316 -49.93 -4.96 -32.28
N LYS B 317 -49.83 -4.03 -33.23
CA LYS B 317 -50.85 -2.98 -33.33
C LYS B 317 -52.22 -3.57 -33.65
N ILE B 318 -52.26 -4.55 -34.55
CA ILE B 318 -53.53 -5.19 -34.90
C ILE B 318 -54.10 -5.93 -33.70
N ILE B 319 -53.26 -6.64 -32.95
CA ILE B 319 -53.72 -7.36 -31.77
C ILE B 319 -54.28 -6.40 -30.74
N ARG B 320 -53.60 -5.26 -30.53
CA ARG B 320 -54.08 -4.30 -29.55
C ARG B 320 -55.37 -3.63 -30.00
N GLU B 321 -55.51 -3.38 -31.30
CA GLU B 321 -56.77 -2.87 -31.83
C GLU B 321 -57.90 -3.87 -31.62
N ALA B 322 -57.63 -5.16 -31.87
CA ALA B 322 -58.64 -6.18 -31.65
C ALA B 322 -59.02 -6.28 -30.19
N TYR B 323 -58.04 -6.15 -29.30
CA TYR B 323 -58.34 -6.18 -27.86
C TYR B 323 -59.17 -4.97 -27.45
N LYS B 324 -58.87 -3.79 -28.01
CA LYS B 324 -59.69 -2.61 -27.73
C LYS B 324 -61.12 -2.80 -28.22
N LYS B 325 -61.28 -3.35 -29.41
CA LYS B 325 -62.62 -3.62 -29.93
C LYS B 325 -63.36 -4.63 -29.06
N TYR B 326 -62.65 -5.66 -28.60
CA TYR B 326 -63.26 -6.65 -27.71
C TYR B 326 -63.72 -6.01 -26.41
N ILE B 327 -62.89 -5.12 -25.84
CA ILE B 327 -63.28 -4.42 -24.62
C ILE B 327 -64.50 -3.55 -24.88
N THR B 328 -64.53 -2.84 -26.01
CA THR B 328 -65.67 -1.98 -26.32
C THR B 328 -66.95 -2.80 -26.49
N ALA B 329 -66.85 -3.97 -27.14
CA ALA B 329 -68.03 -4.78 -27.39
C ALA B 329 -68.51 -5.46 -26.11
N HIS B 330 -67.66 -6.29 -25.50
CA HIS B 330 -68.06 -7.04 -24.32
C HIS B 330 -68.28 -6.13 -23.12
N GLY B 331 -67.37 -5.19 -22.90
CA GLY B 331 -67.47 -4.28 -21.77
C GLY B 331 -66.95 -4.89 -20.47
N MET C 1 -79.92 47.91 27.85
CA MET C 1 -79.41 49.16 27.32
C MET C 1 -77.89 49.13 27.18
N THR C 2 -77.20 49.21 28.32
CA THR C 2 -75.75 49.17 28.34
C THR C 2 -75.26 47.73 28.37
N THR C 3 -73.98 47.55 28.06
CA THR C 3 -73.36 46.23 27.99
C THR C 3 -72.10 46.23 28.84
N LEU C 4 -71.96 45.21 29.69
CA LEU C 4 -70.81 45.05 30.56
C LEU C 4 -69.90 43.97 30.02
N VAL C 5 -68.61 44.29 29.90
CA VAL C 5 -67.61 43.36 29.40
C VAL C 5 -66.70 42.99 30.56
N LEU C 6 -66.56 41.69 30.80
CA LEU C 6 -65.76 41.21 31.92
C LEU C 6 -64.89 40.05 31.46
N ASP C 7 -63.62 40.10 31.82
CA ASP C 7 -62.68 39.01 31.56
C ASP C 7 -62.31 38.44 32.94
N ASN C 8 -63.11 37.48 33.40
CA ASN C 8 -62.93 36.91 34.72
C ASN C 8 -61.71 36.00 34.75
N GLY C 9 -60.53 36.60 34.57
CA GLY C 9 -59.30 35.83 34.64
C GLY C 9 -58.97 35.40 36.06
N ALA C 10 -58.05 34.45 36.15
CA ALA C 10 -57.63 33.93 37.45
C ALA C 10 -56.73 34.91 38.19
N TYR C 11 -56.18 35.91 37.51
CA TYR C 11 -55.28 36.86 38.13
C TYR C 11 -55.79 38.28 38.10
N ASN C 12 -56.23 38.75 36.93
CA ASN C 12 -56.73 40.11 36.78
C ASN C 12 -58.06 40.08 36.05
N ALA C 13 -59.00 40.87 36.53
CA ALA C 13 -60.31 41.00 35.90
C ALA C 13 -60.32 42.28 35.08
N LYS C 14 -60.46 42.14 33.77
CA LYS C 14 -60.56 43.29 32.86
C LYS C 14 -62.04 43.63 32.74
N ILE C 15 -62.50 44.54 33.59
CA ILE C 15 -63.91 44.88 33.67
C ILE C 15 -64.08 46.33 33.26
N GLY C 16 -65.09 46.58 32.42
CA GLY C 16 -65.39 47.93 31.97
C GLY C 16 -66.69 47.93 31.20
N TYR C 17 -67.18 49.13 30.92
CA TYR C 17 -68.37 49.27 30.11
C TYR C 17 -68.01 49.41 28.64
N SER C 18 -68.97 49.03 27.78
CA SER C 18 -68.70 49.04 26.34
C SER C 18 -68.45 50.45 25.84
N HIS C 19 -69.07 51.44 26.45
CA HIS C 19 -68.91 52.83 26.06
C HIS C 19 -67.80 53.52 26.83
N GLU C 20 -67.05 52.80 27.67
CA GLU C 20 -66.01 53.42 28.48
C GLU C 20 -64.69 52.69 28.31
N ASN C 21 -63.69 53.05 29.12
CA ASN C 21 -62.36 52.47 29.03
C ASN C 21 -62.32 51.13 29.76
N VAL C 22 -61.11 50.60 29.97
CA VAL C 22 -60.89 49.31 30.59
C VAL C 22 -60.07 49.50 31.86
N SER C 23 -60.42 48.72 32.90
CA SER C 23 -59.73 48.73 34.18
C SER C 23 -59.19 47.33 34.46
N VAL C 24 -57.99 47.27 35.00
CA VAL C 24 -57.35 46.01 35.38
C VAL C 24 -57.39 45.88 36.89
N ILE C 25 -58.11 44.87 37.38
CA ILE C 25 -58.34 44.70 38.81
C ILE C 25 -58.06 43.25 39.19
N PRO C 26 -57.30 43.00 40.25
CA PRO C 26 -57.02 41.62 40.66
C PRO C 26 -58.30 40.88 41.05
N ASN C 27 -58.47 39.69 40.50
CA ASN C 27 -59.66 38.89 40.77
C ASN C 27 -59.39 37.86 41.87
N CYS C 28 -59.12 38.38 43.06
CA CYS C 28 -58.89 37.53 44.23
C CYS C 28 -58.89 38.41 45.48
N GLN C 29 -59.26 37.80 46.60
CA GLN C 29 -59.28 38.48 47.88
C GLN C 29 -57.93 38.36 48.56
N PHE C 30 -57.66 39.30 49.49
CA PHE C 30 -56.38 39.37 50.16
C PHE C 30 -56.58 39.49 51.66
N ARG C 31 -55.65 38.89 52.40
CA ARG C 31 -55.56 39.02 53.85
C ARG C 31 -54.11 39.27 54.22
N SER C 32 -53.89 40.12 55.22
CA SER C 32 -52.55 40.47 55.65
C SER C 32 -52.45 40.41 57.17
N LYS C 33 -51.22 40.20 57.65
CA LYS C 33 -50.98 40.13 59.08
C LYS C 33 -51.01 41.50 59.75
N THR C 34 -51.05 42.57 58.97
CA THR C 34 -51.23 43.92 59.51
C THR C 34 -52.69 44.24 59.79
N ALA C 35 -53.63 43.36 59.43
CA ALA C 35 -55.04 43.54 59.71
C ALA C 35 -55.54 42.30 60.45
N ARG C 36 -56.13 42.52 61.63
CA ARG C 36 -56.61 41.40 62.43
C ARG C 36 -57.83 40.76 61.79
N LEU C 37 -58.90 41.53 61.61
CA LEU C 37 -60.13 41.05 60.99
C LEU C 37 -60.47 41.98 59.83
N LYS C 38 -59.90 41.70 58.66
CA LYS C 38 -60.14 42.52 57.48
C LYS C 38 -59.68 41.74 56.26
N THR C 39 -60.63 41.40 55.39
CA THR C 39 -60.35 40.71 54.14
C THR C 39 -60.52 41.71 53.00
N PHE C 40 -59.43 41.94 52.26
CA PHE C 40 -59.47 42.85 51.14
C PHE C 40 -60.10 42.15 49.94
N THR C 41 -60.85 42.91 49.15
CA THR C 41 -61.58 42.36 48.00
C THR C 41 -61.20 43.14 46.75
N ALA C 42 -60.70 42.43 45.74
CA ALA C 42 -60.43 42.97 44.40
C ALA C 42 -59.40 44.07 44.53
N ASN C 43 -59.64 45.27 44.00
CA ASN C 43 -58.62 46.32 43.91
C ASN C 43 -58.34 46.96 45.26
N GLN C 44 -58.95 46.47 46.34
CA GLN C 44 -58.67 47.02 47.66
C GLN C 44 -57.24 46.77 48.10
N ILE C 45 -56.50 45.92 47.38
CA ILE C 45 -55.10 45.68 47.69
C ILE C 45 -54.28 46.96 47.61
N ASP C 46 -54.75 47.94 46.85
CA ASP C 46 -54.05 49.23 46.79
C ASP C 46 -54.05 49.91 48.15
N GLU C 47 -55.06 49.64 48.98
CA GLU C 47 -55.17 50.31 50.27
C GLU C 47 -54.07 49.85 51.22
N ILE C 48 -53.69 48.57 51.17
CA ILE C 48 -52.66 48.07 52.07
C ILE C 48 -51.30 48.68 51.72
N LYS C 49 -50.47 48.84 52.74
CA LYS C 49 -49.19 49.52 52.61
C LYS C 49 -48.00 48.61 52.82
N ASP C 50 -48.20 47.41 53.38
CA ASP C 50 -47.13 46.44 53.62
C ASP C 50 -47.56 45.11 53.02
N PRO C 51 -47.50 44.99 51.68
CA PRO C 51 -47.97 43.76 51.04
C PRO C 51 -47.05 42.56 51.25
N SER C 52 -46.01 42.72 52.06
CA SER C 52 -45.16 41.58 52.39
C SER C 52 -45.95 40.58 53.22
N GLY C 53 -45.71 39.30 52.99
CA GLY C 53 -46.45 38.29 53.72
C GLY C 53 -47.92 38.25 53.39
N LEU C 54 -48.31 38.78 52.24
CA LEU C 54 -49.71 38.82 51.85
C LEU C 54 -50.25 37.42 51.58
N PHE C 55 -51.49 37.20 51.98
CA PHE C 55 -52.18 35.94 51.74
C PHE C 55 -53.22 36.12 50.65
N TYR C 56 -53.24 35.19 49.70
CA TYR C 56 -54.11 35.28 48.53
C TYR C 56 -55.25 34.28 48.67
N ILE C 57 -56.47 34.76 48.47
CA ILE C 57 -57.64 33.90 48.43
C ILE C 57 -58.13 33.90 46.98
N LEU C 58 -57.84 32.82 46.27
CA LEU C 58 -58.12 32.75 44.86
C LEU C 58 -59.41 32.00 44.59
N PRO C 59 -60.19 32.45 43.60
CA PRO C 59 -61.37 31.68 43.17
C PRO C 59 -61.07 30.67 42.07
N PHE C 60 -59.85 30.62 41.58
CA PHE C 60 -59.46 29.72 40.51
C PHE C 60 -58.38 28.76 40.99
N GLN C 61 -58.58 27.47 40.74
CA GLN C 61 -57.55 26.47 40.94
C GLN C 61 -57.24 25.85 39.58
N LYS C 62 -55.97 25.90 39.19
CA LYS C 62 -55.52 25.40 37.89
C LYS C 62 -56.33 26.05 36.77
N GLY C 63 -56.63 27.34 36.94
CA GLY C 63 -57.27 28.14 35.92
C GLY C 63 -58.77 28.00 35.77
N TYR C 64 -59.44 27.23 36.63
CA TYR C 64 -60.89 27.12 36.57
C TYR C 64 -61.48 27.58 37.89
N LEU C 65 -62.64 28.22 37.80
CA LEU C 65 -63.33 28.73 38.98
C LEU C 65 -63.81 27.57 39.84
N VAL C 66 -63.26 27.43 41.04
CA VAL C 66 -63.55 26.27 41.87
C VAL C 66 -64.09 26.75 43.22
N ASN C 67 -63.72 27.96 43.61
CA ASN C 67 -64.17 28.56 44.87
C ASN C 67 -65.21 29.62 44.50
N TRP C 68 -66.46 29.35 44.86
CA TRP C 68 -67.56 30.20 44.45
C TRP C 68 -67.81 31.35 45.41
N ASP C 69 -67.51 31.18 46.70
CA ASP C 69 -67.81 32.23 47.67
C ASP C 69 -66.93 33.45 47.45
N VAL C 70 -65.63 33.26 47.27
CA VAL C 70 -64.74 34.40 47.08
C VAL C 70 -65.05 35.09 45.75
N GLN C 71 -65.35 34.30 44.71
CA GLN C 71 -65.71 34.90 43.43
C GLN C 71 -67.00 35.69 43.54
N ARG C 72 -67.99 35.17 44.28
CA ARG C 72 -69.22 35.89 44.49
C ARG C 72 -68.98 37.20 45.22
N GLN C 73 -68.12 37.18 46.24
CA GLN C 73 -67.82 38.40 46.97
C GLN C 73 -67.13 39.42 46.06
N VAL C 74 -66.19 38.95 45.24
CA VAL C 74 -65.49 39.85 44.33
C VAL C 74 -66.46 40.45 43.31
N TRP C 75 -67.35 39.64 42.75
CA TRP C 75 -68.33 40.14 41.80
C TRP C 75 -69.26 41.15 42.45
N ASP C 76 -69.70 40.86 43.68
CA ASP C 76 -70.60 41.79 44.37
C ASP C 76 -69.90 43.12 44.63
N TYR C 77 -68.61 43.07 44.96
CA TYR C 77 -67.86 44.32 45.11
C TYR C 77 -67.72 45.05 43.78
N LEU C 78 -67.43 44.32 42.71
CA LEU C 78 -67.24 44.95 41.41
C LEU C 78 -68.56 45.48 40.85
N PHE C 79 -69.64 44.76 41.08
CA PHE C 79 -70.95 45.17 40.59
C PHE C 79 -71.70 46.04 41.59
N GLY C 80 -71.11 46.34 42.75
CA GLY C 80 -71.78 47.08 43.78
C GLY C 80 -71.79 48.57 43.52
N LYS C 81 -72.33 49.30 44.49
CA LYS C 81 -72.49 50.74 44.38
C LYS C 81 -71.14 51.46 44.38
N GLU C 82 -70.09 50.81 44.85
CA GLU C 82 -68.79 51.48 44.95
C GLU C 82 -68.06 51.51 43.62
N MET C 83 -68.15 50.44 42.83
CA MET C 83 -67.36 50.32 41.61
C MET C 83 -68.10 50.76 40.36
N TYR C 84 -69.19 50.08 40.01
CA TYR C 84 -69.84 50.29 38.71
C TYR C 84 -71.33 50.55 38.76
N GLN C 85 -72.01 50.20 39.85
CA GLN C 85 -73.45 50.44 40.01
C GLN C 85 -74.25 49.83 38.86
N VAL C 86 -74.06 48.53 38.67
CA VAL C 86 -74.68 47.83 37.54
C VAL C 86 -76.16 47.65 37.79
N ASP C 87 -76.98 48.06 36.82
CA ASP C 87 -78.42 47.81 36.85
C ASP C 87 -78.68 46.45 36.21
N PHE C 88 -78.84 45.43 37.06
CA PHE C 88 -78.85 44.06 36.57
C PHE C 88 -80.02 43.79 35.63
N LEU C 89 -81.21 44.29 35.96
CA LEU C 89 -82.40 43.94 35.21
C LEU C 89 -82.43 44.53 33.80
N ASP C 90 -81.54 45.47 33.49
CA ASP C 90 -81.53 46.10 32.18
C ASP C 90 -80.10 46.23 31.65
N THR C 91 -79.29 45.19 31.83
CA THR C 91 -77.90 45.22 31.41
C THR C 91 -77.49 43.87 30.84
N ASN C 92 -76.71 43.90 29.78
CA ASN C 92 -76.14 42.71 29.17
C ASN C 92 -74.69 42.56 29.61
N ILE C 93 -74.29 41.34 29.91
CA ILE C 93 -72.96 41.05 30.44
C ILE C 93 -72.25 40.11 29.49
N ILE C 94 -71.03 40.47 29.12
CA ILE C 94 -70.15 39.60 28.36
C ILE C 94 -69.02 39.18 29.29
N ILE C 95 -68.99 37.90 29.65
CA ILE C 95 -68.06 37.39 30.64
C ILE C 95 -67.30 36.22 30.02
N THR C 96 -65.99 36.19 30.25
CA THR C 96 -65.16 35.17 29.65
C THR C 96 -65.12 33.91 30.53
N GLU C 97 -64.79 32.79 29.90
CA GLU C 97 -64.73 31.50 30.56
C GLU C 97 -63.45 30.80 30.12
N PRO C 98 -62.91 29.93 30.97
CA PRO C 98 -61.77 29.13 30.55
C PRO C 98 -62.16 28.14 29.47
N TYR C 99 -61.18 27.78 28.65
CA TYR C 99 -61.42 26.77 27.63
C TYR C 99 -61.73 25.41 28.24
N PHE C 100 -62.57 24.65 27.55
CA PHE C 100 -62.96 23.31 27.98
C PHE C 100 -63.58 23.34 29.37
N ASN C 101 -64.37 24.36 29.63
CA ASN C 101 -64.95 24.55 30.95
C ASN C 101 -65.86 23.38 31.31
N PHE C 102 -65.76 22.91 32.55
CA PHE C 102 -66.56 21.76 32.96
C PHE C 102 -68.04 22.08 32.93
N THR C 103 -68.85 21.03 32.76
CA THR C 103 -70.29 21.21 32.67
C THR C 103 -70.85 21.81 33.94
N SER C 104 -70.40 21.30 35.09
CA SER C 104 -70.91 21.80 36.37
C SER C 104 -70.63 23.28 36.56
N ILE C 105 -69.43 23.72 36.16
CA ILE C 105 -69.10 25.13 36.25
C ILE C 105 -70.00 25.95 35.35
N GLN C 106 -70.30 25.43 34.16
CA GLN C 106 -71.17 26.17 33.25
C GLN C 106 -72.58 26.28 33.83
N GLU C 107 -73.08 25.19 34.41
CA GLU C 107 -74.41 25.20 35.01
C GLU C 107 -74.47 26.21 36.14
N SER C 108 -73.44 26.22 37.00
CA SER C 108 -73.41 27.18 38.11
C SER C 108 -73.30 28.61 37.61
N MET C 109 -72.51 28.83 36.55
CA MET C 109 -72.38 30.18 35.99
C MET C 109 -73.72 30.67 35.47
N ASN C 110 -74.42 29.83 34.71
CA ASN C 110 -75.70 30.23 34.16
C ASN C 110 -76.70 30.49 35.28
N GLU C 111 -76.76 29.60 36.27
CA GLU C 111 -77.71 29.77 37.36
C GLU C 111 -77.44 31.07 38.12
N ILE C 112 -76.19 31.31 38.49
CA ILE C 112 -75.87 32.50 39.27
C ILE C 112 -76.17 33.76 38.47
N LEU C 113 -75.73 33.79 37.21
CA LEU C 113 -75.91 35.00 36.40
C LEU C 113 -77.37 35.29 36.12
N PHE C 114 -78.17 34.26 35.88
CA PHE C 114 -79.56 34.47 35.51
C PHE C 114 -80.53 34.52 36.70
N GLU C 115 -80.10 34.11 37.89
CA GLU C 115 -81.00 34.09 39.04
C GLU C 115 -80.52 34.96 40.19
N GLU C 116 -79.24 34.85 40.57
CA GLU C 116 -78.77 35.60 41.72
C GLU C 116 -78.63 37.08 41.38
N TYR C 117 -78.26 37.40 40.15
CA TYR C 117 -78.20 38.78 39.69
C TYR C 117 -79.36 39.15 38.78
N GLN C 118 -79.91 38.18 38.04
CA GLN C 118 -81.01 38.41 37.10
C GLN C 118 -80.60 39.44 36.04
N PHE C 119 -79.53 39.11 35.32
CA PHE C 119 -79.09 39.91 34.20
C PHE C 119 -80.09 39.82 33.05
N GLN C 120 -80.20 40.92 32.29
CA GLN C 120 -81.11 40.93 31.14
C GLN C 120 -80.69 39.90 30.10
N ALA C 121 -79.39 39.83 29.81
CA ALA C 121 -78.87 38.85 28.85
C ALA C 121 -77.41 38.59 29.18
N VAL C 122 -76.98 37.36 28.92
CA VAL C 122 -75.62 36.92 29.21
C VAL C 122 -75.01 36.34 27.95
N LEU C 123 -73.74 36.68 27.70
CA LEU C 123 -72.97 36.09 26.61
C LEU C 123 -71.68 35.54 27.19
N ARG C 124 -71.54 34.22 27.21
CA ARG C 124 -70.34 33.57 27.70
C ARG C 124 -69.50 33.16 26.49
N VAL C 125 -68.27 33.64 26.43
CA VAL C 125 -67.32 33.32 25.39
C VAL C 125 -65.97 33.03 26.04
N ASN C 126 -65.01 32.62 25.22
CA ASN C 126 -63.64 32.45 25.67
C ASN C 126 -62.84 33.68 25.28
N ALA C 127 -61.81 33.99 26.09
CA ALA C 127 -61.01 35.17 25.79
C ALA C 127 -60.40 35.07 24.40
N GLY C 128 -60.04 33.86 23.98
CA GLY C 128 -59.46 33.70 22.67
C GLY C 128 -60.44 34.02 21.58
N ALA C 129 -61.73 33.78 21.81
CA ALA C 129 -62.72 34.11 20.80
C ALA C 129 -62.77 35.62 20.60
N LEU C 130 -62.79 36.37 21.69
CA LEU C 130 -62.81 37.83 21.58
C LEU C 130 -61.54 38.32 20.91
N SER C 131 -60.41 37.70 21.23
CA SER C 131 -59.15 38.12 20.62
C SER C 131 -59.17 37.85 19.13
N ALA C 132 -59.75 36.72 18.73
CA ALA C 132 -59.84 36.39 17.31
C ALA C 132 -60.75 37.38 16.61
N HIS C 133 -61.92 37.65 17.19
CA HIS C 133 -62.84 38.62 16.59
C HIS C 133 -62.16 39.96 16.39
N ARG C 134 -61.42 40.42 17.40
CA ARG C 134 -60.70 41.69 17.29
C ARG C 134 -59.66 41.63 16.19
N TYR C 135 -58.93 40.52 16.09
CA TYR C 135 -57.89 40.39 15.07
C TYR C 135 -58.50 40.39 13.67
N PHE C 136 -59.62 39.69 13.49
CA PHE C 136 -60.28 39.66 12.19
C PHE C 136 -60.90 41.00 11.85
N ARG C 137 -61.40 41.73 12.84
CA ARG C 137 -61.84 43.09 12.58
C ARG C 137 -60.68 43.96 12.14
N ASP C 138 -59.51 43.78 12.76
CA ASP C 138 -58.35 44.57 12.38
C ASP C 138 -57.83 44.19 11.00
N ASN C 139 -57.84 42.89 10.67
CA ASN C 139 -57.26 42.38 9.43
C ASN C 139 -58.37 41.72 8.62
N PRO C 140 -59.07 42.46 7.78
CA PRO C 140 -60.24 41.89 7.09
C PRO C 140 -59.88 40.92 5.99
N SER C 141 -58.67 41.00 5.43
CA SER C 141 -58.33 40.11 4.33
C SER C 141 -57.98 38.70 4.77
N GLU C 142 -57.74 38.48 6.05
CA GLU C 142 -57.31 37.17 6.54
C GLU C 142 -58.49 36.29 6.88
N LEU C 143 -58.43 35.03 6.46
CA LEU C 143 -59.53 34.10 6.67
C LEU C 143 -59.35 33.22 7.90
N CYS C 144 -58.12 33.12 8.41
CA CYS C 144 -57.85 32.29 9.57
C CYS C 144 -56.79 32.96 10.43
N CYS C 145 -56.80 32.62 11.71
CA CYS C 145 -55.75 33.06 12.62
C CYS C 145 -55.61 32.02 13.72
N ILE C 146 -54.48 32.07 14.42
CA ILE C 146 -54.22 31.19 15.54
C ILE C 146 -53.86 32.09 16.72
N ILE C 147 -54.52 31.87 17.86
CA ILE C 147 -54.36 32.70 19.04
C ILE C 147 -53.63 31.91 20.11
N VAL C 148 -52.56 32.50 20.65
CA VAL C 148 -51.78 31.93 21.74
C VAL C 148 -52.09 32.77 22.98
N ASP C 149 -52.66 32.15 24.00
CA ASP C 149 -53.07 32.86 25.21
C ASP C 149 -52.25 32.36 26.39
N SER C 150 -51.09 32.98 26.60
CA SER C 150 -50.20 32.61 27.70
C SER C 150 -50.57 33.46 28.90
N GLY C 151 -51.42 32.92 29.78
CA GLY C 151 -51.94 33.68 30.88
C GLY C 151 -51.37 33.34 32.24
N TYR C 152 -52.17 33.58 33.29
CA TYR C 152 -51.69 33.39 34.65
C TYR C 152 -51.56 31.92 35.00
N SER C 153 -52.54 31.10 34.62
CA SER C 153 -52.64 29.75 35.13
C SER C 153 -52.39 28.67 34.09
N PHE C 154 -52.35 29.02 32.81
CA PHE C 154 -52.06 28.05 31.76
C PHE C 154 -51.69 28.82 30.50
N THR C 155 -51.43 28.08 29.43
CA THR C 155 -51.14 28.69 28.13
C THR C 155 -51.82 27.84 27.07
N HIS C 156 -52.95 28.32 26.57
CA HIS C 156 -53.68 27.65 25.51
C HIS C 156 -53.24 28.20 24.15
N ILE C 157 -53.44 27.38 23.13
CA ILE C 157 -53.16 27.75 21.76
C ILE C 157 -54.39 27.32 20.99
N VAL C 158 -55.13 28.29 20.45
CA VAL C 158 -56.38 27.96 19.80
C VAL C 158 -56.43 28.57 18.40
N PRO C 159 -56.67 27.76 17.38
CA PRO C 159 -56.87 28.27 16.02
C PRO C 159 -58.34 28.61 15.82
N TYR C 160 -58.57 29.72 15.13
CA TYR C 160 -59.92 30.19 14.87
C TYR C 160 -60.13 30.38 13.37
N CYS C 161 -61.24 29.85 12.86
CA CYS C 161 -61.65 30.17 11.50
C CYS C 161 -62.30 31.56 11.55
N ARG C 162 -63.00 31.95 10.49
CA ARG C 162 -63.63 33.26 10.50
C ARG C 162 -64.69 33.37 11.59
N SER C 163 -65.51 32.33 11.79
CA SER C 163 -66.56 32.40 12.79
C SER C 163 -66.71 31.10 13.59
N LYS C 164 -65.63 30.33 13.72
CA LYS C 164 -65.70 29.07 14.41
C LYS C 164 -64.34 28.74 15.02
N LYS C 165 -64.36 28.01 16.13
CA LYS C 165 -63.15 27.64 16.85
C LYS C 165 -62.87 26.16 16.59
N LYS C 166 -61.65 25.85 16.15
CA LYS C 166 -61.31 24.45 15.88
C LYS C 166 -61.01 23.78 17.21
N LYS C 167 -62.03 23.17 17.80
CA LYS C 167 -61.87 22.48 19.08
C LYS C 167 -60.95 21.27 18.98
N GLU C 168 -60.84 20.68 17.79
CA GLU C 168 -59.98 19.50 17.64
C GLU C 168 -58.50 19.85 17.78
N ALA C 169 -58.12 21.08 17.44
CA ALA C 169 -56.72 21.49 17.45
C ALA C 169 -56.33 22.38 18.62
N ILE C 170 -57.20 22.53 19.62
CA ILE C 170 -56.82 23.32 20.78
C ILE C 170 -55.76 22.55 21.56
N ILE C 171 -54.67 23.23 21.90
CA ILE C 171 -53.59 22.65 22.68
C ILE C 171 -53.40 23.51 23.92
N ARG C 172 -53.30 22.86 25.08
CA ARG C 172 -53.07 23.54 26.33
C ARG C 172 -51.71 23.16 26.91
N ILE C 173 -50.96 24.17 27.34
CA ILE C 173 -49.68 23.99 28.00
C ILE C 173 -49.89 24.29 29.48
N ASN C 174 -49.49 23.35 30.35
CA ASN C 174 -49.67 23.59 31.78
C ASN C 174 -48.51 24.40 32.35
N VAL C 175 -48.19 25.53 31.71
CA VAL C 175 -47.19 26.47 32.21
C VAL C 175 -47.79 27.86 32.10
N GLY C 176 -47.85 28.58 33.22
CA GLY C 176 -48.40 29.91 33.23
C GLY C 176 -47.61 30.82 34.15
N GLY C 177 -48.10 32.05 34.28
CA GLY C 177 -47.41 33.01 35.13
C GLY C 177 -47.34 32.58 36.58
N LYS C 178 -48.36 31.90 37.06
CA LYS C 178 -48.35 31.37 38.42
C LYS C 178 -47.21 30.37 38.60
N LEU C 179 -47.08 29.44 37.65
CA LEU C 179 -46.01 28.44 37.75
C LEU C 179 -44.64 29.10 37.68
N LEU C 180 -44.48 30.10 36.80
CA LEU C 180 -43.21 30.78 36.69
C LEU C 180 -42.86 31.51 37.98
N THR C 181 -43.84 32.20 38.57
CA THR C 181 -43.60 32.91 39.82
C THR C 181 -43.24 31.95 40.94
N ASN C 182 -43.96 30.83 41.04
CA ASN C 182 -43.64 29.86 42.09
C ASN C 182 -42.26 29.25 41.88
N HIS C 183 -41.90 28.98 40.64
CA HIS C 183 -40.57 28.45 40.35
C HIS C 183 -39.48 29.45 40.72
N LEU C 184 -39.71 30.73 40.42
CA LEU C 184 -38.74 31.76 40.80
C LEU C 184 -38.63 31.87 42.32
N LYS C 185 -39.76 31.80 43.03
CA LYS C 185 -39.72 31.78 44.48
C LYS C 185 -38.90 30.62 44.99
N GLU C 186 -39.14 29.42 44.45
CA GLU C 186 -38.43 28.24 44.92
C GLU C 186 -36.94 28.35 44.64
N ILE C 187 -36.57 28.84 43.45
CA ILE C 187 -35.16 28.99 43.11
C ILE C 187 -34.48 29.98 44.05
N ILE C 188 -35.11 31.13 44.25
CA ILE C 188 -34.48 32.15 45.11
C ILE C 188 -34.37 31.64 46.54
N SER C 189 -35.40 30.95 47.03
CA SER C 189 -35.35 30.42 48.39
C SER C 189 -34.26 29.37 48.53
N TYR C 190 -34.10 28.51 47.52
CA TYR C 190 -33.09 27.46 47.62
C TYR C 190 -31.69 28.02 47.48
N ARG C 191 -31.51 29.11 46.73
CA ARG C 191 -30.18 29.59 46.41
C ARG C 191 -29.70 30.72 47.30
N GLN C 192 -30.46 31.81 47.41
CA GLN C 192 -29.95 33.01 48.05
C GLN C 192 -30.66 33.37 49.36
N LEU C 193 -31.98 33.56 49.34
CA LEU C 193 -32.67 33.92 50.58
C LEU C 193 -34.12 33.48 50.50
N HIS C 194 -34.70 33.25 51.67
CA HIS C 194 -36.04 32.68 51.76
C HIS C 194 -37.06 33.76 51.44
N VAL C 195 -37.81 33.57 50.36
CA VAL C 195 -38.78 34.56 49.91
C VAL C 195 -40.11 33.89 49.61
N MET C 196 -40.32 32.68 50.13
CA MET C 196 -41.52 31.91 49.82
C MET C 196 -42.79 32.59 50.31
N ASP C 197 -42.69 33.54 51.24
CA ASP C 197 -43.84 34.29 51.71
C ASP C 197 -43.99 35.65 51.03
N GLU C 198 -43.22 35.90 49.97
CA GLU C 198 -43.21 37.21 49.31
C GLU C 198 -43.67 37.10 47.86
N THR C 199 -44.81 36.43 47.64
CA THR C 199 -45.31 36.21 46.29
C THR C 199 -45.44 37.51 45.50
N HIS C 200 -45.97 38.56 46.12
CA HIS C 200 -46.13 39.84 45.42
C HIS C 200 -44.79 40.39 44.97
N VAL C 201 -43.81 40.42 45.86
CA VAL C 201 -42.52 41.02 45.53
C VAL C 201 -41.80 40.18 44.47
N ILE C 202 -41.85 38.86 44.59
CA ILE C 202 -41.19 38.01 43.61
C ILE C 202 -41.88 38.11 42.25
N ASN C 203 -43.21 38.24 42.25
CA ASN C 203 -43.93 38.43 41.00
C ASN C 203 -43.52 39.73 40.33
N GLN C 204 -43.39 40.81 41.11
CA GLN C 204 -42.92 42.07 40.54
C GLN C 204 -41.49 41.93 40.03
N VAL C 205 -40.65 41.18 40.74
CA VAL C 205 -39.28 40.96 40.30
C VAL C 205 -39.27 40.24 38.96
N LYS C 206 -40.10 39.21 38.82
CA LYS C 206 -40.20 38.52 37.54
C LYS C 206 -40.65 39.46 36.44
N GLU C 207 -41.64 40.30 36.74
CA GLU C 207 -42.12 41.24 35.74
C GLU C 207 -41.07 42.29 35.36
N ASP C 208 -40.12 42.56 36.26
CA ASP C 208 -39.17 43.64 36.06
C ASP C 208 -37.84 43.22 35.46
N VAL C 209 -37.33 42.03 35.80
CA VAL C 209 -35.97 41.67 35.43
C VAL C 209 -35.89 40.53 34.41
N CYS C 210 -36.90 39.66 34.33
CA CYS C 210 -36.78 38.48 33.50
C CYS C 210 -36.91 38.83 32.02
N TYR C 211 -36.29 37.99 31.18
CA TYR C 211 -36.36 38.17 29.73
C TYR C 211 -36.09 36.83 29.07
N VAL C 212 -36.50 36.72 27.80
CA VAL C 212 -36.33 35.50 27.03
C VAL C 212 -35.05 35.62 26.21
N SER C 213 -34.20 34.59 26.29
CA SER C 213 -32.90 34.63 25.64
C SER C 213 -33.00 34.13 24.21
N GLN C 214 -32.32 34.82 23.30
CA GLN C 214 -32.25 34.37 21.92
C GLN C 214 -31.28 33.21 21.77
N ASP C 215 -30.16 33.25 22.49
CA ASP C 215 -29.17 32.18 22.51
C ASP C 215 -29.04 31.72 23.96
N PHE C 216 -29.60 30.56 24.27
CA PHE C 216 -29.68 30.12 25.65
C PHE C 216 -28.29 29.82 26.21
N TYR C 217 -27.48 29.07 25.46
CA TYR C 217 -26.20 28.62 25.99
C TYR C 217 -25.15 29.74 25.97
N ARG C 218 -25.23 30.65 25.01
CA ARG C 218 -24.38 31.84 25.06
C ARG C 218 -24.67 32.66 26.30
N ASP C 219 -25.95 32.82 26.65
CA ASP C 219 -26.30 33.55 27.86
C ASP C 219 -25.87 32.80 29.11
N MET C 220 -25.96 31.47 29.09
CA MET C 220 -25.47 30.70 30.23
C MET C 220 -23.98 30.89 30.43
N ASP C 221 -23.22 30.85 29.33
CA ASP C 221 -21.78 31.06 29.42
C ASP C 221 -21.45 32.46 29.91
N ILE C 222 -22.18 33.47 29.42
CA ILE C 222 -21.94 34.84 29.88
C ILE C 222 -22.23 34.97 31.37
N ALA C 223 -23.33 34.37 31.82
CA ALA C 223 -23.69 34.46 33.24
C ALA C 223 -22.70 33.72 34.12
N LYS C 224 -22.10 32.64 33.61
CA LYS C 224 -21.18 31.88 34.44
C LYS C 224 -19.89 32.64 34.74
N LEU C 225 -19.57 33.66 33.95
CA LEU C 225 -18.34 34.43 34.18
C LEU C 225 -18.47 35.27 35.44
N LYS C 226 -17.35 35.88 35.83
CA LYS C 226 -17.30 36.77 36.97
C LYS C 226 -16.57 38.05 36.58
N GLY C 227 -17.18 39.20 36.87
CA GLY C 227 -16.57 40.48 36.61
C GLY C 227 -17.38 41.32 35.65
N GLU C 228 -16.69 42.18 34.91
CA GLU C 228 -17.36 43.08 33.97
C GLU C 228 -18.03 42.33 32.83
N GLU C 229 -17.42 41.23 32.38
CA GLU C 229 -17.95 40.52 31.23
C GLU C 229 -19.30 39.86 31.50
N ASN C 230 -19.72 39.75 32.76
CA ASN C 230 -21.00 39.12 33.10
C ASN C 230 -22.09 40.18 33.01
N THR C 231 -22.49 40.49 31.77
CA THR C 231 -23.49 41.52 31.55
C THR C 231 -24.89 41.09 31.97
N VAL C 232 -25.14 39.78 32.05
CA VAL C 232 -26.48 39.31 32.40
C VAL C 232 -26.79 39.61 33.87
N MET C 233 -25.81 39.42 34.76
CA MET C 233 -26.04 39.55 36.19
C MET C 233 -26.46 40.97 36.56
N ILE C 234 -27.53 41.08 37.36
CA ILE C 234 -28.00 42.36 37.88
C ILE C 234 -28.31 42.22 39.36
N ASP C 235 -28.35 43.37 40.03
CA ASP C 235 -28.66 43.45 41.45
C ASP C 235 -30.03 44.09 41.66
N TYR C 236 -30.88 43.45 42.44
CA TYR C 236 -32.23 43.93 42.71
C TYR C 236 -32.38 44.24 44.19
N VAL C 237 -32.96 45.39 44.50
CA VAL C 237 -33.21 45.81 45.87
C VAL C 237 -34.67 45.56 46.16
N LEU C 238 -34.96 44.59 47.00
CA LEU C 238 -36.34 44.29 47.35
C LEU C 238 -36.95 45.43 48.16
N PRO C 239 -38.24 45.69 47.98
CA PRO C 239 -38.88 46.80 48.72
C PRO C 239 -39.11 46.40 50.17
N ASP C 240 -38.61 47.24 51.08
CA ASP C 240 -38.85 47.04 52.51
C ASP C 240 -40.17 47.63 52.99
N PHE C 241 -40.84 48.42 52.14
CA PHE C 241 -42.11 49.07 52.48
C PHE C 241 -41.97 50.03 53.65
N SER C 242 -40.76 50.49 53.92
CA SER C 242 -40.50 51.54 54.89
C SER C 242 -39.93 52.78 54.21
N THR C 243 -38.84 52.64 53.46
CA THR C 243 -38.27 53.72 52.67
C THR C 243 -38.20 53.41 51.19
N ILE C 244 -38.35 52.15 50.79
CA ILE C 244 -38.36 51.74 49.40
C ILE C 244 -39.75 51.16 49.11
N LYS C 245 -40.63 51.96 48.53
CA LYS C 245 -42.00 51.52 48.32
C LYS C 245 -42.07 50.38 47.31
N LYS C 246 -41.32 50.50 46.21
CA LYS C 246 -41.36 49.51 45.14
C LYS C 246 -39.95 49.09 44.76
N GLY C 247 -39.82 47.84 44.33
CA GLY C 247 -38.52 47.30 43.98
C GLY C 247 -37.91 47.97 42.76
N PHE C 248 -36.58 47.96 42.70
CA PHE C 248 -35.87 48.55 41.59
C PHE C 248 -34.53 47.84 41.42
N CYS C 249 -33.96 48.00 40.22
CA CYS C 249 -32.67 47.40 39.89
C CYS C 249 -31.57 48.45 40.02
N LYS C 250 -30.47 48.08 40.67
CA LYS C 250 -29.35 48.98 40.80
C LYS C 250 -28.72 49.25 39.44
N PRO C 251 -28.29 50.48 39.17
CA PRO C 251 -27.62 50.77 37.90
C PRO C 251 -26.30 50.01 37.79
N ARG C 252 -25.93 49.71 36.54
CA ARG C 252 -24.72 48.94 36.29
C ARG C 252 -23.47 49.70 36.74
N GLU C 253 -23.48 51.03 36.55
CA GLU C 253 -22.36 51.85 36.99
C GLU C 253 -22.21 51.82 38.51
N GLU C 254 -23.30 51.60 39.23
CA GLU C 254 -23.29 51.58 40.68
C GLU C 254 -23.08 50.18 41.25
N MET C 255 -22.93 49.18 40.40
CA MET C 255 -22.80 47.81 40.87
C MET C 255 -21.46 47.60 41.56
N VAL C 256 -21.49 46.75 42.59
CA VAL C 256 -20.30 46.35 43.32
C VAL C 256 -20.12 44.85 43.16
N LEU C 257 -18.94 44.43 42.71
CA LEU C 257 -18.72 43.02 42.43
C LEU C 257 -18.71 42.19 43.70
N SER C 258 -18.16 42.73 44.79
CA SER C 258 -18.01 41.95 46.01
C SER C 258 -19.36 41.55 46.60
N GLY C 259 -20.40 42.35 46.33
CA GLY C 259 -21.73 42.06 46.83
C GLY C 259 -22.04 42.65 48.18
N LYS C 260 -21.07 43.26 48.86
CA LYS C 260 -21.29 43.90 50.14
C LYS C 260 -21.52 45.39 49.93
N TYR C 261 -22.59 45.91 50.52
CA TYR C 261 -22.99 47.30 50.38
C TYR C 261 -23.12 47.94 51.75
N LYS C 262 -22.60 49.15 51.89
CA LYS C 262 -22.67 49.85 53.17
C LYS C 262 -24.12 50.09 53.59
N SER C 263 -24.97 50.45 52.64
CA SER C 263 -26.39 50.52 52.92
C SER C 263 -26.95 49.14 53.21
N GLY C 264 -27.84 49.06 54.21
CA GLY C 264 -28.34 47.79 54.67
C GLY C 264 -29.48 47.23 53.85
N GLU C 265 -29.43 47.44 52.54
CA GLU C 265 -30.47 46.96 51.65
C GLU C 265 -30.36 45.46 51.45
N GLN C 266 -31.51 44.78 51.48
CA GLN C 266 -31.56 43.33 51.25
C GLN C 266 -31.52 43.12 49.74
N ILE C 267 -30.35 42.78 49.22
CA ILE C 267 -30.10 42.78 47.78
C ILE C 267 -30.15 41.35 47.27
N LEU C 268 -31.00 41.12 46.27
CA LEU C 268 -31.17 39.81 45.66
C LEU C 268 -30.49 39.80 44.29
N ARG C 269 -29.51 38.93 44.12
CA ARG C 269 -28.68 38.90 42.92
C ARG C 269 -29.16 37.78 42.00
N LEU C 270 -29.56 38.14 40.79
CA LEU C 270 -30.10 37.18 39.83
C LEU C 270 -29.25 37.22 38.57
N ALA C 271 -28.67 36.08 38.21
CA ALA C 271 -27.86 35.97 37.00
C ALA C 271 -28.49 35.04 35.96
N ASN C 272 -28.71 33.77 36.30
CA ASN C 272 -29.24 32.82 35.36
C ASN C 272 -30.75 32.64 35.49
N GLU C 273 -31.34 33.11 36.59
CA GLU C 273 -32.78 33.10 36.74
C GLU C 273 -33.47 34.09 35.83
N ARG C 274 -32.72 35.01 35.22
CA ARG C 274 -33.33 36.01 34.33
C ARG C 274 -33.98 35.35 33.12
N PHE C 275 -33.32 34.35 32.54
CA PHE C 275 -33.84 33.69 31.36
C PHE C 275 -34.23 32.25 31.58
N ALA C 276 -33.84 31.65 32.71
CA ALA C 276 -34.28 30.30 33.02
C ALA C 276 -35.79 30.26 33.27
N VAL C 277 -36.32 31.24 34.01
CA VAL C 277 -37.75 31.27 34.29
C VAL C 277 -38.58 31.46 33.03
N PRO C 278 -38.33 32.46 32.17
CA PRO C 278 -39.12 32.58 30.95
C PRO C 278 -38.95 31.42 29.99
N GLU C 279 -37.84 30.69 30.07
CA GLU C 279 -37.58 29.60 29.15
C GLU C 279 -38.54 28.43 29.38
N ILE C 280 -39.16 28.35 30.56
CA ILE C 280 -40.06 27.24 30.84
C ILE C 280 -41.26 27.27 29.90
N LEU C 281 -41.64 28.46 29.43
CA LEU C 281 -42.72 28.55 28.45
C LEU C 281 -42.34 27.84 27.16
N PHE C 282 -41.10 28.02 26.70
CA PHE C 282 -40.67 27.40 25.46
C PHE C 282 -40.16 25.99 25.65
N ASN C 283 -39.61 25.68 26.82
CA ASN C 283 -39.13 24.33 27.13
C ASN C 283 -39.68 23.95 28.50
N PRO C 284 -40.91 23.41 28.55
CA PRO C 284 -41.44 22.94 29.83
C PRO C 284 -40.61 21.84 30.46
N SER C 285 -39.90 21.05 29.66
CA SER C 285 -39.13 19.94 30.19
C SER C 285 -37.92 20.41 30.99
N ASP C 286 -37.60 21.70 30.97
CA ASP C 286 -36.49 22.21 31.75
C ASP C 286 -36.70 21.96 33.24
N ILE C 287 -37.93 22.18 33.72
CA ILE C 287 -38.22 21.97 35.14
C ILE C 287 -38.79 20.59 35.44
N GLY C 288 -39.28 19.87 34.44
CA GLY C 288 -39.75 18.52 34.67
C GLY C 288 -41.12 18.23 34.10
N ILE C 289 -41.65 19.15 33.31
CA ILE C 289 -42.97 19.01 32.72
C ILE C 289 -42.79 18.44 31.32
N GLN C 290 -43.25 17.21 31.11
CA GLN C 290 -43.09 16.52 29.84
C GLN C 290 -44.19 16.98 28.87
N GLU C 291 -44.10 18.24 28.48
CA GLU C 291 -45.04 18.84 27.55
C GLU C 291 -44.27 19.68 26.55
N MET C 292 -44.83 19.80 25.35
CA MET C 292 -44.21 20.62 24.31
C MET C 292 -44.39 22.10 24.62
N GLY C 293 -43.43 22.90 24.17
CA GLY C 293 -43.46 24.33 24.41
C GLY C 293 -44.41 25.04 23.48
N ILE C 294 -44.45 26.37 23.64
CA ILE C 294 -45.34 27.20 22.82
C ILE C 294 -45.09 27.02 21.33
N PRO C 295 -43.85 27.13 20.82
CA PRO C 295 -43.67 26.97 19.37
C PRO C 295 -44.03 25.58 18.85
N GLU C 296 -43.58 24.53 19.54
CA GLU C 296 -43.89 23.18 19.09
C GLU C 296 -45.37 22.90 19.17
N ALA C 297 -46.05 23.44 20.18
CA ALA C 297 -47.49 23.27 20.27
C ALA C 297 -48.21 24.03 19.17
N ILE C 298 -47.72 25.21 18.80
CA ILE C 298 -48.32 25.95 17.70
C ILE C 298 -48.21 25.15 16.42
N VAL C 299 -47.00 24.68 16.12
CA VAL C 299 -46.79 23.92 14.88
C VAL C 299 -47.60 22.63 14.88
N TYR C 300 -47.65 21.93 16.00
CA TYR C 300 -48.41 20.67 16.07
C TYR C 300 -49.91 20.91 15.89
N SER C 301 -50.44 21.95 16.51
CA SER C 301 -51.84 22.28 16.32
C SER C 301 -52.15 22.64 14.88
N ILE C 302 -51.28 23.45 14.26
CA ILE C 302 -51.53 23.81 12.86
C ILE C 302 -51.43 22.60 11.96
N GLN C 303 -50.43 21.74 12.18
CA GLN C 303 -50.26 20.57 11.34
C GLN C 303 -51.34 19.51 11.55
N ASN C 304 -52.09 19.58 12.65
CA ASN C 304 -53.21 18.67 12.81
C ASN C 304 -54.35 19.03 11.86
N LEU C 305 -54.51 20.32 11.57
CA LEU C 305 -55.58 20.83 10.72
C LEU C 305 -55.29 20.50 9.25
N PRO C 306 -56.30 20.62 8.37
CA PRO C 306 -56.10 20.26 6.96
C PRO C 306 -54.99 21.05 6.29
N GLU C 307 -54.40 20.43 5.26
CA GLU C 307 -53.24 20.99 4.57
C GLU C 307 -53.56 22.29 3.86
N GLU C 308 -54.76 22.40 3.27
CA GLU C 308 -55.09 23.59 2.48
C GLU C 308 -55.08 24.85 3.32
N MET C 309 -55.45 24.75 4.60
CA MET C 309 -55.55 25.92 5.45
C MET C 309 -54.23 26.33 6.07
N GLN C 310 -53.27 25.42 6.13
CA GLN C 310 -52.05 25.63 6.90
C GLN C 310 -51.33 26.95 6.61
N PRO C 311 -51.11 27.35 5.36
CA PRO C 311 -50.41 28.63 5.15
C PRO C 311 -51.16 29.81 5.74
N HIS C 312 -52.49 29.77 5.76
CA HIS C 312 -53.24 30.84 6.39
C HIS C 312 -53.01 30.88 7.90
N PHE C 313 -52.92 29.71 8.53
CA PHE C 313 -52.69 29.68 9.97
C PHE C 313 -51.29 30.18 10.31
N PHE C 314 -50.28 29.74 9.55
CA PHE C 314 -48.91 30.15 9.84
C PHE C 314 -48.68 31.64 9.64
N LYS C 315 -49.50 32.29 8.82
CA LYS C 315 -49.33 33.70 8.54
C LYS C 315 -49.96 34.62 9.56
N ASN C 316 -50.72 34.11 10.52
CA ASN C 316 -51.50 34.96 11.40
C ASN C 316 -51.41 34.50 12.84
N ILE C 317 -50.20 34.23 13.32
CA ILE C 317 -50.02 33.87 14.71
C ILE C 317 -50.14 35.13 15.55
N VAL C 318 -50.97 35.06 16.60
CA VAL C 318 -51.23 36.21 17.47
C VAL C 318 -50.93 35.80 18.90
N LEU C 319 -50.18 36.63 19.61
CA LEU C 319 -49.80 36.36 20.98
C LEU C 319 -50.65 37.22 21.91
N THR C 320 -51.36 36.59 22.83
CA THR C 320 -52.16 37.29 23.82
C THR C 320 -51.84 36.72 25.20
N GLY C 321 -52.09 37.52 26.22
CA GLY C 321 -51.86 37.11 27.59
C GLY C 321 -50.70 37.88 28.21
N GLY C 322 -50.61 37.75 29.53
CA GLY C 322 -49.59 38.47 30.28
C GLY C 322 -48.19 37.98 29.99
N ASN C 323 -48.02 36.66 29.86
CA ASN C 323 -46.69 36.10 29.66
C ASN C 323 -46.06 36.55 28.35
N SER C 324 -46.86 37.02 27.40
CA SER C 324 -46.31 37.49 26.13
C SER C 324 -45.55 38.80 26.26
N LEU C 325 -45.62 39.46 27.41
CA LEU C 325 -44.95 40.74 27.60
C LEU C 325 -43.48 40.60 27.97
N PHE C 326 -42.97 39.39 28.10
CA PHE C 326 -41.55 39.22 28.37
C PHE C 326 -40.75 39.80 27.20
N PRO C 327 -39.65 40.49 27.47
CA PRO C 327 -38.75 40.92 26.39
C PRO C 327 -38.21 39.71 25.64
N GLY C 328 -38.19 39.83 24.32
CA GLY C 328 -37.67 38.78 23.46
C GLY C 328 -38.63 37.64 23.19
N PHE C 329 -39.85 37.71 23.73
CA PHE C 329 -40.81 36.62 23.53
C PHE C 329 -41.20 36.49 22.07
N ARG C 330 -41.53 37.60 21.43
CA ARG C 330 -41.97 37.57 20.04
C ARG C 330 -40.88 37.05 19.11
N ASP C 331 -39.66 37.56 19.29
CA ASP C 331 -38.56 37.12 18.43
C ASP C 331 -38.29 35.64 18.59
N ARG C 332 -38.29 35.15 19.84
CA ARG C 332 -38.03 33.73 20.07
C ARG C 332 -39.13 32.88 19.45
N VAL C 333 -40.39 33.30 19.60
CA VAL C 333 -41.49 32.53 19.02
C VAL C 333 -41.34 32.48 17.51
N TYR C 334 -41.10 33.64 16.89
CA TYR C 334 -40.98 33.68 15.44
C TYR C 334 -39.83 32.80 14.97
N SER C 335 -38.69 32.85 15.66
CA SER C 335 -37.55 32.06 15.24
C SER C 335 -37.83 30.57 15.33
N GLU C 336 -38.42 30.13 16.44
CA GLU C 336 -38.69 28.70 16.60
C GLU C 336 -39.74 28.23 15.59
N VAL C 337 -40.83 28.98 15.43
CA VAL C 337 -41.86 28.56 14.49
C VAL C 337 -41.33 28.56 13.06
N ARG C 338 -40.50 29.54 12.71
CA ARG C 338 -39.88 29.53 11.38
C ARG C 338 -38.99 28.31 11.22
N CYS C 339 -38.28 27.93 12.26
CA CYS C 339 -37.44 26.74 12.20
C CYS C 339 -38.28 25.49 11.95
N LEU C 340 -39.45 25.38 12.59
CA LEU C 340 -40.30 24.21 12.42
C LEU C 340 -41.27 24.30 11.25
N THR C 341 -41.60 25.50 10.77
CA THR C 341 -42.58 25.66 9.69
C THR C 341 -41.96 25.34 8.33
N PRO C 342 -42.73 24.70 7.44
CA PRO C 342 -42.22 24.41 6.09
C PRO C 342 -41.79 25.67 5.37
N THR C 343 -40.70 25.57 4.61
CA THR C 343 -40.02 26.75 4.10
C THR C 343 -40.88 27.53 3.12
N ASP C 344 -41.76 26.86 2.38
CA ASP C 344 -42.61 27.58 1.43
C ASP C 344 -43.68 28.43 2.09
N TYR C 345 -43.94 28.24 3.38
CA TYR C 345 -45.00 28.93 4.08
C TYR C 345 -44.43 30.08 4.89
N ASP C 346 -44.95 31.28 4.67
CA ASP C 346 -44.49 32.44 5.41
C ASP C 346 -45.06 32.43 6.83
N VAL C 347 -44.26 32.93 7.77
CA VAL C 347 -44.61 32.95 9.18
C VAL C 347 -44.66 34.40 9.63
N SER C 348 -45.75 34.79 10.27
CA SER C 348 -45.89 36.15 10.79
C SER C 348 -46.49 36.08 12.18
N VAL C 349 -45.77 36.62 13.16
CA VAL C 349 -46.22 36.67 14.55
C VAL C 349 -46.37 38.12 14.93
N VAL C 350 -47.56 38.47 15.45
CA VAL C 350 -47.91 39.84 15.78
C VAL C 350 -48.12 39.92 17.29
N LEU C 351 -47.45 40.86 17.94
CA LEU C 351 -47.66 41.13 19.36
C LEU C 351 -48.36 42.47 19.51
N PRO C 352 -49.61 42.50 19.98
CA PRO C 352 -50.32 43.77 20.11
C PRO C 352 -49.69 44.64 21.19
N GLU C 353 -50.08 45.92 21.17
CA GLU C 353 -49.53 46.87 22.14
C GLU C 353 -49.90 46.50 23.57
N ASN C 354 -51.13 46.03 23.78
CA ASN C 354 -51.59 45.64 25.11
C ASN C 354 -52.19 44.25 25.05
N PRO C 355 -51.36 43.20 25.17
CA PRO C 355 -51.90 41.83 25.15
C PRO C 355 -52.79 41.53 26.33
N ILE C 356 -52.69 42.28 27.43
CA ILE C 356 -53.57 42.08 28.57
C ILE C 356 -55.02 42.37 28.18
N THR C 357 -55.23 43.49 27.50
CA THR C 357 -56.57 44.00 27.24
C THR C 357 -57.10 43.64 25.86
N TYR C 358 -56.43 42.73 25.15
CA TYR C 358 -56.87 42.37 23.81
C TYR C 358 -58.26 41.75 23.85
N ALA C 359 -58.50 40.85 24.80
CA ALA C 359 -59.81 40.21 24.89
C ALA C 359 -60.88 41.23 25.25
N TRP C 360 -60.57 42.15 26.17
CA TRP C 360 -61.53 43.19 26.52
C TRP C 360 -61.90 44.05 25.32
N GLU C 361 -60.91 44.42 24.50
CA GLU C 361 -61.21 45.17 23.29
C GLU C 361 -62.05 44.35 22.32
N GLY C 362 -61.74 43.06 22.19
CA GLY C 362 -62.56 42.20 21.34
C GLY C 362 -63.99 42.12 21.81
N GLY C 363 -64.19 42.04 23.12
CA GLY C 363 -65.54 42.02 23.66
C GLY C 363 -66.27 43.32 23.41
N LYS C 364 -65.57 44.44 23.56
CA LYS C 364 -66.18 45.73 23.25
C LYS C 364 -66.59 45.80 21.79
N LEU C 365 -65.74 45.29 20.89
CA LEU C 365 -66.07 45.29 19.48
C LEU C 365 -67.26 44.39 19.19
N ILE C 366 -67.33 43.22 19.82
CA ILE C 366 -68.43 42.30 19.56
C ILE C 366 -69.72 42.82 20.16
N SER C 367 -69.65 43.67 21.18
CA SER C 367 -70.86 44.26 21.73
C SER C 367 -71.47 45.26 20.75
N GLU C 368 -70.62 46.00 20.02
CA GLU C 368 -71.08 47.04 19.11
C GLU C 368 -71.69 46.49 17.83
N ASN C 369 -71.53 45.20 17.53
CA ASN C 369 -72.02 44.66 16.28
C ASN C 369 -73.54 44.58 16.26
N ASP C 370 -74.10 44.54 15.06
CA ASP C 370 -75.54 44.40 14.87
C ASP C 370 -76.03 42.97 14.98
N ASP C 371 -75.13 41.99 15.05
CA ASP C 371 -75.50 40.60 15.27
C ASP C 371 -75.42 40.21 16.74
N PHE C 372 -75.22 41.19 17.62
CA PHE C 372 -75.05 40.90 19.05
C PHE C 372 -76.30 40.29 19.65
N GLU C 373 -77.48 40.81 19.28
CA GLU C 373 -78.72 40.38 19.90
C GLU C 373 -79.00 38.90 19.63
N ASP C 374 -78.53 38.37 18.52
CA ASP C 374 -78.77 36.95 18.24
C ASP C 374 -77.88 36.05 19.07
N MET C 375 -76.71 36.53 19.49
CA MET C 375 -75.79 35.71 20.26
C MET C 375 -76.20 35.52 21.70
N VAL C 376 -76.83 36.54 22.30
CA VAL C 376 -77.08 36.52 23.74
C VAL C 376 -78.28 35.62 24.05
N VAL C 377 -78.40 35.25 25.33
CA VAL C 377 -79.52 34.47 25.83
C VAL C 377 -80.26 35.31 26.86
N THR C 378 -81.55 35.52 26.65
CA THR C 378 -82.36 36.36 27.51
C THR C 378 -82.90 35.56 28.69
N ARG C 379 -83.34 36.28 29.72
CA ARG C 379 -83.89 35.63 30.90
C ARG C 379 -85.27 35.07 30.63
N GLU C 380 -86.08 35.78 29.82
CA GLU C 380 -87.40 35.28 29.49
C GLU C 380 -87.32 33.94 28.77
N ASP C 381 -86.36 33.80 27.85
CA ASP C 381 -86.10 32.50 27.24
C ASP C 381 -85.38 31.57 28.21
N TYR C 382 -84.67 32.12 29.20
CA TYR C 382 -83.99 31.28 30.16
C TYR C 382 -85.00 30.48 30.97
N GLU C 383 -86.10 31.12 31.37
CA GLU C 383 -87.10 30.48 32.22
C GLU C 383 -87.50 29.12 31.67
N GLU C 384 -87.80 29.04 30.38
CA GLU C 384 -88.20 27.77 29.80
C GLU C 384 -87.02 26.99 29.24
N ASN C 385 -86.34 27.54 28.23
CA ASN C 385 -85.37 26.78 27.47
C ASN C 385 -83.92 26.94 27.96
N GLY C 386 -83.67 27.75 28.99
CA GLY C 386 -82.34 28.26 29.23
C GLY C 386 -81.28 27.17 29.38
N HIS C 387 -81.57 26.15 30.17
CA HIS C 387 -80.49 25.30 30.60
C HIS C 387 -79.93 24.50 29.43
N SER C 388 -80.79 24.13 28.47
CA SER C 388 -80.32 23.55 27.22
C SER C 388 -79.75 24.61 26.25
N VAL C 389 -80.46 25.74 26.09
CA VAL C 389 -80.05 26.67 25.03
C VAL C 389 -78.77 27.41 25.36
N CYS C 390 -78.40 27.53 26.64
CA CYS C 390 -77.10 28.09 26.98
C CYS C 390 -75.99 27.21 26.45
N GLU C 391 -76.13 25.89 26.58
CA GLU C 391 -75.15 24.97 26.00
C GLU C 391 -75.22 25.01 24.48
N GLU C 392 -76.42 25.14 23.93
CA GLU C 392 -76.58 25.09 22.48
C GLU C 392 -75.96 26.31 21.81
N LYS C 393 -76.29 27.51 22.31
CA LYS C 393 -75.86 28.75 21.67
C LYS C 393 -74.38 29.04 21.91
N PHE C 394 -73.91 28.88 23.13
CA PHE C 394 -72.53 29.20 23.46
C PHE C 394 -71.61 28.10 22.98
N ASP C 395 -70.56 28.48 22.25
CA ASP C 395 -69.59 27.53 21.72
C ASP C 395 -68.38 27.41 22.63
N ILE C 396 -68.65 27.02 23.88
CA ILE C 396 -67.60 26.85 24.86
C ILE C 396 -66.93 25.49 24.70
N ARG D 16 -23.70 4.71 50.25
CA ARG D 16 -24.90 5.48 50.53
C ARG D 16 -26.15 4.74 50.07
N ARG D 17 -27.31 5.22 50.49
CA ARG D 17 -28.58 4.60 50.12
C ARG D 17 -28.96 4.95 48.68
N VAL D 18 -29.89 4.17 48.14
CA VAL D 18 -30.39 4.38 46.78
C VAL D 18 -31.91 4.41 46.81
N LEU D 19 -32.49 5.37 46.10
CA LEU D 19 -33.92 5.56 46.07
C LEU D 19 -34.50 4.96 44.79
N ASP D 20 -35.56 4.16 44.94
CA ASP D 20 -36.17 3.50 43.80
C ASP D 20 -36.89 4.52 42.91
N ARG D 21 -37.44 4.03 41.81
CA ARG D 21 -38.12 4.91 40.86
C ARG D 21 -39.35 5.55 41.47
N ALA D 22 -40.06 4.83 42.34
CA ALA D 22 -41.26 5.37 42.95
C ALA D 22 -40.96 6.61 43.78
N ALA D 23 -39.88 6.59 44.54
CA ALA D 23 -39.53 7.74 45.37
C ALA D 23 -39.21 8.95 44.51
N ARG D 24 -38.44 8.75 43.44
CA ARG D 24 -38.09 9.86 42.56
C ARG D 24 -39.33 10.44 41.88
N GLN D 25 -40.21 9.57 41.40
CA GLN D 25 -41.43 10.04 40.76
C GLN D 25 -42.33 10.79 41.74
N ARG D 26 -42.42 10.30 42.97
CA ARG D 26 -43.21 10.99 43.98
C ARG D 26 -42.62 12.36 44.30
N ARG D 27 -41.29 12.45 44.41
CA ARG D 27 -40.66 13.74 44.67
C ARG D 27 -40.91 14.72 43.54
N ILE D 28 -40.78 14.25 42.29
CA ILE D 28 -41.00 15.13 41.15
C ILE D 28 -42.45 15.60 41.12
N ASN D 29 -43.39 14.68 41.35
CA ASN D 29 -44.80 15.05 41.36
C ASN D 29 -45.10 16.04 42.48
N ARG D 30 -44.51 15.84 43.66
CA ARG D 30 -44.74 16.75 44.77
C ARG D 30 -44.21 18.14 44.46
N GLN D 31 -43.02 18.22 43.85
CA GLN D 31 -42.49 19.54 43.49
C GLN D 31 -43.35 20.22 42.45
N LEU D 32 -43.82 19.46 41.45
CA LEU D 32 -44.65 20.08 40.42
C LEU D 32 -45.99 20.53 40.98
N GLU D 33 -46.58 19.75 41.89
CA GLU D 33 -47.83 20.17 42.50
C GLU D 33 -47.61 21.37 43.41
N ALA D 34 -46.45 21.42 44.09
CA ALA D 34 -46.14 22.56 44.93
C ALA D 34 -45.97 23.82 44.12
N LEU D 35 -45.63 23.69 42.84
CA LEU D 35 -45.53 24.86 41.99
C LEU D 35 -46.89 25.46 41.69
N GLU D 36 -47.96 24.69 41.87
CA GLU D 36 -49.32 25.17 41.66
C GLU D 36 -49.99 25.67 42.94
N ASN D 37 -49.28 25.68 44.06
CA ASN D 37 -49.87 26.13 45.31
C ASN D 37 -50.10 27.64 45.27
N ASP D 38 -51.24 28.06 45.80
CA ASP D 38 -51.57 29.48 45.85
C ASP D 38 -50.64 30.24 46.79
N ASN D 39 -50.48 29.74 48.01
CA ASN D 39 -49.59 30.34 48.98
C ASN D 39 -48.83 29.24 49.71
N PHE D 40 -47.64 29.58 50.19
CA PHE D 40 -46.84 28.63 50.95
C PHE D 40 -47.14 28.65 52.45
N GLN D 41 -47.60 29.79 52.98
CA GLN D 41 -47.93 29.89 54.39
C GLN D 41 -49.39 29.50 54.62
N ASP D 42 -49.81 29.60 55.88
CA ASP D 42 -51.20 29.34 56.27
C ASP D 42 -51.97 30.65 56.40
N ASP D 43 -53.27 30.51 56.64
CA ASP D 43 -54.16 31.65 56.78
C ASP D 43 -53.75 32.48 58.00
N PRO D 44 -53.45 33.77 57.83
CA PRO D 44 -53.17 34.61 59.01
C PRO D 44 -54.35 34.77 59.95
N HIS D 45 -55.57 34.53 59.48
CA HIS D 45 -56.73 34.61 60.37
C HIS D 45 -56.79 33.41 61.30
N ALA D 46 -56.38 32.24 60.81
CA ALA D 46 -56.33 31.02 61.62
C ALA D 46 -57.69 30.72 62.26
N GLY D 47 -58.75 30.86 61.46
CA GLY D 47 -60.10 30.59 61.93
C GLY D 47 -60.59 31.58 62.96
N ARG D 81 -67.91 23.88 47.76
CA ARG D 81 -66.46 23.97 47.78
C ARG D 81 -65.83 22.66 47.36
N LYS D 82 -64.98 22.71 46.33
CA LYS D 82 -64.33 21.52 45.80
C LYS D 82 -62.90 21.88 45.43
N ASN D 83 -62.25 20.95 44.72
CA ASN D 83 -60.94 21.17 44.14
C ASN D 83 -60.95 20.59 42.73
N PHE D 84 -59.82 20.72 42.04
CA PHE D 84 -59.78 20.31 40.64
C PHE D 84 -60.00 18.80 40.50
N GLN D 85 -59.39 18.01 41.37
CA GLN D 85 -59.55 16.56 41.28
C GLN D 85 -61.01 16.16 41.46
N ALA D 86 -61.72 16.82 42.37
CA ALA D 86 -63.14 16.54 42.54
C ALA D 86 -63.93 16.85 41.27
N LEU D 87 -63.63 17.98 40.63
CA LEU D 87 -64.31 18.32 39.39
C LEU D 87 -64.00 17.32 38.30
N LEU D 88 -62.75 16.87 38.21
CA LEU D 88 -62.40 15.87 37.19
C LEU D 88 -63.16 14.58 37.44
N GLU D 89 -63.14 14.09 38.68
CA GLU D 89 -63.78 12.81 38.96
C GLU D 89 -65.29 12.90 38.81
N GLU D 90 -65.87 14.08 39.04
CA GLU D 90 -67.30 14.27 38.83
C GLU D 90 -67.63 14.34 37.35
N GLN D 91 -66.75 14.91 36.54
CA GLN D 91 -67.02 15.03 35.11
C GLN D 91 -67.01 13.67 34.41
N ASN D 92 -66.37 12.67 34.99
CA ASN D 92 -66.26 11.33 34.40
C ASN D 92 -65.72 11.43 32.97
N LEU D 93 -64.66 12.21 32.82
CA LEU D 93 -64.13 12.54 31.50
C LEU D 93 -63.21 11.45 30.99
N SER D 94 -63.57 10.84 29.87
CA SER D 94 -62.94 9.65 29.34
C SER D 94 -62.13 10.02 28.10
N VAL D 95 -60.97 9.38 27.93
CA VAL D 95 -60.13 9.66 26.78
C VAL D 95 -60.81 9.14 25.51
N ALA D 96 -60.53 9.81 24.40
CA ALA D 96 -61.05 9.50 23.07
C ALA D 96 -62.56 9.70 22.96
N GLU D 97 -63.18 10.33 23.94
CA GLU D 97 -64.60 10.64 23.87
C GLU D 97 -64.83 12.07 23.39
N GLY D 98 -64.29 12.37 22.21
CA GLY D 98 -64.41 13.68 21.62
C GLY D 98 -63.43 14.69 22.19
N PRO D 99 -63.44 15.90 21.63
CA PRO D 99 -62.57 16.96 22.15
C PRO D 99 -63.00 17.37 23.55
N ASN D 100 -62.05 17.33 24.48
CA ASN D 100 -62.34 17.61 25.88
C ASN D 100 -61.07 18.12 26.55
N TYR D 101 -61.12 18.22 27.88
CA TYR D 101 -59.99 18.75 28.63
C TYR D 101 -58.77 17.84 28.52
N LEU D 102 -58.96 16.55 28.81
CA LEU D 102 -57.82 15.64 28.90
C LEU D 102 -57.09 15.51 27.57
N THR D 103 -57.83 15.34 26.48
CA THR D 103 -57.22 15.22 25.16
C THR D 103 -56.46 16.47 24.76
N ALA D 104 -56.70 17.60 25.42
CA ALA D 104 -56.00 18.84 25.08
C ALA D 104 -54.67 18.99 25.81
N CYS D 105 -54.33 18.10 26.73
CA CYS D 105 -53.06 18.20 27.43
C CYS D 105 -51.92 17.89 26.48
N ALA D 106 -50.93 18.79 26.45
CA ALA D 106 -49.86 18.70 25.47
C ALA D 106 -49.06 17.41 25.63
N GLY D 107 -48.62 16.86 24.50
CA GLY D 107 -47.88 15.62 24.50
C GLY D 107 -46.42 15.84 24.85
N PRO D 108 -45.69 14.74 24.95
CA PRO D 108 -44.26 14.82 25.28
C PRO D 108 -43.48 15.57 24.21
N PRO D 109 -42.49 16.36 24.60
CA PRO D 109 -41.69 17.08 23.62
C PRO D 109 -40.78 16.14 22.82
N SER D 110 -40.52 16.53 21.57
CA SER D 110 -39.61 15.74 20.75
C SER D 110 -38.15 15.94 21.15
N ARG D 111 -37.75 17.18 21.40
CA ARG D 111 -36.39 17.45 21.82
C ARG D 111 -36.12 16.86 23.20
N PRO D 112 -34.97 16.21 23.40
CA PRO D 112 -34.69 15.59 24.70
C PRO D 112 -34.52 16.62 25.81
N GLN D 113 -34.79 16.17 27.03
CA GLN D 113 -34.65 17.04 28.20
C GLN D 113 -33.20 17.45 28.41
N ARG D 114 -33.00 18.72 28.75
CA ARG D 114 -31.67 19.25 29.00
C ARG D 114 -31.41 19.30 30.49
N PRO D 115 -30.34 18.67 30.99
CA PRO D 115 -30.09 18.67 32.44
C PRO D 115 -29.55 19.99 32.93
N PHE D 116 -30.06 20.44 34.07
CA PHE D 116 -29.56 21.62 34.75
C PHE D 116 -29.26 21.30 36.21
N CYS D 117 -28.31 22.05 36.78
CA CYS D 117 -27.87 21.79 38.14
C CYS D 117 -28.97 22.14 39.13
N ALA D 118 -29.26 21.23 40.04
CA ALA D 118 -30.31 21.43 41.02
C ALA D 118 -29.97 22.50 42.05
N VAL D 119 -28.73 22.97 42.08
CA VAL D 119 -28.30 23.95 43.06
C VAL D 119 -28.21 25.35 42.48
N CYS D 120 -27.48 25.52 41.38
CA CYS D 120 -27.26 26.84 40.81
C CYS D 120 -27.90 27.06 39.45
N GLY D 121 -28.35 26.00 38.77
CA GLY D 121 -29.06 26.15 37.52
C GLY D 121 -28.22 26.06 36.27
N PHE D 122 -26.90 26.17 36.38
CA PHE D 122 -26.03 26.05 35.22
C PHE D 122 -26.04 24.60 34.73
N PRO D 123 -25.63 24.38 33.47
CA PRO D 123 -25.70 23.01 32.92
C PRO D 123 -24.88 22.03 33.75
N SER D 124 -25.40 20.82 33.87
CA SER D 124 -24.90 19.83 34.82
C SER D 124 -24.55 18.53 34.09
N PRO D 125 -23.28 18.22 33.91
CA PRO D 125 -22.92 16.93 33.29
C PRO D 125 -23.20 15.73 34.17
N TYR D 126 -23.31 15.91 35.49
CA TYR D 126 -23.33 14.82 36.43
C TYR D 126 -24.74 14.54 36.94
N THR D 127 -25.00 13.26 37.24
CA THR D 127 -26.23 12.83 37.87
C THR D 127 -25.89 12.17 39.20
N CYS D 128 -26.51 12.64 40.28
CA CYS D 128 -26.29 12.04 41.59
C CYS D 128 -26.75 10.59 41.60
N VAL D 129 -25.89 9.72 42.13
CA VAL D 129 -26.20 8.28 42.14
C VAL D 129 -27.35 8.01 43.11
N SER D 130 -27.36 8.68 44.26
CA SER D 130 -28.30 8.33 45.31
C SER D 130 -29.74 8.68 44.91
N CYS D 131 -29.97 9.91 44.46
CA CYS D 131 -31.32 10.41 44.25
C CYS D 131 -31.64 10.75 42.80
N GLY D 132 -30.65 10.80 41.91
CA GLY D 132 -30.89 11.14 40.54
C GLY D 132 -30.88 12.62 40.23
N ALA D 133 -30.58 13.46 41.22
CA ALA D 133 -30.51 14.90 40.99
C ALA D 133 -29.24 15.25 40.22
N ARG D 134 -29.33 16.29 39.41
CA ARG D 134 -28.22 16.73 38.59
C ARG D 134 -27.38 17.77 39.33
N TYR D 135 -26.09 17.80 39.02
CA TYR D 135 -25.18 18.74 39.65
C TYR D 135 -23.95 18.93 38.77
N CYS D 136 -23.20 20.00 39.04
CA CYS D 136 -22.19 20.49 38.12
C CYS D 136 -20.81 20.68 38.71
N THR D 137 -20.63 20.55 40.02
CA THR D 137 -19.36 20.89 40.64
C THR D 137 -19.34 20.27 42.03
N VAL D 138 -18.12 20.10 42.58
CA VAL D 138 -17.98 19.50 43.91
C VAL D 138 -18.71 20.33 44.96
N ARG D 139 -18.61 21.66 44.87
CA ARG D 139 -19.33 22.50 45.81
C ARG D 139 -20.84 22.26 45.71
N CYS D 140 -21.36 22.19 44.48
CA CYS D 140 -22.78 21.94 44.29
C CYS D 140 -23.17 20.57 44.79
N LEU D 141 -22.31 19.56 44.60
CA LEU D 141 -22.61 18.23 45.12
C LEU D 141 -22.67 18.25 46.64
N GLY D 142 -21.73 18.94 47.28
CA GLY D 142 -21.78 19.04 48.73
C GLY D 142 -23.04 19.72 49.22
N THR D 143 -23.43 20.81 48.56
CA THR D 143 -24.65 21.51 48.95
C THR D 143 -25.87 20.63 48.76
N HIS D 144 -25.95 19.89 47.65
CA HIS D 144 -27.08 19.01 47.41
C HIS D 144 -27.14 17.90 48.44
N GLN D 145 -25.99 17.30 48.76
CA GLN D 145 -25.97 16.23 49.74
C GLN D 145 -26.38 16.73 51.13
N GLU D 146 -25.93 17.93 51.48
CA GLU D 146 -26.31 18.48 52.77
C GLU D 146 -27.78 18.87 52.82
N THR D 147 -28.34 19.34 51.71
CA THR D 147 -29.66 19.95 51.71
C THR D 147 -30.79 18.99 51.33
N ARG D 148 -30.72 18.40 50.13
CA ARG D 148 -31.89 17.71 49.59
C ARG D 148 -31.66 16.27 49.15
N CYS D 149 -30.47 15.71 49.36
CA CYS D 149 -30.28 14.29 49.07
C CYS D 149 -30.85 13.46 50.22
N LEU D 150 -31.39 12.30 49.87
CA LEU D 150 -32.02 11.41 50.85
C LEU D 150 -33.13 12.14 51.57
N LYS D 151 -32.92 12.48 52.84
CA LYS D 151 -33.92 13.24 53.57
C LYS D 151 -34.09 14.62 52.95
N TRP D 152 -35.35 15.04 52.80
CA TRP D 152 -35.69 16.31 52.15
C TRP D 152 -35.74 17.40 53.21
N THR D 153 -34.61 18.08 53.40
CA THR D 153 -34.53 19.12 54.40
C THR D 153 -34.85 20.48 53.80
N GLN E 13 29.79 -30.34 16.86
CA GLN E 13 29.91 -28.94 16.49
C GLN E 13 31.05 -28.73 15.51
N ARG E 14 30.77 -28.03 14.41
CA ARG E 14 31.79 -27.78 13.41
C ARG E 14 32.80 -26.76 13.91
N ILE E 15 34.04 -26.92 13.47
CA ILE E 15 35.14 -26.06 13.90
C ILE E 15 35.33 -24.97 12.86
N ALA E 16 35.17 -23.72 13.29
CA ALA E 16 35.28 -22.56 12.43
C ALA E 16 36.66 -21.92 12.59
N SER E 17 36.84 -20.75 11.98
CA SER E 17 38.17 -20.13 11.96
C SER E 17 38.56 -19.56 13.32
N HIS E 18 37.60 -19.21 14.16
CA HIS E 18 37.86 -18.57 15.44
C HIS E 18 37.33 -19.39 16.61
N SER E 19 37.18 -20.70 16.42
CA SER E 19 36.55 -21.53 17.45
C SER E 19 37.41 -21.67 18.69
N HIS E 20 38.72 -21.42 18.59
CA HIS E 20 39.59 -21.52 19.75
C HIS E 20 39.62 -20.26 20.59
N VAL E 21 39.11 -19.15 20.10
CA VAL E 21 39.15 -17.88 20.83
C VAL E 21 38.03 -17.90 21.85
N LYS E 22 38.40 -17.98 23.14
CA LYS E 22 37.43 -18.04 24.22
C LYS E 22 37.44 -16.79 25.10
N GLY E 23 38.42 -15.92 24.95
CA GLY E 23 38.50 -14.73 25.77
C GLY E 23 39.75 -13.95 25.44
N LEU E 24 39.96 -12.88 26.19
CA LEU E 24 41.11 -12.03 25.97
C LEU E 24 42.35 -12.49 26.72
N GLY E 25 42.22 -13.47 27.61
CA GLY E 25 43.38 -13.98 28.31
C GLY E 25 44.08 -12.93 29.17
N LEU E 26 43.30 -12.11 29.87
CA LEU E 26 43.86 -11.07 30.73
C LEU E 26 43.87 -11.52 32.19
N ASP E 27 44.82 -10.99 32.95
CA ASP E 27 44.91 -11.27 34.37
C ASP E 27 43.99 -10.31 35.14
N GLU E 28 44.09 -10.31 36.46
CA GLU E 28 43.23 -9.46 37.27
C GLU E 28 43.64 -8.00 37.17
N SER E 29 44.91 -7.72 36.91
CA SER E 29 45.40 -6.35 36.80
C SER E 29 45.17 -5.75 35.42
N GLY E 30 44.62 -6.50 34.49
CA GLY E 30 44.41 -6.03 33.14
C GLY E 30 45.53 -6.33 32.17
N LEU E 31 46.68 -6.82 32.66
CA LEU E 31 47.77 -7.17 31.77
C LEU E 31 47.45 -8.44 31.02
N ALA E 32 48.07 -8.60 29.85
CA ALA E 32 47.78 -9.70 28.96
C ALA E 32 48.78 -10.83 29.20
N LYS E 33 48.28 -11.98 29.60
CA LYS E 33 49.11 -13.18 29.63
C LYS E 33 49.54 -13.52 28.22
N GLN E 34 50.73 -14.11 28.11
CA GLN E 34 51.28 -14.45 26.79
C GLN E 34 50.32 -15.36 26.02
N ALA E 35 50.12 -16.58 26.50
CA ALA E 35 49.22 -17.53 25.87
C ALA E 35 48.08 -17.86 26.84
N ALA E 36 46.88 -17.40 26.50
CA ALA E 36 45.72 -17.70 27.35
C ALA E 36 44.44 -17.50 26.55
N SER E 37 43.47 -18.37 26.80
CA SER E 37 42.14 -18.27 26.19
C SER E 37 42.20 -18.28 24.67
N GLY E 38 43.15 -19.04 24.12
CA GLY E 38 43.28 -19.11 22.67
C GLY E 38 43.88 -17.89 22.01
N LEU E 39 44.67 -17.11 22.74
CA LEU E 39 45.35 -15.95 22.17
C LEU E 39 46.83 -16.03 22.55
N VAL E 40 47.69 -15.66 21.61
CA VAL E 40 49.11 -15.96 21.72
C VAL E 40 49.96 -14.70 21.87
N GLY E 41 49.67 -13.66 21.10
CA GLY E 41 50.43 -12.43 21.18
C GLY E 41 49.52 -11.25 21.37
N GLN E 42 49.89 -10.14 20.72
CA GLN E 42 49.09 -8.92 20.70
C GLN E 42 48.75 -8.46 22.11
N GLU E 43 49.77 -8.44 22.97
CA GLU E 43 49.54 -8.10 24.37
C GLU E 43 49.03 -6.67 24.52
N ASN E 44 49.63 -5.73 23.80
CA ASN E 44 49.15 -4.35 23.86
C ASN E 44 47.73 -4.24 23.32
N ALA E 45 47.45 -4.91 22.21
CA ALA E 45 46.10 -4.89 21.66
C ALA E 45 45.10 -5.54 22.59
N ARG E 46 45.50 -6.62 23.25
CA ARG E 46 44.60 -7.27 24.20
C ARG E 46 44.33 -6.39 25.42
N GLU E 47 45.34 -5.67 25.89
CA GLU E 47 45.09 -4.75 27.01
C GLU E 47 44.16 -3.62 26.60
N ALA E 48 44.35 -3.08 25.40
CA ALA E 48 43.43 -2.06 24.91
C ALA E 48 42.02 -2.60 24.78
N CYS E 49 41.88 -3.84 24.29
CA CYS E 49 40.56 -4.44 24.17
C CYS E 49 39.93 -4.70 25.54
N GLY E 50 40.74 -5.01 26.54
CA GLY E 50 40.22 -5.12 27.89
C GLY E 50 39.68 -3.79 28.42
N VAL E 51 40.41 -2.71 28.13
CA VAL E 51 39.90 -1.38 28.49
C VAL E 51 38.57 -1.11 27.79
N ILE E 52 38.48 -1.50 26.51
CA ILE E 52 37.25 -1.29 25.76
C ILE E 52 36.11 -2.13 26.35
N VAL E 53 36.42 -3.36 26.77
CA VAL E 53 35.41 -4.23 27.38
C VAL E 53 34.89 -3.61 28.67
N GLU E 54 35.78 -3.06 29.48
CA GLU E 54 35.35 -2.37 30.69
C GLU E 54 34.48 -1.17 30.35
N LEU E 55 34.84 -0.45 29.29
CA LEU E 55 34.02 0.68 28.85
C LEU E 55 32.61 0.23 28.46
N ILE E 56 32.51 -0.88 27.74
CA ILE E 56 31.20 -1.40 27.35
C ILE E 56 30.41 -1.83 28.58
N LYS E 57 31.08 -2.48 29.54
CA LYS E 57 30.40 -2.90 30.75
C LYS E 57 29.97 -1.73 31.63
N SER E 58 30.62 -0.58 31.51
CA SER E 58 30.24 0.57 32.32
C SER E 58 28.84 1.07 31.96
N LYS E 59 28.44 0.96 30.70
CA LYS E 59 27.13 1.40 30.24
C LYS E 59 26.90 2.89 30.52
N LYS E 60 27.94 3.69 30.33
CA LYS E 60 27.85 5.12 30.58
C LYS E 60 28.06 5.96 29.32
N MET E 61 29.04 5.61 28.49
CA MET E 61 29.35 6.37 27.28
C MET E 61 28.57 5.81 26.10
N ALA E 62 28.28 6.69 25.14
CA ALA E 62 27.56 6.33 23.94
C ALA E 62 28.33 6.78 22.72
N GLY E 63 28.30 5.94 21.69
CA GLY E 63 28.93 6.30 20.41
C GLY E 63 30.44 6.46 20.46
N ARG E 64 31.12 5.61 21.22
CA ARG E 64 32.58 5.62 21.26
C ARG E 64 33.08 4.60 20.26
N ALA E 65 33.91 5.04 19.32
CA ALA E 65 34.34 4.21 18.21
C ALA E 65 35.79 3.79 18.38
N VAL E 66 36.07 2.54 18.02
CA VAL E 66 37.41 1.97 18.12
C VAL E 66 37.74 1.33 16.78
N LEU E 67 38.97 1.56 16.30
CA LEU E 67 39.44 0.99 15.05
C LEU E 67 40.58 0.03 15.35
N LEU E 68 40.42 -1.23 14.94
CA LEU E 68 41.49 -2.20 14.98
C LEU E 68 42.21 -2.17 13.64
N ALA E 69 43.46 -1.75 13.67
CA ALA E 69 44.23 -1.51 12.46
C ALA E 69 45.48 -2.39 12.47
N GLY E 70 45.78 -2.98 11.31
CA GLY E 70 46.94 -3.82 11.17
C GLY E 70 46.89 -4.65 9.91
N PRO E 71 47.98 -5.32 9.59
CA PRO E 71 48.03 -6.15 8.38
C PRO E 71 47.12 -7.35 8.51
N PRO E 72 46.77 -7.99 7.40
CA PRO E 72 45.94 -9.21 7.48
C PRO E 72 46.65 -10.30 8.26
N GLY E 73 45.87 -11.13 8.92
CA GLY E 73 46.41 -12.21 9.72
C GLY E 73 46.87 -11.81 11.10
N THR E 74 46.60 -10.58 11.52
CA THR E 74 47.04 -10.09 12.82
C THR E 74 45.94 -10.17 13.86
N GLY E 75 44.87 -10.91 13.59
CA GLY E 75 43.87 -11.20 14.60
C GLY E 75 42.99 -10.04 15.02
N LYS E 76 42.59 -9.19 14.07
CA LYS E 76 41.65 -8.13 14.39
C LYS E 76 40.26 -8.70 14.64
N THR E 77 39.78 -9.56 13.74
CA THR E 77 38.50 -10.21 13.95
C THR E 77 38.55 -11.14 15.16
N ALA E 78 39.70 -11.78 15.38
CA ALA E 78 39.87 -12.59 16.57
C ALA E 78 39.71 -11.76 17.83
N LEU E 79 40.27 -10.54 17.83
CA LEU E 79 40.13 -9.67 19.00
C LEU E 79 38.70 -9.20 19.17
N ALA E 80 38.00 -8.92 18.07
CA ALA E 80 36.59 -8.52 18.19
C ALA E 80 35.75 -9.64 18.76
N LEU E 81 35.96 -10.87 18.27
CA LEU E 81 35.22 -12.01 18.82
C LEU E 81 35.63 -12.29 20.26
N ALA E 82 36.87 -11.98 20.63
CA ALA E 82 37.28 -12.13 22.02
C ALA E 82 36.58 -11.12 22.91
N ILE E 83 36.39 -9.89 22.42
CA ILE E 83 35.60 -8.90 23.15
C ILE E 83 34.17 -9.41 23.32
N ALA E 84 33.60 -9.96 22.24
CA ALA E 84 32.26 -10.52 22.33
C ALA E 84 32.18 -11.62 23.38
N GLN E 85 33.16 -12.51 23.41
CA GLN E 85 33.17 -13.60 24.39
C GLN E 85 33.33 -13.08 25.81
N GLU E 86 34.16 -12.05 25.99
CA GLU E 86 34.34 -11.46 27.31
C GLU E 86 33.05 -10.82 27.81
N LEU E 87 32.31 -10.16 26.91
CA LEU E 87 31.10 -9.48 27.34
C LEU E 87 30.05 -10.49 27.80
N GLY E 88 29.87 -11.57 27.06
CA GLY E 88 28.84 -12.55 27.35
C GLY E 88 27.69 -12.47 26.36
N SER E 89 26.84 -13.48 26.42
CA SER E 89 25.72 -13.59 25.49
C SER E 89 24.59 -12.61 25.83
N LYS E 90 24.60 -12.04 27.03
CA LYS E 90 23.55 -11.07 27.37
C LYS E 90 23.77 -9.75 26.64
N VAL E 91 25.02 -9.31 26.54
CA VAL E 91 25.33 -8.05 25.87
C VAL E 91 25.25 -8.26 24.37
N PRO E 92 24.43 -7.49 23.65
CA PRO E 92 24.32 -7.70 22.20
C PRO E 92 25.64 -7.42 21.49
N PHE E 93 25.91 -8.21 20.47
CA PHE E 93 27.10 -8.06 19.65
C PHE E 93 26.71 -8.33 18.22
N CYS E 94 26.58 -7.27 17.42
CA CYS E 94 26.11 -7.41 16.06
C CYS E 94 27.29 -7.34 15.10
N PRO E 95 27.69 -8.44 14.49
CA PRO E 95 28.79 -8.40 13.52
C PRO E 95 28.28 -8.11 12.12
N MET E 96 28.79 -7.05 11.50
CA MET E 96 28.40 -6.69 10.14
C MET E 96 29.64 -6.41 9.30
N VAL E 97 29.52 -6.72 8.02
CA VAL E 97 30.57 -6.47 7.04
C VAL E 97 30.23 -5.19 6.29
N GLY E 98 31.27 -4.44 5.91
CA GLY E 98 31.05 -3.18 5.22
C GLY E 98 30.31 -3.32 3.91
N SER E 99 30.40 -4.48 3.27
CA SER E 99 29.72 -4.69 2.00
C SER E 99 28.21 -4.86 2.16
N GLU E 100 27.71 -4.97 3.39
CA GLU E 100 26.31 -5.23 3.62
C GLU E 100 25.44 -3.99 3.61
N VAL E 101 26.05 -2.79 3.57
CA VAL E 101 25.25 -1.57 3.49
C VAL E 101 24.68 -1.31 2.10
N TYR E 102 25.15 -2.03 1.08
CA TYR E 102 24.71 -1.80 -0.28
C TYR E 102 23.49 -2.67 -0.61
N SER E 103 22.37 -2.32 0.01
CA SER E 103 21.13 -3.03 -0.24
C SER E 103 20.37 -2.38 -1.39
N THR E 104 19.55 -3.19 -2.06
CA THR E 104 18.70 -2.71 -3.14
C THR E 104 17.31 -2.33 -2.67
N GLU E 105 17.05 -2.39 -1.37
CA GLU E 105 15.73 -2.09 -0.81
C GLU E 105 15.70 -0.79 -0.05
N ILE E 106 16.67 -0.54 0.81
CA ILE E 106 16.73 0.66 1.63
C ILE E 106 18.07 1.35 1.43
N LYS E 107 18.13 2.62 1.83
CA LYS E 107 19.35 3.39 1.68
C LYS E 107 20.42 2.92 2.66
N LYS E 108 21.67 3.25 2.34
CA LYS E 108 22.79 2.79 3.15
C LYS E 108 22.73 3.33 4.57
N THR E 109 22.36 4.60 4.71
CA THR E 109 22.23 5.18 6.04
C THR E 109 21.15 4.47 6.86
N GLU E 110 20.08 4.03 6.21
CA GLU E 110 19.06 3.26 6.91
C GLU E 110 19.63 1.94 7.42
N VAL E 111 20.45 1.28 6.61
CA VAL E 111 21.09 0.03 7.05
C VAL E 111 21.99 0.29 8.25
N LEU E 112 22.78 1.36 8.20
CA LEU E 112 23.65 1.68 9.32
C LEU E 112 22.85 1.95 10.59
N MET E 113 21.77 2.72 10.47
CA MET E 113 20.93 3.02 11.62
C MET E 113 20.29 1.75 12.18
N GLU E 114 19.82 0.88 11.29
CA GLU E 114 19.21 -0.37 11.75
C GLU E 114 20.21 -1.23 12.51
N ASN E 115 21.46 -1.30 12.04
CA ASN E 115 22.44 -2.08 12.78
C ASN E 115 22.82 -1.39 14.10
N PHE E 116 22.75 -0.06 14.14
CA PHE E 116 22.99 0.65 15.38
C PHE E 116 21.93 0.29 16.40
N ARG E 117 20.67 0.26 15.98
CA ARG E 117 19.61 -0.06 16.92
C ARG E 117 19.62 -1.55 17.27
N ARG E 118 20.08 -2.39 16.34
CA ARG E 118 20.25 -3.80 16.63
C ARG E 118 21.28 -4.04 17.71
N ALA E 119 22.23 -3.12 17.86
CA ALA E 119 23.27 -3.32 18.87
C ALA E 119 22.79 -3.01 20.29
N ILE E 120 21.70 -2.27 20.45
CA ILE E 120 21.16 -1.93 21.76
C ILE E 120 20.06 -2.91 22.12
N GLY E 121 20.25 -3.64 23.22
CA GLY E 121 19.28 -4.62 23.67
C GLY E 121 18.47 -4.15 24.85
N LEU E 122 17.36 -4.84 25.09
CA LEU E 122 16.44 -4.50 26.17
C LEU E 122 15.86 -5.77 26.78
N ARG E 123 16.09 -5.95 28.08
CA ARG E 123 15.53 -7.07 28.84
C ARG E 123 14.28 -6.59 29.56
N ILE E 124 13.12 -7.08 29.14
CA ILE E 124 11.84 -6.56 29.63
C ILE E 124 11.05 -7.70 30.27
N LYS E 125 10.47 -7.42 31.44
CA LYS E 125 9.61 -8.37 32.14
C LYS E 125 8.23 -8.38 31.50
N GLU E 126 7.68 -9.57 31.27
CA GLU E 126 6.34 -9.70 30.70
C GLU E 126 5.56 -10.76 31.45
N THR E 127 4.26 -10.55 31.54
CA THR E 127 3.32 -11.49 32.14
C THR E 127 2.41 -12.05 31.07
N LYS E 128 2.36 -13.38 30.98
CA LYS E 128 1.54 -14.07 30.00
C LYS E 128 0.27 -14.62 30.66
N GLU E 129 -0.88 -14.29 30.08
CA GLU E 129 -2.15 -14.80 30.56
C GLU E 129 -2.57 -15.95 29.65
N VAL E 130 -2.82 -17.12 30.24
CA VAL E 130 -3.01 -18.36 29.49
C VAL E 130 -4.33 -18.99 29.90
N TYR E 131 -5.15 -19.33 28.91
CA TYR E 131 -6.32 -20.16 29.09
C TYR E 131 -6.02 -21.51 28.45
N GLU E 132 -5.96 -22.56 29.26
CA GLU E 132 -5.59 -23.89 28.79
C GLU E 132 -6.52 -24.91 29.38
N GLY E 133 -7.22 -25.67 28.54
CA GLY E 133 -8.10 -26.71 29.02
C GLY E 133 -8.82 -27.39 27.88
N GLU E 134 -9.61 -28.40 28.23
CA GLU E 134 -10.44 -29.12 27.27
C GLU E 134 -11.77 -28.41 27.07
N VAL E 135 -12.14 -28.23 25.80
CA VAL E 135 -13.35 -27.48 25.46
C VAL E 135 -14.57 -28.35 25.73
N THR E 136 -15.49 -27.84 26.55
CA THR E 136 -16.73 -28.53 26.85
C THR E 136 -17.96 -27.84 26.27
N GLU E 137 -17.85 -26.56 25.91
CA GLU E 137 -18.97 -25.82 25.37
C GLU E 137 -18.44 -24.70 24.50
N LEU E 138 -18.95 -24.60 23.27
CA LEU E 138 -18.55 -23.56 22.32
C LEU E 138 -19.84 -22.96 21.78
N THR E 139 -20.37 -21.96 22.48
CA THR E 139 -21.67 -21.39 22.15
C THR E 139 -21.49 -19.99 21.59
N PRO E 140 -21.78 -19.77 20.31
CA PRO E 140 -21.74 -18.40 19.77
C PRO E 140 -22.80 -17.53 20.40
N CYS E 141 -22.48 -16.24 20.54
CA CYS E 141 -23.36 -15.26 21.15
C CYS E 141 -23.46 -14.06 20.20
N GLU E 142 -24.54 -13.97 19.46
CA GLU E 142 -24.75 -12.89 18.51
C GLU E 142 -24.92 -11.55 19.23
N ILE E 154 -21.27 -9.90 13.63
CA ILE E 154 -20.35 -10.06 14.75
C ILE E 154 -20.97 -10.95 15.82
N SER E 155 -20.36 -12.10 16.06
CA SER E 155 -20.85 -13.06 17.04
C SER E 155 -19.73 -13.38 18.02
N HIS E 156 -19.97 -13.15 19.31
CA HIS E 156 -19.03 -13.52 20.34
C HIS E 156 -19.12 -15.03 20.61
N VAL E 157 -18.27 -15.52 21.51
CA VAL E 157 -18.24 -16.92 21.89
C VAL E 157 -18.21 -17.04 23.41
N ILE E 158 -19.01 -17.96 23.93
CA ILE E 158 -18.95 -18.38 25.33
C ILE E 158 -18.37 -19.78 25.35
N ILE E 159 -17.26 -19.96 26.07
CA ILE E 159 -16.49 -21.19 26.03
C ILE E 159 -16.37 -21.73 27.45
N GLY E 160 -16.47 -23.05 27.58
CA GLY E 160 -16.25 -23.70 28.85
C GLY E 160 -15.05 -24.62 28.84
N LEU E 161 -14.11 -24.37 29.73
CA LEU E 161 -12.86 -25.12 29.78
C LEU E 161 -12.76 -25.87 31.10
N LYS E 162 -12.32 -27.12 31.03
CA LYS E 162 -12.09 -27.92 32.23
C LYS E 162 -10.65 -28.43 32.22
N THR E 163 -10.06 -28.51 33.41
CA THR E 163 -8.76 -29.13 33.59
C THR E 163 -8.85 -30.20 34.66
N ALA E 164 -7.71 -30.74 35.07
CA ALA E 164 -7.72 -31.69 36.17
C ALA E 164 -7.99 -31.03 37.51
N LYS E 165 -7.98 -29.69 37.56
CA LYS E 165 -8.17 -28.97 38.81
C LYS E 165 -9.51 -28.26 38.92
N GLY E 166 -10.19 -28.01 37.80
CA GLY E 166 -11.47 -27.33 37.88
C GLY E 166 -12.04 -27.05 36.52
N THR E 167 -13.10 -26.24 36.52
CA THR E 167 -13.79 -25.83 35.30
C THR E 167 -14.08 -24.34 35.38
N LYS E 168 -14.04 -23.67 34.23
CA LYS E 168 -14.29 -22.24 34.15
C LYS E 168 -14.96 -21.93 32.82
N GLN E 169 -15.88 -20.97 32.83
CA GLN E 169 -16.56 -20.51 31.63
C GLN E 169 -16.07 -19.10 31.30
N LEU E 170 -15.77 -18.88 30.02
CA LEU E 170 -15.18 -17.62 29.59
C LEU E 170 -15.94 -17.07 28.39
N LYS E 171 -15.97 -15.74 28.29
CA LYS E 171 -16.53 -15.03 27.16
C LYS E 171 -15.39 -14.35 26.41
N LEU E 172 -15.23 -14.67 25.13
CA LEU E 172 -14.08 -14.25 24.35
C LEU E 172 -14.52 -13.43 23.14
N ASP E 173 -13.58 -12.65 22.61
CA ASP E 173 -13.85 -11.74 21.52
C ASP E 173 -14.18 -12.50 20.24
N PRO E 174 -14.88 -11.87 19.30
CA PRO E 174 -15.19 -12.56 18.03
C PRO E 174 -13.95 -12.96 17.25
N SER E 175 -12.85 -12.22 17.38
CA SER E 175 -11.62 -12.63 16.72
C SER E 175 -11.13 -13.97 17.26
N ILE E 176 -11.24 -14.17 18.58
CA ILE E 176 -10.86 -15.45 19.16
C ILE E 176 -11.78 -16.56 18.67
N PHE E 177 -13.07 -16.24 18.48
CA PHE E 177 -13.99 -17.23 17.93
C PHE E 177 -13.62 -17.60 16.50
N GLU E 178 -13.22 -16.61 15.69
CA GLU E 178 -12.77 -16.90 14.34
C GLU E 178 -11.52 -17.76 14.35
N SER E 179 -10.59 -17.48 15.27
CA SER E 179 -9.40 -18.31 15.39
C SER E 179 -9.75 -19.74 15.80
N LEU E 180 -10.70 -19.89 16.73
CA LEU E 180 -11.14 -21.22 17.14
C LEU E 180 -11.77 -21.98 15.99
N GLN E 181 -12.56 -21.29 15.17
CA GLN E 181 -13.14 -21.93 14.00
C GLN E 181 -12.04 -22.34 13.01
N LYS E 182 -11.04 -21.49 12.82
CA LYS E 182 -9.94 -21.82 11.92
C LYS E 182 -9.15 -23.02 12.43
N GLU E 183 -9.01 -23.13 13.75
CA GLU E 183 -8.37 -24.30 14.35
C GLU E 183 -9.28 -25.52 14.40
N ARG E 184 -10.54 -25.40 14.00
CA ARG E 184 -11.49 -26.51 13.96
C ARG E 184 -11.70 -27.10 15.36
N VAL E 185 -11.77 -26.24 16.36
CA VAL E 185 -11.93 -26.67 17.75
C VAL E 185 -13.36 -27.11 17.97
N GLU E 186 -13.54 -28.34 18.46
CA GLU E 186 -14.86 -28.88 18.76
C GLU E 186 -14.85 -29.46 20.16
N ALA E 187 -16.04 -29.76 20.67
CA ALA E 187 -16.19 -30.22 22.05
C ALA E 187 -15.39 -31.50 22.28
N GLY E 188 -14.43 -31.42 23.19
CA GLY E 188 -13.54 -32.53 23.48
C GLY E 188 -12.09 -32.29 23.12
N ASP E 189 -11.76 -31.12 22.57
CA ASP E 189 -10.41 -30.82 22.13
C ASP E 189 -9.67 -30.00 23.19
N VAL E 190 -8.38 -30.28 23.33
CA VAL E 190 -7.52 -29.56 24.27
C VAL E 190 -6.92 -28.37 23.54
N ILE E 191 -7.12 -27.17 24.08
CA ILE E 191 -6.71 -25.95 23.39
C ILE E 191 -5.84 -25.11 24.32
N TYR E 192 -5.02 -24.26 23.71
CA TYR E 192 -4.17 -23.31 24.40
C TYR E 192 -4.50 -21.92 23.86
N ILE E 193 -4.87 -21.01 24.74
CA ILE E 193 -5.16 -19.63 24.37
C ILE E 193 -4.21 -18.71 25.12
N GLU E 194 -3.53 -17.84 24.39
CA GLU E 194 -2.71 -16.78 24.96
C GLU E 194 -3.52 -15.48 24.91
N ALA E 195 -3.86 -14.95 26.07
CA ALA E 195 -4.75 -13.79 26.12
C ALA E 195 -4.06 -12.53 25.63
N ASN E 196 -2.73 -12.45 25.74
CA ASN E 196 -2.03 -11.24 25.31
C ASN E 196 -2.13 -11.06 23.79
N SER E 197 -1.80 -12.11 23.04
CA SER E 197 -1.78 -12.04 21.58
C SER E 197 -3.06 -12.57 20.95
N GLY E 198 -3.99 -13.10 21.74
CA GLY E 198 -5.17 -13.73 21.19
C GLY E 198 -4.87 -14.91 20.29
N ALA E 199 -3.80 -15.64 20.58
CA ALA E 199 -3.36 -16.76 19.75
C ALA E 199 -3.96 -18.06 20.28
N VAL E 200 -4.81 -18.69 19.48
CA VAL E 200 -5.48 -19.92 19.87
C VAL E 200 -4.80 -21.07 19.14
N LYS E 201 -4.34 -22.06 19.90
CA LYS E 201 -3.72 -23.25 19.35
C LYS E 201 -4.50 -24.47 19.81
N ARG E 202 -4.98 -25.27 18.86
CA ARG E 202 -5.62 -26.54 19.17
C ARG E 202 -4.54 -27.61 19.22
N GLN E 203 -4.41 -28.27 20.37
CA GLN E 203 -3.33 -29.22 20.55
C GLN E 203 -3.76 -30.63 20.18
N GLY E 204 -4.99 -31.02 20.51
CA GLY E 204 -5.48 -32.30 20.05
C GLY E 204 -6.82 -32.64 20.68
N ARG E 205 -7.36 -33.76 20.24
CA ARG E 205 -8.50 -34.37 20.91
C ARG E 205 -8.06 -34.97 22.24
N CYS E 206 -8.90 -34.83 23.26
CA CYS E 206 -8.50 -35.25 24.60
C CYS E 206 -8.23 -36.75 24.63
N ASP E 207 -7.32 -37.14 25.53
CA ASP E 207 -6.90 -38.54 25.59
C ASP E 207 -8.06 -39.46 25.96
N THR E 208 -9.03 -38.94 26.71
CA THR E 208 -10.15 -39.77 27.15
C THR E 208 -10.97 -40.30 25.99
N TYR E 209 -10.88 -39.70 24.81
CA TYR E 209 -11.62 -40.14 23.65
C TYR E 209 -10.75 -40.91 22.66
N ALA E 210 -9.55 -41.31 23.06
CA ALA E 210 -8.64 -41.99 22.15
C ALA E 210 -9.01 -43.45 21.93
N THR E 211 -9.97 -43.98 22.68
CA THR E 211 -10.38 -45.37 22.58
C THR E 211 -11.67 -45.55 21.80
N GLU E 212 -12.38 -44.45 21.51
CA GLU E 212 -13.69 -44.56 20.89
C GLU E 212 -13.61 -45.21 19.51
N PHE E 213 -12.59 -44.86 18.73
CA PHE E 213 -12.44 -45.36 17.37
C PHE E 213 -11.10 -46.05 17.22
N ASP E 214 -10.93 -46.71 16.09
CA ASP E 214 -9.65 -47.33 15.75
C ASP E 214 -8.85 -46.55 14.72
N LEU E 215 -9.52 -45.80 13.85
CA LEU E 215 -8.86 -44.90 12.90
C LEU E 215 -9.66 -43.62 12.87
N GLU E 216 -9.16 -42.59 13.57
CA GLU E 216 -9.86 -41.31 13.64
C GLU E 216 -9.12 -40.18 12.92
N ALA E 217 -7.84 -40.36 12.61
CA ALA E 217 -7.00 -39.33 11.99
C ALA E 217 -6.91 -38.10 12.89
N GLU E 218 -6.58 -38.34 14.16
CA GLU E 218 -6.44 -37.30 15.15
C GLU E 218 -5.17 -37.51 15.95
N GLU E 219 -4.63 -36.43 16.48
CA GLU E 219 -3.52 -36.47 17.42
C GLU E 219 -4.07 -36.14 18.81
N TYR E 220 -3.93 -37.08 19.73
CA TYR E 220 -4.49 -36.92 21.06
C TYR E 220 -3.48 -36.28 22.01
N VAL E 221 -4.00 -35.56 22.99
CA VAL E 221 -3.21 -34.78 23.93
C VAL E 221 -3.82 -34.94 25.32
N PRO E 222 -3.02 -35.11 26.38
CA PRO E 222 -3.59 -35.29 27.71
C PRO E 222 -4.27 -34.03 28.22
N LEU E 223 -5.14 -34.20 29.21
CA LEU E 223 -5.82 -33.09 29.82
C LEU E 223 -4.82 -32.21 30.57
N PRO E 224 -4.93 -30.90 30.47
CA PRO E 224 -4.05 -30.01 31.27
C PRO E 224 -4.25 -30.23 32.76
N LYS E 225 -3.16 -30.21 33.49
CA LYS E 225 -3.16 -30.58 34.91
C LYS E 225 -3.05 -29.38 35.84
N GLY E 226 -2.98 -28.16 35.30
CA GLY E 226 -2.98 -26.97 36.10
C GLY E 226 -4.35 -26.35 36.23
N ASP E 227 -4.39 -25.03 36.36
CA ASP E 227 -5.64 -24.29 36.37
C ASP E 227 -6.03 -23.87 34.96
N VAL E 228 -7.30 -23.49 34.80
CA VAL E 228 -7.77 -23.03 33.51
C VAL E 228 -7.09 -21.72 33.13
N HIS E 229 -6.95 -20.81 34.08
CA HIS E 229 -6.34 -19.51 33.84
C HIS E 229 -5.00 -19.46 34.55
N LYS E 230 -3.94 -19.19 33.81
CA LYS E 230 -2.60 -19.10 34.37
C LYS E 230 -1.96 -17.79 34.00
N LYS E 231 -1.11 -17.29 34.90
CA LYS E 231 -0.30 -16.11 34.66
C LYS E 231 1.16 -16.46 34.90
N LYS E 232 1.98 -16.29 33.87
CA LYS E 232 3.41 -16.60 33.95
C LYS E 232 4.21 -15.35 33.64
N GLU E 233 5.21 -15.07 34.46
CA GLU E 233 6.10 -13.94 34.27
C GLU E 233 7.42 -14.45 33.71
N ILE E 234 7.84 -13.89 32.57
CA ILE E 234 9.05 -14.32 31.88
C ILE E 234 9.88 -13.10 31.50
N ILE E 235 11.15 -13.37 31.22
CA ILE E 235 12.09 -12.33 30.81
C ILE E 235 12.30 -12.46 29.31
N GLN E 236 12.04 -11.37 28.58
CA GLN E 236 12.15 -11.33 27.13
C GLN E 236 13.38 -10.53 26.73
N ASP E 237 14.17 -11.08 25.82
CA ASP E 237 15.35 -10.40 25.29
C ASP E 237 15.01 -9.84 23.92
N VAL E 238 14.94 -8.51 23.83
CA VAL E 238 14.61 -7.83 22.58
C VAL E 238 15.61 -6.70 22.38
N THR E 239 15.60 -6.16 21.17
CA THR E 239 16.45 -5.02 20.81
C THR E 239 15.57 -3.86 20.39
N LEU E 240 16.18 -2.67 20.32
CA LEU E 240 15.43 -1.50 19.86
C LEU E 240 15.00 -1.66 18.41
N HIS E 241 15.84 -2.30 17.59
CA HIS E 241 15.47 -2.53 16.20
C HIS E 241 14.24 -3.41 16.09
N ASP E 242 14.10 -4.39 16.99
CA ASP E 242 12.92 -5.25 16.95
C ASP E 242 11.66 -4.45 17.24
N LEU E 243 11.71 -3.55 18.22
CA LEU E 243 10.56 -2.68 18.49
C LEU E 243 10.26 -1.78 17.30
N ASP E 244 11.30 -1.21 16.69
CA ASP E 244 11.09 -0.36 15.52
C ASP E 244 10.43 -1.12 14.40
N VAL E 245 10.89 -2.34 14.13
CA VAL E 245 10.29 -3.14 13.07
C VAL E 245 8.85 -3.50 13.40
N ALA E 246 8.59 -3.87 14.65
CA ALA E 246 7.23 -4.23 15.04
C ALA E 246 6.28 -3.06 14.90
N ASN E 247 6.77 -1.84 15.11
CA ASN E 247 5.93 -0.65 15.00
C ASN E 247 5.95 -0.03 13.61
N ALA E 248 6.80 -0.48 12.70
CA ALA E 248 6.84 0.06 11.35
C ALA E 248 6.13 -0.82 10.32
N ARG E 249 6.12 -2.13 10.53
CA ARG E 249 5.39 -3.08 9.70
C ARG E 249 4.52 -3.91 10.62
N PRO E 250 3.47 -3.30 11.18
CA PRO E 250 2.71 -3.97 12.25
C PRO E 250 2.04 -5.23 11.76
N GLN E 251 2.04 -6.23 12.63
CA GLN E 251 1.33 -7.48 12.38
C GLN E 251 0.65 -8.02 13.63
N GLY E 252 0.38 -7.16 14.61
CA GLY E 252 -0.21 -7.57 15.87
C GLY E 252 -1.71 -7.41 15.97
N GLY E 253 -2.32 -6.68 15.02
CA GLY E 253 -3.75 -6.47 15.07
C GLY E 253 -4.59 -7.67 14.68
N GLN E 254 -4.00 -8.61 13.93
CA GLN E 254 -4.70 -9.79 13.43
C GLN E 254 -5.93 -9.43 12.60
N ASP E 255 -5.91 -8.25 11.99
CA ASP E 255 -6.99 -7.80 11.13
C ASP E 255 -6.61 -8.05 9.67
N ILE E 256 -7.54 -7.77 8.77
CA ILE E 256 -7.27 -7.99 7.35
C ILE E 256 -6.24 -7.00 6.84
N LEU E 257 -6.22 -5.78 7.39
CA LEU E 257 -5.28 -4.77 6.89
C LEU E 257 -3.83 -5.15 7.17
N SER E 258 -3.57 -5.78 8.31
CA SER E 258 -2.21 -6.22 8.60
C SER E 258 -1.74 -7.27 7.61
N MET E 259 -2.59 -8.26 7.31
CA MET E 259 -2.25 -9.26 6.31
C MET E 259 -2.03 -8.62 4.95
N MET E 260 -2.90 -7.67 4.58
CA MET E 260 -2.74 -6.99 3.31
C MET E 260 -1.41 -6.26 3.23
N GLY E 261 -1.05 -5.55 4.29
CA GLY E 261 0.22 -4.83 4.29
C GLY E 261 1.41 -5.77 4.23
N GLN E 262 1.33 -6.91 4.93
CA GLN E 262 2.40 -7.89 4.89
C GLN E 262 2.56 -8.46 3.49
N LEU E 263 1.45 -8.76 2.82
CA LEU E 263 1.51 -9.41 1.52
C LEU E 263 1.90 -8.43 0.41
N MET E 264 1.40 -7.20 0.46
CA MET E 264 1.65 -6.26 -0.62
C MET E 264 2.95 -5.49 -0.48
N LYS E 265 3.46 -5.31 0.73
CA LYS E 265 4.68 -4.53 0.98
C LYS E 265 5.65 -5.35 1.83
N PRO E 266 6.30 -6.35 1.23
CA PRO E 266 7.23 -7.19 2.01
C PRO E 266 8.63 -6.61 2.14
N LYS E 267 8.97 -5.57 1.39
CA LYS E 267 10.32 -5.05 1.40
C LYS E 267 10.58 -4.21 2.66
N LYS E 268 11.86 -4.03 2.97
CA LYS E 268 12.24 -3.15 4.06
C LYS E 268 11.90 -1.71 3.71
N THR E 269 11.70 -0.90 4.74
CA THR E 269 11.40 0.51 4.56
C THR E 269 12.35 1.35 5.39
N GLU E 270 12.47 2.62 5.01
CA GLU E 270 13.32 3.58 5.71
C GLU E 270 12.54 4.10 6.91
N ILE E 271 12.79 3.50 8.08
CA ILE E 271 12.08 3.89 9.29
C ILE E 271 12.41 5.33 9.63
N THR E 272 11.38 6.10 9.97
CA THR E 272 11.55 7.53 10.17
C THR E 272 12.12 7.80 11.55
N ASP E 273 12.66 9.01 11.72
CA ASP E 273 13.14 9.43 13.03
C ASP E 273 12.00 9.58 14.02
N LYS E 274 10.78 9.86 13.53
CA LYS E 274 9.64 9.98 14.43
C LYS E 274 9.31 8.66 15.11
N LEU E 275 9.34 7.56 14.35
CA LEU E 275 9.09 6.25 14.96
C LEU E 275 10.15 5.92 15.99
N ARG E 276 11.41 6.26 15.70
CA ARG E 276 12.47 5.96 16.64
C ARG E 276 12.36 6.81 17.90
N GLY E 277 11.91 8.06 17.77
CA GLY E 277 11.66 8.85 18.96
C GLY E 277 10.52 8.30 19.80
N GLU E 278 9.45 7.86 19.14
CA GLU E 278 8.35 7.26 19.88
C GLU E 278 8.78 5.99 20.59
N ILE E 279 9.58 5.15 19.92
CA ILE E 279 10.06 3.94 20.55
C ILE E 279 10.99 4.26 21.71
N ASN E 280 11.81 5.30 21.57
CA ASN E 280 12.66 5.73 22.68
C ASN E 280 11.81 6.15 23.88
N LYS E 281 10.75 6.92 23.63
CA LYS E 281 9.88 7.32 24.73
C LYS E 281 9.24 6.09 25.40
N VAL E 282 8.79 5.13 24.60
CA VAL E 282 8.17 3.93 25.15
C VAL E 282 9.16 3.16 26.01
N VAL E 283 10.40 3.04 25.55
CA VAL E 283 11.39 2.27 26.29
C VAL E 283 11.77 3.01 27.57
N ASN E 284 11.86 4.33 27.52
CA ASN E 284 12.12 5.09 28.74
C ASN E 284 11.00 4.92 29.74
N LYS E 285 9.75 4.93 29.27
CA LYS E 285 8.62 4.70 30.16
C LYS E 285 8.69 3.32 30.78
N TYR E 286 9.04 2.31 29.98
CA TYR E 286 9.18 0.95 30.51
C TYR E 286 10.26 0.89 31.57
N ILE E 287 11.39 1.53 31.33
CA ILE E 287 12.49 1.52 32.29
C ILE E 287 12.09 2.23 33.57
N ASP E 288 11.36 3.34 33.45
CA ASP E 288 10.87 4.04 34.63
C ASP E 288 9.91 3.17 35.43
N GLN E 289 9.06 2.41 34.75
CA GLN E 289 8.14 1.51 35.43
C GLN E 289 8.84 0.37 36.14
N GLY E 290 10.14 0.16 35.89
CA GLY E 290 10.88 -0.88 36.57
C GLY E 290 10.78 -2.25 35.95
N ILE E 291 10.15 -2.39 34.78
CA ILE E 291 9.97 -3.69 34.15
C ILE E 291 10.94 -3.90 33.00
N ALA E 292 11.88 -2.98 32.79
CA ALA E 292 12.82 -3.08 31.68
C ALA E 292 14.23 -2.75 32.15
N GLU E 293 15.20 -3.39 31.52
CA GLU E 293 16.62 -3.15 31.77
C GLU E 293 17.33 -2.97 30.43
N LEU E 294 18.18 -1.97 30.33
CA LEU E 294 18.86 -1.63 29.09
C LEU E 294 20.26 -2.23 29.06
N VAL E 295 20.60 -2.85 27.94
CA VAL E 295 21.93 -3.40 27.70
C VAL E 295 22.51 -2.73 26.46
N PRO E 296 23.41 -1.75 26.64
CA PRO E 296 23.81 -0.91 25.49
C PRO E 296 24.44 -1.68 24.33
N GLY E 297 25.31 -2.65 24.60
CA GLY E 297 25.79 -3.53 23.56
C GLY E 297 26.82 -2.89 22.63
N VAL E 298 27.21 -3.67 21.62
CA VAL E 298 28.34 -3.36 20.76
C VAL E 298 27.96 -3.64 19.32
N LEU E 299 28.40 -2.78 18.41
CA LEU E 299 28.32 -3.04 16.98
C LEU E 299 29.72 -3.20 16.42
N PHE E 300 29.89 -4.20 15.56
CA PHE E 300 31.19 -4.49 14.96
C PHE E 300 31.07 -4.44 13.45
N VAL E 301 31.88 -3.58 12.83
CA VAL E 301 31.95 -3.46 11.38
C VAL E 301 33.33 -3.95 10.96
N ASP E 302 33.35 -5.04 10.19
CA ASP E 302 34.61 -5.72 9.93
C ASP E 302 35.40 -5.06 8.80
N GLU E 303 34.82 -5.00 7.61
CA GLU E 303 35.50 -4.41 6.46
C GLU E 303 35.03 -2.97 6.26
N VAL E 304 35.51 -2.10 7.14
CA VAL E 304 35.08 -0.71 7.15
C VAL E 304 35.49 0.02 5.89
N HIS E 305 36.63 -0.36 5.31
CA HIS E 305 37.10 0.27 4.07
C HIS E 305 36.13 0.06 2.92
N MET E 306 35.22 -0.91 3.01
CA MET E 306 34.24 -1.12 1.96
C MET E 306 33.07 -0.13 2.03
N LEU E 307 32.97 0.64 3.10
CA LEU E 307 32.02 1.73 3.13
C LEU E 307 32.46 2.85 2.20
N ASP E 308 31.50 3.65 1.76
CA ASP E 308 31.79 4.79 0.91
C ASP E 308 31.72 6.08 1.73
N ILE E 309 32.02 7.20 1.08
CA ILE E 309 32.18 8.45 1.80
C ILE E 309 30.87 8.89 2.44
N GLU E 310 29.74 8.57 1.80
CA GLU E 310 28.44 8.89 2.40
C GLU E 310 28.23 8.14 3.71
N CYS E 311 28.63 6.88 3.76
CA CYS E 311 28.50 6.10 4.99
C CYS E 311 29.35 6.69 6.11
N PHE E 312 30.58 7.08 5.80
CA PHE E 312 31.45 7.67 6.82
C PHE E 312 30.87 9.00 7.32
N THR E 313 30.39 9.82 6.39
CA THR E 313 29.79 11.08 6.78
C THR E 313 28.58 10.87 7.69
N TYR E 314 27.74 9.89 7.37
CA TYR E 314 26.63 9.57 8.25
C TYR E 314 27.12 9.07 9.60
N LEU E 315 28.18 8.24 9.60
CA LEU E 315 28.69 7.68 10.84
C LEU E 315 29.21 8.76 11.77
N HIS E 316 29.70 9.88 11.22
CA HIS E 316 30.03 11.02 12.06
C HIS E 316 28.89 11.35 13.01
N ARG E 317 27.74 11.72 12.45
CA ARG E 317 26.59 12.10 13.25
C ARG E 317 26.06 10.92 14.07
N ALA E 318 26.11 9.72 13.50
CA ALA E 318 25.60 8.56 14.22
C ALA E 318 26.40 8.28 15.48
N LEU E 319 27.72 8.40 15.41
CA LEU E 319 28.55 8.22 16.60
C LEU E 319 28.39 9.40 17.55
N GLU E 320 28.11 10.60 17.03
CA GLU E 320 27.89 11.72 17.94
C GLU E 320 26.57 11.61 18.68
N SER E 321 25.71 10.67 18.33
CA SER E 321 24.43 10.50 19.00
C SER E 321 24.63 9.96 20.41
N SER E 322 23.73 10.35 21.31
CA SER E 322 23.77 9.85 22.69
C SER E 322 23.04 8.53 22.85
N ILE E 323 22.45 7.99 21.80
CA ILE E 323 21.81 6.69 21.85
C ILE E 323 22.72 5.59 21.29
N ALA E 324 23.74 5.95 20.51
CA ALA E 324 24.49 4.96 19.76
C ALA E 324 25.25 4.01 20.69
N PRO E 325 25.53 2.80 20.23
CA PRO E 325 26.34 1.87 21.02
C PRO E 325 27.82 2.10 20.84
N ILE E 326 28.64 1.24 21.42
CA ILE E 326 30.08 1.25 21.16
C ILE E 326 30.33 0.49 19.88
N VAL E 327 31.04 1.13 18.95
CA VAL E 327 31.29 0.57 17.62
C VAL E 327 32.76 0.23 17.50
N ILE E 328 33.06 -0.99 17.09
CA ILE E 328 34.42 -1.43 16.82
C ILE E 328 34.57 -1.57 15.31
N PHE E 329 35.56 -0.88 14.76
CA PHE E 329 35.87 -0.93 13.34
C PHE E 329 37.16 -1.73 13.12
N ALA E 330 37.27 -2.32 11.93
CA ALA E 330 38.49 -3.04 11.56
C ALA E 330 38.87 -2.65 10.15
N SER E 331 40.17 -2.67 9.87
CA SER E 331 40.67 -2.35 8.54
C SER E 331 42.10 -2.85 8.43
N ASN E 332 42.44 -3.42 7.27
CA ASN E 332 43.79 -3.79 6.95
C ASN E 332 44.39 -2.95 5.83
N ARG E 333 43.65 -1.98 5.32
CA ARG E 333 44.14 -1.17 4.22
C ARG E 333 45.26 -0.24 4.66
N GLY E 334 46.18 0.01 3.74
CA GLY E 334 47.18 1.05 3.89
C GLY E 334 46.68 2.37 3.34
N ASN E 335 47.61 3.17 2.85
CA ASN E 335 47.26 4.48 2.30
C ASN E 335 46.47 4.24 1.01
N CYS E 336 45.14 4.28 1.11
CA CYS E 336 44.27 3.79 0.07
C CYS E 336 43.21 4.83 -0.27
N VAL E 337 42.70 4.74 -1.49
CA VAL E 337 41.68 5.68 -1.96
C VAL E 337 40.34 5.34 -1.32
N ILE E 338 39.69 6.35 -0.74
CA ILE E 338 38.40 6.14 -0.11
C ILE E 338 37.35 5.84 -1.18
N ARG E 339 36.57 4.79 -0.95
CA ARG E 339 35.52 4.42 -1.90
C ARG E 339 34.49 5.53 -1.99
N GLY E 340 33.99 5.77 -3.21
CA GLY E 340 33.07 6.84 -3.48
C GLY E 340 33.72 8.15 -3.87
N THR E 341 35.01 8.32 -3.59
CA THR E 341 35.77 9.47 -4.05
C THR E 341 36.57 9.11 -5.29
N GLU E 342 36.96 10.14 -6.04
CA GLU E 342 37.74 9.93 -7.24
C GLU E 342 39.17 9.50 -6.90
N ASP E 343 39.89 10.36 -6.18
CA ASP E 343 41.29 10.07 -5.89
C ASP E 343 41.70 10.48 -4.48
N ILE E 344 40.75 10.65 -3.57
CA ILE E 344 41.08 11.04 -2.19
C ILE E 344 41.61 9.82 -1.46
N THR E 345 42.80 9.94 -0.90
CA THR E 345 43.52 8.83 -0.26
C THR E 345 43.71 9.13 1.21
N SER E 346 43.38 8.17 2.06
CA SER E 346 43.41 8.32 3.50
C SER E 346 44.10 7.11 4.13
N PRO E 347 44.62 7.26 5.36
CA PRO E 347 45.54 6.24 5.88
C PRO E 347 44.98 4.82 5.94
N HIS E 348 43.70 4.64 6.27
CA HIS E 348 43.16 3.29 6.38
C HIS E 348 41.98 3.05 5.44
N GLY E 349 41.84 3.86 4.40
CA GLY E 349 40.60 3.88 3.67
C GLY E 349 39.49 4.60 4.38
N ILE E 350 39.80 5.29 5.48
CA ILE E 350 38.82 5.95 6.32
C ILE E 350 39.16 7.44 6.33
N PRO E 351 38.23 8.32 6.02
CA PRO E 351 38.54 9.76 6.01
C PRO E 351 39.01 10.23 7.37
N LEU E 352 39.90 11.24 7.35
CA LEU E 352 40.55 11.68 8.58
C LEU E 352 39.53 12.19 9.59
N ASP E 353 38.37 12.66 9.12
CA ASP E 353 37.35 13.15 10.04
C ASP E 353 36.85 12.02 10.93
N LEU E 354 36.64 10.83 10.36
CA LEU E 354 36.19 9.71 11.18
C LEU E 354 37.34 9.15 12.01
N LEU E 355 38.56 9.20 11.49
CA LEU E 355 39.71 8.73 12.26
C LEU E 355 39.95 9.60 13.47
N ASP E 356 39.55 10.87 13.42
CA ASP E 356 39.64 11.72 14.59
C ASP E 356 38.64 11.32 15.67
N ARG E 357 37.60 10.56 15.32
CA ARG E 357 36.57 10.15 16.25
C ARG E 357 36.76 8.74 16.77
N VAL E 358 37.89 8.09 16.44
CA VAL E 358 38.11 6.71 16.84
C VAL E 358 39.36 6.62 17.70
N MET E 359 39.42 5.57 18.52
CA MET E 359 40.61 5.18 19.24
C MET E 359 41.26 4.01 18.51
N ILE E 360 42.49 4.20 18.06
CA ILE E 360 43.15 3.23 17.19
C ILE E 360 43.90 2.21 18.03
N ILE E 361 43.58 0.94 17.83
CA ILE E 361 44.32 -0.18 18.41
C ILE E 361 45.16 -0.81 17.30
N ARG E 362 46.46 -0.88 17.52
CA ARG E 362 47.40 -1.33 16.49
C ARG E 362 47.75 -2.80 16.73
N THR E 363 47.59 -3.61 15.70
CA THR E 363 47.99 -5.01 15.74
C THR E 363 49.26 -5.19 14.90
N MET E 364 50.14 -6.06 15.36
CA MET E 364 51.44 -6.26 14.74
C MET E 364 51.54 -7.66 14.15
N LEU E 365 52.53 -7.84 13.28
CA LEU E 365 52.80 -9.15 12.71
C LEU E 365 53.39 -10.08 13.76
N TYR E 366 53.17 -11.38 13.57
CA TYR E 366 53.55 -12.36 14.56
C TYR E 366 54.96 -12.89 14.33
N THR E 367 55.69 -13.11 15.43
CA THR E 367 56.98 -13.75 15.38
C THR E 367 56.81 -15.24 15.10
N PRO E 368 57.88 -15.92 14.64
CA PRO E 368 57.77 -17.36 14.40
C PRO E 368 57.35 -18.17 15.62
N GLN E 369 57.77 -17.78 16.81
CA GLN E 369 57.34 -18.49 18.01
C GLN E 369 55.84 -18.37 18.20
N GLU E 370 55.30 -17.17 18.01
CA GLU E 370 53.86 -16.98 18.09
C GLU E 370 53.14 -17.77 17.01
N MET E 371 53.74 -17.85 15.83
CA MET E 371 53.14 -18.64 14.76
C MET E 371 53.07 -20.12 15.15
N LYS E 372 54.13 -20.65 15.74
CA LYS E 372 54.10 -22.03 16.19
C LYS E 372 53.07 -22.24 17.28
N GLN E 373 52.95 -21.28 18.20
CA GLN E 373 51.94 -21.39 19.25
C GLN E 373 50.53 -21.41 18.67
N ILE E 374 50.26 -20.53 17.70
CA ILE E 374 48.93 -20.48 17.09
C ILE E 374 48.65 -21.76 16.32
N ILE E 375 49.66 -22.29 15.62
CA ILE E 375 49.47 -23.54 14.90
C ILE E 375 49.14 -24.66 15.87
N LYS E 376 49.86 -24.73 17.00
CA LYS E 376 49.60 -25.78 17.97
C LYS E 376 48.20 -25.64 18.56
N ILE E 377 47.77 -24.41 18.86
CA ILE E 377 46.44 -24.20 19.40
C ILE E 377 45.38 -24.63 18.40
N ARG E 378 45.57 -24.28 17.13
CA ARG E 378 44.60 -24.67 16.11
C ARG E 378 44.57 -26.18 15.93
N ALA E 379 45.73 -26.83 16.00
CA ALA E 379 45.78 -28.29 15.90
C ALA E 379 45.04 -28.95 17.05
N GLN E 380 45.23 -28.44 18.27
CA GLN E 380 44.49 -28.97 19.41
C GLN E 380 43.00 -28.73 19.25
N THR E 381 42.61 -27.56 18.73
CA THR E 381 41.21 -27.25 18.55
C THR E 381 40.54 -28.19 17.56
N GLU E 382 41.24 -28.55 16.48
CA GLU E 382 40.69 -29.41 15.46
C GLU E 382 40.88 -30.90 15.77
N GLY E 383 41.40 -31.23 16.95
CA GLY E 383 41.62 -32.61 17.33
C GLY E 383 42.66 -33.32 16.50
N ILE E 384 43.78 -32.67 16.23
CA ILE E 384 44.84 -33.20 15.39
C ILE E 384 46.11 -33.32 16.23
N ASN E 385 46.73 -34.49 16.21
CA ASN E 385 48.02 -34.70 16.83
C ASN E 385 49.13 -34.46 15.81
N ILE E 386 50.06 -33.59 16.15
CA ILE E 386 51.15 -33.22 15.25
C ILE E 386 52.47 -33.42 15.99
N SER E 387 53.43 -34.06 15.32
CA SER E 387 54.74 -34.29 15.92
C SER E 387 55.53 -33.00 15.97
N GLU E 388 56.58 -33.00 16.80
CA GLU E 388 57.40 -31.81 16.96
C GLU E 388 58.11 -31.45 15.66
N GLU E 389 58.64 -32.45 14.96
CA GLU E 389 59.27 -32.19 13.67
C GLU E 389 58.28 -31.63 12.67
N ALA E 390 57.07 -32.21 12.61
CA ALA E 390 56.04 -31.70 11.71
C ALA E 390 55.62 -30.28 12.12
N LEU E 391 55.52 -30.03 13.42
CA LEU E 391 55.16 -28.69 13.88
C LEU E 391 56.21 -27.67 13.48
N ASN E 392 57.49 -28.04 13.63
CA ASN E 392 58.56 -27.13 13.22
C ASN E 392 58.54 -26.89 11.72
N HIS E 393 58.32 -27.94 10.94
CA HIS E 393 58.26 -27.78 9.48
C HIS E 393 57.09 -26.89 9.09
N LEU E 394 55.94 -27.04 9.73
CA LEU E 394 54.78 -26.25 9.37
C LEU E 394 54.96 -24.80 9.82
N GLY E 395 55.65 -24.57 10.95
CA GLY E 395 55.99 -23.22 11.32
C GLY E 395 56.96 -22.58 10.34
N GLU E 396 57.92 -23.36 9.83
CA GLU E 396 58.81 -22.85 8.80
C GLU E 396 58.05 -22.50 7.53
N ILE E 397 57.08 -23.35 7.16
CA ILE E 397 56.24 -23.06 6.00
C ILE E 397 55.46 -21.78 6.24
N GLY E 398 55.01 -21.55 7.47
CA GLY E 398 54.30 -20.34 7.81
C GLY E 398 55.17 -19.10 7.92
N THR E 399 56.47 -19.28 8.12
CA THR E 399 57.37 -18.12 8.15
C THR E 399 57.40 -17.43 6.79
N LYS E 400 57.66 -18.19 5.74
CA LYS E 400 57.30 -17.78 4.39
C LYS E 400 55.80 -17.94 4.21
N THR E 401 55.29 -17.61 3.02
CA THR E 401 53.86 -17.67 2.74
C THR E 401 53.15 -16.88 3.84
N THR E 402 52.12 -17.44 4.49
CA THR E 402 51.40 -16.74 5.54
C THR E 402 51.07 -17.72 6.66
N LEU E 403 50.62 -17.16 7.79
CA LEU E 403 50.16 -18.00 8.90
C LEU E 403 48.87 -18.71 8.53
N ARG E 404 47.99 -18.03 7.81
CA ARG E 404 46.71 -18.63 7.42
C ARG E 404 46.94 -19.87 6.56
N TYR E 405 47.85 -19.77 5.59
CA TYR E 405 48.16 -20.90 4.73
C TYR E 405 48.71 -22.06 5.55
N SER E 406 49.61 -21.79 6.49
CA SER E 406 50.18 -22.84 7.30
C SER E 406 49.11 -23.52 8.17
N VAL E 407 48.18 -22.73 8.70
CA VAL E 407 47.12 -23.29 9.52
C VAL E 407 46.19 -24.15 8.68
N GLN E 408 45.92 -23.75 7.44
CA GLN E 408 44.96 -24.47 6.61
C GLN E 408 45.45 -25.81 6.12
N LEU E 409 46.73 -26.13 6.27
CA LEU E 409 47.26 -27.42 5.87
C LEU E 409 47.10 -28.50 6.93
N LEU E 410 46.53 -28.16 8.09
CA LEU E 410 46.46 -29.11 9.18
C LEU E 410 45.47 -30.24 8.89
N THR E 411 44.26 -29.90 8.47
CA THR E 411 43.25 -30.91 8.19
C THR E 411 43.61 -31.80 7.00
N PRO E 412 44.10 -31.26 5.87
CA PRO E 412 44.54 -32.15 4.80
C PRO E 412 45.67 -33.07 5.21
N ALA E 413 46.61 -32.58 6.02
CA ALA E 413 47.69 -33.44 6.50
C ALA E 413 47.15 -34.53 7.42
N ASN E 414 46.17 -34.19 8.25
CA ASN E 414 45.55 -35.21 9.10
C ASN E 414 44.86 -36.26 8.24
N LEU E 415 44.18 -35.83 7.18
CA LEU E 415 43.53 -36.79 6.29
C LEU E 415 44.54 -37.69 5.61
N LEU E 416 45.67 -37.13 5.17
CA LEU E 416 46.73 -37.95 4.58
C LEU E 416 47.27 -38.95 5.58
N ALA E 417 47.51 -38.52 6.83
CA ALA E 417 48.02 -39.43 7.84
C ALA E 417 47.01 -40.55 8.13
N LYS E 418 45.73 -40.20 8.17
CA LYS E 418 44.70 -41.21 8.41
C LYS E 418 44.63 -42.21 7.25
N ILE E 419 44.78 -41.72 6.02
CA ILE E 419 44.78 -42.62 4.86
C ILE E 419 45.93 -43.61 4.95
N ASN E 420 47.11 -43.13 5.32
CA ASN E 420 48.28 -43.97 5.45
C ASN E 420 48.29 -44.78 6.74
N GLY E 421 47.25 -44.69 7.56
CA GLY E 421 47.15 -45.47 8.78
C GLY E 421 47.83 -44.87 9.99
N LYS E 422 48.34 -43.66 9.89
CA LYS E 422 49.00 -43.00 11.01
C LYS E 422 48.02 -42.11 11.75
N ASP E 423 48.11 -42.13 13.08
CA ASP E 423 47.25 -41.31 13.92
C ASP E 423 47.82 -39.93 14.22
N SER E 424 49.00 -39.62 13.70
CA SER E 424 49.64 -38.33 13.91
C SER E 424 50.26 -37.86 12.62
N ILE E 425 50.43 -36.54 12.50
CA ILE E 425 51.01 -35.93 11.32
C ILE E 425 52.53 -35.95 11.44
N GLU E 426 53.19 -36.51 10.45
CA GLU E 426 54.64 -36.47 10.34
C GLU E 426 55.06 -35.42 9.31
N LYS E 427 56.37 -35.18 9.23
CA LYS E 427 56.88 -34.16 8.33
C LYS E 427 56.62 -34.53 6.87
N GLU E 428 56.61 -35.82 6.55
CA GLU E 428 56.36 -36.24 5.18
C GLU E 428 54.97 -35.83 4.71
N HIS E 429 53.97 -35.95 5.61
CA HIS E 429 52.62 -35.55 5.24
C HIS E 429 52.52 -34.05 4.99
N VAL E 430 53.19 -33.26 5.83
CA VAL E 430 53.18 -31.81 5.63
C VAL E 430 53.86 -31.45 4.31
N GLU E 431 54.99 -32.11 4.00
CA GLU E 431 55.66 -31.85 2.73
C GLU E 431 54.76 -32.21 1.55
N GLU E 432 54.09 -33.37 1.63
CA GLU E 432 53.21 -33.79 0.55
C GLU E 432 52.06 -32.81 0.36
N ILE E 433 51.46 -32.36 1.46
CA ILE E 433 50.35 -31.42 1.35
C ILE E 433 50.82 -30.09 0.77
N SER E 434 51.98 -29.61 1.22
CA SER E 434 52.50 -28.36 0.68
C SER E 434 52.82 -28.48 -0.80
N GLU E 435 53.26 -29.66 -1.24
CA GLU E 435 53.46 -29.89 -2.67
C GLU E 435 52.14 -29.90 -3.42
N LEU E 436 51.09 -30.49 -2.84
CA LEU E 436 49.80 -30.58 -3.52
C LEU E 436 49.14 -29.22 -3.65
N PHE E 437 49.19 -28.40 -2.59
CA PHE E 437 48.45 -27.14 -2.55
C PHE E 437 49.45 -25.99 -2.54
N TYR E 438 49.24 -25.04 -3.42
CA TYR E 438 50.10 -23.87 -3.50
C TYR E 438 49.55 -22.75 -2.60
N ASP E 439 50.42 -21.79 -2.30
CA ASP E 439 50.03 -20.59 -1.59
C ASP E 439 49.88 -19.45 -2.60
N ALA E 440 49.56 -18.26 -2.08
CA ALA E 440 49.33 -17.12 -2.96
C ALA E 440 50.59 -16.71 -3.69
N LYS E 441 51.74 -16.71 -3.00
CA LYS E 441 52.99 -16.28 -3.63
C LYS E 441 53.46 -17.26 -4.69
N SER E 442 53.37 -18.56 -4.42
CA SER E 442 53.77 -19.56 -5.42
C SER E 442 52.89 -19.47 -6.66
N SER E 443 51.58 -19.31 -6.46
CA SER E 443 50.67 -19.17 -7.59
C SER E 443 50.95 -17.89 -8.36
N ALA E 444 51.30 -16.81 -7.64
CA ALA E 444 51.67 -15.57 -8.32
C ALA E 444 52.92 -15.77 -9.18
N LYS E 445 53.89 -16.52 -8.65
CA LYS E 445 55.09 -16.82 -9.44
C LYS E 445 54.73 -17.60 -10.68
N ILE E 446 53.86 -18.60 -10.54
CA ILE E 446 53.44 -19.40 -11.69
C ILE E 446 52.73 -18.54 -12.72
N LEU E 447 51.85 -17.64 -12.27
CA LEU E 447 51.15 -16.75 -13.18
C LEU E 447 52.12 -15.84 -13.92
N ALA E 448 53.10 -15.29 -13.20
CA ALA E 448 54.07 -14.41 -13.82
C ALA E 448 54.90 -15.15 -14.86
N ASP E 449 55.28 -16.40 -14.56
CA ASP E 449 56.10 -17.15 -15.50
C ASP E 449 55.34 -17.49 -16.78
N GLN E 450 54.01 -17.58 -16.71
CA GLN E 450 53.18 -17.99 -17.83
C GLN E 450 52.08 -16.98 -18.09
N GLN E 451 52.45 -15.69 -18.15
CA GLN E 451 51.46 -14.64 -18.31
C GLN E 451 50.76 -14.73 -19.66
N ASP E 452 51.46 -15.22 -20.69
CA ASP E 452 50.87 -15.26 -22.03
C ASP E 452 49.82 -16.36 -22.17
N LYS E 453 49.79 -17.32 -21.26
CA LYS E 453 48.86 -18.44 -21.38
C LYS E 453 47.55 -18.22 -20.62
N TYR E 454 47.55 -17.40 -19.57
CA TYR E 454 46.34 -17.13 -18.83
C TYR E 454 45.56 -15.98 -19.48
N MET E 455 44.26 -15.95 -19.20
CA MET E 455 43.38 -14.95 -19.78
C MET E 455 43.53 -13.62 -19.04
N LYS E 456 43.51 -12.53 -19.80
CA LYS E 456 43.58 -11.17 -19.26
C LYS E 456 44.84 -10.94 -18.45
N VAL F 16 14.42 -43.13 -26.77
CA VAL F 16 13.89 -41.82 -26.41
C VAL F 16 14.96 -41.05 -25.66
N THR F 17 14.96 -39.73 -25.83
CA THR F 17 15.97 -38.86 -25.23
C THR F 17 15.41 -38.18 -23.98
N ARG F 18 16.12 -38.33 -22.88
CA ARG F 18 15.74 -37.69 -21.63
C ARG F 18 16.09 -36.20 -21.69
N ILE F 19 15.67 -35.47 -20.65
CA ILE F 19 15.94 -34.03 -20.62
C ILE F 19 17.44 -33.76 -20.53
N GLU F 20 18.20 -34.68 -19.97
CA GLU F 20 19.65 -34.55 -19.87
C GLU F 20 20.29 -35.31 -21.02
N ARG F 21 21.09 -34.61 -21.81
CA ARG F 21 21.73 -35.17 -23.00
C ARG F 21 23.25 -35.06 -22.85
N ILE F 22 23.97 -35.38 -23.92
CA ILE F 22 25.43 -35.36 -23.88
C ILE F 22 25.88 -33.91 -23.86
N GLY F 23 26.48 -33.47 -22.75
CA GLY F 23 27.01 -32.15 -22.61
C GLY F 23 28.53 -32.13 -22.63
N ALA F 24 29.08 -31.02 -22.15
CA ALA F 24 30.53 -30.87 -22.13
C ALA F 24 31.18 -31.86 -21.18
N HIS F 25 30.58 -32.07 -20.00
CA HIS F 25 31.16 -32.90 -18.96
C HIS F 25 30.30 -34.13 -18.68
N SER F 26 29.58 -34.62 -19.69
CA SER F 26 28.71 -35.77 -19.49
C SER F 26 29.48 -37.07 -19.25
N HIS F 27 30.75 -37.12 -19.67
CA HIS F 27 31.55 -38.33 -19.51
C HIS F 27 32.22 -38.43 -18.15
N ILE F 28 32.15 -37.39 -17.32
CA ILE F 28 32.84 -37.37 -16.04
C ILE F 28 31.94 -37.98 -14.98
N ARG F 29 32.30 -39.16 -14.50
CA ARG F 29 31.56 -39.84 -13.45
C ARG F 29 32.22 -39.76 -12.09
N GLY F 30 33.40 -39.15 -12.00
CA GLY F 30 34.08 -39.02 -10.73
C GLY F 30 35.53 -38.67 -10.95
N LEU F 31 36.23 -38.50 -9.84
CA LEU F 31 37.64 -38.12 -9.91
C LEU F 31 38.54 -39.29 -10.30
N GLY F 32 38.03 -40.52 -10.22
CA GLY F 32 38.83 -41.66 -10.62
C GLY F 32 40.03 -41.93 -9.74
N LEU F 33 39.85 -41.87 -8.42
CA LEU F 33 40.93 -42.12 -7.49
C LEU F 33 40.76 -43.48 -6.83
N ASP F 34 41.85 -43.99 -6.28
CA ASP F 34 41.82 -45.22 -5.52
C ASP F 34 41.62 -44.92 -4.03
N ASP F 35 41.83 -45.93 -3.18
CA ASP F 35 41.61 -45.73 -1.75
C ASP F 35 42.58 -44.72 -1.17
N ALA F 36 43.84 -44.74 -1.62
CA ALA F 36 44.86 -43.82 -1.13
C ALA F 36 44.81 -42.46 -1.81
N LEU F 37 43.72 -42.15 -2.49
CA LEU F 37 43.57 -40.91 -3.25
C LEU F 37 44.68 -40.72 -4.28
N GLU F 38 45.14 -41.82 -4.85
CA GLU F 38 46.11 -41.77 -5.95
C GLU F 38 45.36 -41.81 -7.27
N PRO F 39 45.50 -40.80 -8.12
CA PRO F 39 44.69 -40.75 -9.34
C PRO F 39 45.14 -41.81 -10.34
N ARG F 40 44.17 -42.57 -10.84
CA ARG F 40 44.43 -43.47 -11.96
C ARG F 40 44.62 -42.66 -13.23
N GLN F 41 45.35 -43.24 -14.18
CA GLN F 41 45.65 -42.52 -15.42
C GLN F 41 44.38 -42.21 -16.21
N ALA F 42 43.46 -43.18 -16.30
CA ALA F 42 42.20 -42.97 -17.00
C ALA F 42 41.14 -43.80 -16.28
N SER F 43 40.31 -43.14 -15.48
CA SER F 43 39.24 -43.82 -14.78
C SER F 43 38.14 -42.80 -14.48
N GLN F 44 36.89 -43.24 -14.65
CA GLN F 44 35.71 -42.43 -14.39
C GLN F 44 35.71 -41.15 -15.22
N GLY F 45 36.24 -41.24 -16.45
CA GLY F 45 36.26 -40.13 -17.38
C GLY F 45 37.46 -39.23 -17.28
N MET F 46 38.06 -39.10 -16.10
CA MET F 46 39.20 -38.22 -15.92
C MET F 46 40.48 -38.85 -16.48
N VAL F 47 41.25 -38.05 -17.20
CA VAL F 47 42.53 -38.45 -17.74
C VAL F 47 43.58 -37.42 -17.34
N GLY F 48 44.70 -37.88 -16.79
CA GLY F 48 45.74 -36.95 -16.43
C GLY F 48 45.32 -36.06 -15.27
N GLN F 49 45.94 -34.88 -15.20
CA GLN F 49 45.72 -33.94 -14.10
C GLN F 49 45.91 -34.63 -12.76
N LEU F 50 46.98 -35.42 -12.65
CA LEU F 50 47.16 -36.29 -11.49
C LEU F 50 47.25 -35.49 -10.20
N ALA F 51 48.11 -34.47 -10.17
CA ALA F 51 48.28 -33.69 -8.94
C ALA F 51 47.00 -32.97 -8.57
N ALA F 52 46.34 -32.36 -9.55
CA ALA F 52 45.11 -31.64 -9.28
C ALA F 52 44.01 -32.58 -8.82
N ARG F 53 43.93 -33.79 -9.42
CA ARG F 53 42.93 -34.74 -8.97
C ARG F 53 43.22 -35.25 -7.56
N ARG F 54 44.49 -35.43 -7.22
CA ARG F 54 44.82 -35.82 -5.86
C ARG F 54 44.42 -34.76 -4.85
N ALA F 55 44.69 -33.49 -5.19
CA ALA F 55 44.27 -32.39 -4.32
C ALA F 55 42.75 -32.35 -4.20
N ALA F 56 42.06 -32.57 -5.33
CA ALA F 56 40.60 -32.57 -5.30
C ALA F 56 40.07 -33.70 -4.44
N GLY F 57 40.75 -34.85 -4.45
CA GLY F 57 40.34 -35.95 -3.60
C GLY F 57 40.54 -35.65 -2.13
N VAL F 58 41.64 -34.97 -1.79
CA VAL F 58 41.84 -34.55 -0.41
C VAL F 58 40.73 -33.59 0.01
N VAL F 59 40.40 -32.63 -0.85
CA VAL F 59 39.32 -31.69 -0.55
C VAL F 59 37.99 -32.44 -0.41
N LEU F 60 37.77 -33.45 -1.24
CA LEU F 60 36.54 -34.24 -1.16
C LEU F 60 36.44 -35.00 0.15
N GLU F 61 37.55 -35.56 0.61
CA GLU F 61 37.56 -36.20 1.92
C GLU F 61 37.25 -35.19 3.02
N MET F 62 37.81 -33.99 2.90
CA MET F 62 37.52 -32.95 3.88
C MET F 62 36.03 -32.59 3.88
N ILE F 63 35.42 -32.54 2.69
CA ILE F 63 33.99 -32.27 2.60
C ILE F 63 33.19 -33.40 3.23
N ARG F 64 33.56 -34.64 2.95
CA ARG F 64 32.81 -35.79 3.45
C ARG F 64 32.89 -35.86 4.98
N GLU F 65 34.05 -35.53 5.54
CA GLU F 65 34.19 -35.50 6.99
C GLU F 65 33.25 -34.47 7.61
N GLY F 66 33.13 -33.31 6.98
CA GLY F 66 32.14 -32.33 7.41
C GLY F 66 32.37 -31.77 8.80
N LYS F 67 33.62 -31.49 9.15
CA LYS F 67 33.94 -31.01 10.49
C LYS F 67 34.49 -29.59 10.50
N ILE F 68 35.13 -29.15 9.42
CA ILE F 68 35.73 -27.83 9.36
C ILE F 68 34.88 -26.97 8.44
N ALA F 69 34.43 -25.83 8.96
CA ALA F 69 33.57 -24.93 8.21
C ALA F 69 34.38 -23.83 7.53
N GLY F 70 33.87 -23.38 6.39
CA GLY F 70 34.45 -22.25 5.69
C GLY F 70 35.83 -22.47 5.12
N ARG F 71 36.05 -23.62 4.48
CA ARG F 71 37.29 -23.89 3.77
C ARG F 71 37.13 -23.51 2.30
N ALA F 72 38.13 -22.84 1.75
CA ALA F 72 38.08 -22.35 0.38
C ALA F 72 39.21 -22.96 -0.43
N VAL F 73 38.88 -23.44 -1.63
CA VAL F 73 39.85 -24.00 -2.55
C VAL F 73 39.68 -23.32 -3.89
N LEU F 74 40.81 -22.94 -4.51
CA LEU F 74 40.82 -22.28 -5.81
C LEU F 74 41.50 -23.20 -6.82
N ILE F 75 40.75 -23.59 -7.85
CA ILE F 75 41.32 -24.34 -8.97
C ILE F 75 41.66 -23.32 -10.05
N ALA F 76 42.96 -23.12 -10.27
CA ALA F 76 43.45 -22.12 -11.21
C ALA F 76 44.29 -22.80 -12.28
N GLY F 77 44.14 -22.33 -13.51
CA GLY F 77 44.91 -22.88 -14.61
C GLY F 77 44.53 -22.20 -15.91
N GLN F 78 45.20 -22.62 -16.97
CA GLN F 78 44.92 -22.07 -18.28
C GLN F 78 43.56 -22.56 -18.78
N PRO F 79 42.98 -21.86 -19.76
CA PRO F 79 41.70 -22.30 -20.30
C PRO F 79 41.79 -23.71 -20.89
N GLY F 80 40.75 -24.49 -20.65
CA GLY F 80 40.70 -25.84 -21.17
C GLY F 80 41.55 -26.84 -20.44
N THR F 81 41.92 -26.57 -19.19
CA THR F 81 42.76 -27.48 -18.43
C THR F 81 41.98 -28.40 -17.51
N GLY F 82 40.65 -28.31 -17.48
CA GLY F 82 39.86 -29.23 -16.69
C GLY F 82 39.48 -28.76 -15.30
N LYS F 83 39.37 -27.45 -15.08
CA LYS F 83 38.92 -26.96 -13.78
C LYS F 83 37.47 -27.34 -13.54
N THR F 84 36.60 -27.04 -14.50
CA THR F 84 35.19 -27.39 -14.36
C THR F 84 35.00 -28.89 -14.42
N ALA F 85 35.86 -29.59 -15.17
CA ALA F 85 35.80 -31.05 -15.18
C ALA F 85 36.07 -31.60 -13.79
N ILE F 86 37.07 -31.06 -13.10
CA ILE F 86 37.37 -31.51 -11.74
C ILE F 86 36.23 -31.18 -10.80
N ALA F 87 35.63 -29.99 -10.95
CA ALA F 87 34.50 -29.65 -10.10
C ALA F 87 33.33 -30.61 -10.32
N MET F 88 33.03 -30.95 -11.57
CA MET F 88 31.94 -31.87 -11.84
C MET F 88 32.27 -33.27 -11.34
N GLY F 89 33.54 -33.67 -11.41
CA GLY F 89 33.93 -34.95 -10.84
C GLY F 89 33.75 -35.00 -9.34
N MET F 90 34.11 -33.92 -8.66
CA MET F 90 33.86 -33.83 -7.22
C MET F 90 32.36 -33.91 -6.92
N ALA F 91 31.55 -33.21 -7.70
CA ALA F 91 30.11 -33.23 -7.49
C ALA F 91 29.55 -34.63 -7.68
N GLN F 92 30.03 -35.35 -8.71
CA GLN F 92 29.53 -36.69 -8.97
C GLN F 92 30.02 -37.68 -7.93
N ALA F 93 31.22 -37.47 -7.38
CA ALA F 93 31.71 -38.37 -6.34
C ALA F 93 31.05 -38.12 -5.01
N LEU F 94 30.58 -36.89 -4.75
CA LEU F 94 29.89 -36.61 -3.50
C LEU F 94 28.57 -37.37 -3.42
N GLY F 95 27.78 -37.31 -4.49
CA GLY F 95 26.49 -37.96 -4.52
C GLY F 95 25.38 -37.00 -4.13
N PRO F 96 24.13 -37.39 -4.41
CA PRO F 96 23.00 -36.50 -4.13
C PRO F 96 22.75 -36.25 -2.66
N ASP F 97 23.34 -37.05 -1.76
CA ASP F 97 23.08 -36.87 -0.34
C ASP F 97 23.66 -35.55 0.18
N THR F 98 24.81 -35.16 -0.34
CA THR F 98 25.46 -33.93 0.12
C THR F 98 25.13 -32.80 -0.83
N PRO F 99 24.65 -31.66 -0.33
CA PRO F 99 24.30 -30.55 -1.22
C PRO F 99 25.49 -30.05 -2.01
N PHE F 100 25.24 -29.67 -3.26
CA PHE F 100 26.28 -29.14 -4.14
C PHE F 100 25.65 -28.03 -4.97
N THR F 101 25.89 -26.78 -4.59
CA THR F 101 25.34 -25.63 -5.28
C THR F 101 26.40 -25.08 -6.23
N ALA F 102 26.15 -25.21 -7.53
CA ALA F 102 27.04 -24.70 -8.56
C ALA F 102 26.39 -23.48 -9.19
N ILE F 103 27.07 -22.33 -9.09
CA ILE F 103 26.61 -21.07 -9.66
C ILE F 103 27.77 -20.43 -10.40
N ALA F 104 27.44 -19.47 -11.25
CA ALA F 104 28.44 -18.64 -11.91
C ALA F 104 28.64 -17.35 -11.13
N GLY F 105 29.82 -16.75 -11.32
CA GLY F 105 30.12 -15.50 -10.63
C GLY F 105 29.17 -14.37 -11.01
N SER F 106 28.67 -14.38 -12.24
CA SER F 106 27.79 -13.32 -12.69
C SER F 106 26.41 -13.40 -12.04
N GLU F 107 26.06 -14.55 -11.46
CA GLU F 107 24.71 -14.75 -10.98
C GLU F 107 24.42 -13.97 -9.71
N ILE F 108 25.46 -13.47 -9.03
CA ILE F 108 25.23 -12.75 -7.79
C ILE F 108 24.79 -11.31 -8.00
N PHE F 109 24.89 -10.81 -9.23
CA PHE F 109 24.45 -9.46 -9.55
C PHE F 109 22.98 -9.51 -9.91
N SER F 110 22.13 -9.09 -8.98
CA SER F 110 20.70 -9.29 -9.09
C SER F 110 19.98 -7.97 -8.80
N LEU F 111 18.90 -7.72 -9.54
CA LEU F 111 18.10 -6.53 -9.34
C LEU F 111 17.14 -6.65 -8.16
N GLU F 112 16.94 -7.86 -7.65
CA GLU F 112 16.00 -8.07 -6.56
C GLU F 112 16.67 -8.01 -5.20
N MET F 113 17.95 -8.38 -5.11
CA MET F 113 18.64 -8.47 -3.84
C MET F 113 20.07 -7.97 -3.99
N SER F 114 20.68 -7.67 -2.85
CA SER F 114 22.07 -7.23 -2.83
C SER F 114 23.01 -8.39 -3.12
N LYS F 115 24.26 -8.03 -3.44
CA LYS F 115 25.28 -9.04 -3.71
C LYS F 115 25.55 -9.88 -2.48
N THR F 116 25.62 -9.25 -1.31
CA THR F 116 25.84 -9.99 -0.08
C THR F 116 24.67 -10.93 0.20
N GLU F 117 23.45 -10.49 -0.09
CA GLU F 117 22.30 -11.36 0.10
C GLU F 117 22.36 -12.57 -0.83
N ALA F 118 22.76 -12.35 -2.08
CA ALA F 118 22.88 -13.47 -3.01
C ALA F 118 23.96 -14.44 -2.56
N LEU F 119 25.09 -13.92 -2.08
CA LEU F 119 26.15 -14.80 -1.58
C LEU F 119 25.69 -15.58 -0.35
N THR F 120 24.97 -14.93 0.55
CA THR F 120 24.44 -15.62 1.72
C THR F 120 23.50 -16.73 1.31
N GLN F 121 22.61 -16.46 0.36
CA GLN F 121 21.68 -17.48 -0.11
C GLN F 121 22.43 -18.64 -0.76
N ALA F 122 23.48 -18.33 -1.51
CA ALA F 122 24.28 -19.39 -2.12
C ALA F 122 24.95 -20.26 -1.05
N PHE F 123 25.53 -19.64 -0.02
CA PHE F 123 26.09 -20.40 1.08
C PHE F 123 25.05 -21.29 1.75
N ARG F 124 23.88 -20.74 2.04
CA ARG F 124 22.90 -21.47 2.84
C ARG F 124 22.12 -22.48 2.01
N ARG F 125 22.21 -22.42 0.68
CA ARG F 125 21.72 -23.51 -0.15
C ARG F 125 22.66 -24.71 -0.13
N SER F 126 23.86 -24.57 0.42
CA SER F 126 24.86 -25.62 0.45
C SER F 126 24.95 -26.31 1.80
N ILE F 127 24.03 -26.01 2.71
CA ILE F 127 23.95 -26.68 4.01
C ILE F 127 22.57 -27.29 4.13
N GLY F 128 22.51 -28.58 4.42
CA GLY F 128 21.26 -29.31 4.50
C GLY F 128 20.93 -29.71 5.93
N VAL F 129 19.67 -29.53 6.31
CA VAL F 129 19.17 -29.89 7.63
C VAL F 129 18.26 -31.10 7.46
N ARG F 130 18.57 -32.17 8.18
CA ARG F 130 17.90 -33.45 8.02
C ARG F 130 17.20 -33.82 9.32
N ILE F 131 15.90 -34.10 9.24
CA ILE F 131 15.10 -34.47 10.39
C ILE F 131 14.61 -35.90 10.19
N LYS F 132 14.93 -36.77 11.14
CA LYS F 132 14.61 -38.19 11.05
C LYS F 132 13.65 -38.52 12.19
N GLU F 133 12.50 -39.09 11.85
CA GLU F 133 11.51 -39.44 12.85
C GLU F 133 10.83 -40.74 12.45
N GLU F 134 10.34 -41.45 13.45
CA GLU F 134 9.67 -42.74 13.25
C GLU F 134 8.17 -42.55 13.43
N THR F 135 7.40 -43.09 12.48
CA THR F 135 5.95 -42.97 12.49
C THR F 135 5.31 -44.33 12.29
N GLU F 136 4.08 -44.45 12.77
CA GLU F 136 3.30 -45.68 12.62
C GLU F 136 2.56 -45.62 11.29
N ILE F 137 2.65 -46.69 10.52
CA ILE F 137 2.20 -46.70 9.13
C ILE F 137 1.36 -47.95 8.90
N ILE F 138 0.20 -47.79 8.28
CA ILE F 138 -0.67 -48.88 7.92
C ILE F 138 -0.68 -48.99 6.40
N GLU F 139 -0.26 -50.14 5.89
CA GLU F 139 -0.19 -50.39 4.46
C GLU F 139 -0.85 -51.73 4.18
N GLY F 140 -1.90 -51.72 3.37
CA GLY F 140 -2.62 -52.96 3.12
C GLY F 140 -3.57 -52.83 1.95
N GLU F 141 -4.15 -53.96 1.60
CA GLU F 141 -5.14 -54.04 0.53
C GLU F 141 -6.53 -53.83 1.11
N VAL F 142 -7.29 -52.90 0.54
CA VAL F 142 -8.64 -52.65 0.99
C VAL F 142 -9.53 -53.79 0.54
N VAL F 143 -10.16 -54.47 1.49
CA VAL F 143 -11.06 -55.58 1.17
C VAL F 143 -12.47 -55.04 1.02
N GLU F 144 -12.97 -54.39 2.07
CA GLU F 144 -14.32 -53.86 2.07
C GLU F 144 -14.32 -52.56 2.84
N ILE F 145 -14.95 -51.53 2.26
CA ILE F 145 -15.15 -50.25 2.91
C ILE F 145 -16.64 -49.94 2.90
N GLN F 146 -17.17 -49.57 4.05
CA GLN F 146 -18.58 -49.21 4.20
C GLN F 146 -18.66 -47.86 4.89
N ILE F 147 -19.45 -46.96 4.32
CA ILE F 147 -19.64 -45.62 4.87
C ILE F 147 -21.13 -45.33 4.91
N ASP F 148 -21.64 -45.06 6.10
CA ASP F 148 -23.04 -44.73 6.30
C ASP F 148 -23.15 -43.27 6.67
N ARG F 149 -23.92 -42.51 5.89
CA ARG F 149 -24.06 -41.08 6.12
C ARG F 149 -25.53 -40.71 6.17
N PRO F 150 -25.88 -39.66 6.93
CA PRO F 150 -27.28 -39.23 6.98
C PRO F 150 -27.77 -38.79 5.61
N ALA F 151 -29.03 -39.12 5.32
CA ALA F 151 -29.60 -38.76 4.03
C ALA F 151 -29.71 -37.25 3.86
N THR F 152 -30.11 -36.54 4.91
CA THR F 152 -30.34 -35.11 4.84
C THR F 152 -29.85 -34.48 6.13
N GLY F 153 -29.16 -33.34 6.01
CA GLY F 153 -28.75 -32.56 7.16
C GLY F 153 -27.43 -33.03 7.74
N THR F 154 -26.92 -32.21 8.66
CA THR F 154 -25.66 -32.51 9.33
C THR F 154 -25.83 -33.70 10.27
N GLY F 155 -24.90 -34.65 10.19
CA GLY F 155 -24.94 -35.82 11.04
C GLY F 155 -23.58 -36.47 11.13
N SER F 156 -23.49 -37.46 12.00
CA SER F 156 -22.23 -38.18 12.24
C SER F 156 -22.16 -39.38 11.32
N LYS F 157 -21.23 -39.34 10.36
CA LYS F 157 -20.98 -40.49 9.51
C LYS F 157 -20.34 -41.62 10.32
N VAL F 158 -20.81 -42.84 10.09
CA VAL F 158 -20.26 -44.03 10.71
C VAL F 158 -19.75 -44.97 9.62
N GLY F 159 -18.57 -45.53 9.82
CA GLY F 159 -17.98 -46.38 8.81
C GLY F 159 -17.16 -47.51 9.39
N LYS F 160 -16.76 -48.43 8.51
CA LYS F 160 -15.96 -49.58 8.88
C LYS F 160 -15.08 -49.95 7.70
N LEU F 161 -13.80 -50.23 7.97
CA LEU F 161 -12.84 -50.53 6.93
C LEU F 161 -12.12 -51.84 7.24
N THR F 162 -11.94 -52.65 6.20
CA THR F 162 -11.22 -53.92 6.33
C THR F 162 -9.98 -53.86 5.45
N LEU F 163 -8.82 -54.13 6.06
CA LEU F 163 -7.54 -54.11 5.39
C LEU F 163 -6.89 -55.47 5.49
N LYS F 164 -6.12 -55.84 4.46
CA LYS F 164 -5.58 -57.18 4.35
C LYS F 164 -4.13 -57.12 3.87
N THR F 165 -3.31 -57.99 4.44
CA THR F 165 -1.97 -58.28 3.94
C THR F 165 -1.90 -59.77 3.62
N THR F 166 -0.69 -60.24 3.29
CA THR F 166 -0.51 -61.66 3.04
C THR F 166 -0.67 -62.49 4.31
N GLU F 167 -0.47 -61.89 5.49
CA GLU F 167 -0.52 -62.64 6.74
C GLU F 167 -1.47 -62.05 7.77
N MET F 168 -2.27 -61.04 7.41
CA MET F 168 -3.15 -60.41 8.39
C MET F 168 -4.39 -59.87 7.70
N GLU F 169 -5.42 -59.62 8.51
CA GLU F 169 -6.63 -58.95 8.06
C GLU F 169 -7.36 -58.42 9.28
N THR F 170 -7.51 -57.10 9.37
CA THR F 170 -8.13 -56.46 10.52
C THR F 170 -9.25 -55.53 10.05
N ILE F 171 -10.31 -55.47 10.84
CA ILE F 171 -11.45 -54.60 10.55
C ILE F 171 -11.38 -53.40 11.47
N TYR F 172 -11.33 -52.21 10.89
CA TYR F 172 -11.13 -50.96 11.62
C TYR F 172 -12.43 -50.18 11.68
N ASP F 173 -12.78 -49.72 12.87
CA ASP F 173 -13.88 -48.77 13.04
C ASP F 173 -13.37 -47.36 12.77
N LEU F 174 -14.04 -46.64 11.89
CA LEU F 174 -13.55 -45.37 11.36
C LEU F 174 -14.23 -44.20 12.04
N GLY F 175 -13.44 -43.17 12.33
CA GLY F 175 -13.96 -41.90 12.81
C GLY F 175 -14.38 -40.98 11.69
N THR F 176 -14.96 -39.84 12.08
CA THR F 176 -15.54 -38.93 11.10
C THR F 176 -14.47 -38.36 10.17
N LYS F 177 -13.32 -37.97 10.72
CA LYS F 177 -12.29 -37.34 9.90
C LYS F 177 -11.61 -38.36 9.00
N MET F 178 -11.40 -39.58 9.48
CA MET F 178 -10.90 -40.63 8.61
C MET F 178 -11.90 -40.98 7.52
N ILE F 179 -13.20 -40.92 7.84
CA ILE F 179 -14.22 -41.12 6.82
C ILE F 179 -14.11 -40.05 5.75
N GLU F 180 -13.94 -38.78 6.16
CA GLU F 180 -13.81 -37.70 5.19
C GLU F 180 -12.57 -37.86 4.34
N SER F 181 -11.46 -38.26 4.96
CA SER F 181 -10.22 -38.48 4.19
C SER F 181 -10.40 -39.59 3.17
N LEU F 182 -11.00 -40.71 3.57
CA LEU F 182 -11.22 -41.81 2.64
C LEU F 182 -12.16 -41.42 1.52
N THR F 183 -13.20 -40.63 1.84
CA THR F 183 -14.11 -40.17 0.81
C THR F 183 -13.41 -39.25 -0.18
N LYS F 184 -12.57 -38.35 0.33
CA LYS F 184 -11.85 -37.45 -0.57
C LYS F 184 -10.89 -38.21 -1.46
N ASP F 185 -10.20 -39.21 -0.91
CA ASP F 185 -9.29 -40.00 -1.72
C ASP F 185 -10.01 -40.97 -2.64
N LYS F 186 -11.31 -41.18 -2.45
CA LYS F 186 -12.11 -42.10 -3.27
C LYS F 186 -11.52 -43.50 -3.21
N VAL F 187 -11.31 -44.00 -2.00
CA VAL F 187 -10.73 -45.33 -1.80
C VAL F 187 -11.81 -46.38 -2.05
N GLN F 188 -11.49 -47.34 -2.90
CA GLN F 188 -12.39 -48.42 -3.25
C GLN F 188 -11.77 -49.76 -2.85
N ALA F 189 -12.51 -50.83 -3.07
CA ALA F 189 -11.99 -52.17 -2.82
C ALA F 189 -10.88 -52.50 -3.82
N GLY F 190 -9.86 -53.19 -3.33
CA GLY F 190 -8.73 -53.56 -4.15
C GLY F 190 -7.64 -52.53 -4.25
N ASP F 191 -7.83 -51.34 -3.67
CA ASP F 191 -6.80 -50.32 -3.67
C ASP F 191 -5.82 -50.58 -2.53
N VAL F 192 -4.53 -50.57 -2.86
CA VAL F 192 -3.49 -50.72 -1.85
C VAL F 192 -3.18 -49.33 -1.33
N ILE F 193 -3.57 -49.07 -0.09
CA ILE F 193 -3.48 -47.74 0.48
C ILE F 193 -2.53 -47.73 1.67
N THR F 194 -1.95 -46.55 1.93
CA THR F 194 -1.09 -46.31 3.07
C THR F 194 -1.72 -45.23 3.93
N ILE F 195 -1.83 -45.49 5.23
CA ILE F 195 -2.44 -44.55 6.17
C ILE F 195 -1.42 -44.25 7.26
N ASP F 196 -1.15 -42.97 7.48
CA ASP F 196 -0.32 -42.51 8.58
C ASP F 196 -1.24 -42.14 9.74
N LYS F 197 -1.05 -42.82 10.88
CA LYS F 197 -2.01 -42.69 11.97
C LYS F 197 -2.05 -41.28 12.52
N ALA F 198 -0.88 -40.64 12.68
CA ALA F 198 -0.83 -39.31 13.26
C ALA F 198 -1.56 -38.29 12.40
N THR F 199 -1.07 -38.07 11.18
CA THR F 199 -1.62 -37.01 10.35
C THR F 199 -2.88 -37.43 9.61
N GLY F 200 -3.16 -38.73 9.52
CA GLY F 200 -4.32 -39.20 8.79
C GLY F 200 -4.20 -39.12 7.29
N LYS F 201 -3.02 -38.83 6.76
CA LYS F 201 -2.86 -38.77 5.31
C LYS F 201 -2.97 -40.15 4.72
N ILE F 202 -3.68 -40.25 3.59
CA ILE F 202 -3.88 -41.52 2.91
C ILE F 202 -3.31 -41.38 1.51
N SER F 203 -2.44 -42.32 1.14
CA SER F 203 -1.82 -42.34 -0.19
C SER F 203 -2.11 -43.67 -0.85
N LYS F 204 -2.78 -43.61 -2.00
CA LYS F 204 -3.02 -44.81 -2.80
C LYS F 204 -1.80 -45.10 -3.65
N LEU F 205 -1.36 -46.35 -3.65
CA LEU F 205 -0.15 -46.72 -4.38
C LEU F 205 -0.41 -47.78 -5.45
N GLY F 206 -1.65 -48.13 -5.70
CA GLY F 206 -1.95 -49.05 -6.77
C GLY F 206 -3.27 -49.75 -6.53
N ARG F 207 -3.61 -50.63 -7.49
CA ARG F 207 -4.78 -51.48 -7.41
C ARG F 207 -4.32 -52.93 -7.46
N SER F 208 -4.79 -53.75 -6.52
CA SER F 208 -4.41 -55.15 -6.52
C SER F 208 -5.11 -55.94 -7.61
N PHE F 209 -6.28 -55.50 -8.05
CA PHE F 209 -6.99 -56.16 -9.14
C PHE F 209 -7.91 -55.15 -9.80
N THR F 210 -8.55 -55.58 -10.88
CA THR F 210 -9.37 -54.69 -11.68
C THR F 210 -10.72 -54.46 -11.02
N ARG F 211 -11.43 -53.45 -11.51
CA ARG F 211 -12.80 -53.20 -11.12
C ARG F 211 -13.74 -54.07 -11.95
N ALA F 212 -15.03 -54.01 -11.64
CA ALA F 212 -16.00 -54.84 -12.36
C ALA F 212 -16.05 -54.43 -13.82
N ARG F 213 -16.12 -55.44 -14.69
CA ARG F 213 -16.08 -55.17 -16.13
C ARG F 213 -17.38 -54.57 -16.64
N ASP F 214 -18.51 -54.89 -16.01
CA ASP F 214 -19.80 -54.44 -16.52
C ASP F 214 -19.95 -52.93 -16.48
N TYR F 215 -19.14 -52.23 -15.69
CA TYR F 215 -19.21 -50.78 -15.66
C TYR F 215 -18.67 -50.21 -16.96
N ASP F 216 -19.23 -49.07 -17.38
CA ASP F 216 -18.81 -48.39 -18.58
C ASP F 216 -18.11 -47.07 -18.24
N ALA F 217 -17.47 -46.50 -19.25
CA ALA F 217 -16.74 -45.23 -19.12
C ALA F 217 -15.71 -45.30 -18.00
N MET F 218 -14.97 -46.42 -17.94
CA MET F 218 -13.98 -46.63 -16.91
C MET F 218 -12.55 -46.49 -17.39
N GLY F 219 -12.30 -46.66 -18.68
CA GLY F 219 -10.96 -46.55 -19.22
C GLY F 219 -10.20 -47.85 -19.14
N SER F 220 -9.00 -47.83 -19.73
CA SER F 220 -8.15 -49.00 -19.75
C SER F 220 -7.53 -49.23 -18.37
N GLN F 221 -7.69 -50.44 -17.84
CA GLN F 221 -7.15 -50.76 -16.54
C GLN F 221 -5.63 -50.91 -16.62
N THR F 222 -4.93 -50.33 -15.66
CA THR F 222 -3.48 -50.37 -15.65
C THR F 222 -3.01 -51.68 -15.03
N LYS F 223 -1.69 -51.81 -14.82
CA LYS F 223 -1.15 -53.00 -14.19
C LYS F 223 -1.44 -53.01 -12.69
N PHE F 224 -1.43 -54.22 -12.13
CA PHE F 224 -1.74 -54.40 -10.73
C PHE F 224 -0.47 -54.27 -9.89
N VAL F 225 -0.67 -54.24 -8.57
CA VAL F 225 0.41 -54.17 -7.59
C VAL F 225 0.23 -55.32 -6.61
N GLN F 226 1.31 -56.04 -6.33
CA GLN F 226 1.25 -57.16 -5.39
C GLN F 226 0.89 -56.65 -3.99
N CYS F 227 0.10 -57.45 -3.28
CA CYS F 227 -0.35 -57.06 -1.95
C CYS F 227 0.82 -57.00 -0.99
N PRO F 228 0.85 -56.02 -0.08
CA PRO F 228 1.93 -55.94 0.88
C PRO F 228 1.92 -57.13 1.83
N ASP F 229 3.11 -57.51 2.28
CA ASP F 229 3.28 -58.62 3.21
C ASP F 229 3.52 -58.09 4.62
N GLY F 230 3.76 -59.01 5.55
CA GLY F 230 4.07 -58.63 6.91
C GLY F 230 2.86 -58.13 7.68
N GLU F 231 3.17 -57.51 8.82
CA GLU F 231 2.13 -57.00 9.71
C GLU F 231 1.47 -55.77 9.10
N LEU F 232 0.26 -55.47 9.57
CA LEU F 232 -0.47 -54.32 9.06
C LEU F 232 0.15 -53.02 9.55
N GLN F 233 0.18 -52.82 10.87
CA GLN F 233 0.68 -51.57 11.44
C GLN F 233 2.18 -51.72 11.66
N LYS F 234 2.96 -51.16 10.74
CA LYS F 234 4.41 -51.17 10.86
C LYS F 234 4.89 -49.84 11.41
N ARG F 235 6.20 -49.75 11.64
CA ARG F 235 6.85 -48.53 12.08
C ARG F 235 7.98 -48.23 11.11
N LYS F 236 7.89 -47.08 10.42
CA LYS F 236 8.83 -46.74 9.37
C LYS F 236 9.52 -45.42 9.67
N GLU F 237 10.77 -45.31 9.23
CA GLU F 237 11.59 -44.13 9.46
C GLU F 237 11.36 -43.13 8.32
N VAL F 238 10.96 -41.91 8.67
CA VAL F 238 10.72 -40.86 7.70
C VAL F 238 11.82 -39.82 7.81
N VAL F 239 12.44 -39.48 6.70
CA VAL F 239 13.55 -38.55 6.65
C VAL F 239 13.12 -37.32 5.84
N HIS F 240 13.25 -36.15 6.44
CA HIS F 240 12.96 -34.88 5.79
C HIS F 240 14.25 -34.07 5.73
N THR F 241 14.63 -33.65 4.53
CA THR F 241 15.87 -32.92 4.33
C THR F 241 15.57 -31.63 3.59
N VAL F 242 15.95 -30.51 4.19
CA VAL F 242 15.84 -29.20 3.58
C VAL F 242 17.16 -28.46 3.81
N SER F 243 17.38 -27.44 2.99
CA SER F 243 18.56 -26.61 3.17
C SER F 243 18.24 -25.45 4.11
N LEU F 244 19.29 -24.77 4.55
CA LEU F 244 19.09 -23.59 5.38
C LEU F 244 18.35 -22.50 4.62
N HIS F 245 18.61 -22.39 3.32
CA HIS F 245 17.94 -21.37 2.52
C HIS F 245 16.43 -21.61 2.48
N GLU F 246 16.02 -22.87 2.36
CA GLU F 246 14.59 -23.16 2.33
C GLU F 246 13.92 -22.80 3.63
N ILE F 247 14.58 -23.09 4.76
CA ILE F 247 14.05 -22.70 6.06
C ILE F 247 13.94 -21.18 6.16
N ASP F 248 15.00 -20.48 5.73
CA ASP F 248 14.98 -19.02 5.78
C ASP F 248 13.84 -18.46 4.95
N VAL F 249 13.62 -19.02 3.76
CA VAL F 249 12.61 -18.48 2.87
C VAL F 249 11.22 -18.75 3.42
N ILE F 250 10.97 -19.96 3.92
CA ILE F 250 9.64 -20.25 4.42
C ILE F 250 9.38 -19.57 5.75
N ASN F 251 10.42 -19.11 6.45
CA ASN F 251 10.22 -18.36 7.67
C ASN F 251 10.22 -16.85 7.48
N SER F 252 10.68 -16.36 6.33
CA SER F 252 10.76 -14.92 6.12
C SER F 252 9.37 -14.30 6.07
N ARG F 253 8.43 -14.95 5.40
CA ARG F 253 7.09 -14.43 5.24
C ARG F 253 6.14 -15.58 4.97
N THR F 254 4.83 -15.27 5.04
CA THR F 254 3.80 -16.29 4.83
C THR F 254 3.89 -16.88 3.43
N GLN F 255 4.16 -16.05 2.44
CA GLN F 255 4.26 -16.47 1.05
C GLN F 255 5.62 -17.04 0.72
N GLY F 256 6.39 -17.39 1.75
CA GLY F 256 7.74 -17.85 1.50
C GLY F 256 7.73 -19.17 0.74
N PHE F 257 6.72 -20.01 1.00
CA PHE F 257 6.70 -21.28 0.30
C PHE F 257 6.59 -21.06 -1.21
N LEU F 258 5.87 -20.01 -1.62
CA LEU F 258 5.82 -19.64 -3.02
C LEU F 258 7.11 -18.94 -3.45
N ALA F 259 7.75 -18.22 -2.53
CA ALA F 259 9.02 -17.60 -2.86
C ALA F 259 10.14 -18.62 -3.05
N LEU F 260 9.94 -19.84 -2.55
CA LEU F 260 10.90 -20.91 -2.78
C LEU F 260 10.99 -21.26 -4.25
N PHE F 261 9.94 -21.02 -5.01
CA PHE F 261 9.90 -21.34 -6.44
C PHE F 261 9.93 -20.12 -7.33
N SER F 262 9.29 -19.03 -6.94
CA SER F 262 9.26 -17.84 -7.79
C SER F 262 10.46 -16.94 -7.56
N GLY F 263 11.38 -17.36 -6.70
CA GLY F 263 12.37 -16.42 -6.20
C GLY F 263 11.66 -15.36 -5.41
N ASP F 264 11.93 -14.09 -5.71
CA ASP F 264 11.21 -12.98 -5.12
C ASP F 264 11.29 -13.02 -3.59
N THR F 265 12.41 -13.51 -3.07
CA THR F 265 12.61 -13.54 -1.63
C THR F 265 13.04 -12.19 -1.06
N GLY F 266 13.42 -11.25 -1.92
CA GLY F 266 13.92 -9.99 -1.42
C GLY F 266 15.19 -10.17 -0.63
N GLU F 267 15.33 -9.37 0.42
CA GLU F 267 16.44 -9.49 1.35
C GLU F 267 15.89 -10.00 2.67
N ILE F 268 16.33 -11.16 3.09
CA ILE F 268 15.88 -11.75 4.33
C ILE F 268 16.55 -11.04 5.49
N LYS F 269 15.78 -10.72 6.53
CA LYS F 269 16.31 -10.03 7.68
C LYS F 269 17.38 -10.89 8.36
N SER F 270 18.41 -10.22 8.88
CA SER F 270 19.45 -10.93 9.62
C SER F 270 18.91 -11.54 10.90
N GLU F 271 17.87 -10.94 11.48
CA GLU F 271 17.27 -11.52 12.68
C GLU F 271 16.72 -12.91 12.41
N VAL F 272 16.06 -13.09 11.27
CA VAL F 272 15.50 -14.38 10.92
C VAL F 272 16.61 -15.42 10.79
N ARG F 273 17.70 -15.06 10.13
CA ARG F 273 18.81 -16.01 9.95
C ARG F 273 19.48 -16.32 11.28
N GLU F 274 19.62 -15.34 12.17
CA GLU F 274 20.20 -15.61 13.48
C GLU F 274 19.32 -16.55 14.28
N GLN F 275 18.00 -16.32 14.26
CA GLN F 275 17.09 -17.22 14.95
C GLN F 275 17.16 -18.63 14.38
N ILE F 276 17.24 -18.74 13.06
CA ILE F 276 17.29 -20.07 12.44
C ILE F 276 18.58 -20.78 12.78
N ASN F 277 19.70 -20.05 12.78
CA ASN F 277 20.96 -20.64 13.20
C ASN F 277 20.88 -21.16 14.63
N ALA F 278 20.31 -20.35 15.52
CA ALA F 278 20.17 -20.78 16.90
C ALA F 278 19.29 -22.02 17.01
N LYS F 279 18.18 -22.05 16.29
CA LYS F 279 17.28 -23.20 16.38
C LYS F 279 17.93 -24.46 15.82
N VAL F 280 18.68 -24.33 14.73
CA VAL F 280 19.34 -25.50 14.15
C VAL F 280 20.42 -26.00 15.09
N ALA F 281 21.13 -25.08 15.76
CA ALA F 281 22.10 -25.51 16.76
C ALA F 281 21.42 -26.23 17.91
N GLU F 282 20.26 -25.74 18.35
CA GLU F 282 19.53 -26.42 19.41
C GLU F 282 19.09 -27.81 18.99
N TRP F 283 18.59 -27.94 17.76
CA TRP F 283 18.22 -29.26 17.25
C TRP F 283 19.42 -30.20 17.19
N ARG F 284 20.57 -29.69 16.73
CA ARG F 284 21.76 -30.51 16.66
C ARG F 284 22.21 -30.97 18.04
N GLU F 285 22.14 -30.09 19.04
CA GLU F 285 22.49 -30.48 20.39
C GLU F 285 21.50 -31.49 20.95
N GLU F 286 20.23 -31.34 20.63
CA GLU F 286 19.19 -32.23 21.14
C GLU F 286 19.01 -33.47 20.28
N GLY F 287 19.80 -33.63 19.23
CA GLY F 287 19.69 -34.80 18.38
C GLY F 287 18.47 -34.84 17.49
N LYS F 288 17.76 -33.73 17.36
CA LYS F 288 16.58 -33.73 16.49
C LYS F 288 16.98 -33.70 15.02
N ALA F 289 17.99 -32.91 14.67
CA ALA F 289 18.37 -32.71 13.29
C ALA F 289 19.88 -32.83 13.17
N GLU F 290 20.33 -33.26 11.99
CA GLU F 290 21.75 -33.30 11.68
C GLU F 290 22.03 -32.36 10.52
N ILE F 291 23.17 -31.68 10.60
CA ILE F 291 23.58 -30.72 9.59
C ILE F 291 24.44 -31.44 8.55
N ILE F 292 24.11 -31.23 7.28
CA ILE F 292 24.81 -31.89 6.18
C ILE F 292 25.56 -30.85 5.37
N PRO F 293 26.76 -30.44 5.77
CA PRO F 293 27.48 -29.42 5.01
C PRO F 293 27.82 -29.91 3.61
N GLY F 294 27.75 -29.00 2.65
CA GLY F 294 28.02 -29.31 1.27
C GLY F 294 29.08 -28.41 0.68
N VAL F 295 28.95 -28.15 -0.62
CA VAL F 295 29.90 -27.36 -1.37
C VAL F 295 29.14 -26.29 -2.15
N LEU F 296 29.71 -25.09 -2.20
CA LEU F 296 29.31 -24.05 -3.15
C LEU F 296 30.43 -23.90 -4.16
N PHE F 297 30.11 -24.07 -5.44
CA PHE F 297 31.07 -23.94 -6.53
C PHE F 297 30.75 -22.70 -7.34
N ILE F 298 31.63 -21.70 -7.26
CA ILE F 298 31.50 -20.49 -8.05
C ILE F 298 32.45 -20.62 -9.23
N ASP F 299 31.89 -20.89 -10.41
CA ASP F 299 32.69 -20.91 -11.63
C ASP F 299 32.93 -19.49 -12.11
N GLU F 300 34.16 -19.23 -12.59
CA GLU F 300 34.56 -17.91 -13.06
C GLU F 300 34.38 -16.88 -11.93
N VAL F 301 35.06 -17.14 -10.82
CA VAL F 301 34.95 -16.31 -9.63
C VAL F 301 35.53 -14.92 -9.84
N HIS F 302 36.29 -14.71 -10.90
CA HIS F 302 36.88 -13.40 -11.19
C HIS F 302 35.83 -12.35 -11.51
N MET F 303 34.59 -12.74 -11.79
CA MET F 303 33.52 -11.79 -12.05
C MET F 303 32.94 -11.18 -10.79
N LEU F 304 33.28 -11.71 -9.62
CA LEU F 304 32.90 -11.06 -8.38
C LEU F 304 33.66 -9.76 -8.22
N ASP F 305 33.00 -8.77 -7.63
CA ASP F 305 33.65 -7.49 -7.37
C ASP F 305 34.27 -7.48 -5.99
N ILE F 306 34.85 -6.34 -5.62
CA ILE F 306 35.60 -6.24 -4.37
C ILE F 306 34.68 -6.41 -3.16
N GLU F 307 33.46 -5.89 -3.25
CA GLU F 307 32.53 -6.01 -2.13
C GLU F 307 32.16 -7.47 -1.90
N SER F 308 31.93 -8.22 -2.97
CA SER F 308 31.61 -9.64 -2.83
C SER F 308 32.76 -10.41 -2.20
N PHE F 309 34.00 -10.11 -2.62
CA PHE F 309 35.16 -10.77 -2.03
C PHE F 309 35.30 -10.42 -0.56
N SER F 310 35.08 -9.14 -0.22
CA SER F 310 35.15 -8.74 1.19
C SER F 310 34.10 -9.45 2.02
N PHE F 311 32.90 -9.63 1.46
CA PHE F 311 31.89 -10.41 2.16
C PHE F 311 32.29 -11.87 2.32
N LEU F 312 32.88 -12.45 1.27
CA LEU F 312 33.36 -13.83 1.37
C LEU F 312 34.38 -13.98 2.48
N ASN F 313 35.22 -12.95 2.66
CA ASN F 313 36.30 -13.00 3.62
C ASN F 313 35.76 -13.35 5.01
N ARG F 314 34.71 -12.68 5.43
CA ARG F 314 34.18 -12.87 6.76
C ARG F 314 33.05 -13.88 6.80
N ALA F 315 32.38 -14.13 5.68
CA ALA F 315 31.33 -15.13 5.63
C ALA F 315 31.89 -16.54 5.68
N LEU F 316 33.16 -16.73 5.35
CA LEU F 316 33.74 -18.06 5.51
C LEU F 316 34.10 -18.36 6.96
N GLU F 317 34.01 -17.38 7.85
CA GLU F 317 34.35 -17.55 9.26
C GLU F 317 33.19 -18.02 10.11
N SER F 318 32.03 -18.29 9.51
CA SER F 318 30.90 -18.81 10.25
C SER F 318 30.95 -20.33 10.32
N ASP F 319 30.32 -20.88 11.36
CA ASP F 319 30.26 -22.33 11.51
C ASP F 319 29.19 -22.99 10.66
N MET F 320 28.33 -22.21 10.02
CA MET F 320 27.37 -22.73 9.06
C MET F 320 27.85 -22.60 7.62
N ALA F 321 29.06 -22.11 7.41
CA ALA F 321 29.56 -21.95 6.07
C ALA F 321 29.92 -23.31 5.46
N PRO F 322 29.67 -23.50 4.18
CA PRO F 322 30.09 -24.74 3.53
C PRO F 322 31.51 -24.66 3.00
N VAL F 323 31.96 -25.71 2.32
CA VAL F 323 33.23 -25.66 1.61
C VAL F 323 33.02 -24.89 0.31
N LEU F 324 33.88 -23.90 0.08
CA LEU F 324 33.80 -23.06 -1.10
C LEU F 324 34.89 -23.44 -2.09
N ILE F 325 34.51 -23.71 -3.33
CA ILE F 325 35.43 -24.05 -4.40
C ILE F 325 35.27 -23.05 -5.51
N MET F 326 36.36 -22.42 -5.90
CA MET F 326 36.36 -21.41 -6.94
C MET F 326 37.21 -21.90 -8.11
N ALA F 327 36.86 -21.45 -9.31
CA ALA F 327 37.65 -21.72 -10.50
C ALA F 327 37.88 -20.42 -11.23
N THR F 328 39.12 -20.17 -11.63
CA THR F 328 39.44 -18.98 -12.40
C THR F 328 40.62 -19.28 -13.31
N ASN F 329 40.62 -18.68 -14.50
CA ASN F 329 41.70 -18.81 -15.46
C ASN F 329 42.42 -17.49 -15.69
N ARG F 330 42.35 -16.58 -14.72
CA ARG F 330 42.95 -15.27 -14.85
C ARG F 330 44.34 -15.26 -14.23
N GLY F 331 45.22 -14.48 -14.83
CA GLY F 331 46.53 -14.23 -14.26
C GLY F 331 46.47 -13.02 -13.35
N ILE F 332 47.43 -12.12 -13.47
CA ILE F 332 47.40 -10.87 -12.73
C ILE F 332 46.45 -9.92 -13.49
N THR F 333 45.28 -9.69 -12.92
CA THR F 333 44.19 -9.03 -13.62
C THR F 333 43.57 -8.00 -12.68
N ARG F 334 42.95 -6.97 -13.25
CA ARG F 334 42.29 -5.96 -12.45
C ARG F 334 41.10 -6.56 -11.71
N ILE F 335 41.00 -6.26 -10.42
CA ILE F 335 39.85 -6.68 -9.63
C ILE F 335 38.66 -5.83 -10.02
N ARG F 336 37.51 -6.47 -10.23
CA ARG F 336 36.32 -5.73 -10.65
C ARG F 336 35.88 -4.78 -9.55
N GLY F 337 35.49 -3.58 -9.95
CA GLY F 337 35.12 -2.54 -9.02
C GLY F 337 36.29 -1.73 -8.49
N THR F 338 37.52 -2.10 -8.83
CA THR F 338 38.71 -1.38 -8.38
C THR F 338 39.64 -1.16 -9.57
N SER F 339 40.79 -0.56 -9.28
CA SER F 339 41.85 -0.38 -10.27
C SER F 339 43.11 -1.12 -9.87
N TYR F 340 42.96 -2.20 -9.11
CA TYR F 340 44.08 -2.92 -8.52
C TYR F 340 44.30 -4.22 -9.28
N GLN F 341 45.54 -4.47 -9.66
CA GLN F 341 45.93 -5.74 -10.28
C GLN F 341 46.29 -6.74 -9.20
N SER F 342 45.68 -7.92 -9.27
CA SER F 342 45.92 -8.95 -8.28
C SER F 342 45.98 -10.30 -8.97
N PRO F 343 46.69 -11.27 -8.39
CA PRO F 343 46.65 -12.63 -8.93
C PRO F 343 45.24 -13.20 -8.95
N HIS F 344 44.91 -13.87 -10.05
CA HIS F 344 43.64 -14.55 -10.26
C HIS F 344 42.44 -13.62 -10.21
N GLY F 345 42.68 -12.31 -10.25
CA GLY F 345 41.59 -11.35 -10.09
C GLY F 345 41.01 -11.33 -8.71
N ILE F 346 41.71 -11.87 -7.71
CA ILE F 346 41.18 -12.01 -6.37
C ILE F 346 42.07 -11.21 -5.41
N PRO F 347 41.49 -10.46 -4.47
CA PRO F 347 42.32 -9.71 -3.53
C PRO F 347 43.18 -10.64 -2.68
N ILE F 348 44.34 -10.13 -2.26
CA ILE F 348 45.29 -10.96 -1.54
C ILE F 348 44.74 -11.38 -0.18
N ASP F 349 43.83 -10.59 0.40
CA ASP F 349 43.26 -10.96 1.68
C ASP F 349 42.43 -12.24 1.56
N LEU F 350 41.68 -12.39 0.47
CA LEU F 350 40.95 -13.63 0.26
C LEU F 350 41.87 -14.74 -0.21
N LEU F 351 42.91 -14.41 -0.99
CA LEU F 351 43.84 -15.41 -1.45
C LEU F 351 44.64 -16.02 -0.31
N ASP F 352 44.77 -15.31 0.81
CA ASP F 352 45.45 -15.88 1.96
C ASP F 352 44.59 -16.90 2.69
N ARG F 353 43.28 -16.83 2.53
CA ARG F 353 42.33 -17.70 3.20
C ARG F 353 42.03 -18.97 2.43
N LEU F 354 42.70 -19.21 1.31
CA LEU F 354 42.32 -20.33 0.46
C LEU F 354 43.55 -21.08 -0.04
N LEU F 355 43.37 -22.37 -0.27
CA LEU F 355 44.38 -23.22 -0.89
C LEU F 355 44.15 -23.28 -2.38
N ILE F 356 45.23 -23.21 -3.15
CA ILE F 356 45.18 -23.10 -4.60
C ILE F 356 45.62 -24.41 -5.21
N VAL F 357 44.82 -24.92 -6.15
CA VAL F 357 45.10 -26.16 -6.85
C VAL F 357 45.37 -25.82 -8.31
N SER F 358 46.60 -26.04 -8.76
CA SER F 358 46.98 -25.70 -10.12
C SER F 358 46.73 -26.86 -11.07
N THR F 359 46.31 -26.53 -12.28
CA THR F 359 46.07 -27.52 -13.33
C THR F 359 47.11 -27.32 -14.42
N THR F 360 47.87 -28.37 -14.72
CA THR F 360 48.88 -28.34 -15.76
C THR F 360 48.28 -28.61 -17.13
N PRO F 361 48.89 -28.10 -18.20
CA PRO F 361 48.40 -28.38 -19.55
C PRO F 361 48.57 -29.84 -19.92
N TYR F 362 47.77 -30.28 -20.88
CA TYR F 362 47.72 -31.66 -21.29
C TYR F 362 48.77 -31.97 -22.36
N SER F 363 49.26 -33.20 -22.34
CA SER F 363 50.23 -33.67 -23.32
C SER F 363 49.50 -34.24 -24.53
N GLU F 364 50.24 -34.89 -25.43
CA GLU F 364 49.62 -35.50 -26.59
C GLU F 364 48.82 -36.73 -26.22
N LYS F 365 49.38 -37.60 -25.38
CA LYS F 365 48.69 -38.83 -25.02
C LYS F 365 47.45 -38.55 -24.17
N ASP F 366 47.53 -37.56 -23.28
CA ASP F 366 46.36 -37.17 -22.52
C ASP F 366 45.27 -36.63 -23.42
N THR F 367 45.64 -35.84 -24.42
CA THR F 367 44.66 -35.33 -25.38
C THR F 367 44.00 -36.46 -26.16
N LYS F 368 44.80 -37.43 -26.61
CA LYS F 368 44.23 -38.55 -27.35
C LYS F 368 43.29 -39.36 -26.47
N GLN F 369 43.66 -39.55 -25.21
CA GLN F 369 42.79 -40.32 -24.31
C GLN F 369 41.49 -39.58 -24.02
N ILE F 370 41.57 -38.25 -23.87
CA ILE F 370 40.35 -37.47 -23.69
C ILE F 370 39.45 -37.57 -24.93
N LEU F 371 40.06 -37.51 -26.12
CA LEU F 371 39.28 -37.66 -27.33
C LEU F 371 38.64 -39.05 -27.41
N ARG F 372 39.36 -40.09 -27.02
CA ARG F 372 38.79 -41.43 -27.03
C ARG F 372 37.61 -41.54 -26.08
N ILE F 373 37.74 -40.97 -24.87
CA ILE F 373 36.64 -41.01 -23.91
C ILE F 373 35.44 -40.24 -24.46
N ARG F 374 35.68 -39.08 -25.07
CA ARG F 374 34.58 -38.31 -25.65
C ARG F 374 33.88 -39.09 -26.75
N CYS F 375 34.65 -39.76 -27.62
CA CYS F 375 34.04 -40.55 -28.68
C CYS F 375 33.23 -41.70 -28.11
N GLU F 376 33.74 -42.34 -27.05
CA GLU F 376 32.98 -43.39 -26.41
C GLU F 376 31.68 -42.86 -25.81
N GLU F 377 31.73 -41.66 -25.22
CA GLU F 377 30.53 -41.07 -24.65
C GLU F 377 29.49 -40.76 -25.71
N GLU F 378 29.93 -40.29 -26.87
CA GLU F 378 29.03 -39.88 -27.95
C GLU F 378 28.67 -41.03 -28.87
N ASP F 379 29.14 -42.25 -28.59
CA ASP F 379 28.87 -43.42 -29.42
C ASP F 379 29.35 -43.20 -30.86
N VAL F 380 30.57 -42.68 -31.00
CA VAL F 380 31.17 -42.39 -32.29
C VAL F 380 32.37 -43.30 -32.49
N GLU F 381 32.41 -43.99 -33.62
CA GLU F 381 33.53 -44.85 -33.98
C GLU F 381 34.45 -44.11 -34.93
N MET F 382 35.74 -44.09 -34.61
CA MET F 382 36.72 -43.29 -35.33
C MET F 382 37.94 -44.14 -35.63
N SER F 383 38.59 -43.87 -36.77
CA SER F 383 39.77 -44.63 -37.12
C SER F 383 41.00 -44.09 -36.39
N GLU F 384 42.06 -44.91 -36.36
CA GLU F 384 43.29 -44.52 -35.67
C GLU F 384 43.94 -43.33 -36.34
N ASP F 385 43.97 -43.31 -37.67
CA ASP F 385 44.53 -42.16 -38.38
C ASP F 385 43.72 -40.91 -38.10
N ALA F 386 42.39 -41.05 -38.03
CA ALA F 386 41.54 -39.92 -37.69
C ALA F 386 41.82 -39.45 -36.27
N TYR F 387 42.07 -40.38 -35.35
CA TYR F 387 42.43 -39.99 -33.99
C TYR F 387 43.74 -39.22 -33.98
N THR F 388 44.72 -39.66 -34.76
CA THR F 388 46.00 -38.96 -34.81
C THR F 388 45.82 -37.55 -35.35
N VAL F 389 45.08 -37.41 -36.45
CA VAL F 389 44.86 -36.09 -37.04
C VAL F 389 44.11 -35.19 -36.08
N LEU F 390 43.09 -35.74 -35.40
CA LEU F 390 42.30 -34.95 -34.47
C LEU F 390 43.14 -34.53 -33.26
N THR F 391 44.02 -35.40 -32.79
CA THR F 391 44.91 -35.03 -31.70
C THR F 391 45.87 -33.93 -32.11
N ARG F 392 46.38 -34.01 -33.34
CA ARG F 392 47.25 -32.94 -33.82
C ARG F 392 46.51 -31.62 -33.90
N ILE F 393 45.28 -31.64 -34.39
CA ILE F 393 44.48 -30.41 -34.46
C ILE F 393 44.21 -29.87 -33.05
N GLY F 394 43.85 -30.76 -32.12
CA GLY F 394 43.58 -30.32 -30.76
C GLY F 394 44.79 -29.72 -30.07
N LEU F 395 45.97 -30.30 -30.31
CA LEU F 395 47.19 -29.72 -29.77
C LEU F 395 47.49 -28.37 -30.41
N GLU F 396 47.27 -28.25 -31.73
CA GLU F 396 47.55 -27.00 -32.41
C GLU F 396 46.53 -25.93 -32.05
N THR F 397 45.24 -26.29 -32.06
CA THR F 397 44.21 -25.28 -31.84
C THR F 397 43.73 -25.22 -30.39
N SER F 398 43.07 -26.28 -29.93
CA SER F 398 42.50 -26.37 -28.59
C SER F 398 41.81 -27.72 -28.43
N LEU F 399 41.54 -28.09 -27.18
CA LEU F 399 40.86 -29.34 -26.92
C LEU F 399 39.38 -29.27 -27.28
N ARG F 400 38.75 -28.14 -26.98
CA ARG F 400 37.31 -28.02 -27.24
C ARG F 400 37.00 -28.07 -28.73
N TYR F 401 37.88 -27.50 -29.56
CA TYR F 401 37.68 -27.57 -30.99
C TYR F 401 37.70 -29.01 -31.48
N ALA F 402 38.66 -29.81 -30.99
CA ALA F 402 38.69 -31.22 -31.36
C ALA F 402 37.45 -31.95 -30.87
N ILE F 403 37.00 -31.61 -29.65
CA ILE F 403 35.80 -32.25 -29.12
C ILE F 403 34.59 -31.96 -30.00
N GLN F 404 34.46 -30.72 -30.46
CA GLN F 404 33.36 -30.38 -31.36
C GLN F 404 33.51 -31.06 -32.71
N LEU F 405 34.73 -31.12 -33.23
CA LEU F 405 34.94 -31.79 -34.51
C LEU F 405 34.61 -33.27 -34.43
N ILE F 406 34.66 -33.87 -33.24
CA ILE F 406 34.23 -35.26 -33.10
C ILE F 406 32.81 -35.42 -33.63
N THR F 407 31.87 -34.66 -33.05
CA THR F 407 30.47 -34.77 -33.47
C THR F 407 30.26 -34.29 -34.89
N ALA F 408 30.96 -33.22 -35.29
CA ALA F 408 30.80 -32.73 -36.66
C ALA F 408 31.21 -33.79 -37.67
N ALA F 409 32.35 -34.44 -37.44
CA ALA F 409 32.80 -35.49 -38.34
C ALA F 409 31.92 -36.71 -38.27
N SER F 410 31.37 -37.02 -37.10
CA SER F 410 30.39 -38.10 -37.02
C SER F 410 29.21 -37.83 -37.94
N LEU F 411 28.69 -36.60 -37.90
CA LEU F 411 27.55 -36.25 -38.74
C LEU F 411 27.91 -36.30 -40.22
N VAL F 412 29.09 -35.78 -40.57
CA VAL F 412 29.51 -35.81 -41.98
C VAL F 412 29.65 -37.25 -42.47
N CYS F 413 30.23 -38.12 -41.64
CA CYS F 413 30.38 -39.52 -42.00
C CYS F 413 29.02 -40.18 -42.17
N ARG F 414 28.09 -39.89 -41.26
CA ARG F 414 26.76 -40.48 -41.38
C ARG F 414 26.03 -39.97 -42.62
N LYS F 415 26.34 -38.75 -43.06
CA LYS F 415 25.69 -38.22 -44.25
C LYS F 415 26.05 -39.02 -45.49
N ARG F 416 27.32 -39.41 -45.63
CA ARG F 416 27.77 -40.17 -46.78
C ARG F 416 27.59 -41.68 -46.60
N LYS F 417 26.70 -42.09 -45.70
CA LYS F 417 26.38 -43.51 -45.49
C LYS F 417 27.62 -44.32 -45.12
N GLY F 418 28.36 -43.81 -44.14
CA GLY F 418 29.52 -44.50 -43.60
C GLY F 418 29.26 -45.04 -42.20
N THR F 419 30.27 -45.71 -41.67
CA THR F 419 30.20 -46.30 -40.34
C THR F 419 31.32 -45.88 -39.41
N GLU F 420 32.46 -45.46 -39.93
CA GLU F 420 33.61 -45.10 -39.11
C GLU F 420 34.13 -43.75 -39.59
N VAL F 421 34.42 -42.86 -38.64
CA VAL F 421 34.89 -41.52 -38.98
C VAL F 421 36.32 -41.61 -39.47
N GLN F 422 36.56 -41.15 -40.69
CA GLN F 422 37.86 -41.23 -41.33
C GLN F 422 38.54 -39.87 -41.31
N VAL F 423 39.77 -39.83 -41.82
CA VAL F 423 40.52 -38.58 -41.90
C VAL F 423 39.85 -37.61 -42.86
N ASP F 424 39.20 -38.12 -43.91
CA ASP F 424 38.54 -37.23 -44.87
C ASP F 424 37.40 -36.45 -44.20
N ASP F 425 36.64 -37.11 -43.33
CA ASP F 425 35.58 -36.42 -42.61
C ASP F 425 36.14 -35.34 -41.70
N ILE F 426 37.24 -35.63 -41.01
CA ILE F 426 37.86 -34.65 -40.14
C ILE F 426 38.36 -33.45 -40.94
N LYS F 427 38.96 -33.71 -42.10
CA LYS F 427 39.39 -32.60 -42.96
C LYS F 427 38.21 -31.79 -43.44
N ARG F 428 37.09 -32.46 -43.76
CA ARG F 428 35.91 -31.74 -44.21
C ARG F 428 35.36 -30.82 -43.13
N VAL F 429 35.28 -31.32 -41.89
CA VAL F 429 34.74 -30.48 -40.83
C VAL F 429 35.75 -29.42 -40.42
N TYR F 430 37.04 -29.68 -40.59
CA TYR F 430 38.05 -28.65 -40.37
C TYR F 430 37.90 -27.52 -41.37
N SER F 431 37.58 -27.86 -42.62
CA SER F 431 37.33 -26.82 -43.62
C SER F 431 36.03 -26.08 -43.35
N LEU F 432 34.98 -26.79 -42.95
CA LEU F 432 33.68 -26.15 -42.78
C LEU F 432 33.65 -25.23 -41.56
N PHE F 433 34.19 -25.70 -40.44
CA PHE F 433 34.12 -24.96 -39.18
C PHE F 433 35.51 -24.47 -38.79
N LEU F 434 35.58 -23.22 -38.37
CA LEU F 434 36.85 -22.56 -38.09
C LEU F 434 37.06 -22.42 -36.59
N ASP F 435 38.32 -22.42 -36.18
CA ASP F 435 38.69 -22.12 -34.81
C ASP F 435 38.85 -20.62 -34.63
N GLU F 436 39.29 -20.20 -33.43
CA GLU F 436 39.49 -18.79 -33.16
C GLU F 436 40.65 -18.22 -33.98
N SER F 437 41.72 -19.00 -34.14
CA SER F 437 42.92 -18.48 -34.79
C SER F 437 42.66 -18.21 -36.27
N ARG F 438 42.08 -19.19 -36.97
CA ARG F 438 41.84 -19.01 -38.39
C ARG F 438 40.78 -17.95 -38.64
N SER F 439 39.78 -17.88 -37.77
CA SER F 439 38.78 -16.82 -37.88
C SER F 439 39.42 -15.45 -37.71
N THR F 440 40.33 -15.31 -36.75
CA THR F 440 41.00 -14.03 -36.55
C THR F 440 41.87 -13.69 -37.75
N GLN F 441 42.54 -14.68 -38.34
CA GLN F 441 43.33 -14.42 -39.55
C GLN F 441 42.44 -13.94 -40.69
N TYR F 442 41.32 -14.62 -40.91
CA TYR F 442 40.43 -14.22 -41.99
C TYR F 442 39.81 -12.86 -41.72
N MET F 443 39.62 -12.50 -40.45
CA MET F 443 39.10 -11.18 -40.14
C MET F 443 40.15 -10.10 -40.37
N LYS F 444 41.41 -10.42 -40.11
CA LYS F 444 42.49 -9.50 -40.46
C LYS F 444 42.59 -9.31 -41.96
N GLU F 445 42.33 -10.36 -42.73
CA GLU F 445 42.39 -10.23 -44.18
C GLU F 445 41.34 -9.27 -44.72
N TYR F 446 40.22 -9.11 -44.02
CA TYR F 446 39.13 -8.24 -44.43
C TYR F 446 38.77 -7.29 -43.31
N GLN F 447 39.77 -6.65 -42.72
CA GLN F 447 39.58 -5.89 -41.49
C GLN F 447 38.62 -4.72 -41.70
N ASP F 448 38.74 -4.03 -42.84
CA ASP F 448 37.89 -2.88 -43.08
C ASP F 448 36.41 -3.26 -43.20
N ALA F 449 36.13 -4.48 -43.65
CA ALA F 449 34.73 -4.89 -43.85
C ALA F 449 33.99 -5.03 -42.52
N PHE F 450 34.68 -5.51 -41.49
CA PHE F 450 34.07 -5.58 -40.17
C PHE F 450 33.92 -4.19 -39.57
N LEU F 451 32.97 -4.06 -38.65
CA LEU F 451 32.43 -2.76 -38.30
C LEU F 451 33.43 -1.93 -37.51
N PHE F 452 33.79 -2.38 -36.32
CA PHE F 452 34.58 -1.55 -35.40
C PHE F 452 35.96 -2.19 -35.23
N ASN F 453 36.99 -1.40 -35.50
CA ASN F 453 38.38 -1.84 -35.40
C ASN F 453 38.63 -3.06 -36.26
N THR G 12 1.93 -12.55 -42.24
CA THR G 12 2.23 -13.59 -43.23
C THR G 12 2.13 -13.05 -44.65
N GLN G 13 1.08 -12.25 -44.90
CA GLN G 13 0.89 -11.68 -46.23
C GLN G 13 1.89 -10.55 -46.49
N ARG G 14 2.31 -9.85 -45.46
CA ARG G 14 3.31 -8.80 -45.64
C ARG G 14 4.69 -9.39 -45.88
N ILE G 15 5.47 -8.70 -46.71
CA ILE G 15 6.76 -9.19 -47.17
C ILE G 15 7.84 -8.52 -46.32
N ALA G 16 8.59 -9.32 -45.58
CA ALA G 16 9.64 -8.84 -44.71
C ALA G 16 10.99 -8.99 -45.40
N SER G 17 12.07 -8.74 -44.65
CA SER G 17 13.39 -8.70 -45.28
C SER G 17 13.88 -10.09 -45.63
N HIS G 18 13.45 -11.11 -44.89
CA HIS G 18 13.81 -12.50 -45.16
C HIS G 18 12.61 -13.33 -45.60
N SER G 19 11.69 -12.73 -46.35
CA SER G 19 10.51 -13.46 -46.76
C SER G 19 10.80 -14.45 -47.87
N HIS G 20 11.93 -14.32 -48.56
CA HIS G 20 12.29 -15.20 -49.66
C HIS G 20 13.11 -16.40 -49.23
N VAL G 21 13.53 -16.47 -47.96
CA VAL G 21 14.37 -17.56 -47.49
C VAL G 21 13.47 -18.73 -47.11
N LYS G 22 13.49 -19.78 -47.93
CA LYS G 22 12.67 -20.97 -47.68
C LYS G 22 13.49 -22.15 -47.19
N GLY G 23 14.75 -21.94 -46.85
CA GLY G 23 15.61 -22.99 -46.34
C GLY G 23 16.98 -22.92 -46.96
N LEU G 24 17.81 -23.91 -46.65
CA LEU G 24 19.13 -24.03 -47.24
C LEU G 24 19.03 -24.90 -48.49
N GLY G 25 19.53 -24.38 -49.61
CA GLY G 25 19.46 -25.11 -50.85
C GLY G 25 20.48 -26.22 -50.95
N LEU G 26 20.33 -27.27 -50.15
CA LEU G 26 21.30 -28.35 -50.10
C LEU G 26 20.80 -29.55 -50.89
N ASP G 27 21.70 -30.17 -51.65
CA ASP G 27 21.44 -31.45 -52.28
C ASP G 27 21.36 -32.53 -51.23
N GLU G 28 20.87 -33.71 -51.64
CA GLU G 28 20.79 -34.84 -50.72
C GLU G 28 22.15 -35.25 -50.20
N SER G 29 23.23 -34.89 -50.90
CA SER G 29 24.58 -35.21 -50.47
C SER G 29 25.20 -34.14 -49.60
N GLY G 30 24.49 -33.05 -49.33
CA GLY G 30 24.99 -31.99 -48.48
C GLY G 30 25.67 -30.86 -49.22
N LEU G 31 26.01 -31.04 -50.49
CA LEU G 31 26.58 -29.96 -51.28
C LEU G 31 25.53 -28.89 -51.52
N ALA G 32 25.97 -27.64 -51.52
CA ALA G 32 25.08 -26.50 -51.60
C ALA G 32 24.90 -26.08 -53.05
N LYS G 33 23.65 -26.00 -53.51
CA LYS G 33 23.37 -25.52 -54.84
C LYS G 33 23.61 -24.01 -54.92
N GLN G 34 23.97 -23.54 -56.11
CA GLN G 34 24.34 -22.14 -56.26
C GLN G 34 23.20 -21.21 -55.91
N ALA G 35 21.99 -21.54 -56.33
CA ALA G 35 20.81 -20.75 -56.02
C ALA G 35 19.64 -21.70 -55.82
N ALA G 36 19.18 -21.83 -54.58
CA ALA G 36 18.04 -22.67 -54.26
C ALA G 36 17.44 -22.20 -52.94
N SER G 37 16.13 -22.41 -52.81
CA SER G 37 15.39 -22.10 -51.58
C SER G 37 15.50 -20.64 -51.20
N GLY G 38 15.69 -19.76 -52.18
CA GLY G 38 15.78 -18.34 -51.94
C GLY G 38 17.16 -17.83 -51.57
N LEU G 39 18.16 -18.69 -51.45
CA LEU G 39 19.50 -18.29 -51.06
C LEU G 39 20.44 -18.37 -52.25
N VAL G 40 21.35 -17.40 -52.34
CA VAL G 40 22.30 -17.30 -53.44
C VAL G 40 23.70 -17.24 -52.84
N GLY G 41 24.60 -18.08 -53.36
CA GLY G 41 25.96 -18.09 -52.88
C GLY G 41 26.06 -18.65 -51.47
N GLN G 42 27.12 -18.22 -50.78
CA GLN G 42 27.40 -18.65 -49.41
C GLN G 42 27.40 -20.17 -49.27
N GLU G 43 28.04 -20.85 -50.22
CA GLU G 43 27.95 -22.30 -50.29
C GLU G 43 28.58 -22.96 -49.06
N ASN G 44 29.73 -22.47 -48.63
CA ASN G 44 30.40 -23.09 -47.49
C ASN G 44 29.60 -22.89 -46.21
N ALA G 45 29.09 -21.68 -46.00
CA ALA G 45 28.27 -21.42 -44.82
C ALA G 45 27.00 -22.25 -44.86
N ARG G 46 26.40 -22.41 -46.04
CA ARG G 46 25.20 -23.23 -46.15
C ARG G 46 25.49 -24.70 -45.85
N GLU G 47 26.63 -25.20 -46.31
CA GLU G 47 27.00 -26.59 -46.00
C GLU G 47 27.20 -26.78 -44.50
N ALA G 48 27.89 -25.82 -43.86
CA ALA G 48 28.07 -25.90 -42.42
C ALA G 48 26.74 -25.83 -41.69
N CYS G 49 25.84 -24.97 -42.15
CA CYS G 49 24.52 -24.87 -41.54
C CYS G 49 23.72 -26.15 -41.73
N GLY G 50 23.91 -26.84 -42.85
CA GLY G 50 23.27 -28.14 -43.03
C GLY G 50 23.79 -29.18 -42.06
N VAL G 51 25.10 -29.19 -41.84
CA VAL G 51 25.66 -30.07 -40.82
C VAL G 51 25.08 -29.75 -39.46
N ILE G 52 24.91 -28.46 -39.16
CA ILE G 52 24.33 -28.05 -37.89
C ILE G 52 22.87 -28.47 -37.79
N VAL G 53 22.15 -28.41 -38.91
CA VAL G 53 20.75 -28.86 -38.92
C VAL G 53 20.67 -30.35 -38.61
N GLU G 54 21.57 -31.13 -39.19
CA GLU G 54 21.61 -32.55 -38.86
C GLU G 54 21.93 -32.76 -37.39
N LEU G 55 22.83 -31.94 -36.84
CA LEU G 55 23.15 -32.03 -35.42
C LEU G 55 21.92 -31.74 -34.56
N ILE G 56 21.16 -30.71 -34.92
CA ILE G 56 19.95 -30.39 -34.17
C ILE G 56 18.94 -31.52 -34.26
N LYS G 57 18.77 -32.09 -35.45
CA LYS G 57 17.79 -33.16 -35.64
C LYS G 57 18.19 -34.43 -34.91
N SER G 58 19.50 -34.65 -34.71
CA SER G 58 19.94 -35.86 -34.03
C SER G 58 19.47 -35.88 -32.58
N LYS G 59 19.30 -34.73 -31.95
CA LYS G 59 18.72 -34.58 -30.62
C LYS G 59 19.56 -35.21 -29.53
N LYS G 60 20.83 -35.50 -29.79
CA LYS G 60 21.68 -36.18 -28.82
C LYS G 60 22.80 -35.28 -28.27
N MET G 61 22.81 -34.00 -28.62
CA MET G 61 23.84 -33.09 -28.17
C MET G 61 23.20 -31.88 -27.50
N ALA G 62 23.84 -31.40 -26.43
CA ALA G 62 23.35 -30.28 -25.65
C ALA G 62 24.46 -29.27 -25.44
N GLY G 63 24.12 -28.00 -25.52
CA GLY G 63 25.06 -26.93 -25.23
C GLY G 63 26.02 -26.60 -26.34
N ARG G 64 25.88 -27.21 -27.51
CA ARG G 64 26.76 -26.89 -28.64
C ARG G 64 26.47 -25.50 -29.15
N ALA G 65 27.53 -24.75 -29.47
CA ALA G 65 27.41 -23.37 -29.89
C ALA G 65 28.01 -23.17 -31.26
N VAL G 66 27.36 -22.35 -32.08
CA VAL G 66 27.83 -22.00 -33.42
C VAL G 66 27.80 -20.48 -33.55
N LEU G 67 28.90 -19.90 -33.99
CA LEU G 67 29.00 -18.47 -34.21
C LEU G 67 29.05 -18.18 -35.71
N LEU G 68 28.12 -17.37 -36.19
CA LEU G 68 28.12 -16.92 -37.57
C LEU G 68 28.88 -15.60 -37.62
N ALA G 69 30.05 -15.62 -38.24
CA ALA G 69 30.96 -14.48 -38.26
C ALA G 69 31.16 -14.01 -39.69
N GLY G 70 30.98 -12.71 -39.92
CA GLY G 70 31.18 -12.14 -41.22
C GLY G 70 30.83 -10.68 -41.28
N PRO G 71 31.19 -10.01 -42.37
CA PRO G 71 30.87 -8.59 -42.52
C PRO G 71 29.37 -8.38 -42.57
N PRO G 72 28.89 -7.18 -42.26
CA PRO G 72 27.44 -6.93 -42.26
C PRO G 72 26.86 -7.09 -43.65
N GLY G 73 25.59 -7.50 -43.69
CA GLY G 73 24.90 -7.76 -44.94
C GLY G 73 25.43 -8.96 -45.70
N THR G 74 25.78 -10.04 -45.01
CA THR G 74 26.29 -11.25 -45.64
C THR G 74 25.44 -12.48 -45.38
N GLY G 75 24.23 -12.32 -44.86
CA GLY G 75 23.31 -13.43 -44.76
C GLY G 75 23.31 -14.18 -43.44
N LYS G 76 23.88 -13.61 -42.38
CA LYS G 76 23.93 -14.31 -41.10
C LYS G 76 22.52 -14.55 -40.57
N THR G 77 21.71 -13.50 -40.50
CA THR G 77 20.31 -13.66 -40.08
C THR G 77 19.56 -14.52 -41.09
N ALA G 78 19.85 -14.35 -42.38
CA ALA G 78 19.21 -15.18 -43.39
C ALA G 78 19.57 -16.65 -43.20
N LEU G 79 20.83 -16.92 -42.87
CA LEU G 79 21.24 -18.31 -42.63
C LEU G 79 20.56 -18.89 -41.40
N ALA G 80 20.46 -18.11 -40.32
CA ALA G 80 19.77 -18.61 -39.13
C ALA G 80 18.30 -18.89 -39.42
N LEU G 81 17.65 -18.01 -40.17
CA LEU G 81 16.26 -18.26 -40.52
C LEU G 81 16.11 -19.43 -41.47
N ALA G 82 17.10 -19.65 -42.35
CA ALA G 82 17.08 -20.84 -43.19
C ALA G 82 17.19 -22.11 -42.36
N ILE G 83 18.03 -22.09 -41.32
CA ILE G 83 18.09 -23.22 -40.40
C ILE G 83 16.74 -23.44 -39.74
N ALA G 84 16.11 -22.35 -39.30
CA ALA G 84 14.80 -22.46 -38.67
C ALA G 84 13.78 -23.06 -39.63
N GLN G 85 13.82 -22.65 -40.90
CA GLN G 85 12.91 -23.22 -41.90
C GLN G 85 13.20 -24.70 -42.10
N GLU G 86 14.47 -25.09 -42.13
CA GLU G 86 14.82 -26.49 -42.32
C GLU G 86 14.31 -27.35 -41.17
N LEU G 87 14.44 -26.86 -39.93
CA LEU G 87 13.97 -27.64 -38.79
C LEU G 87 12.46 -27.82 -38.82
N GLY G 88 11.73 -26.75 -39.12
CA GLY G 88 10.28 -26.79 -39.12
C GLY G 88 9.69 -26.20 -37.85
N SER G 89 8.37 -26.11 -37.85
CA SER G 89 7.67 -25.52 -36.71
C SER G 89 7.67 -26.44 -35.50
N LYS G 90 7.85 -27.74 -35.71
CA LYS G 90 7.93 -28.67 -34.59
C LYS G 90 9.13 -28.34 -33.70
N VAL G 91 10.27 -28.05 -34.28
CA VAL G 91 11.48 -27.75 -33.52
C VAL G 91 11.41 -26.31 -33.02
N PRO G 92 11.56 -26.05 -31.73
CA PRO G 92 11.55 -24.67 -31.23
C PRO G 92 12.69 -23.84 -31.79
N PHE G 93 12.39 -22.58 -32.08
CA PHE G 93 13.38 -21.62 -32.56
C PHE G 93 13.12 -20.29 -31.88
N CYS G 94 14.01 -19.90 -30.97
CA CYS G 94 13.81 -18.71 -30.15
C CYS G 94 14.75 -17.59 -30.59
N PRO G 95 14.31 -16.67 -31.44
CA PRO G 95 15.17 -15.55 -31.80
C PRO G 95 15.35 -14.58 -30.65
N MET G 96 16.49 -13.88 -30.64
CA MET G 96 16.83 -13.00 -29.54
C MET G 96 17.94 -12.07 -29.99
N VAL G 97 17.84 -10.81 -29.62
CA VAL G 97 18.91 -9.84 -29.84
C VAL G 97 19.63 -9.61 -28.52
N GLY G 98 20.91 -9.25 -28.62
CA GLY G 98 21.72 -9.08 -27.43
C GLY G 98 21.27 -7.97 -26.52
N SER G 99 20.57 -6.97 -27.07
CA SER G 99 20.10 -5.87 -26.25
C SER G 99 18.98 -6.27 -25.29
N GLU G 100 18.36 -7.42 -25.52
CA GLU G 100 17.21 -7.82 -24.72
C GLU G 100 17.58 -8.30 -23.33
N VAL G 101 18.85 -8.57 -23.04
CA VAL G 101 19.21 -9.04 -21.71
C VAL G 101 19.11 -7.94 -20.68
N TYR G 102 19.04 -6.68 -21.11
CA TYR G 102 18.99 -5.56 -20.18
C TYR G 102 17.53 -5.26 -19.87
N SER G 103 17.04 -5.84 -18.78
CA SER G 103 15.65 -5.75 -18.38
C SER G 103 15.56 -5.06 -17.02
N THR G 104 14.45 -4.37 -16.80
CA THR G 104 14.20 -3.65 -15.57
C THR G 104 13.58 -4.53 -14.49
N GLU G 105 13.31 -5.80 -14.79
CA GLU G 105 12.62 -6.68 -13.86
C GLU G 105 13.49 -7.83 -13.35
N ILE G 106 14.28 -8.45 -14.23
CA ILE G 106 15.11 -9.58 -13.84
C ILE G 106 16.53 -9.33 -14.31
N LYS G 107 17.46 -10.10 -13.76
CA LYS G 107 18.86 -9.93 -14.09
C LYS G 107 19.16 -10.53 -15.46
N LYS G 108 20.31 -10.15 -16.02
CA LYS G 108 20.66 -10.56 -17.37
C LYS G 108 20.78 -12.07 -17.46
N THR G 109 21.41 -12.69 -16.45
CA THR G 109 21.55 -14.13 -16.44
C THR G 109 20.19 -14.81 -16.41
N GLU G 110 19.22 -14.20 -15.73
CA GLU G 110 17.87 -14.77 -15.70
C GLU G 110 17.21 -14.70 -17.07
N VAL G 111 17.40 -13.59 -17.79
CA VAL G 111 16.86 -13.49 -19.14
C VAL G 111 17.47 -14.56 -20.03
N LEU G 112 18.79 -14.74 -19.94
CA LEU G 112 19.45 -15.76 -20.75
C LEU G 112 18.95 -17.16 -20.40
N MET G 113 18.82 -17.46 -19.11
CA MET G 113 18.32 -18.77 -18.69
C MET G 113 16.90 -19.00 -19.18
N GLU G 114 16.06 -17.97 -19.11
CA GLU G 114 14.69 -18.09 -19.58
C GLU G 114 14.66 -18.36 -21.09
N ASN G 115 15.51 -17.69 -21.86
CA ASN G 115 15.54 -17.99 -23.29
C ASN G 115 16.07 -19.39 -23.57
N PHE G 116 17.00 -19.85 -22.74
CA PHE G 116 17.49 -21.23 -22.88
C PHE G 116 16.36 -22.21 -22.66
N ARG G 117 15.53 -21.97 -21.64
CA ARG G 117 14.43 -22.88 -21.37
C ARG G 117 13.34 -22.72 -22.44
N ARG G 118 13.24 -21.54 -23.05
CA ARG G 118 12.31 -21.35 -24.15
C ARG G 118 12.72 -22.17 -25.36
N ALA G 119 14.01 -22.43 -25.54
CA ALA G 119 14.44 -23.14 -26.73
C ALA G 119 14.22 -24.65 -26.63
N ILE G 120 14.12 -25.20 -25.42
CA ILE G 120 13.86 -26.62 -25.24
C ILE G 120 12.36 -26.84 -25.20
N GLY G 121 11.84 -27.52 -26.22
CA GLY G 121 10.42 -27.78 -26.32
C GLY G 121 10.05 -29.18 -25.86
N LEU G 122 8.76 -29.35 -25.56
CA LEU G 122 8.23 -30.64 -25.16
C LEU G 122 6.91 -30.87 -25.86
N ARG G 123 6.76 -32.04 -26.48
CA ARG G 123 5.52 -32.41 -27.17
C ARG G 123 4.81 -33.49 -26.36
N ILE G 124 3.58 -33.21 -25.94
CA ILE G 124 2.79 -34.09 -25.10
C ILE G 124 1.66 -34.67 -25.94
N LYS G 125 1.57 -35.99 -25.98
CA LYS G 125 0.50 -36.68 -26.70
C LYS G 125 -0.37 -37.45 -25.72
N GLU G 126 -1.67 -37.19 -25.77
CA GLU G 126 -2.63 -37.86 -24.90
C GLU G 126 -3.89 -38.15 -25.70
N THR G 127 -4.63 -39.17 -25.27
CA THR G 127 -5.93 -39.52 -25.85
C THR G 127 -7.02 -39.14 -24.87
N LYS G 128 -7.93 -38.28 -25.33
CA LYS G 128 -9.07 -37.84 -24.52
C LYS G 128 -10.32 -38.55 -25.01
N GLU G 129 -10.86 -39.44 -24.17
CA GLU G 129 -12.06 -40.20 -24.49
C GLU G 129 -13.22 -39.62 -23.69
N VAL G 130 -14.29 -39.24 -24.38
CA VAL G 130 -15.44 -38.61 -23.76
C VAL G 130 -16.70 -39.26 -24.32
N TYR G 131 -17.78 -39.18 -23.53
CA TYR G 131 -19.10 -39.61 -23.96
C TYR G 131 -20.05 -38.40 -23.95
N GLU G 132 -20.51 -38.01 -25.13
CA GLU G 132 -21.45 -36.90 -25.27
C GLU G 132 -22.85 -37.45 -25.45
N GLY G 133 -23.83 -36.62 -25.12
CA GLY G 133 -25.21 -36.94 -25.44
C GLY G 133 -26.18 -36.17 -24.58
N GLU G 134 -27.44 -36.22 -25.00
CA GLU G 134 -28.54 -35.69 -24.21
C GLU G 134 -29.13 -36.79 -23.35
N VAL G 135 -29.24 -36.54 -22.05
CA VAL G 135 -29.67 -37.58 -21.12
C VAL G 135 -31.13 -37.88 -21.38
N THR G 136 -31.40 -39.07 -21.92
CA THR G 136 -32.78 -39.51 -22.16
C THR G 136 -33.32 -40.36 -21.01
N GLU G 137 -32.47 -41.17 -20.39
CA GLU G 137 -32.89 -42.09 -19.36
C GLU G 137 -31.95 -42.02 -18.18
N LEU G 138 -32.52 -42.11 -16.96
CA LEU G 138 -31.74 -42.12 -15.73
C LEU G 138 -32.42 -43.12 -14.79
N THR G 139 -31.97 -44.37 -14.83
CA THR G 139 -32.66 -45.46 -14.16
C THR G 139 -31.65 -46.24 -13.33
N PRO G 140 -31.82 -46.32 -12.02
CA PRO G 140 -30.97 -47.20 -11.21
C PRO G 140 -31.26 -48.66 -11.48
N CYS G 141 -30.24 -49.48 -11.31
CA CYS G 141 -30.35 -50.93 -11.45
C CYS G 141 -30.39 -51.53 -10.04
N GLU G 142 -31.60 -51.74 -9.54
CA GLU G 142 -31.77 -52.30 -8.20
C GLU G 142 -31.37 -53.77 -8.18
N THR G 143 -31.13 -54.27 -6.97
CA THR G 143 -30.78 -55.67 -6.76
C THR G 143 -31.93 -56.36 -6.03
N GLU G 144 -32.29 -57.56 -6.50
CA GLU G 144 -33.42 -58.28 -5.91
C GLU G 144 -33.16 -58.68 -4.46
N ASN G 145 -31.90 -58.67 -4.02
CA ASN G 145 -31.54 -58.98 -2.64
C ASN G 145 -30.89 -57.74 -2.03
N PRO G 146 -31.66 -56.88 -1.38
CA PRO G 146 -31.07 -55.68 -0.76
C PRO G 146 -30.11 -56.05 0.36
N MET G 147 -28.92 -55.44 0.32
CA MET G 147 -27.93 -55.68 1.36
C MET G 147 -28.38 -55.06 2.67
N GLY G 148 -28.34 -55.86 3.74
CA GLY G 148 -28.83 -55.45 5.03
C GLY G 148 -30.30 -55.75 5.27
N GLY G 149 -31.02 -56.24 4.27
CA GLY G 149 -32.41 -56.63 4.40
C GLY G 149 -33.42 -55.53 4.13
N TYR G 150 -33.14 -54.33 4.61
CA TYR G 150 -34.06 -53.21 4.49
C TYR G 150 -33.61 -52.26 3.37
N GLY G 151 -34.56 -51.47 2.88
CA GLY G 151 -34.27 -50.47 1.87
C GLY G 151 -33.96 -51.06 0.51
N LYS G 152 -33.47 -50.20 -0.37
CA LYS G 152 -33.11 -50.56 -1.73
C LYS G 152 -31.64 -50.28 -1.98
N THR G 153 -30.96 -51.25 -2.59
CA THR G 153 -29.56 -51.11 -3.00
C THR G 153 -29.47 -51.10 -4.52
N ILE G 154 -28.53 -50.32 -5.05
CA ILE G 154 -28.37 -50.18 -6.49
C ILE G 154 -26.95 -50.58 -6.87
N SER G 155 -26.82 -51.27 -8.00
CA SER G 155 -25.54 -51.76 -8.48
C SER G 155 -25.05 -51.06 -9.73
N HIS G 156 -25.94 -50.43 -10.50
CA HIS G 156 -25.55 -49.65 -11.65
C HIS G 156 -26.53 -48.50 -11.81
N VAL G 157 -26.14 -47.49 -12.58
CA VAL G 157 -27.03 -46.43 -13.01
C VAL G 157 -26.97 -46.36 -14.52
N ILE G 158 -28.09 -46.66 -15.17
CA ILE G 158 -28.14 -46.63 -16.63
C ILE G 158 -28.42 -45.21 -17.07
N ILE G 159 -27.52 -44.64 -17.87
CA ILE G 159 -27.68 -43.32 -18.43
C ILE G 159 -27.79 -43.45 -19.94
N GLY G 160 -28.86 -42.91 -20.50
CA GLY G 160 -29.07 -42.92 -21.93
C GLY G 160 -28.64 -41.61 -22.54
N LEU G 161 -27.73 -41.69 -23.51
CA LEU G 161 -27.17 -40.51 -24.16
C LEU G 161 -27.60 -40.51 -25.62
N LYS G 162 -28.16 -39.38 -26.06
CA LYS G 162 -28.68 -39.24 -27.40
C LYS G 162 -27.91 -38.14 -28.12
N THR G 163 -27.46 -38.44 -29.34
CA THR G 163 -26.80 -37.45 -30.17
C THR G 163 -27.50 -37.34 -31.52
N ALA G 164 -26.89 -36.62 -32.46
CA ALA G 164 -27.52 -36.40 -33.74
C ALA G 164 -27.71 -37.71 -34.50
N LYS G 165 -26.71 -38.60 -34.46
CA LYS G 165 -26.70 -39.79 -35.29
C LYS G 165 -26.63 -41.08 -34.47
N GLY G 166 -27.19 -41.07 -33.26
CA GLY G 166 -27.20 -42.30 -32.49
C GLY G 166 -27.77 -42.09 -31.09
N THR G 167 -27.87 -43.21 -30.37
CA THR G 167 -28.27 -43.21 -28.98
C THR G 167 -27.66 -44.43 -28.31
N LYS G 168 -27.00 -44.21 -27.17
CA LYS G 168 -26.29 -45.27 -26.46
C LYS G 168 -26.61 -45.22 -24.98
N GLN G 169 -26.55 -46.40 -24.34
CA GLN G 169 -26.78 -46.53 -22.92
C GLN G 169 -25.48 -46.97 -22.23
N LEU G 170 -25.21 -46.38 -21.07
CA LEU G 170 -23.96 -46.61 -20.35
C LEU G 170 -24.29 -47.06 -18.93
N LYS G 171 -23.86 -48.26 -18.59
CA LYS G 171 -24.03 -48.79 -17.23
C LYS G 171 -22.84 -48.33 -16.41
N LEU G 172 -23.05 -47.38 -15.52
CA LEU G 172 -21.98 -46.69 -14.82
C LEU G 172 -21.92 -47.12 -13.35
N ASP G 173 -20.87 -46.66 -12.68
CA ASP G 173 -20.70 -46.96 -11.27
C ASP G 173 -21.80 -46.27 -10.46
N PRO G 174 -22.28 -46.90 -9.38
CA PRO G 174 -23.30 -46.24 -8.55
C PRO G 174 -22.86 -44.92 -7.96
N SER G 175 -21.55 -44.72 -7.76
CA SER G 175 -21.06 -43.50 -7.12
C SER G 175 -21.36 -42.27 -7.94
N ILE G 176 -21.69 -42.42 -9.22
CA ILE G 176 -21.96 -41.28 -10.09
C ILE G 176 -23.26 -40.58 -9.73
N PHE G 177 -24.12 -41.22 -8.93
CA PHE G 177 -25.36 -40.57 -8.50
C PHE G 177 -25.09 -39.26 -7.77
N GLU G 178 -23.99 -39.20 -7.01
CA GLU G 178 -23.68 -37.96 -6.30
C GLU G 178 -23.26 -36.86 -7.26
N SER G 179 -22.47 -37.21 -8.28
CA SER G 179 -22.10 -36.22 -9.28
C SER G 179 -23.31 -35.76 -10.06
N LEU G 180 -24.23 -36.68 -10.36
CA LEU G 180 -25.44 -36.33 -11.08
C LEU G 180 -26.31 -35.37 -10.27
N GLN G 181 -26.40 -35.59 -8.96
CA GLN G 181 -27.20 -34.70 -8.14
C GLN G 181 -26.50 -33.35 -7.95
N LYS G 182 -25.18 -33.37 -7.77
CA LYS G 182 -24.43 -32.13 -7.61
C LYS G 182 -24.50 -31.28 -8.87
N GLU G 183 -24.39 -31.91 -10.03
CA GLU G 183 -24.50 -31.20 -11.30
C GLU G 183 -25.95 -30.90 -11.67
N ARG G 184 -26.91 -31.41 -10.90
CA ARG G 184 -28.33 -31.20 -11.16
C ARG G 184 -28.69 -31.66 -12.57
N VAL G 185 -28.21 -32.84 -12.93
CA VAL G 185 -28.47 -33.40 -14.25
C VAL G 185 -29.85 -34.04 -14.25
N GLU G 186 -30.70 -33.64 -15.19
CA GLU G 186 -32.02 -34.21 -15.37
C GLU G 186 -32.17 -34.65 -16.82
N ALA G 187 -33.32 -35.24 -17.12
CA ALA G 187 -33.59 -35.67 -18.49
C ALA G 187 -33.67 -34.45 -19.40
N GLY G 188 -33.20 -34.62 -20.63
CA GLY G 188 -33.18 -33.52 -21.58
C GLY G 188 -32.00 -32.59 -21.46
N ASP G 189 -31.10 -32.82 -20.52
CA ASP G 189 -29.89 -32.02 -20.39
C ASP G 189 -28.75 -32.64 -21.17
N VAL G 190 -27.89 -31.78 -21.71
CA VAL G 190 -26.71 -32.23 -22.45
C VAL G 190 -25.53 -32.29 -21.48
N ILE G 191 -24.93 -33.47 -21.35
CA ILE G 191 -23.80 -33.71 -20.46
C ILE G 191 -22.70 -34.43 -21.23
N TYR G 192 -21.51 -34.41 -20.66
CA TYR G 192 -20.40 -35.22 -21.16
C TYR G 192 -19.70 -35.88 -19.99
N ILE G 193 -19.33 -37.15 -20.16
CA ILE G 193 -18.66 -37.93 -19.14
C ILE G 193 -17.27 -38.30 -19.66
N GLU G 194 -16.26 -38.05 -18.84
CA GLU G 194 -14.87 -38.33 -19.21
C GLU G 194 -14.45 -39.68 -18.66
N ALA G 195 -13.95 -40.55 -19.54
CA ALA G 195 -13.54 -41.88 -19.13
C ALA G 195 -12.36 -41.82 -18.17
N ASN G 196 -11.36 -40.98 -18.48
CA ASN G 196 -10.13 -40.93 -17.70
C ASN G 196 -10.34 -40.40 -16.28
N SER G 197 -11.49 -39.80 -15.99
CA SER G 197 -11.78 -39.25 -14.68
C SER G 197 -13.04 -39.77 -14.04
N GLY G 198 -13.99 -40.26 -14.83
CA GLY G 198 -15.25 -40.73 -14.26
C GLY G 198 -16.07 -39.62 -13.62
N ALA G 199 -16.16 -38.47 -14.28
CA ALA G 199 -16.91 -37.34 -13.77
C ALA G 199 -17.93 -36.90 -14.79
N VAL G 200 -19.07 -36.41 -14.31
CA VAL G 200 -20.17 -35.95 -15.14
C VAL G 200 -20.19 -34.43 -15.11
N LYS G 201 -20.21 -33.82 -16.29
CA LYS G 201 -20.27 -32.37 -16.39
C LYS G 201 -21.44 -32.00 -17.27
N ARG G 202 -22.31 -31.13 -16.77
CA ARG G 202 -23.52 -30.73 -17.47
C ARG G 202 -23.23 -29.49 -18.30
N GLN G 203 -23.13 -29.66 -19.61
CA GLN G 203 -22.89 -28.53 -20.50
C GLN G 203 -24.21 -27.95 -21.03
N GLY G 204 -25.12 -27.64 -20.10
CA GLY G 204 -26.37 -26.98 -20.46
C GLY G 204 -27.48 -27.94 -20.81
N ARG G 205 -28.61 -27.36 -21.17
CA ARG G 205 -29.79 -28.10 -21.59
C ARG G 205 -29.93 -28.04 -23.10
N CYS G 206 -30.56 -29.06 -23.67
CA CYS G 206 -30.73 -29.13 -25.12
C CYS G 206 -31.57 -27.97 -25.64
N ASP G 207 -31.24 -27.53 -26.85
CA ASP G 207 -31.91 -26.39 -27.45
C ASP G 207 -33.29 -26.75 -27.98
N THR G 208 -33.57 -28.04 -28.18
CA THR G 208 -34.87 -28.46 -28.67
C THR G 208 -35.98 -28.19 -27.66
N TYR G 209 -35.63 -27.99 -26.40
CA TYR G 209 -36.59 -27.69 -25.35
C TYR G 209 -36.67 -26.20 -25.04
N ALA G 210 -36.05 -25.36 -25.86
CA ALA G 210 -36.07 -23.91 -25.65
C ALA G 210 -37.10 -23.26 -26.56
N THR G 211 -37.82 -22.30 -26.01
CA THR G 211 -38.80 -21.53 -26.74
C THR G 211 -38.25 -20.15 -27.08
N GLU G 212 -38.89 -19.49 -28.04
CA GLU G 212 -38.45 -18.17 -28.45
C GLU G 212 -38.65 -17.13 -27.35
N PHE G 213 -39.46 -17.45 -26.34
CA PHE G 213 -39.75 -16.52 -25.26
C PHE G 213 -38.82 -16.68 -24.07
N ASP G 214 -37.86 -17.58 -24.13
CA ASP G 214 -36.89 -17.73 -23.06
C ASP G 214 -35.78 -16.71 -23.21
N LEU G 215 -35.15 -16.36 -22.09
CA LEU G 215 -34.13 -15.33 -22.09
C LEU G 215 -32.78 -15.83 -21.60
N GLU G 216 -32.67 -17.11 -21.27
CA GLU G 216 -31.39 -17.66 -20.83
C GLU G 216 -30.37 -17.59 -21.96
N ALA G 217 -29.10 -17.40 -21.59
CA ALA G 217 -28.03 -17.22 -22.56
C ALA G 217 -27.17 -18.47 -22.69
N GLU G 218 -26.60 -18.95 -21.60
CA GLU G 218 -25.69 -20.08 -21.61
C GLU G 218 -26.34 -21.36 -21.12
N GLU G 219 -27.67 -21.38 -21.03
CA GLU G 219 -28.37 -22.55 -20.52
C GLU G 219 -28.70 -23.53 -21.63
N TYR G 220 -29.09 -23.03 -22.81
CA TYR G 220 -29.52 -23.87 -23.91
C TYR G 220 -28.39 -24.06 -24.89
N VAL G 221 -28.08 -25.31 -25.21
CA VAL G 221 -26.98 -25.66 -26.09
C VAL G 221 -27.48 -26.57 -27.20
N PRO G 222 -26.87 -26.56 -28.37
CA PRO G 222 -27.31 -27.47 -29.45
C PRO G 222 -27.02 -28.91 -29.10
N LEU G 223 -27.83 -29.80 -29.68
CA LEU G 223 -27.61 -31.23 -29.50
C LEU G 223 -26.27 -31.62 -30.12
N PRO G 224 -25.43 -32.37 -29.40
CA PRO G 224 -24.10 -32.68 -29.92
C PRO G 224 -24.17 -33.42 -31.25
N LYS G 225 -23.28 -33.03 -32.16
CA LYS G 225 -23.11 -33.72 -33.43
C LYS G 225 -22.22 -34.94 -33.26
N GLY G 226 -22.15 -35.75 -34.31
CA GLY G 226 -21.26 -36.89 -34.28
C GLY G 226 -21.74 -37.99 -33.36
N ASP G 227 -20.81 -38.89 -33.04
CA ASP G 227 -21.11 -40.09 -32.28
C ASP G 227 -21.12 -39.79 -30.78
N VAL G 228 -21.80 -40.65 -30.03
CA VAL G 228 -21.85 -40.51 -28.58
C VAL G 228 -20.46 -40.65 -27.98
N HIS G 229 -19.70 -41.63 -28.44
CA HIS G 229 -18.35 -41.89 -27.95
C HIS G 229 -17.36 -41.18 -28.87
N LYS G 230 -16.75 -40.10 -28.39
CA LYS G 230 -15.75 -39.36 -29.14
C LYS G 230 -14.40 -39.53 -28.47
N LYS G 231 -13.41 -39.99 -29.23
CA LYS G 231 -12.03 -40.07 -28.76
C LYS G 231 -11.10 -39.52 -29.83
N LYS G 232 -10.11 -38.76 -29.40
CA LYS G 232 -9.14 -38.14 -30.30
C LYS G 232 -7.79 -38.10 -29.60
N GLU G 233 -6.74 -37.98 -30.40
CA GLU G 233 -5.39 -37.84 -29.89
C GLU G 233 -5.03 -36.37 -29.85
N ILE G 234 -4.72 -35.87 -28.66
CA ILE G 234 -4.39 -34.47 -28.46
C ILE G 234 -2.88 -34.33 -28.39
N ILE G 235 -2.31 -33.56 -29.31
CA ILE G 235 -0.89 -33.24 -29.33
C ILE G 235 -0.72 -31.81 -28.86
N GLN G 236 -0.02 -31.61 -27.76
CA GLN G 236 0.23 -30.30 -27.20
C GLN G 236 1.72 -30.03 -27.16
N ASP G 237 2.14 -28.91 -27.75
CA ASP G 237 3.54 -28.52 -27.78
C ASP G 237 3.75 -27.43 -26.74
N VAL G 238 4.65 -27.69 -25.79
CA VAL G 238 4.99 -26.74 -24.74
C VAL G 238 6.51 -26.64 -24.65
N THR G 239 6.97 -25.57 -24.01
CA THR G 239 8.38 -25.37 -23.73
C THR G 239 8.60 -25.42 -22.22
N LEU G 240 9.84 -25.70 -21.84
CA LEU G 240 10.19 -25.72 -20.42
C LEU G 240 9.95 -24.37 -19.76
N HIS G 241 10.16 -23.29 -20.51
CA HIS G 241 9.89 -21.96 -19.95
C HIS G 241 8.41 -21.75 -19.68
N ASP G 242 7.54 -22.32 -20.52
CA ASP G 242 6.11 -22.21 -20.28
C ASP G 242 5.74 -22.85 -18.94
N LEU G 243 6.21 -24.06 -18.70
CA LEU G 243 5.94 -24.73 -17.42
C LEU G 243 6.56 -23.97 -16.26
N ASP G 244 7.78 -23.47 -16.44
CA ASP G 244 8.45 -22.72 -15.39
C ASP G 244 7.63 -21.50 -15.00
N VAL G 245 7.16 -20.75 -15.99
CA VAL G 245 6.42 -19.53 -15.70
C VAL G 245 5.06 -19.87 -15.10
N ALA G 246 4.40 -20.91 -15.62
CA ALA G 246 3.11 -21.30 -15.07
C ALA G 246 3.20 -21.78 -13.63
N ASN G 247 4.35 -22.32 -13.24
CA ASN G 247 4.53 -22.76 -11.87
C ASN G 247 5.05 -21.66 -10.95
N ALA G 248 5.79 -20.69 -11.49
CA ALA G 248 6.33 -19.63 -10.65
C ALA G 248 5.25 -18.63 -10.26
N ARG G 249 4.37 -18.27 -11.20
CA ARG G 249 3.28 -17.33 -10.97
C ARG G 249 1.98 -17.99 -11.40
N PRO G 250 1.45 -18.91 -10.61
CA PRO G 250 0.28 -19.67 -11.05
C PRO G 250 -0.96 -18.80 -11.13
N GLN G 251 -1.82 -19.12 -12.09
CA GLN G 251 -3.06 -18.40 -12.34
C GLN G 251 -4.23 -19.36 -12.25
N GLY G 252 -5.26 -18.98 -11.51
CA GLY G 252 -6.48 -19.76 -11.41
C GLY G 252 -6.85 -20.17 -10.00
N GLY G 253 -5.98 -19.96 -9.02
CA GLY G 253 -6.31 -20.29 -7.65
C GLY G 253 -7.35 -19.36 -7.06
N GLN G 254 -7.99 -19.85 -6.00
CA GLN G 254 -9.00 -19.08 -5.29
C GLN G 254 -8.53 -18.62 -3.91
N ASP G 255 -7.25 -18.79 -3.61
CA ASP G 255 -6.71 -18.35 -2.32
C ASP G 255 -6.34 -16.86 -2.40
N ILE G 256 -5.88 -16.32 -1.26
CA ILE G 256 -5.59 -14.89 -1.21
C ILE G 256 -4.37 -14.57 -2.06
N LEU G 257 -3.46 -15.52 -2.22
CA LEU G 257 -2.25 -15.27 -3.00
C LEU G 257 -2.56 -15.12 -4.48
N SER G 258 -3.48 -15.94 -5.01
CA SER G 258 -3.89 -15.79 -6.40
C SER G 258 -4.61 -14.45 -6.62
N MET G 259 -5.43 -14.04 -5.65
CA MET G 259 -6.07 -12.74 -5.75
C MET G 259 -5.04 -11.62 -5.77
N MET G 260 -4.00 -11.73 -4.92
CA MET G 260 -2.93 -10.75 -4.94
C MET G 260 -2.20 -10.73 -6.27
N GLY G 261 -1.93 -11.92 -6.82
CA GLY G 261 -1.27 -11.99 -8.12
C GLY G 261 -2.08 -11.32 -9.21
N GLN G 262 -3.40 -11.55 -9.20
CA GLN G 262 -4.26 -10.87 -10.17
C GLN G 262 -4.26 -9.37 -9.95
N LEU G 263 -4.33 -8.92 -8.70
CA LEU G 263 -4.36 -7.49 -8.42
C LEU G 263 -3.04 -6.82 -8.78
N MET G 264 -1.93 -7.36 -8.30
CA MET G 264 -0.63 -6.73 -8.50
C MET G 264 -0.22 -6.79 -9.97
N LYS G 265 0.62 -5.84 -10.35
CA LYS G 265 1.14 -5.81 -11.71
C LYS G 265 2.01 -7.03 -11.96
N PRO G 266 1.83 -7.74 -13.08
CA PRO G 266 2.68 -8.90 -13.35
C PRO G 266 4.13 -8.48 -13.49
N LYS G 267 5.03 -9.34 -13.03
CA LYS G 267 6.46 -9.03 -13.05
C LYS G 267 7.25 -10.32 -13.21
N LYS G 268 8.19 -10.32 -14.15
CA LYS G 268 9.09 -11.45 -14.30
C LYS G 268 9.94 -11.61 -13.05
N THR G 269 10.12 -12.86 -12.62
CA THR G 269 10.89 -13.14 -11.41
C THR G 269 12.03 -14.08 -11.72
N GLU G 270 12.98 -14.14 -10.80
CA GLU G 270 14.16 -14.99 -10.90
C GLU G 270 13.77 -16.39 -10.44
N ILE G 271 13.39 -17.23 -11.40
CA ILE G 271 12.97 -18.59 -11.08
C ILE G 271 14.13 -19.36 -10.48
N THR G 272 13.86 -20.07 -9.40
CA THR G 272 14.91 -20.74 -8.65
C THR G 272 15.27 -22.07 -9.30
N ASP G 273 16.46 -22.56 -8.98
CA ASP G 273 16.89 -23.87 -9.46
C ASP G 273 16.05 -24.99 -8.90
N LYS G 274 15.40 -24.80 -7.76
CA LYS G 274 14.53 -25.83 -7.21
C LYS G 274 13.34 -26.09 -8.12
N LEU G 275 12.66 -25.02 -8.56
CA LEU G 275 11.53 -25.19 -9.45
C LEU G 275 11.95 -25.79 -10.78
N ARG G 276 13.10 -25.36 -11.29
CA ARG G 276 13.57 -25.90 -12.56
C ARG G 276 13.93 -27.37 -12.45
N GLY G 277 14.52 -27.77 -11.32
CA GLY G 277 14.79 -29.18 -11.11
C GLY G 277 13.52 -29.99 -11.00
N GLU G 278 12.49 -29.44 -10.34
CA GLU G 278 11.21 -30.13 -10.28
C GLU G 278 10.60 -30.28 -11.67
N ILE G 279 10.68 -29.22 -12.49
CA ILE G 279 10.17 -29.29 -13.84
C ILE G 279 10.92 -30.35 -14.65
N ASN G 280 12.24 -30.41 -14.47
CA ASN G 280 13.03 -31.41 -15.17
C ASN G 280 12.63 -32.82 -14.74
N LYS G 281 12.37 -33.01 -13.46
CA LYS G 281 11.94 -34.33 -12.97
C LYS G 281 10.59 -34.71 -13.57
N VAL G 282 9.66 -33.75 -13.63
CA VAL G 282 8.35 -34.04 -14.21
C VAL G 282 8.47 -34.38 -15.68
N VAL G 283 9.34 -33.65 -16.40
CA VAL G 283 9.52 -33.91 -17.82
C VAL G 283 10.13 -35.29 -18.04
N ASN G 284 11.11 -35.65 -17.22
CA ASN G 284 11.70 -36.99 -17.33
C ASN G 284 10.67 -38.07 -17.03
N LYS G 285 9.83 -37.86 -16.02
CA LYS G 285 8.79 -38.83 -15.71
C LYS G 285 7.83 -38.99 -16.89
N TYR G 286 7.43 -37.87 -17.50
CA TYR G 286 6.53 -37.95 -18.65
C TYR G 286 7.19 -38.67 -19.82
N ILE G 287 8.48 -38.39 -20.06
CA ILE G 287 9.18 -39.03 -21.16
C ILE G 287 9.26 -40.53 -20.92
N ASP G 288 9.58 -40.94 -19.70
CA ASP G 288 9.64 -42.37 -19.39
C ASP G 288 8.27 -43.02 -19.52
N GLN G 289 7.22 -42.32 -19.11
CA GLN G 289 5.87 -42.89 -19.22
C GLN G 289 5.40 -42.98 -20.66
N GLY G 290 6.07 -42.29 -21.59
CA GLY G 290 5.62 -42.26 -22.97
C GLY G 290 4.61 -41.17 -23.28
N ILE G 291 4.24 -40.35 -22.30
CA ILE G 291 3.27 -39.28 -22.54
C ILE G 291 3.88 -38.20 -23.42
N ALA G 292 5.14 -37.84 -23.17
CA ALA G 292 5.75 -36.68 -23.80
C ALA G 292 7.01 -37.08 -24.54
N GLU G 293 7.37 -36.28 -25.54
CA GLU G 293 8.59 -36.45 -26.30
C GLU G 293 9.35 -35.13 -26.34
N LEU G 294 10.62 -35.17 -25.96
CA LEU G 294 11.43 -33.95 -25.88
C LEU G 294 11.83 -33.49 -27.28
N VAL G 295 11.70 -32.18 -27.51
CA VAL G 295 12.04 -31.58 -28.79
C VAL G 295 13.08 -30.49 -28.56
N PRO G 296 14.36 -30.83 -28.49
CA PRO G 296 15.39 -29.79 -28.30
C PRO G 296 15.53 -28.93 -29.54
N GLY G 297 15.39 -27.61 -29.36
CA GLY G 297 15.47 -26.69 -30.47
C GLY G 297 16.72 -25.84 -30.50
N VAL G 298 16.59 -24.62 -31.01
CA VAL G 298 17.72 -23.73 -31.24
C VAL G 298 17.45 -22.39 -30.57
N LEU G 299 18.46 -21.83 -29.94
CA LEU G 299 18.43 -20.45 -29.47
C LEU G 299 19.32 -19.60 -30.36
N PHE G 300 18.72 -18.64 -31.06
CA PHE G 300 19.46 -17.72 -31.93
C PHE G 300 19.63 -16.40 -31.21
N VAL G 301 20.88 -16.04 -30.92
CA VAL G 301 21.17 -14.78 -30.24
C VAL G 301 21.86 -13.86 -31.24
N ASP G 302 21.07 -13.03 -31.92
CA ASP G 302 21.62 -12.08 -32.87
C ASP G 302 22.22 -10.89 -32.13
N GLU G 303 23.23 -10.28 -32.74
CA GLU G 303 23.96 -9.16 -32.14
C GLU G 303 24.50 -9.55 -30.78
N VAL G 304 25.23 -10.66 -30.74
CA VAL G 304 25.80 -11.18 -29.51
C VAL G 304 26.77 -10.17 -28.89
N HIS G 305 27.38 -9.32 -29.71
CA HIS G 305 28.34 -8.34 -29.22
C HIS G 305 27.72 -7.36 -28.23
N MET G 306 26.40 -7.22 -28.22
CA MET G 306 25.75 -6.34 -27.27
C MET G 306 25.66 -6.95 -25.87
N LEU G 307 25.93 -8.23 -25.72
CA LEU G 307 26.06 -8.81 -24.39
C LEU G 307 27.29 -8.25 -23.68
N ASP G 308 27.18 -8.12 -22.36
CA ASP G 308 28.30 -7.63 -21.58
C ASP G 308 29.12 -8.81 -21.06
N ILE G 309 30.17 -8.50 -20.30
CA ILE G 309 31.09 -9.53 -19.83
C ILE G 309 30.39 -10.50 -18.89
N GLU G 310 29.42 -10.02 -18.10
CA GLU G 310 28.69 -10.90 -17.21
C GLU G 310 27.89 -11.94 -17.98
N CYS G 311 27.20 -11.51 -19.04
CA CYS G 311 26.45 -12.45 -19.86
C CYS G 311 27.36 -13.47 -20.53
N PHE G 312 28.48 -13.01 -21.07
CA PHE G 312 29.42 -13.92 -21.71
C PHE G 312 29.95 -14.94 -20.71
N THR G 313 30.28 -14.48 -19.51
CA THR G 313 30.78 -15.39 -18.48
C THR G 313 29.72 -16.41 -18.09
N TYR G 314 28.47 -15.97 -17.94
CA TYR G 314 27.42 -16.92 -17.62
C TYR G 314 27.19 -17.92 -18.74
N LEU G 315 27.42 -17.50 -19.99
CA LEU G 315 27.19 -18.41 -21.11
C LEU G 315 28.09 -19.63 -21.06
N HIS G 316 29.26 -19.53 -20.43
CA HIS G 316 30.12 -20.71 -20.31
C HIS G 316 29.42 -21.81 -19.53
N ARG G 317 28.94 -21.49 -18.34
CA ARG G 317 28.20 -22.46 -17.54
C ARG G 317 26.89 -22.85 -18.21
N ALA G 318 26.25 -21.90 -18.89
CA ALA G 318 24.98 -22.21 -19.55
C ALA G 318 25.18 -23.26 -20.64
N LEU G 319 26.24 -23.12 -21.43
CA LEU G 319 26.51 -24.06 -22.51
C LEU G 319 27.07 -25.37 -21.99
N GLU G 320 27.79 -25.36 -20.86
CA GLU G 320 28.31 -26.59 -20.31
C GLU G 320 27.24 -27.49 -19.73
N SER G 321 26.01 -27.02 -19.61
CA SER G 321 24.94 -27.83 -19.04
C SER G 321 24.50 -28.91 -20.02
N SER G 322 23.92 -29.97 -19.46
CA SER G 322 23.42 -31.09 -20.26
C SER G 322 21.98 -30.90 -20.70
N ILE G 323 21.33 -29.81 -20.28
CA ILE G 323 19.97 -29.51 -20.70
C ILE G 323 19.91 -28.38 -21.72
N ALA G 324 21.02 -27.71 -21.98
CA ALA G 324 21.01 -26.54 -22.84
C ALA G 324 20.70 -26.91 -24.28
N PRO G 325 20.08 -26.01 -25.03
CA PRO G 325 19.85 -26.23 -26.46
C PRO G 325 21.13 -25.96 -27.25
N ILE G 326 21.01 -26.04 -28.56
CA ILE G 326 22.08 -25.65 -29.47
C ILE G 326 21.92 -24.17 -29.77
N VAL G 327 22.93 -23.39 -29.44
CA VAL G 327 22.87 -21.93 -29.53
C VAL G 327 23.61 -21.47 -30.77
N ILE G 328 23.00 -20.58 -31.52
CA ILE G 328 23.63 -19.97 -32.70
C ILE G 328 23.84 -18.50 -32.41
N PHE G 329 25.09 -18.07 -32.48
CA PHE G 329 25.45 -16.66 -32.33
C PHE G 329 25.68 -16.02 -33.69
N ALA G 330 25.76 -14.70 -33.69
CA ALA G 330 26.02 -13.94 -34.90
C ALA G 330 26.64 -12.61 -34.52
N SER G 331 27.76 -12.26 -35.15
CA SER G 331 28.44 -11.01 -34.85
C SER G 331 29.12 -10.51 -36.10
N ASN G 332 28.92 -9.22 -36.41
CA ASN G 332 29.57 -8.56 -37.53
C ASN G 332 30.67 -7.61 -37.08
N ARG G 333 31.13 -7.74 -35.84
CA ARG G 333 32.14 -6.87 -35.29
C ARG G 333 33.53 -7.40 -35.61
N GLY G 334 34.50 -6.48 -35.64
CA GLY G 334 35.90 -6.84 -35.72
C GLY G 334 36.52 -6.88 -34.34
N ASN G 335 37.77 -6.41 -34.26
CA ASN G 335 38.49 -6.44 -32.99
C ASN G 335 37.96 -5.36 -32.05
N CYS G 336 36.74 -5.55 -31.55
CA CYS G 336 36.07 -4.53 -30.77
C CYS G 336 36.29 -4.74 -29.28
N VAL G 337 35.89 -3.75 -28.50
CA VAL G 337 36.06 -3.78 -27.05
C VAL G 337 34.83 -4.43 -26.44
N ILE G 338 35.06 -5.42 -25.57
CA ILE G 338 33.95 -6.11 -24.92
C ILE G 338 33.22 -5.15 -24.01
N ARG G 339 31.89 -5.18 -24.08
CA ARG G 339 31.08 -4.32 -23.23
C ARG G 339 31.20 -4.76 -21.78
N GLY G 340 31.22 -3.79 -20.87
CA GLY G 340 31.40 -4.06 -19.46
C GLY G 340 32.84 -4.14 -19.01
N THR G 341 33.78 -4.13 -19.95
CA THR G 341 35.21 -4.15 -19.63
C THR G 341 35.85 -2.86 -20.10
N GLU G 342 36.96 -2.51 -19.46
CA GLU G 342 37.71 -1.31 -19.80
C GLU G 342 38.91 -1.69 -20.65
N ASP G 343 38.82 -1.40 -21.95
CA ASP G 343 39.92 -1.58 -22.89
C ASP G 343 40.40 -3.03 -22.93
N ILE G 344 39.47 -3.94 -23.17
CA ILE G 344 39.78 -5.32 -23.50
C ILE G 344 39.16 -5.62 -24.86
N THR G 345 40.02 -5.97 -25.82
CA THR G 345 39.61 -6.16 -27.19
C THR G 345 39.65 -7.65 -27.54
N SER G 346 38.61 -8.11 -28.22
CA SER G 346 38.49 -9.50 -28.62
C SER G 346 38.02 -9.56 -30.06
N PRO G 347 38.32 -10.67 -30.77
CA PRO G 347 38.15 -10.67 -32.23
C PRO G 347 36.74 -10.41 -32.71
N HIS G 348 35.70 -10.81 -31.99
CA HIS G 348 34.34 -10.52 -32.43
C HIS G 348 33.53 -9.79 -31.38
N GLY G 349 34.20 -9.06 -30.48
CA GLY G 349 33.50 -8.53 -29.33
C GLY G 349 33.17 -9.58 -28.30
N ILE G 350 33.71 -10.79 -28.44
CA ILE G 350 33.38 -11.92 -27.60
C ILE G 350 34.67 -12.37 -26.93
N PRO G 351 34.70 -12.55 -25.61
CA PRO G 351 35.94 -13.01 -24.96
C PRO G 351 36.40 -14.34 -25.51
N LEU G 352 37.72 -14.54 -25.49
CA LEU G 352 38.32 -15.73 -26.09
C LEU G 352 37.89 -17.01 -25.38
N ASP G 353 37.47 -16.91 -24.12
CA ASP G 353 36.98 -18.09 -23.41
C ASP G 353 35.70 -18.61 -24.06
N LEU G 354 34.82 -17.71 -24.46
CA LEU G 354 33.60 -18.15 -25.13
C LEU G 354 33.86 -18.54 -26.58
N LEU G 355 34.85 -17.92 -27.21
CA LEU G 355 35.21 -18.31 -28.57
C LEU G 355 35.82 -19.70 -28.61
N ASP G 356 36.41 -20.14 -27.50
CA ASP G 356 36.93 -21.49 -27.44
C ASP G 356 35.81 -22.53 -27.39
N ARG G 357 34.58 -22.11 -27.06
CA ARG G 357 33.45 -23.02 -26.91
C ARG G 357 32.53 -23.02 -28.12
N VAL G 358 32.87 -22.30 -29.19
CA VAL G 358 31.99 -22.17 -30.33
C VAL G 358 32.69 -22.67 -31.58
N MET G 359 31.89 -23.07 -32.56
CA MET G 359 32.38 -23.34 -33.90
C MET G 359 32.01 -22.16 -34.78
N ILE G 360 33.01 -21.59 -35.44
CA ILE G 360 32.83 -20.35 -36.18
C ILE G 360 32.55 -20.67 -37.64
N ILE G 361 31.44 -20.13 -38.15
CA ILE G 361 31.06 -20.25 -39.55
C ILE G 361 31.29 -18.89 -40.19
N ARG G 362 32.10 -18.85 -41.24
CA ARG G 362 32.48 -17.61 -41.88
C ARG G 362 31.57 -17.34 -43.07
N THR G 363 31.04 -16.12 -43.14
CA THR G 363 30.25 -15.68 -44.27
C THR G 363 31.07 -14.65 -45.05
N MET G 364 31.15 -14.85 -46.36
CA MET G 364 31.97 -14.00 -47.22
C MET G 364 31.11 -12.95 -47.91
N LEU G 365 31.79 -12.00 -48.55
CA LEU G 365 31.10 -10.99 -49.33
C LEU G 365 30.61 -11.58 -50.64
N TYR G 366 29.66 -10.86 -51.25
CA TYR G 366 28.98 -11.33 -52.45
C TYR G 366 29.59 -10.71 -53.69
N THR G 367 29.78 -11.53 -54.73
CA THR G 367 30.20 -11.04 -56.03
C THR G 367 29.06 -10.26 -56.68
N PRO G 368 29.37 -9.40 -57.66
CA PRO G 368 28.28 -8.65 -58.31
C PRO G 368 27.19 -9.53 -58.91
N GLN G 369 27.56 -10.69 -59.45
CA GLN G 369 26.55 -11.58 -60.01
C GLN G 369 25.62 -12.10 -58.92
N GLU G 370 26.17 -12.47 -57.77
CA GLU G 370 25.34 -12.92 -56.65
C GLU G 370 24.44 -11.80 -56.15
N MET G 371 24.95 -10.56 -56.13
CA MET G 371 24.10 -9.44 -55.74
C MET G 371 22.95 -9.27 -56.71
N LYS G 372 23.22 -9.39 -58.01
CA LYS G 372 22.18 -9.29 -59.01
C LYS G 372 21.14 -10.40 -58.84
N GLN G 373 21.61 -11.62 -58.54
CA GLN G 373 20.68 -12.73 -58.31
C GLN G 373 19.80 -12.47 -57.10
N ILE G 374 20.38 -11.95 -56.01
CA ILE G 374 19.59 -11.68 -54.82
C ILE G 374 18.57 -10.58 -55.08
N ILE G 375 18.97 -9.57 -55.84
CA ILE G 375 18.04 -8.50 -56.19
C ILE G 375 16.88 -9.06 -57.03
N LYS G 376 17.19 -9.92 -57.98
CA LYS G 376 16.13 -10.52 -58.80
C LYS G 376 15.19 -11.35 -57.95
N ILE G 377 15.73 -12.13 -57.00
CA ILE G 377 14.89 -12.92 -56.12
C ILE G 377 14.00 -12.02 -55.27
N ARG G 378 14.56 -10.95 -54.73
CA ARG G 378 13.79 -10.03 -53.91
C ARG G 378 12.69 -9.35 -54.73
N ALA G 379 12.99 -9.00 -55.98
CA ALA G 379 11.97 -8.42 -56.84
C ALA G 379 10.85 -9.41 -57.11
N GLN G 380 11.20 -10.69 -57.31
CA GLN G 380 10.16 -11.70 -57.48
C GLN G 380 9.32 -11.82 -56.23
N THR G 381 9.95 -11.78 -55.06
CA THR G 381 9.20 -11.91 -53.81
C THR G 381 8.27 -10.72 -53.60
N GLU G 382 8.73 -9.52 -53.93
CA GLU G 382 7.93 -8.32 -53.75
C GLU G 382 6.91 -8.10 -54.85
N GLY G 383 6.80 -9.03 -55.80
CA GLY G 383 5.87 -8.86 -56.90
C GLY G 383 6.23 -7.72 -57.83
N ILE G 384 7.50 -7.61 -58.19
CA ILE G 384 8.01 -6.49 -58.98
C ILE G 384 8.64 -7.04 -60.24
N ASN G 385 8.21 -6.54 -61.39
CA ASN G 385 8.80 -6.89 -62.67
C ASN G 385 9.87 -5.85 -63.00
N ILE G 386 11.10 -6.30 -63.22
CA ILE G 386 12.24 -5.42 -63.44
C ILE G 386 12.90 -5.80 -64.76
N SER G 387 13.21 -4.80 -65.57
CA SER G 387 13.85 -5.06 -66.85
C SER G 387 15.32 -5.42 -66.65
N GLU G 388 15.91 -6.02 -67.68
CA GLU G 388 17.30 -6.44 -67.61
C GLU G 388 18.24 -5.26 -67.41
N GLU G 389 17.99 -4.16 -68.14
CA GLU G 389 18.84 -2.99 -68.00
C GLU G 389 18.69 -2.36 -66.62
N ALA G 390 17.46 -2.29 -66.10
CA ALA G 390 17.25 -1.77 -64.76
C ALA G 390 17.91 -2.66 -63.73
N LEU G 391 17.82 -3.97 -63.90
CA LEU G 391 18.47 -4.90 -62.97
C LEU G 391 19.98 -4.72 -62.99
N ASN G 392 20.57 -4.56 -64.18
CA ASN G 392 22.01 -4.36 -64.27
C ASN G 392 22.43 -3.04 -63.64
N HIS G 393 21.65 -1.98 -63.86
CA HIS G 393 21.97 -0.70 -63.24
C HIS G 393 21.87 -0.79 -61.73
N LEU G 394 20.86 -1.50 -61.22
CA LEU G 394 20.72 -1.63 -59.77
C LEU G 394 21.83 -2.49 -59.19
N GLY G 395 22.28 -3.51 -59.92
CA GLY G 395 23.44 -4.26 -59.48
C GLY G 395 24.72 -3.44 -59.48
N GLU G 396 24.88 -2.56 -60.46
CA GLU G 396 26.01 -1.65 -60.46
C GLU G 396 25.94 -0.69 -59.27
N ILE G 397 24.74 -0.22 -58.95
CA ILE G 397 24.54 0.58 -57.76
C ILE G 397 24.92 -0.21 -56.52
N GLY G 398 24.64 -1.53 -56.53
CA GLY G 398 25.00 -2.40 -55.44
C GLY G 398 26.48 -2.73 -55.37
N THR G 399 27.21 -2.58 -56.46
CA THR G 399 28.66 -2.77 -56.41
C THR G 399 29.30 -1.69 -55.56
N LYS G 400 28.98 -0.43 -55.83
CA LYS G 400 29.17 0.62 -54.83
C LYS G 400 28.06 0.51 -53.79
N THR G 401 28.03 1.46 -52.86
CA THR G 401 27.04 1.46 -51.77
C THR G 401 27.02 0.05 -51.15
N THR G 402 25.86 -0.58 -51.00
CA THR G 402 25.77 -1.90 -50.41
C THR G 402 24.66 -2.67 -51.11
N LEU G 403 24.47 -3.92 -50.71
CA LEU G 403 23.39 -4.73 -51.25
C LEU G 403 22.03 -4.32 -50.69
N ARG G 404 22.01 -3.92 -49.42
CA ARG G 404 20.76 -3.53 -48.79
C ARG G 404 20.17 -2.30 -49.45
N TYR G 405 21.02 -1.35 -49.85
CA TYR G 405 20.53 -0.17 -50.55
C TYR G 405 19.87 -0.56 -51.87
N SER G 406 20.48 -1.50 -52.58
CA SER G 406 19.92 -1.90 -53.87
C SER G 406 18.60 -2.63 -53.69
N VAL G 407 18.53 -3.53 -52.71
CA VAL G 407 17.28 -4.25 -52.52
C VAL G 407 16.21 -3.35 -51.93
N GLN G 408 16.60 -2.22 -51.33
CA GLN G 408 15.63 -1.28 -50.80
C GLN G 408 15.21 -0.22 -51.80
N LEU G 409 15.87 -0.14 -52.94
CA LEU G 409 15.41 0.78 -53.99
C LEU G 409 14.35 0.16 -54.90
N LEU G 410 14.02 -1.12 -54.72
CA LEU G 410 13.11 -1.78 -55.65
C LEU G 410 11.68 -1.29 -55.50
N THR G 411 11.18 -1.19 -54.27
CA THR G 411 9.79 -0.82 -54.07
C THR G 411 9.53 0.67 -54.32
N PRO G 412 10.42 1.59 -53.93
CA PRO G 412 10.22 2.98 -54.37
C PRO G 412 10.21 3.11 -55.88
N ALA G 413 11.08 2.36 -56.56
CA ALA G 413 11.11 2.42 -58.02
C ALA G 413 9.84 1.83 -58.62
N ASN G 414 9.31 0.76 -58.03
CA ASN G 414 8.06 0.20 -58.51
C ASN G 414 6.91 1.18 -58.33
N LEU G 415 6.86 1.85 -57.17
CA LEU G 415 5.82 2.85 -56.96
C LEU G 415 5.94 4.00 -57.96
N LEU G 416 7.18 4.45 -58.21
CA LEU G 416 7.38 5.55 -59.15
C LEU G 416 6.97 5.14 -60.56
N ALA G 417 7.29 3.90 -60.95
CA ALA G 417 6.86 3.42 -62.26
C ALA G 417 5.34 3.34 -62.35
N LYS G 418 4.69 2.84 -61.30
CA LYS G 418 3.23 2.74 -61.33
C LYS G 418 2.59 4.12 -61.43
N ILE G 419 3.14 5.11 -60.72
CA ILE G 419 2.66 6.47 -60.84
C ILE G 419 2.88 7.00 -62.26
N ASN G 420 4.05 6.72 -62.84
CA ASN G 420 4.33 7.10 -64.21
C ASN G 420 3.49 6.31 -65.20
N GLY G 421 2.84 5.23 -64.78
CA GLY G 421 1.98 4.47 -65.66
C GLY G 421 2.65 3.32 -66.38
N LYS G 422 3.63 2.68 -65.76
CA LYS G 422 4.32 1.55 -66.37
C LYS G 422 4.28 0.37 -65.41
N ASP G 423 4.19 -0.82 -65.98
CA ASP G 423 4.08 -2.04 -65.19
C ASP G 423 5.44 -2.67 -64.89
N SER G 424 6.51 -2.07 -65.35
CA SER G 424 7.86 -2.58 -65.10
C SER G 424 8.76 -1.42 -64.71
N ILE G 425 9.81 -1.74 -63.97
CA ILE G 425 10.83 -0.75 -63.61
C ILE G 425 11.82 -0.61 -64.76
N GLU G 426 11.95 0.60 -65.28
CA GLU G 426 12.97 0.90 -66.27
C GLU G 426 14.18 1.54 -65.59
N LYS G 427 15.22 1.79 -66.39
CA LYS G 427 16.45 2.36 -65.85
C LYS G 427 16.22 3.77 -65.33
N GLU G 428 15.36 4.53 -66.01
CA GLU G 428 15.11 5.92 -65.59
C GLU G 428 14.51 5.98 -64.20
N HIS G 429 13.61 5.03 -63.88
CA HIS G 429 13.02 5.00 -62.55
C HIS G 429 14.09 4.74 -61.48
N VAL G 430 15.01 3.82 -61.75
CA VAL G 430 16.07 3.54 -60.79
C VAL G 430 16.98 4.75 -60.63
N GLU G 431 17.28 5.44 -61.74
CA GLU G 431 18.11 6.64 -61.64
C GLU G 431 17.42 7.73 -60.82
N GLU G 432 16.12 7.93 -61.04
CA GLU G 432 15.40 8.95 -60.28
C GLU G 432 15.35 8.58 -58.80
N ILE G 433 15.14 7.30 -58.49
CA ILE G 433 15.11 6.89 -57.09
C ILE G 433 16.48 7.08 -56.45
N SER G 434 17.54 6.77 -57.18
CA SER G 434 18.88 6.98 -56.66
C SER G 434 19.14 8.46 -56.40
N GLU G 435 18.60 9.33 -57.26
CA GLU G 435 18.72 10.76 -57.02
C GLU G 435 17.94 11.18 -55.79
N LEU G 436 16.77 10.58 -55.56
CA LEU G 436 15.92 11.00 -54.45
C LEU G 436 16.47 10.53 -53.11
N PHE G 437 17.00 9.31 -53.05
CA PHE G 437 17.45 8.72 -51.81
C PHE G 437 18.95 8.52 -51.83
N TYR G 438 19.62 8.87 -50.74
CA TYR G 438 21.05 8.73 -50.60
C TYR G 438 21.41 7.51 -49.79
N ASP G 439 22.59 6.96 -50.06
CA ASP G 439 23.09 5.85 -49.28
C ASP G 439 23.95 6.36 -48.12
N ALA G 440 24.52 5.43 -47.36
CA ALA G 440 25.33 5.80 -46.21
C ALA G 440 26.61 6.52 -46.64
N LYS G 441 27.26 6.06 -47.70
CA LYS G 441 28.54 6.64 -48.09
C LYS G 441 28.37 8.05 -48.64
N SER G 442 27.36 8.26 -49.48
CA SER G 442 27.11 9.60 -50.01
C SER G 442 26.73 10.57 -48.90
N SER G 443 25.90 10.12 -47.97
CA SER G 443 25.53 10.97 -46.84
C SER G 443 26.75 11.30 -45.99
N ALA G 444 27.63 10.31 -45.77
CA ALA G 444 28.84 10.58 -45.00
C ALA G 444 29.72 11.60 -45.71
N LYS G 445 29.83 11.51 -47.04
CA LYS G 445 30.59 12.51 -47.79
C LYS G 445 29.97 13.89 -47.62
N ILE G 446 28.64 13.98 -47.70
CA ILE G 446 27.96 15.26 -47.51
C ILE G 446 28.24 15.81 -46.12
N LEU G 447 28.15 14.95 -45.10
CA LEU G 447 28.38 15.40 -43.73
C LEU G 447 29.80 15.89 -43.54
N ALA G 448 30.78 15.17 -44.10
CA ALA G 448 32.16 15.59 -43.98
C ALA G 448 32.40 16.91 -44.69
N ASP G 449 31.78 17.10 -45.86
CA ASP G 449 31.96 18.34 -46.60
C ASP G 449 31.36 19.54 -45.88
N GLN G 450 30.42 19.33 -44.97
CA GLN G 450 29.73 20.43 -44.29
C GLN G 450 29.69 20.21 -42.79
N GLN G 451 30.81 19.75 -42.21
CA GLN G 451 30.82 19.43 -40.78
C GLN G 451 30.60 20.65 -39.90
N ASP G 452 30.90 21.85 -40.39
CA ASP G 452 30.69 23.05 -39.58
C ASP G 452 29.20 23.36 -39.41
N LYS G 453 28.41 23.12 -40.45
CA LYS G 453 26.99 23.48 -40.41
C LYS G 453 26.15 22.47 -39.64
N TYR G 454 26.65 21.27 -39.39
CA TYR G 454 25.91 20.26 -38.65
C TYR G 454 26.16 20.44 -37.15
N MET G 455 25.51 19.62 -36.35
CA MET G 455 25.55 19.76 -34.90
C MET G 455 26.47 18.71 -34.29
N LYS G 456 27.19 19.11 -33.25
CA LYS G 456 28.08 18.23 -32.47
C LYS G 456 29.25 17.70 -33.30
N VAL H 16 -13.36 31.31 -30.27
CA VAL H 16 -12.81 31.13 -28.94
C VAL H 16 -11.44 30.48 -29.02
N THR H 17 -10.78 30.33 -27.88
CA THR H 17 -9.45 29.73 -27.79
C THR H 17 -9.61 28.26 -27.44
N ARG H 18 -9.37 27.39 -28.42
CA ARG H 18 -9.36 25.96 -28.22
C ARG H 18 -7.99 25.48 -27.76
N ILE H 19 -7.92 24.19 -27.40
CA ILE H 19 -6.69 23.65 -26.84
C ILE H 19 -5.59 23.60 -27.88
N GLU H 20 -5.94 23.51 -29.15
CA GLU H 20 -4.96 23.52 -30.23
C GLU H 20 -4.76 24.95 -30.70
N ARG H 21 -3.55 25.46 -30.56
CA ARG H 21 -3.23 26.84 -30.87
C ARG H 21 -2.06 26.87 -31.86
N ILE H 22 -1.64 28.07 -32.23
CA ILE H 22 -0.62 28.22 -33.27
C ILE H 22 0.71 27.72 -32.72
N GLY H 23 1.23 26.65 -33.29
CA GLY H 23 2.49 26.09 -32.92
C GLY H 23 3.55 26.28 -33.98
N ALA H 24 4.63 25.51 -33.86
CA ALA H 24 5.74 25.63 -34.79
C ALA H 24 5.45 24.99 -36.14
N HIS H 25 4.42 24.16 -36.22
CA HIS H 25 4.08 23.47 -37.45
C HIS H 25 2.58 23.51 -37.71
N SER H 26 1.91 24.54 -37.20
CA SER H 26 0.47 24.67 -37.41
C SER H 26 0.13 25.09 -38.83
N HIS H 27 1.07 25.66 -39.56
CA HIS H 27 0.83 26.11 -40.93
C HIS H 27 0.96 25.01 -41.96
N ILE H 28 1.38 23.83 -41.55
CA ILE H 28 1.64 22.71 -42.46
C ILE H 28 0.41 21.82 -42.50
N ARG H 29 -0.17 21.69 -43.68
CA ARG H 29 -1.34 20.85 -43.87
C ARG H 29 -1.07 19.63 -44.73
N GLY H 30 0.12 19.51 -45.31
CA GLY H 30 0.42 18.42 -46.20
C GLY H 30 1.77 18.63 -46.86
N LEU H 31 2.08 17.72 -47.80
CA LEU H 31 3.35 17.75 -48.50
C LEU H 31 3.31 18.59 -49.77
N GLY H 32 2.15 19.03 -50.21
CA GLY H 32 2.04 19.89 -51.37
C GLY H 32 2.48 19.24 -52.67
N LEU H 33 2.02 18.02 -52.92
CA LEU H 33 2.37 17.31 -54.14
C LEU H 33 1.14 17.18 -55.03
N ASP H 34 1.40 16.98 -56.33
CA ASP H 34 0.35 16.73 -57.29
C ASP H 34 0.13 15.21 -57.43
N ASP H 35 -0.63 14.81 -58.45
CA ASP H 35 -0.89 13.40 -58.69
C ASP H 35 0.37 12.63 -59.12
N ALA H 36 1.36 13.32 -59.66
CA ALA H 36 2.61 12.70 -60.09
C ALA H 36 3.68 12.77 -59.03
N LEU H 37 3.32 13.12 -57.79
CA LEU H 37 4.25 13.32 -56.69
C LEU H 37 5.29 14.39 -56.98
N GLU H 38 4.99 15.30 -57.91
CA GLU H 38 5.87 16.42 -58.16
C GLU H 38 5.55 17.54 -57.19
N PRO H 39 6.51 18.00 -56.37
CA PRO H 39 6.18 19.00 -55.36
C PRO H 39 5.97 20.37 -55.97
N ARG H 40 4.91 21.04 -55.55
CA ARG H 40 4.71 22.43 -55.92
C ARG H 40 5.63 23.32 -55.09
N GLN H 41 5.91 24.51 -55.63
CA GLN H 41 6.84 25.41 -54.96
C GLN H 41 6.31 25.85 -53.60
N ALA H 42 5.01 26.12 -53.51
CA ALA H 42 4.39 26.49 -52.25
C ALA H 42 2.95 25.99 -52.27
N SER H 43 2.72 24.86 -51.61
CA SER H 43 1.39 24.24 -51.58
C SER H 43 1.21 23.55 -50.24
N GLN H 44 0.01 23.68 -49.68
CA GLN H 44 -0.37 23.08 -48.41
C GLN H 44 0.52 23.53 -47.26
N GLY H 45 1.15 24.70 -47.40
CA GLY H 45 1.94 25.27 -46.33
C GLY H 45 3.40 24.92 -46.32
N MET H 46 3.92 24.32 -47.39
CA MET H 46 5.32 23.94 -47.48
C MET H 46 5.99 24.67 -48.63
N VAL H 47 7.20 25.16 -48.38
CA VAL H 47 7.95 25.94 -49.36
C VAL H 47 9.28 25.24 -49.61
N GLY H 48 9.64 25.08 -50.88
CA GLY H 48 10.94 24.52 -51.21
C GLY H 48 11.03 23.07 -50.78
N GLN H 49 12.26 22.63 -50.53
CA GLN H 49 12.56 21.23 -50.22
C GLN H 49 11.91 20.30 -51.23
N LEU H 50 12.11 20.60 -52.51
CA LEU H 50 11.42 19.87 -53.57
C LEU H 50 11.83 18.40 -53.57
N ALA H 51 13.13 18.12 -53.57
CA ALA H 51 13.60 16.75 -53.58
C ALA H 51 13.17 16.01 -52.32
N ALA H 52 13.30 16.66 -51.16
CA ALA H 52 12.92 16.03 -49.91
C ALA H 52 11.41 15.75 -49.88
N ARG H 53 10.61 16.68 -50.38
CA ARG H 53 9.16 16.48 -50.39
C ARG H 53 8.77 15.37 -51.36
N ARG H 54 9.44 15.27 -52.50
CA ARG H 54 9.17 14.17 -53.42
C ARG H 54 9.53 12.83 -52.78
N ALA H 55 10.65 12.77 -52.08
CA ALA H 55 11.02 11.54 -51.37
C ALA H 55 10.00 11.21 -50.30
N ALA H 56 9.53 12.22 -49.57
CA ALA H 56 8.51 11.99 -48.55
C ALA H 56 7.22 11.48 -49.16
N GLY H 57 6.86 11.99 -50.34
CA GLY H 57 5.68 11.49 -51.02
C GLY H 57 5.83 10.05 -51.47
N VAL H 58 7.01 9.69 -51.95
CA VAL H 58 7.25 8.29 -52.31
C VAL H 58 7.11 7.40 -51.09
N VAL H 59 7.69 7.81 -49.96
CA VAL H 59 7.55 7.06 -48.73
C VAL H 59 6.08 6.98 -48.30
N LEU H 60 5.33 8.06 -48.54
CA LEU H 60 3.92 8.07 -48.16
C LEU H 60 3.11 7.09 -49.01
N GLU H 61 3.41 7.01 -50.29
CA GLU H 61 2.77 6.01 -51.13
C GLU H 61 3.13 4.60 -50.67
N MET H 62 4.39 4.40 -50.27
CA MET H 62 4.80 3.11 -49.72
C MET H 62 4.02 2.77 -48.47
N ILE H 63 3.80 3.74 -47.60
CA ILE H 63 3.02 3.52 -46.38
C ILE H 63 1.58 3.17 -46.73
N ARG H 64 0.99 3.92 -47.67
CA ARG H 64 -0.41 3.72 -48.00
C ARG H 64 -0.65 2.36 -48.64
N GLU H 65 0.29 1.88 -49.46
CA GLU H 65 0.12 0.55 -50.04
C GLU H 65 0.12 -0.53 -48.96
N GLY H 66 1.02 -0.41 -47.97
CA GLY H 66 1.03 -1.35 -46.88
C GLY H 66 1.56 -2.73 -47.21
N LYS H 67 2.08 -2.94 -48.42
CA LYS H 67 2.53 -4.28 -48.80
C LYS H 67 3.84 -4.64 -48.13
N ILE H 68 4.79 -3.71 -48.09
CA ILE H 68 6.15 -3.97 -47.63
C ILE H 68 6.28 -3.56 -46.16
N ALA H 69 6.90 -4.41 -45.36
CA ALA H 69 7.00 -4.22 -43.93
C ALA H 69 8.42 -3.84 -43.53
N GLY H 70 8.52 -3.02 -42.47
CA GLY H 70 9.79 -2.68 -41.87
C GLY H 70 10.72 -1.85 -42.74
N ARG H 71 10.20 -0.82 -43.39
CA ARG H 71 11.01 0.06 -44.21
C ARG H 71 11.41 1.28 -43.38
N ALA H 72 12.68 1.65 -43.44
CA ALA H 72 13.23 2.73 -42.63
C ALA H 72 13.71 3.85 -43.53
N VAL H 73 13.34 5.08 -43.17
CA VAL H 73 13.78 6.28 -43.86
C VAL H 73 14.30 7.25 -42.82
N LEU H 74 15.46 7.84 -43.08
CA LEU H 74 16.07 8.83 -42.20
C LEU H 74 16.06 10.19 -42.89
N ILE H 75 15.42 11.17 -42.26
CA ILE H 75 15.45 12.55 -42.74
C ILE H 75 16.62 13.25 -42.05
N ALA H 76 17.68 13.49 -42.79
CA ALA H 76 18.89 14.09 -42.25
C ALA H 76 19.11 15.46 -42.86
N GLY H 77 19.64 16.37 -42.06
CA GLY H 77 19.94 17.70 -42.56
C GLY H 77 20.32 18.63 -41.44
N GLN H 78 20.68 19.85 -41.83
CA GLN H 78 21.05 20.88 -40.88
C GLN H 78 19.82 21.35 -40.10
N PRO H 79 20.04 21.91 -38.91
CA PRO H 79 18.90 22.43 -38.15
C PRO H 79 18.18 23.53 -38.90
N GLY H 80 16.86 23.51 -38.82
CA GLY H 80 16.04 24.50 -39.50
C GLY H 80 15.77 24.22 -40.96
N THR H 81 16.11 23.03 -41.45
CA THR H 81 15.96 22.71 -42.86
C THR H 81 14.66 22.00 -43.20
N GLY H 82 13.77 21.81 -42.22
CA GLY H 82 12.45 21.30 -42.49
C GLY H 82 12.23 19.82 -42.26
N LYS H 83 13.08 19.16 -41.47
CA LYS H 83 12.90 17.73 -41.23
C LYS H 83 11.62 17.45 -40.46
N THR H 84 11.43 18.12 -39.32
CA THR H 84 10.19 17.95 -38.58
C THR H 84 9.01 18.51 -39.35
N ALA H 85 9.25 19.53 -40.17
CA ALA H 85 8.20 20.03 -41.06
C ALA H 85 7.74 18.95 -42.02
N ILE H 86 8.69 18.20 -42.60
CA ILE H 86 8.34 17.13 -43.52
C ILE H 86 7.63 16.00 -42.79
N ALA H 87 8.06 15.69 -41.58
CA ALA H 87 7.39 14.65 -40.81
C ALA H 87 5.95 15.03 -40.49
N MET H 88 5.72 16.28 -40.09
CA MET H 88 4.37 16.73 -39.82
C MET H 88 3.53 16.77 -41.10
N GLY H 89 4.14 17.14 -42.22
CA GLY H 89 3.43 17.08 -43.49
C GLY H 89 3.01 15.67 -43.87
N MET H 90 3.90 14.70 -43.64
CA MET H 90 3.55 13.31 -43.88
C MET H 90 2.41 12.86 -42.98
N ALA H 91 2.47 13.24 -41.70
CA ALA H 91 1.41 12.87 -40.78
C ALA H 91 0.08 13.47 -41.19
N GLN H 92 0.09 14.74 -41.61
CA GLN H 92 -1.14 15.41 -42.03
C GLN H 92 -1.71 14.78 -43.31
N ALA H 93 -0.85 14.53 -44.30
CA ALA H 93 -1.33 13.95 -45.55
C ALA H 93 -1.90 12.56 -45.33
N LEU H 94 -1.25 11.75 -44.50
CA LEU H 94 -1.80 10.48 -44.11
C LEU H 94 -3.04 10.71 -43.26
N GLY H 95 -4.08 9.91 -43.52
CA GLY H 95 -5.32 10.06 -42.81
C GLY H 95 -5.19 9.74 -41.35
N PRO H 96 -6.10 10.27 -40.53
CA PRO H 96 -6.17 9.86 -39.12
C PRO H 96 -6.47 8.38 -38.95
N ASP H 97 -7.00 7.71 -39.98
CA ASP H 97 -7.23 6.28 -39.89
C ASP H 97 -5.92 5.52 -39.73
N THR H 98 -4.89 5.90 -40.48
CA THR H 98 -3.62 5.20 -40.39
C THR H 98 -2.83 5.72 -39.20
N PRO H 99 -2.36 4.83 -38.31
CA PRO H 99 -1.64 5.29 -37.13
C PRO H 99 -0.35 6.02 -37.48
N PHE H 100 -0.02 7.04 -36.69
CA PHE H 100 1.23 7.79 -36.83
C PHE H 100 1.71 8.10 -35.41
N THR H 101 2.59 7.24 -34.90
CA THR H 101 3.18 7.40 -33.56
C THR H 101 4.43 8.25 -33.68
N ALA H 102 4.38 9.46 -33.11
CA ALA H 102 5.51 10.37 -33.11
C ALA H 102 6.10 10.42 -31.70
N ILE H 103 7.33 9.93 -31.56
CA ILE H 103 8.03 9.94 -30.29
C ILE H 103 9.39 10.61 -30.47
N ALA H 104 9.93 11.11 -29.37
CA ALA H 104 11.31 11.58 -29.33
C ALA H 104 12.24 10.47 -28.85
N GLY H 105 13.52 10.62 -29.16
CA GLY H 105 14.49 9.60 -28.81
C GLY H 105 14.64 9.42 -27.31
N SER H 106 14.43 10.48 -26.53
CA SER H 106 14.63 10.42 -25.09
C SER H 106 13.51 9.67 -24.38
N GLU H 107 12.38 9.47 -25.04
CA GLU H 107 11.21 8.89 -24.39
C GLU H 107 11.32 7.39 -24.18
N ILE H 108 12.32 6.73 -24.78
CA ILE H 108 12.48 5.30 -24.58
C ILE H 108 13.24 4.95 -23.31
N PHE H 109 13.84 5.94 -22.65
CA PHE H 109 14.53 5.72 -21.37
C PHE H 109 13.50 5.84 -20.26
N SER H 110 12.95 4.71 -19.86
CA SER H 110 11.87 4.67 -18.88
C SER H 110 12.35 3.95 -17.62
N LEU H 111 11.83 4.39 -16.48
CA LEU H 111 12.10 3.76 -15.20
C LEU H 111 11.27 2.52 -14.95
N GLU H 112 10.30 2.24 -15.82
CA GLU H 112 9.36 1.13 -15.62
C GLU H 112 9.63 -0.05 -16.53
N MET H 113 10.11 0.19 -17.74
CA MET H 113 10.34 -0.85 -18.71
C MET H 113 11.66 -0.59 -19.43
N SER H 114 12.24 -1.65 -19.97
CA SER H 114 13.53 -1.52 -20.61
C SER H 114 13.41 -0.73 -21.91
N LYS H 115 14.58 -0.37 -22.46
CA LYS H 115 14.60 0.38 -23.71
C LYS H 115 14.04 -0.45 -24.85
N THR H 116 14.38 -1.73 -24.89
CA THR H 116 13.86 -2.61 -25.93
C THR H 116 12.34 -2.77 -25.80
N GLU H 117 11.83 -2.84 -24.57
CA GLU H 117 10.40 -2.90 -24.37
C GLU H 117 9.72 -1.62 -24.84
N ALA H 118 10.34 -0.47 -24.56
CA ALA H 118 9.79 0.79 -25.04
C ALA H 118 9.74 0.81 -26.56
N LEU H 119 10.79 0.33 -27.21
CA LEU H 119 10.80 0.32 -28.67
C LEU H 119 9.78 -0.67 -29.23
N THR H 120 9.61 -1.82 -28.58
CA THR H 120 8.58 -2.76 -29.01
C THR H 120 7.19 -2.17 -28.88
N GLN H 121 6.92 -1.49 -27.77
CA GLN H 121 5.62 -0.86 -27.60
C GLN H 121 5.41 0.26 -28.62
N ALA H 122 6.45 1.03 -28.92
CA ALA H 122 6.33 2.05 -29.95
C ALA H 122 6.03 1.43 -31.31
N PHE H 123 6.69 0.30 -31.62
CA PHE H 123 6.43 -0.38 -32.87
C PHE H 123 4.99 -0.86 -32.96
N ARG H 124 4.50 -1.47 -31.88
CA ARG H 124 3.16 -2.03 -31.88
C ARG H 124 2.06 -0.99 -31.74
N ARG H 125 2.39 0.22 -31.26
CA ARG H 125 1.42 1.31 -31.29
C ARG H 125 1.19 1.84 -32.70
N SER H 126 2.11 1.57 -33.62
CA SER H 126 2.03 2.11 -34.97
C SER H 126 1.26 1.22 -35.93
N ILE H 127 0.85 0.02 -35.51
CA ILE H 127 0.02 -0.85 -36.33
C ILE H 127 -1.39 -0.82 -35.79
N GLY H 128 -2.33 -0.37 -36.60
CA GLY H 128 -3.74 -0.31 -36.22
C GLY H 128 -4.51 -1.53 -36.69
N VAL H 129 -5.42 -1.98 -35.84
CA VAL H 129 -6.30 -3.11 -36.14
C VAL H 129 -7.73 -2.60 -36.03
N ARG H 130 -8.45 -2.60 -37.15
CA ARG H 130 -9.84 -2.16 -37.18
C ARG H 130 -10.75 -3.37 -37.04
N ILE H 131 -11.51 -3.39 -35.96
CA ILE H 131 -12.36 -4.53 -35.64
C ILE H 131 -13.78 -4.23 -36.06
N LYS H 132 -14.56 -5.30 -36.25
CA LYS H 132 -15.95 -5.17 -36.72
C LYS H 132 -16.74 -6.32 -36.12
N GLU H 133 -17.54 -6.01 -35.09
CA GLU H 133 -18.33 -7.01 -34.38
C GLU H 133 -19.81 -6.69 -34.57
N GLU H 134 -20.57 -7.72 -34.95
CA GLU H 134 -22.02 -7.60 -35.09
C GLU H 134 -22.69 -8.51 -34.06
N THR H 135 -23.58 -7.93 -33.26
CA THR H 135 -24.14 -8.63 -32.12
C THR H 135 -25.63 -8.33 -32.04
N GLU H 136 -26.43 -9.37 -31.78
CA GLU H 136 -27.86 -9.24 -31.58
C GLU H 136 -28.15 -8.87 -30.13
N ILE H 137 -29.03 -7.89 -29.93
CA ILE H 137 -29.38 -7.41 -28.61
C ILE H 137 -30.89 -7.26 -28.51
N ILE H 138 -31.38 -7.28 -27.27
CA ILE H 138 -32.76 -6.93 -26.96
C ILE H 138 -32.75 -5.59 -26.24
N GLU H 139 -33.58 -4.66 -26.68
CA GLU H 139 -33.58 -3.30 -26.18
C GLU H 139 -35.00 -2.84 -25.91
N GLY H 140 -35.29 -2.47 -24.68
CA GLY H 140 -36.63 -2.00 -24.35
C GLY H 140 -36.67 -1.44 -22.95
N GLU H 141 -37.84 -0.92 -22.60
CA GLU H 141 -38.10 -0.40 -21.26
C GLU H 141 -38.78 -1.48 -20.43
N VAL H 142 -38.34 -1.62 -19.18
CA VAL H 142 -38.85 -2.68 -18.31
C VAL H 142 -40.20 -2.25 -17.76
N VAL H 143 -41.20 -3.11 -17.92
CA VAL H 143 -42.55 -2.84 -17.44
C VAL H 143 -42.82 -3.55 -16.11
N GLU H 144 -42.57 -4.85 -16.05
CA GLU H 144 -42.77 -5.61 -14.83
C GLU H 144 -41.72 -6.71 -14.74
N ILE H 145 -41.25 -6.95 -13.52
CA ILE H 145 -40.38 -8.09 -13.22
C ILE H 145 -41.01 -8.83 -12.06
N GLN H 146 -41.44 -10.06 -12.30
CA GLN H 146 -42.00 -10.91 -11.25
C GLN H 146 -41.10 -12.11 -11.06
N ILE H 147 -40.69 -12.35 -9.82
CA ILE H 147 -39.83 -13.46 -9.46
C ILE H 147 -40.52 -14.25 -8.36
N ASP H 148 -40.67 -15.56 -8.57
CA ASP H 148 -41.31 -16.43 -7.60
C ASP H 148 -40.25 -17.16 -6.77
N ARG H 149 -40.64 -17.55 -5.57
CA ARG H 149 -39.74 -18.26 -4.66
C ARG H 149 -40.45 -19.43 -3.99
N SER H 156 -36.43 -16.69 -6.52
CA SER H 156 -35.16 -16.69 -7.22
C SER H 156 -35.00 -17.94 -8.07
N LYS H 157 -36.10 -18.65 -8.28
CA LYS H 157 -36.11 -19.88 -9.06
C LYS H 157 -36.54 -19.63 -10.50
N VAL H 158 -37.75 -19.10 -10.70
CA VAL H 158 -38.28 -18.83 -12.02
C VAL H 158 -39.03 -17.50 -11.98
N GLY H 159 -39.03 -16.80 -13.12
CA GLY H 159 -39.69 -15.51 -13.18
C GLY H 159 -39.98 -15.11 -14.61
N LYS H 160 -40.60 -13.94 -14.75
CA LYS H 160 -40.96 -13.40 -16.04
C LYS H 160 -40.52 -11.94 -16.12
N LEU H 161 -40.10 -11.52 -17.31
CA LEU H 161 -39.68 -10.15 -17.56
C LEU H 161 -40.48 -9.58 -18.73
N THR H 162 -41.03 -8.39 -18.54
CA THR H 162 -41.79 -7.70 -19.58
C THR H 162 -41.02 -6.49 -20.05
N LEU H 163 -40.78 -6.42 -21.35
CA LEU H 163 -40.07 -5.32 -21.97
C LEU H 163 -40.96 -4.69 -23.04
N LYS H 164 -40.80 -3.39 -23.26
CA LYS H 164 -41.66 -2.69 -24.21
C LYS H 164 -40.86 -1.66 -24.98
N THR H 165 -41.36 -1.34 -26.17
CA THR H 165 -40.93 -0.21 -26.96
C THR H 165 -42.16 0.67 -27.22
N THR H 166 -41.97 1.69 -28.04
CA THR H 166 -43.11 2.52 -28.41
C THR H 166 -44.06 1.79 -29.35
N GLU H 167 -43.64 0.67 -29.94
CA GLU H 167 -44.43 -0.06 -30.92
C GLU H 167 -44.56 -1.54 -30.61
N MET H 168 -44.15 -1.98 -29.42
CA MET H 168 -44.05 -3.40 -29.14
C MET H 168 -44.02 -3.62 -27.63
N GLU H 169 -44.34 -4.85 -27.23
CA GLU H 169 -44.26 -5.27 -25.83
C GLU H 169 -44.37 -6.78 -25.74
N THR H 170 -43.48 -7.42 -24.97
CA THR H 170 -43.51 -8.87 -24.84
C THR H 170 -43.00 -9.27 -23.47
N ILE H 171 -43.21 -10.54 -23.13
CA ILE H 171 -42.84 -11.09 -21.85
C ILE H 171 -41.88 -12.25 -22.07
N TYR H 172 -40.89 -12.37 -21.20
CA TYR H 172 -39.83 -13.35 -21.34
C TYR H 172 -39.76 -14.22 -20.10
N ASP H 173 -39.42 -15.49 -20.29
CA ASP H 173 -39.21 -16.40 -19.18
C ASP H 173 -37.73 -16.40 -18.80
N LEU H 174 -37.46 -16.22 -17.51
CA LEU H 174 -36.10 -16.09 -16.99
C LEU H 174 -35.66 -17.38 -16.34
N GLY H 175 -34.35 -17.63 -16.41
CA GLY H 175 -33.73 -18.73 -15.69
C GLY H 175 -33.04 -18.27 -14.42
N THR H 176 -32.23 -19.19 -13.87
CA THR H 176 -31.54 -18.88 -12.62
C THR H 176 -30.48 -17.80 -12.83
N LYS H 177 -29.65 -17.96 -13.87
CA LYS H 177 -28.56 -17.00 -14.07
C LYS H 177 -29.10 -15.65 -14.53
N MET H 178 -30.16 -15.64 -15.34
CA MET H 178 -30.76 -14.38 -15.75
C MET H 178 -31.36 -13.65 -14.55
N ILE H 179 -32.03 -14.39 -13.66
CA ILE H 179 -32.60 -13.78 -12.47
C ILE H 179 -31.49 -13.23 -11.59
N GLU H 180 -30.40 -13.98 -11.43
CA GLU H 180 -29.28 -13.50 -10.63
C GLU H 180 -28.67 -12.24 -11.23
N SER H 181 -28.52 -12.21 -12.55
CA SER H 181 -27.94 -11.04 -13.21
C SER H 181 -28.85 -9.83 -13.08
N LEU H 182 -30.17 -10.04 -13.16
CA LEU H 182 -31.09 -8.93 -13.00
C LEU H 182 -31.09 -8.40 -11.57
N THR H 183 -30.99 -9.30 -10.59
CA THR H 183 -30.96 -8.85 -9.20
C THR H 183 -29.65 -8.16 -8.87
N LYS H 184 -28.54 -8.61 -9.46
CA LYS H 184 -27.24 -7.98 -9.21
C LYS H 184 -27.20 -6.56 -9.71
N ASP H 185 -27.78 -6.31 -10.90
CA ASP H 185 -27.76 -4.97 -11.47
C ASP H 185 -28.87 -4.08 -10.94
N LYS H 186 -29.75 -4.61 -10.08
CA LYS H 186 -30.84 -3.85 -9.49
C LYS H 186 -31.72 -3.20 -10.57
N VAL H 187 -32.07 -4.00 -11.57
CA VAL H 187 -32.99 -3.54 -12.61
C VAL H 187 -34.40 -3.49 -12.05
N GLN H 188 -35.07 -2.35 -12.22
CA GLN H 188 -36.43 -2.21 -11.73
C GLN H 188 -37.33 -1.66 -12.83
N ALA H 189 -38.57 -1.34 -12.48
CA ALA H 189 -39.50 -0.81 -13.47
C ALA H 189 -39.02 0.55 -13.96
N GLY H 190 -39.36 0.85 -15.21
CA GLY H 190 -38.99 2.13 -15.79
C GLY H 190 -37.58 2.22 -16.31
N ASP H 191 -36.79 1.17 -16.17
CA ASP H 191 -35.41 1.18 -16.65
C ASP H 191 -35.35 0.74 -18.10
N VAL H 192 -34.57 1.48 -18.88
CA VAL H 192 -34.32 1.14 -20.28
C VAL H 192 -32.98 0.43 -20.35
N ILE H 193 -33.01 -0.85 -20.72
CA ILE H 193 -31.83 -1.70 -20.68
C ILE H 193 -31.67 -2.37 -22.03
N THR H 194 -30.45 -2.85 -22.28
CA THR H 194 -30.17 -3.71 -23.42
C THR H 194 -29.53 -4.99 -22.93
N ILE H 195 -29.91 -6.11 -23.53
CA ILE H 195 -29.44 -7.43 -23.14
C ILE H 195 -28.79 -8.08 -24.36
N ASP H 196 -27.56 -8.56 -24.19
CA ASP H 196 -26.90 -9.29 -25.25
C ASP H 196 -27.40 -10.72 -25.28
N LYS H 197 -27.88 -11.15 -26.44
CA LYS H 197 -28.45 -12.49 -26.55
C LYS H 197 -27.38 -13.57 -26.37
N ALA H 198 -26.19 -13.34 -26.91
CA ALA H 198 -25.15 -14.36 -26.88
C ALA H 198 -24.62 -14.58 -25.46
N THR H 199 -24.36 -13.50 -24.73
CA THR H 199 -23.70 -13.61 -23.43
C THR H 199 -24.62 -13.38 -22.24
N GLY H 200 -25.77 -12.74 -22.44
CA GLY H 200 -26.69 -12.50 -21.35
C GLY H 200 -26.35 -11.34 -20.45
N LYS H 201 -25.29 -10.60 -20.76
CA LYS H 201 -24.91 -9.47 -19.93
C LYS H 201 -25.92 -8.34 -20.11
N ILE H 202 -26.23 -7.66 -19.01
CA ILE H 202 -27.24 -6.62 -18.99
C ILE H 202 -26.56 -5.30 -18.65
N SER H 203 -26.72 -4.33 -19.54
CA SER H 203 -26.27 -2.96 -19.28
C SER H 203 -27.47 -2.02 -19.34
N LYS H 204 -27.53 -1.09 -18.40
CA LYS H 204 -28.66 -0.19 -18.24
C LYS H 204 -28.36 1.12 -18.97
N LEU H 205 -29.21 1.47 -19.93
CA LEU H 205 -29.00 2.69 -20.71
C LEU H 205 -29.52 3.90 -19.96
N GLY H 206 -30.74 3.82 -19.44
CA GLY H 206 -31.31 4.91 -18.67
C GLY H 206 -32.63 4.48 -18.08
N ARG H 207 -33.35 5.45 -17.52
CA ARG H 207 -34.71 5.21 -17.08
C ARG H 207 -35.67 6.22 -17.70
N SER H 208 -36.89 5.76 -17.98
CA SER H 208 -37.92 6.62 -18.53
C SER H 208 -38.39 7.63 -17.49
N PHE H 209 -38.90 8.75 -17.99
CA PHE H 209 -39.40 9.82 -17.13
C PHE H 209 -40.91 9.69 -16.98
N THR H 210 -41.36 9.64 -15.74
CA THR H 210 -42.78 9.70 -15.40
C THR H 210 -43.03 10.86 -14.46
N ARG H 211 -44.31 11.12 -14.18
CA ARG H 211 -44.66 12.22 -13.31
C ARG H 211 -44.14 12.00 -11.89
N ALA H 212 -43.98 10.76 -11.48
CA ALA H 212 -43.57 10.42 -10.13
C ALA H 212 -42.05 10.38 -9.97
N ARG H 213 -41.30 10.54 -11.05
CA ARG H 213 -39.84 10.49 -11.02
C ARG H 213 -39.21 11.87 -11.08
N ASP H 214 -39.90 12.90 -10.59
CA ASP H 214 -39.34 14.25 -10.53
C ASP H 214 -38.43 14.37 -9.30
N TYR H 215 -37.26 13.76 -9.42
CA TYR H 215 -36.31 13.79 -8.32
C TYR H 215 -35.77 15.19 -8.12
N ASP H 216 -35.50 15.53 -6.87
CA ASP H 216 -34.80 16.78 -6.56
C ASP H 216 -33.30 16.62 -6.59
N ALA H 217 -32.80 15.43 -6.25
CA ALA H 217 -31.38 15.10 -6.35
C ALA H 217 -31.26 13.80 -7.12
N MET H 218 -30.27 13.72 -7.99
CA MET H 218 -30.06 12.56 -8.83
C MET H 218 -28.69 11.95 -8.57
N GLY H 219 -28.61 10.64 -8.69
CA GLY H 219 -27.33 9.96 -8.58
C GLY H 219 -26.41 10.30 -9.73
N SER H 220 -25.14 9.94 -9.55
CA SER H 220 -24.13 10.30 -10.54
C SER H 220 -24.25 9.50 -11.83
N GLN H 221 -24.96 8.37 -11.80
CA GLN H 221 -25.07 7.52 -12.98
C GLN H 221 -26.47 7.51 -13.59
N THR H 222 -27.49 7.97 -12.87
CA THR H 222 -28.84 7.98 -13.43
C THR H 222 -28.96 9.04 -14.51
N LYS H 223 -29.66 8.69 -15.58
CA LYS H 223 -30.00 9.65 -16.63
C LYS H 223 -31.29 9.21 -17.29
N PHE H 224 -32.11 10.17 -17.70
CA PHE H 224 -33.41 9.91 -18.27
C PHE H 224 -33.33 9.91 -19.79
N VAL H 225 -33.85 8.83 -20.40
CA VAL H 225 -33.84 8.67 -21.85
C VAL H 225 -35.24 8.34 -22.32
N GLN H 226 -35.50 8.58 -23.60
CA GLN H 226 -36.77 8.23 -24.21
C GLN H 226 -36.88 6.71 -24.38
N CYS H 227 -38.11 6.22 -24.33
CA CYS H 227 -38.36 4.81 -24.58
C CYS H 227 -37.95 4.48 -26.01
N PRO H 228 -37.22 3.40 -26.24
CA PRO H 228 -36.79 3.07 -27.61
C PRO H 228 -37.96 2.76 -28.52
N ASP H 229 -37.78 3.05 -29.79
CA ASP H 229 -38.78 2.76 -30.80
C ASP H 229 -38.38 1.49 -31.55
N GLY H 230 -39.18 1.14 -32.56
CA GLY H 230 -38.85 0.01 -33.40
C GLY H 230 -39.14 -1.34 -32.78
N GLU H 231 -38.24 -2.29 -32.99
CA GLU H 231 -38.43 -3.68 -32.61
C GLU H 231 -37.54 -4.02 -31.43
N LEU H 232 -38.03 -4.92 -30.58
CA LEU H 232 -37.31 -5.27 -29.35
C LEU H 232 -35.98 -5.95 -29.62
N GLN H 233 -35.88 -6.74 -30.69
CA GLN H 233 -34.63 -7.37 -31.05
C GLN H 233 -33.90 -6.51 -32.07
N LYS H 234 -32.63 -6.21 -31.80
CA LYS H 234 -31.85 -5.30 -32.60
C LYS H 234 -30.46 -5.88 -32.80
N ARG H 235 -29.80 -5.44 -33.87
CA ARG H 235 -28.44 -5.83 -34.16
C ARG H 235 -27.51 -4.64 -33.92
N LYS H 236 -26.44 -4.87 -33.17
CA LYS H 236 -25.48 -3.83 -32.82
C LYS H 236 -24.18 -4.09 -33.58
N GLU H 237 -23.76 -3.11 -34.37
CA GLU H 237 -22.51 -3.19 -35.12
C GLU H 237 -21.54 -2.15 -34.57
N VAL H 238 -20.37 -2.60 -34.14
CA VAL H 238 -19.36 -1.73 -33.56
C VAL H 238 -18.08 -1.88 -34.37
N VAL H 239 -17.59 -0.76 -34.90
CA VAL H 239 -16.34 -0.72 -35.65
C VAL H 239 -15.41 0.25 -34.96
N HIS H 240 -14.23 -0.22 -34.59
CA HIS H 240 -13.25 0.59 -33.89
C HIS H 240 -11.85 0.20 -34.36
N THR H 241 -10.92 1.14 -34.24
CA THR H 241 -9.54 0.91 -34.60
C THR H 241 -8.71 0.88 -33.32
N VAL H 242 -8.03 -0.23 -33.09
CA VAL H 242 -7.13 -0.40 -31.95
C VAL H 242 -5.78 -0.85 -32.48
N SER H 243 -4.76 -0.64 -31.67
CA SER H 243 -3.41 -1.05 -32.04
C SER H 243 -3.07 -2.39 -31.41
N LEU H 244 -1.99 -3.00 -31.90
CA LEU H 244 -1.53 -4.25 -31.32
C LEU H 244 -1.12 -4.06 -29.87
N HIS H 245 -0.51 -2.92 -29.56
CA HIS H 245 -0.09 -2.65 -28.19
C HIS H 245 -1.29 -2.58 -27.26
N GLU H 246 -2.42 -2.05 -27.74
CA GLU H 246 -3.61 -2.00 -26.90
C GLU H 246 -4.12 -3.39 -26.58
N ILE H 247 -4.11 -4.30 -27.56
CA ILE H 247 -4.54 -5.67 -27.29
C ILE H 247 -3.56 -6.35 -26.34
N ASP H 248 -2.27 -6.08 -26.50
CA ASP H 248 -1.27 -6.62 -25.57
C ASP H 248 -1.53 -6.15 -24.15
N VAL H 249 -1.81 -4.86 -23.97
CA VAL H 249 -2.03 -4.34 -22.64
C VAL H 249 -3.33 -4.87 -22.05
N ILE H 250 -4.35 -5.04 -22.89
CA ILE H 250 -5.62 -5.60 -22.42
C ILE H 250 -5.41 -7.02 -21.92
N ASN H 251 -4.62 -7.81 -22.64
CA ASN H 251 -4.44 -9.22 -22.30
C ASN H 251 -3.22 -9.47 -21.43
N SER H 252 -2.54 -8.41 -20.98
CA SER H 252 -1.38 -8.59 -20.12
C SER H 252 -1.77 -9.04 -18.72
N ARG H 253 -2.81 -8.43 -18.14
CA ARG H 253 -3.24 -8.76 -16.79
C ARG H 253 -4.76 -8.76 -16.72
N THR H 254 -5.28 -8.99 -15.52
CA THR H 254 -6.72 -9.20 -15.35
C THR H 254 -7.51 -7.95 -15.71
N GLN H 255 -7.06 -6.78 -15.29
CA GLN H 255 -7.72 -5.53 -15.63
C GLN H 255 -6.77 -4.66 -16.43
N GLY H 256 -6.14 -5.25 -17.44
CA GLY H 256 -5.08 -4.58 -18.16
C GLY H 256 -5.52 -3.31 -18.85
N PHE H 257 -6.81 -3.17 -19.15
CA PHE H 257 -7.29 -1.94 -19.76
C PHE H 257 -7.03 -0.73 -18.89
N LEU H 258 -6.85 -0.93 -17.58
CA LEU H 258 -6.49 0.20 -16.72
C LEU H 258 -5.09 0.71 -17.02
N ALA H 259 -4.18 -0.17 -17.43
CA ALA H 259 -2.83 0.25 -17.78
C ALA H 259 -2.81 1.07 -19.06
N LEU H 260 -3.85 0.97 -19.89
CA LEU H 260 -3.96 1.85 -21.05
C LEU H 260 -4.20 3.29 -20.64
N PHE H 261 -4.59 3.53 -19.39
CA PHE H 261 -4.71 4.87 -18.83
C PHE H 261 -3.52 5.22 -17.94
N SER H 262 -3.15 4.32 -17.04
CA SER H 262 -2.05 4.62 -16.12
C SER H 262 -0.70 4.55 -16.82
N GLY H 263 -0.54 3.64 -17.78
CA GLY H 263 0.74 3.40 -18.40
C GLY H 263 1.63 2.45 -17.64
N ASP H 264 1.18 1.90 -16.52
CA ASP H 264 1.97 0.96 -15.73
C ASP H 264 1.88 -0.44 -16.35
N THR H 265 2.30 -0.51 -17.61
CA THR H 265 2.21 -1.76 -18.37
C THR H 265 3.27 -2.76 -17.93
N GLY H 266 4.49 -2.29 -17.70
CA GLY H 266 5.59 -3.20 -17.49
C GLY H 266 6.06 -3.81 -18.78
N GLU H 267 6.78 -4.92 -18.65
CA GLU H 267 7.30 -5.66 -19.78
C GLU H 267 6.36 -6.84 -20.09
N ILE H 268 5.64 -6.73 -21.20
CA ILE H 268 4.71 -7.78 -21.60
C ILE H 268 5.49 -9.00 -22.07
N LYS H 269 5.02 -10.19 -21.68
CA LYS H 269 5.68 -11.43 -22.05
C LYS H 269 5.61 -11.65 -23.55
N SER H 270 6.69 -12.20 -24.12
CA SER H 270 6.74 -12.44 -25.55
C SER H 270 5.72 -13.48 -25.98
N GLU H 271 5.40 -14.44 -25.12
CA GLU H 271 4.40 -15.45 -25.46
C GLU H 271 3.03 -14.81 -25.64
N VAL H 272 2.70 -13.84 -24.80
CA VAL H 272 1.44 -13.11 -24.96
C VAL H 272 1.41 -12.41 -26.31
N ARG H 273 2.53 -11.80 -26.71
CA ARG H 273 2.58 -11.12 -28.00
C ARG H 273 2.43 -12.08 -29.15
N GLU H 274 3.05 -13.27 -29.06
CA GLU H 274 2.90 -14.26 -30.12
C GLU H 274 1.46 -14.75 -30.20
N GLN H 275 0.83 -14.99 -29.06
CA GLN H 275 -0.57 -15.38 -29.04
C GLN H 275 -1.45 -14.32 -29.66
N ILE H 276 -1.19 -13.05 -29.35
CA ILE H 276 -2.02 -11.98 -29.88
C ILE H 276 -1.80 -11.80 -31.38
N ASN H 277 -0.57 -11.96 -31.85
CA ASN H 277 -0.35 -11.93 -33.29
C ASN H 277 -1.11 -13.04 -33.99
N ALA H 278 -1.07 -14.26 -33.44
CA ALA H 278 -1.80 -15.36 -34.05
C ALA H 278 -3.30 -15.11 -34.02
N LYS H 279 -3.81 -14.59 -32.89
CA LYS H 279 -5.25 -14.32 -32.79
C LYS H 279 -5.68 -13.23 -33.77
N VAL H 280 -4.84 -12.22 -33.95
CA VAL H 280 -5.14 -11.14 -34.89
C VAL H 280 -5.15 -11.67 -36.31
N ALA H 281 -4.21 -12.57 -36.63
CA ALA H 281 -4.23 -13.19 -37.95
C ALA H 281 -5.49 -14.02 -38.14
N GLU H 282 -5.92 -14.73 -37.10
CA GLU H 282 -7.16 -15.50 -37.19
C GLU H 282 -8.36 -14.60 -37.41
N TRP H 283 -8.43 -13.48 -36.70
CA TRP H 283 -9.51 -12.52 -36.92
C TRP H 283 -9.50 -11.99 -38.34
N ARG H 284 -8.31 -11.67 -38.85
CA ARG H 284 -8.19 -11.14 -40.21
C ARG H 284 -8.64 -12.17 -41.23
N GLU H 285 -8.35 -13.45 -40.97
CA GLU H 285 -8.84 -14.49 -41.87
C GLU H 285 -10.35 -14.65 -41.78
N GLU H 286 -10.91 -14.51 -40.57
CA GLU H 286 -12.35 -14.68 -40.38
C GLU H 286 -13.15 -13.48 -40.85
N GLY H 287 -12.50 -12.36 -41.17
CA GLY H 287 -13.20 -11.17 -41.56
C GLY H 287 -13.65 -10.27 -40.43
N LYS H 288 -13.25 -10.56 -39.20
CA LYS H 288 -13.65 -9.75 -38.06
C LYS H 288 -12.69 -8.62 -37.75
N ALA H 289 -11.56 -8.53 -38.45
CA ALA H 289 -10.60 -7.47 -38.21
C ALA H 289 -9.79 -7.21 -39.47
N GLU H 290 -9.25 -6.00 -39.56
CA GLU H 290 -8.41 -5.58 -40.67
C GLU H 290 -7.17 -4.89 -40.12
N ILE H 291 -6.05 -5.08 -40.79
CA ILE H 291 -4.77 -4.53 -40.36
C ILE H 291 -4.50 -3.24 -41.11
N ILE H 292 -4.13 -2.19 -40.38
CA ILE H 292 -3.72 -0.93 -40.98
C ILE H 292 -2.32 -0.59 -40.49
N PRO H 293 -1.27 -1.05 -41.18
CA PRO H 293 0.09 -0.67 -40.79
C PRO H 293 0.31 0.83 -40.94
N GLY H 294 1.06 1.40 -40.01
CA GLY H 294 1.24 2.83 -39.96
C GLY H 294 2.69 3.29 -39.97
N VAL H 295 2.97 4.40 -39.32
CA VAL H 295 4.28 5.02 -39.30
C VAL H 295 4.72 5.22 -37.86
N LEU H 296 5.97 4.90 -37.56
CA LEU H 296 6.61 5.28 -36.31
C LEU H 296 7.66 6.35 -36.62
N PHE H 297 7.40 7.57 -36.14
CA PHE H 297 8.36 8.67 -36.28
C PHE H 297 9.12 8.86 -34.98
N ILE H 298 10.43 8.66 -35.03
CA ILE H 298 11.31 8.95 -33.91
C ILE H 298 12.09 10.20 -34.25
N ASP H 299 11.84 11.27 -33.50
CA ASP H 299 12.56 12.53 -33.71
C ASP H 299 13.78 12.59 -32.81
N GLU H 300 14.90 13.04 -33.37
CA GLU H 300 16.19 13.08 -32.69
C GLU H 300 16.60 11.68 -32.22
N VAL H 301 16.83 10.82 -33.23
CA VAL H 301 17.16 9.43 -32.98
C VAL H 301 18.56 9.28 -32.40
N HIS H 302 19.44 10.24 -32.63
CA HIS H 302 20.79 10.18 -32.10
C HIS H 302 20.82 10.02 -30.58
N MET H 303 19.72 10.29 -29.90
CA MET H 303 19.65 10.06 -28.46
C MET H 303 19.52 8.58 -28.11
N LEU H 304 19.16 7.74 -29.07
CA LEU H 304 19.10 6.31 -28.83
C LEU H 304 20.49 5.76 -28.56
N ASP H 305 20.55 4.75 -27.68
CA ASP H 305 21.82 4.12 -27.37
C ASP H 305 22.15 3.04 -28.40
N ILE H 306 23.36 2.48 -28.27
CA ILE H 306 23.80 1.44 -29.19
C ILE H 306 22.92 0.21 -29.04
N GLU H 307 22.48 -0.09 -27.81
CA GLU H 307 21.58 -1.21 -27.60
C GLU H 307 20.27 -0.99 -28.35
N SER H 308 19.74 0.23 -28.30
CA SER H 308 18.50 0.54 -28.98
C SER H 308 18.64 0.39 -30.48
N PHE H 309 19.76 0.84 -31.04
CA PHE H 309 20.00 0.67 -32.47
C PHE H 309 20.12 -0.80 -32.84
N SER H 310 20.81 -1.57 -32.00
CA SER H 310 20.93 -3.01 -32.27
C SER H 310 19.56 -3.67 -32.25
N PHE H 311 18.69 -3.27 -31.31
CA PHE H 311 17.35 -3.83 -31.29
C PHE H 311 16.57 -3.40 -32.53
N LEU H 312 16.71 -2.15 -32.94
CA LEU H 312 16.03 -1.68 -34.14
C LEU H 312 16.47 -2.46 -35.37
N ASN H 313 17.72 -2.90 -35.39
CA ASN H 313 18.23 -3.64 -36.55
C ASN H 313 17.35 -4.84 -36.87
N ARG H 314 16.98 -5.61 -35.85
CA ARG H 314 16.22 -6.82 -36.04
C ARG H 314 14.72 -6.64 -35.79
N ALA H 315 14.30 -5.55 -35.15
CA ALA H 315 12.88 -5.31 -34.98
C ALA H 315 12.20 -4.95 -36.29
N LEU H 316 12.92 -4.27 -37.19
CA LEU H 316 12.35 -3.94 -38.49
C LEU H 316 12.18 -5.15 -39.40
N GLU H 317 12.80 -6.28 -39.06
CA GLU H 317 12.75 -7.46 -39.91
C GLU H 317 11.53 -8.33 -39.69
N SER H 318 10.64 -7.93 -38.77
CA SER H 318 9.43 -8.69 -38.52
C SER H 318 8.39 -8.39 -39.59
N ASP H 319 7.41 -9.29 -39.71
CA ASP H 319 6.30 -9.07 -40.63
C ASP H 319 5.25 -8.14 -40.05
N MET H 320 5.36 -7.78 -38.77
CA MET H 320 4.46 -6.83 -38.14
C MET H 320 5.22 -5.60 -37.70
N ALA H 321 6.08 -5.08 -38.57
CA ALA H 321 6.86 -3.89 -38.29
C ALA H 321 6.37 -2.74 -39.13
N PRO H 322 6.11 -1.57 -38.55
CA PRO H 322 5.64 -0.44 -39.34
C PRO H 322 6.74 0.23 -40.12
N VAL H 323 6.43 1.35 -40.76
CA VAL H 323 7.47 2.15 -41.42
C VAL H 323 8.13 3.02 -40.36
N LEU H 324 9.44 2.94 -40.27
CA LEU H 324 10.21 3.70 -39.29
C LEU H 324 10.83 4.92 -39.95
N ILE H 325 10.26 6.09 -39.68
CA ILE H 325 10.81 7.35 -40.14
C ILE H 325 11.61 7.97 -39.01
N MET H 326 12.82 8.42 -39.31
CA MET H 326 13.72 8.97 -38.31
C MET H 326 14.23 10.31 -38.81
N ALA H 327 14.67 11.14 -37.87
CA ALA H 327 15.17 12.46 -38.20
C ALA H 327 16.28 12.83 -37.24
N THR H 328 17.45 13.15 -37.78
CA THR H 328 18.58 13.62 -36.99
C THR H 328 19.22 14.80 -37.70
N ASN H 329 19.85 15.67 -36.92
CA ASN H 329 20.63 16.78 -37.46
C ASN H 329 22.11 16.69 -37.08
N ARG H 330 22.57 15.51 -36.69
CA ARG H 330 23.95 15.34 -36.27
C ARG H 330 24.86 15.06 -37.46
N GLY H 331 26.08 15.59 -37.38
CA GLY H 331 27.13 15.22 -38.31
C GLY H 331 27.81 13.95 -37.83
N ILE H 332 29.05 13.76 -38.27
CA ILE H 332 29.83 12.63 -37.78
C ILE H 332 30.13 12.87 -36.31
N THR H 333 29.42 12.15 -35.44
CA THR H 333 29.46 12.40 -34.00
C THR H 333 29.64 11.06 -33.28
N ARG H 334 29.60 11.14 -31.95
CA ARG H 334 29.81 9.98 -31.10
C ARG H 334 28.49 9.26 -30.84
N ILE H 335 28.48 7.95 -31.03
CA ILE H 335 27.29 7.16 -30.70
C ILE H 335 27.14 7.09 -29.20
N ARG H 336 25.91 7.32 -28.72
CA ARG H 336 25.66 7.28 -27.29
C ARG H 336 25.88 5.87 -26.75
N GLY H 337 26.57 5.79 -25.61
CA GLY H 337 26.93 4.52 -25.02
C GLY H 337 28.21 3.92 -25.54
N THR H 338 28.85 4.53 -26.54
CA THR H 338 30.11 4.04 -27.09
C THR H 338 31.09 5.20 -27.20
N SER H 339 32.29 4.88 -27.67
CA SER H 339 33.31 5.88 -27.97
C SER H 339 33.58 6.00 -29.47
N TYR H 340 32.71 5.44 -30.30
CA TYR H 340 32.93 5.41 -31.74
C TYR H 340 32.27 6.60 -32.41
N GLN H 341 32.82 6.99 -33.55
CA GLN H 341 32.28 8.07 -34.37
C GLN H 341 31.57 7.49 -35.58
N SER H 342 30.34 7.92 -35.81
CA SER H 342 29.53 7.44 -36.92
C SER H 342 28.86 8.61 -37.60
N PRO H 343 28.52 8.47 -38.88
CA PRO H 343 28.12 9.64 -39.67
C PRO H 343 26.92 10.41 -39.13
N HIS H 344 25.96 9.74 -38.49
CA HIS H 344 24.81 10.44 -37.92
C HIS H 344 24.63 10.19 -36.44
N GLY H 345 25.63 9.63 -35.77
CA GLY H 345 25.41 9.07 -34.45
C GLY H 345 24.79 7.71 -34.48
N ILE H 346 24.53 7.17 -35.66
CA ILE H 346 23.86 5.88 -35.86
C ILE H 346 24.91 4.91 -36.39
N PRO H 347 25.00 3.70 -35.83
CA PRO H 347 25.98 2.73 -36.35
C PRO H 347 25.69 2.40 -37.80
N ILE H 348 26.76 2.16 -38.56
CA ILE H 348 26.61 2.03 -40.00
C ILE H 348 25.81 0.79 -40.37
N ASP H 349 25.68 -0.17 -39.45
CA ASP H 349 24.84 -1.34 -39.73
C ASP H 349 23.38 -0.96 -39.85
N LEU H 350 22.90 -0.09 -38.96
CA LEU H 350 21.52 0.39 -39.08
C LEU H 350 21.39 1.34 -40.27
N LEU H 351 22.41 2.15 -40.51
CA LEU H 351 22.34 3.10 -41.62
C LEU H 351 22.29 2.38 -42.96
N ASP H 352 22.82 1.16 -43.03
CA ASP H 352 22.72 0.39 -44.27
C ASP H 352 21.32 -0.17 -44.46
N ARG H 353 20.51 -0.22 -43.41
CA ARG H 353 19.15 -0.73 -43.48
C ARG H 353 18.12 0.33 -43.84
N LEU H 354 18.54 1.56 -44.09
CA LEU H 354 17.61 2.67 -44.22
C LEU H 354 18.00 3.58 -45.38
N LEU H 355 17.01 4.25 -45.94
CA LEU H 355 17.21 5.25 -46.99
C LEU H 355 17.27 6.63 -46.38
N ILE H 356 18.22 7.43 -46.84
CA ILE H 356 18.48 8.75 -46.27
C ILE H 356 17.93 9.82 -47.18
N VAL H 357 17.08 10.68 -46.63
CA VAL H 357 16.53 11.83 -47.33
C VAL H 357 17.20 13.09 -46.80
N SER H 358 17.94 13.78 -47.66
CA SER H 358 18.72 14.94 -47.27
C SER H 358 17.95 16.22 -47.55
N THR H 359 17.99 17.14 -46.59
CA THR H 359 17.33 18.44 -46.70
C THR H 359 18.37 19.52 -46.97
N THR H 360 18.11 20.35 -47.98
CA THR H 360 19.04 21.43 -48.27
C THR H 360 18.64 22.72 -47.56
N PRO H 361 19.60 23.59 -47.28
CA PRO H 361 19.27 24.88 -46.67
C PRO H 361 18.46 25.76 -47.61
N TYR H 362 17.63 26.61 -47.03
CA TYR H 362 16.73 27.46 -47.80
C TYR H 362 17.46 28.69 -48.32
N SER H 363 16.95 29.22 -49.42
CA SER H 363 17.48 30.44 -50.02
C SER H 363 16.73 31.65 -49.46
N GLU H 364 17.09 32.84 -49.95
CA GLU H 364 16.41 34.04 -49.51
C GLU H 364 14.94 34.01 -49.91
N LYS H 365 14.64 33.61 -51.14
CA LYS H 365 13.25 33.54 -51.58
C LYS H 365 12.46 32.53 -50.75
N ASP H 366 13.04 31.37 -50.47
CA ASP H 366 12.35 30.37 -49.68
C ASP H 366 12.10 30.86 -48.27
N THR H 367 13.10 31.54 -47.68
CA THR H 367 12.92 32.09 -46.35
C THR H 367 11.80 33.12 -46.32
N LYS H 368 11.76 33.99 -47.34
CA LYS H 368 10.70 35.00 -47.39
C LYS H 368 9.32 34.35 -47.56
N GLN H 369 9.23 33.30 -48.37
CA GLN H 369 7.94 32.62 -48.55
C GLN H 369 7.50 31.94 -47.26
N ILE H 370 8.44 31.33 -46.53
CA ILE H 370 8.10 30.71 -45.26
C ILE H 370 7.64 31.77 -44.27
N LEU H 371 8.31 32.92 -44.26
CA LEU H 371 7.88 34.00 -43.37
C LEU H 371 6.48 34.48 -43.74
N ARG H 372 6.17 34.56 -45.04
CA ARG H 372 4.83 34.95 -45.44
C ARG H 372 3.80 33.94 -44.97
N ILE H 373 4.11 32.64 -45.08
CA ILE H 373 3.17 31.63 -44.61
C ILE H 373 2.96 31.73 -43.11
N ARG H 374 4.04 31.96 -42.36
CA ARG H 374 3.91 32.10 -40.91
C ARG H 374 3.08 33.33 -40.54
N CYS H 375 3.30 34.44 -41.25
CA CYS H 375 2.52 35.64 -40.99
C CYS H 375 1.04 35.41 -41.30
N GLU H 376 0.74 34.71 -42.39
CA GLU H 376 -0.64 34.40 -42.70
C GLU H 376 -1.26 33.51 -41.62
N GLU H 377 -0.48 32.55 -41.12
CA GLU H 377 -0.98 31.67 -40.07
C GLU H 377 -1.28 32.44 -38.79
N GLU H 378 -0.41 33.38 -38.42
CA GLU H 378 -0.59 34.15 -37.20
C GLU H 378 -1.46 35.40 -37.40
N ASP H 379 -1.93 35.65 -38.62
CA ASP H 379 -2.74 36.81 -38.94
C ASP H 379 -2.02 38.12 -38.59
N VAL H 380 -0.83 38.27 -39.17
CA VAL H 380 -0.01 39.46 -39.00
C VAL H 380 0.21 40.10 -40.37
N GLU H 381 -0.03 41.40 -40.46
CA GLU H 381 0.24 42.16 -41.67
C GLU H 381 1.60 42.83 -41.54
N MET H 382 2.46 42.62 -42.53
CA MET H 382 3.80 43.18 -42.54
C MET H 382 4.05 43.90 -43.86
N SER H 383 4.77 45.02 -43.79
CA SER H 383 5.16 45.71 -45.00
C SER H 383 6.26 44.93 -45.72
N GLU H 384 6.46 45.27 -47.00
CA GLU H 384 7.46 44.57 -47.79
C GLU H 384 8.87 44.88 -47.31
N ASP H 385 9.11 46.12 -46.88
CA ASP H 385 10.41 46.45 -46.28
C ASP H 385 10.65 45.64 -45.02
N ALA H 386 9.61 45.46 -44.21
CA ALA H 386 9.72 44.63 -43.02
C ALA H 386 10.03 43.19 -43.40
N TYR H 387 9.42 42.69 -44.47
CA TYR H 387 9.70 41.34 -44.93
C TYR H 387 11.15 41.22 -45.38
N THR H 388 11.67 42.22 -46.08
CA THR H 388 13.06 42.20 -46.51
C THR H 388 14.00 42.18 -45.31
N VAL H 389 13.73 43.03 -44.32
CA VAL H 389 14.60 43.08 -43.14
C VAL H 389 14.55 41.76 -42.39
N LEU H 390 13.35 41.19 -42.25
CA LEU H 390 13.21 39.94 -41.51
C LEU H 390 13.88 38.79 -42.25
N THR H 391 13.79 38.78 -43.58
CA THR H 391 14.49 37.75 -44.35
C THR H 391 15.99 37.88 -44.21
N ARG H 392 16.50 39.11 -44.22
CA ARG H 392 17.93 39.32 -43.99
C ARG H 392 18.34 38.82 -42.61
N ILE H 393 17.52 39.09 -41.60
CA ILE H 393 17.81 38.60 -40.25
C ILE H 393 17.80 37.08 -40.23
N GLY H 394 16.81 36.47 -40.88
CA GLY H 394 16.71 35.02 -40.88
C GLY H 394 17.90 34.36 -41.54
N LEU H 395 18.36 34.92 -42.65
CA LEU H 395 19.58 34.41 -43.27
C LEU H 395 20.77 34.61 -42.37
N GLU H 396 20.86 35.78 -41.72
CA GLU H 396 22.02 36.06 -40.88
C GLU H 396 22.01 35.21 -39.61
N THR H 397 20.88 35.20 -38.89
CA THR H 397 20.85 34.47 -37.62
C THR H 397 20.29 33.06 -37.76
N SER H 398 19.01 32.94 -38.10
CA SER H 398 18.34 31.65 -38.22
C SER H 398 16.89 31.90 -38.64
N LEU H 399 16.27 30.85 -39.20
CA LEU H 399 14.89 30.96 -39.63
C LEU H 399 13.93 31.00 -38.45
N ARG H 400 14.21 30.20 -37.42
CA ARG H 400 13.34 30.18 -36.24
C ARG H 400 13.36 31.51 -35.50
N TYR H 401 14.52 32.17 -35.46
CA TYR H 401 14.59 33.49 -34.83
C TYR H 401 13.68 34.48 -35.55
N ALA H 402 13.70 34.47 -36.88
CA ALA H 402 12.80 35.35 -37.64
C ALA H 402 11.34 34.98 -37.39
N ILE H 403 11.04 33.68 -37.30
CA ILE H 403 9.65 33.28 -37.06
C ILE H 403 9.17 33.80 -35.71
N GLN H 404 10.02 33.71 -34.68
CA GLN H 404 9.65 34.26 -33.38
C GLN H 404 9.52 35.79 -33.44
N LEU H 405 10.43 36.45 -34.15
CA LEU H 405 10.33 37.90 -34.28
C LEU H 405 9.04 38.31 -34.96
N ILE H 406 8.44 37.43 -35.77
CA ILE H 406 7.16 37.78 -36.38
C ILE H 406 6.14 38.10 -35.31
N THR H 407 5.97 37.19 -34.34
CA THR H 407 5.00 37.41 -33.28
C THR H 407 5.43 38.52 -32.34
N ALA H 408 6.73 38.62 -32.06
CA ALA H 408 7.20 39.69 -31.18
C ALA H 408 6.88 41.06 -31.77
N ALA H 409 7.17 41.23 -33.07
CA ALA H 409 6.91 42.50 -33.72
C ALA H 409 5.42 42.77 -33.86
N SER H 410 4.61 41.73 -34.08
CA SER H 410 3.17 41.93 -34.10
C SER H 410 2.66 42.45 -32.76
N LEU H 411 3.15 41.88 -31.66
CA LEU H 411 2.74 42.34 -30.34
C LEU H 411 3.18 43.77 -30.09
N VAL H 412 4.42 44.10 -30.44
CA VAL H 412 4.91 45.46 -30.24
C VAL H 412 4.11 46.45 -31.07
N CYS H 413 3.80 46.09 -32.32
CA CYS H 413 2.99 46.95 -33.18
C CYS H 413 1.61 47.17 -32.59
N ARG H 414 1.00 46.11 -32.06
CA ARG H 414 -0.31 46.26 -31.44
C ARG H 414 -0.22 47.13 -30.19
N LYS H 415 0.92 47.12 -29.51
CA LYS H 415 1.07 47.93 -28.30
C LYS H 415 1.02 49.41 -28.61
N ARG H 416 1.67 49.84 -29.70
CA ARG H 416 1.64 51.24 -30.11
C ARG H 416 0.41 51.59 -30.95
N LYS H 417 -0.63 50.77 -30.90
CA LYS H 417 -1.89 51.03 -31.61
C LYS H 417 -1.65 51.17 -33.11
N GLY H 418 -0.80 50.30 -33.65
CA GLY H 418 -0.60 50.21 -35.08
C GLY H 418 -1.36 49.05 -35.69
N THR H 419 -1.38 49.03 -37.03
CA THR H 419 -2.08 47.99 -37.77
C THR H 419 -1.18 47.17 -38.67
N GLU H 420 -0.03 47.69 -39.08
CA GLU H 420 0.90 46.97 -39.95
C GLU H 420 2.29 47.04 -39.35
N VAL H 421 2.98 45.91 -39.30
CA VAL H 421 4.32 45.86 -38.75
C VAL H 421 5.28 46.57 -39.69
N GLN H 422 6.06 47.50 -39.16
CA GLN H 422 7.04 48.25 -39.93
C GLN H 422 8.44 47.78 -39.57
N VAL H 423 9.43 48.41 -40.22
CA VAL H 423 10.83 48.07 -39.95
C VAL H 423 11.21 48.47 -38.54
N ASP H 424 10.63 49.56 -38.03
CA ASP H 424 10.94 50.02 -36.67
C ASP H 424 10.58 48.97 -35.63
N ASP H 425 9.43 48.32 -35.80
CA ASP H 425 9.02 47.27 -34.86
C ASP H 425 10.00 46.11 -34.89
N ILE H 426 10.43 45.71 -36.08
CA ILE H 426 11.36 44.59 -36.21
C ILE H 426 12.69 44.94 -35.56
N LYS H 427 13.18 46.16 -35.78
CA LYS H 427 14.42 46.59 -35.12
C LYS H 427 14.25 46.60 -33.60
N ARG H 428 13.08 47.04 -33.13
CA ARG H 428 12.83 47.09 -31.69
C ARG H 428 12.89 45.69 -31.08
N VAL H 429 12.23 44.73 -31.72
CA VAL H 429 12.24 43.37 -31.15
C VAL H 429 13.59 42.70 -31.36
N TYR H 430 14.34 43.12 -32.39
CA TYR H 430 15.70 42.64 -32.56
C TYR H 430 16.60 43.12 -31.43
N SER H 431 16.41 44.36 -31.00
CA SER H 431 17.18 44.88 -29.87
C SER H 431 16.73 44.25 -28.55
N LEU H 432 15.43 44.00 -28.41
CA LEU H 432 14.91 43.44 -27.16
C LEU H 432 15.30 41.98 -26.99
N PHE H 433 15.16 41.18 -28.03
CA PHE H 433 15.41 39.75 -27.97
C PHE H 433 16.66 39.40 -28.76
N LEU H 434 17.57 38.67 -28.14
CA LEU H 434 18.83 38.32 -28.76
C LEU H 434 18.79 36.90 -29.32
N ASP H 435 19.49 36.70 -30.44
CA ASP H 435 19.70 35.37 -30.96
C ASP H 435 20.87 34.72 -30.23
N GLU H 436 21.29 33.53 -30.68
CA GLU H 436 22.35 32.82 -29.98
C GLU H 436 23.70 33.52 -30.14
N SER H 437 23.97 34.05 -31.34
CA SER H 437 25.29 34.61 -31.62
C SER H 437 25.55 35.85 -30.76
N ARG H 438 24.59 36.77 -30.72
CA ARG H 438 24.76 38.00 -29.95
C ARG H 438 24.86 37.69 -28.46
N SER H 439 24.04 36.76 -27.97
CA SER H 439 24.11 36.38 -26.56
C SER H 439 25.46 35.78 -26.23
N THR H 440 25.99 34.93 -27.12
CA THR H 440 27.31 34.35 -26.90
C THR H 440 28.38 35.43 -26.88
N GLN H 441 28.30 36.41 -27.78
CA GLN H 441 29.27 37.49 -27.77
C GLN H 441 29.21 38.29 -26.47
N TYR H 442 27.99 38.62 -26.03
CA TYR H 442 27.84 39.39 -24.80
C TYR H 442 28.34 38.61 -23.60
N MET H 443 28.12 37.29 -23.60
CA MET H 443 28.66 36.45 -22.53
C MET H 443 30.17 36.43 -22.55
N LYS H 444 30.77 36.30 -23.74
CA LYS H 444 32.22 36.32 -23.83
C LYS H 444 32.80 37.64 -23.39
N GLU H 445 32.05 38.74 -23.58
CA GLU H 445 32.52 40.04 -23.09
C GLU H 445 32.62 40.04 -21.57
N TYR H 446 31.71 39.36 -20.90
CA TYR H 446 31.68 39.31 -19.44
C TYR H 446 31.83 37.89 -18.94
N GLN H 447 32.80 37.15 -19.49
CA GLN H 447 32.88 35.72 -19.24
C GLN H 447 33.10 35.41 -17.76
N ASP H 448 33.93 36.19 -17.09
CA ASP H 448 34.23 35.93 -15.68
C ASP H 448 33.01 36.07 -14.79
N ALA H 449 32.00 36.84 -15.21
CA ALA H 449 30.81 37.01 -14.38
C ALA H 449 30.02 35.70 -14.28
N PHE H 450 29.89 34.99 -15.40
CA PHE H 450 29.13 33.75 -15.41
C PHE H 450 29.88 32.64 -14.69
N LEU H 451 29.16 31.57 -14.35
CA LEU H 451 29.69 30.52 -13.51
C LEU H 451 30.11 29.32 -14.34
N PHE H 452 31.25 28.74 -13.97
CA PHE H 452 31.74 27.48 -14.54
C PHE H 452 31.93 27.60 -16.05
N ASN H 453 32.86 28.45 -16.44
CA ASN H 453 33.26 28.56 -17.83
C ASN H 453 34.32 27.53 -18.19
N THR I 12 1.27 36.62 2.14
CA THR I 12 2.46 36.04 2.74
C THR I 12 2.97 36.89 3.90
N GLN I 13 2.69 36.43 5.12
CA GLN I 13 3.13 37.17 6.31
C GLN I 13 4.64 37.20 6.40
N ARG I 14 5.30 36.07 6.12
CA ARG I 14 6.75 36.01 6.17
C ARG I 14 7.35 36.64 4.92
N ILE I 15 8.53 37.24 5.08
CA ILE I 15 9.19 37.96 4.00
C ILE I 15 10.15 37.00 3.30
N ALA I 16 9.96 36.81 2.01
CA ALA I 16 10.80 35.94 1.20
C ALA I 16 11.81 36.78 0.42
N SER I 17 12.53 36.11 -0.48
CA SER I 17 13.58 36.80 -1.22
C SER I 17 13.00 37.77 -2.26
N HIS I 18 11.85 37.45 -2.83
CA HIS I 18 11.24 38.30 -3.84
C HIS I 18 9.91 38.88 -3.37
N SER I 19 9.77 39.09 -2.06
CA SER I 19 8.53 39.62 -1.51
C SER I 19 8.27 41.06 -1.90
N HIS I 20 9.27 41.77 -2.40
CA HIS I 20 9.12 43.16 -2.78
C HIS I 20 8.78 43.35 -4.25
N VAL I 21 8.73 42.28 -5.03
CA VAL I 21 8.46 42.37 -6.45
C VAL I 21 6.95 42.35 -6.65
N LYS I 22 6.40 43.46 -7.13
CA LYS I 22 4.97 43.57 -7.36
C LYS I 22 4.60 43.59 -8.83
N GLY I 23 5.56 43.77 -9.71
CA GLY I 23 5.29 43.81 -11.14
C GLY I 23 6.54 44.20 -11.90
N LEU I 24 6.35 44.35 -13.21
CA LEU I 24 7.47 44.70 -14.08
C LEU I 24 7.79 46.18 -14.04
N GLY I 25 6.88 47.00 -13.53
CA GLY I 25 7.11 48.41 -13.44
C GLY I 25 7.05 49.16 -14.76
N LEU I 26 6.34 48.64 -15.74
CA LEU I 26 6.24 49.31 -17.02
C LEU I 26 5.15 50.38 -17.00
N ASP I 27 5.17 51.24 -18.00
CA ASP I 27 4.14 52.23 -18.21
C ASP I 27 3.17 51.74 -19.29
N GLU I 28 2.24 52.60 -19.69
CA GLU I 28 1.26 52.22 -20.69
C GLU I 28 1.88 52.00 -22.06
N SER I 29 3.04 52.61 -22.33
CA SER I 29 3.71 52.47 -23.62
C SER I 29 4.62 51.26 -23.68
N GLY I 30 4.74 50.50 -22.59
CA GLY I 30 5.65 49.38 -22.52
C GLY I 30 7.05 49.71 -22.08
N LEU I 31 7.41 50.99 -22.02
CA LEU I 31 8.72 51.38 -21.55
C LEU I 31 8.85 51.15 -20.05
N ALA I 32 10.07 50.91 -19.60
CA ALA I 32 10.33 50.52 -18.22
C ALA I 32 10.71 51.75 -17.41
N LYS I 33 9.97 52.01 -16.35
CA LYS I 33 10.35 53.05 -15.40
C LYS I 33 11.63 52.65 -14.68
N GLN I 34 12.37 53.66 -14.21
CA GLN I 34 13.65 53.40 -13.57
C GLN I 34 13.48 52.61 -12.28
N ALA I 35 12.50 52.99 -11.45
CA ALA I 35 12.24 52.30 -10.20
C ALA I 35 10.73 52.24 -9.98
N ALA I 36 10.14 51.06 -10.19
CA ALA I 36 8.71 50.89 -9.94
C ALA I 36 8.40 49.43 -9.67
N SER I 37 7.34 49.20 -8.90
CA SER I 37 6.86 47.86 -8.56
C SER I 37 7.94 47.01 -7.89
N GLY I 38 8.86 47.64 -7.17
CA GLY I 38 9.89 46.93 -6.46
C GLY I 38 11.09 46.54 -7.29
N LEU I 39 11.11 46.88 -8.58
CA LEU I 39 12.20 46.54 -9.46
C LEU I 39 12.99 47.80 -9.78
N VAL I 40 14.31 47.70 -9.69
CA VAL I 40 15.21 48.83 -9.95
C VAL I 40 16.13 48.45 -11.09
N GLY I 41 16.18 49.29 -12.11
CA GLY I 41 17.03 49.02 -13.25
C GLY I 41 16.47 47.89 -14.12
N GLN I 42 17.37 47.31 -14.91
CA GLN I 42 17.03 46.25 -15.86
C GLN I 42 15.89 46.67 -16.77
N GLU I 43 16.00 47.87 -17.33
CA GLU I 43 14.92 48.45 -18.10
C GLU I 43 14.65 47.64 -19.35
N ASN I 44 15.71 47.28 -20.08
CA ASN I 44 15.53 46.52 -21.33
C ASN I 44 14.94 45.15 -21.05
N ALA I 45 15.43 44.47 -20.01
CA ALA I 45 14.89 43.16 -19.66
C ALA I 45 13.43 43.27 -19.23
N ARG I 46 13.08 44.34 -18.52
CA ARG I 46 11.69 44.50 -18.09
C ARG I 46 10.77 44.79 -19.27
N GLU I 47 11.25 45.56 -20.25
CA GLU I 47 10.45 45.78 -21.45
C GLU I 47 10.26 44.48 -22.23
N ALA I 48 11.32 43.67 -22.33
CA ALA I 48 11.19 42.38 -22.99
C ALA I 48 10.20 41.48 -22.26
N CYS I 49 10.25 41.48 -20.93
CA CYS I 49 9.30 40.68 -20.16
C CYS I 49 7.88 41.20 -20.30
N GLY I 50 7.72 42.51 -20.50
CA GLY I 50 6.40 43.04 -20.79
C GLY I 50 5.86 42.57 -22.12
N VAL I 51 6.72 42.54 -23.14
CA VAL I 51 6.31 41.97 -24.43
C VAL I 51 5.93 40.51 -24.25
N ILE I 52 6.67 39.78 -23.43
CA ILE I 52 6.36 38.36 -23.20
C ILE I 52 5.02 38.21 -22.48
N VAL I 53 4.73 39.10 -21.53
CA VAL I 53 3.45 39.07 -20.84
C VAL I 53 2.32 39.34 -21.82
N GLU I 54 2.50 40.32 -22.71
CA GLU I 54 1.50 40.56 -23.75
C GLU I 54 1.33 39.34 -24.64
N LEU I 55 2.42 38.61 -24.89
CA LEU I 55 2.32 37.36 -25.64
C LEU I 55 1.46 36.33 -24.91
N ILE I 56 1.68 36.20 -23.60
CA ILE I 56 0.94 35.20 -22.82
C ILE I 56 -0.54 35.57 -22.76
N LYS I 57 -0.85 36.86 -22.58
CA LYS I 57 -2.24 37.30 -22.53
C LYS I 57 -2.95 37.04 -23.85
N SER I 58 -2.29 37.32 -24.97
CA SER I 58 -2.84 36.98 -26.28
C SER I 58 -2.64 35.48 -26.46
N LYS I 59 -3.68 34.71 -26.15
CA LYS I 59 -3.56 33.27 -25.96
C LYS I 59 -3.26 32.50 -27.23
N LYS I 60 -3.03 33.17 -28.36
CA LYS I 60 -3.02 32.47 -29.64
C LYS I 60 -1.72 31.75 -29.93
N MET I 61 -0.66 31.95 -29.14
CA MET I 61 0.63 31.31 -29.40
C MET I 61 0.89 30.21 -28.38
N ALA I 62 1.44 29.09 -28.87
CA ALA I 62 1.70 27.92 -28.06
C ALA I 62 3.12 27.43 -28.28
N GLY I 63 3.81 27.10 -27.19
CA GLY I 63 5.13 26.52 -27.25
C GLY I 63 6.28 27.48 -27.39
N ARG I 64 6.03 28.79 -27.41
CA ARG I 64 7.11 29.76 -27.48
C ARG I 64 7.91 29.73 -26.19
N ALA I 65 9.23 29.76 -26.32
CA ALA I 65 10.12 29.62 -25.18
C ALA I 65 11.03 30.82 -25.06
N VAL I 66 11.36 31.18 -23.83
CA VAL I 66 12.17 32.35 -23.51
C VAL I 66 13.23 31.94 -22.53
N LEU I 67 14.45 32.44 -22.73
CA LEU I 67 15.57 32.21 -21.82
C LEU I 67 16.00 33.53 -21.22
N LEU I 68 16.18 33.55 -19.90
CA LEU I 68 16.75 34.70 -19.20
C LEU I 68 18.19 34.35 -18.86
N ALA I 69 19.13 34.97 -19.56
CA ALA I 69 20.54 34.67 -19.42
C ALA I 69 21.27 35.88 -18.85
N GLY I 70 22.05 35.65 -17.81
CA GLY I 70 22.82 36.68 -17.18
C GLY I 70 23.60 36.16 -16.00
N PRO I 71 24.46 37.01 -15.43
CA PRO I 71 25.24 36.59 -14.26
C PRO I 71 24.34 36.34 -13.07
N PRO I 72 24.82 35.60 -12.08
CA PRO I 72 24.02 35.38 -10.87
C PRO I 72 23.67 36.69 -10.18
N GLY I 73 22.49 36.72 -9.57
CA GLY I 73 22.06 37.88 -8.82
C GLY I 73 21.56 39.04 -9.64
N THR I 74 21.32 38.86 -10.93
CA THR I 74 20.92 39.96 -11.80
C THR I 74 19.42 40.12 -11.92
N GLY I 75 18.63 39.23 -11.33
CA GLY I 75 17.20 39.40 -11.26
C GLY I 75 16.39 38.58 -12.23
N LYS I 76 16.87 37.40 -12.64
CA LYS I 76 16.10 36.57 -13.55
C LYS I 76 14.88 35.97 -12.85
N THR I 77 15.08 35.44 -11.65
CA THR I 77 13.95 34.91 -10.89
C THR I 77 12.99 36.03 -10.51
N ALA I 78 13.52 37.21 -10.16
CA ALA I 78 12.66 38.35 -9.86
C ALA I 78 11.84 38.76 -11.07
N LEU I 79 12.45 38.72 -12.25
CA LEU I 79 11.72 39.05 -13.47
C LEU I 79 10.62 38.02 -13.75
N ALA I 80 10.92 36.73 -13.55
CA ALA I 80 9.90 35.71 -13.76
C ALA I 80 8.74 35.86 -12.77
N LEU I 81 9.05 36.13 -11.50
CA LEU I 81 7.99 36.34 -10.53
C LEU I 81 7.21 37.61 -10.82
N ALA I 82 7.85 38.64 -11.37
CA ALA I 82 7.13 39.83 -11.79
C ALA I 82 6.18 39.53 -12.94
N ILE I 83 6.62 38.68 -13.88
CA ILE I 83 5.72 38.23 -14.94
C ILE I 83 4.52 37.52 -14.35
N ALA I 84 4.76 36.64 -13.37
CA ALA I 84 3.67 35.92 -12.74
C ALA I 84 2.69 36.87 -12.05
N GLN I 85 3.21 37.88 -11.35
CA GLN I 85 2.34 38.85 -10.71
C GLN I 85 1.56 39.68 -11.71
N GLU I 86 2.19 40.06 -12.83
CA GLU I 86 1.50 40.83 -13.85
C GLU I 86 0.38 40.03 -14.48
N LEU I 87 0.59 38.73 -14.70
CA LEU I 87 -0.47 37.92 -15.26
C LEU I 87 -1.64 37.79 -14.29
N GLY I 88 -1.34 37.57 -13.02
CA GLY I 88 -2.35 37.38 -12.01
C GLY I 88 -2.54 35.92 -11.64
N SER I 89 -3.33 35.71 -10.59
CA SER I 89 -3.59 34.36 -10.10
C SER I 89 -4.52 33.59 -11.02
N LYS I 90 -5.12 34.24 -12.02
CA LYS I 90 -5.99 33.54 -12.94
C LYS I 90 -5.23 32.78 -14.03
N VAL I 91 -3.96 33.06 -14.22
CA VAL I 91 -3.13 32.41 -15.23
C VAL I 91 -2.20 31.44 -14.54
N PRO I 92 -2.14 30.17 -14.95
CA PRO I 92 -1.30 29.20 -14.24
C PRO I 92 0.19 29.42 -14.46
N PHE I 93 0.90 29.77 -13.39
CA PHE I 93 2.34 29.94 -13.42
C PHE I 93 2.96 28.81 -12.62
N CYS I 94 3.59 27.87 -13.31
CA CYS I 94 4.13 26.68 -12.66
C CYS I 94 5.64 26.83 -12.51
N PRO I 95 6.15 27.07 -11.32
CA PRO I 95 7.61 27.17 -11.14
C PRO I 95 8.23 25.82 -10.83
N MET I 96 9.24 25.43 -11.59
CA MET I 96 9.95 24.18 -11.38
C MET I 96 11.44 24.42 -11.48
N VAL I 97 12.21 23.56 -10.81
CA VAL I 97 13.66 23.62 -10.84
C VAL I 97 14.17 22.48 -11.72
N GLY I 98 15.24 22.75 -12.47
CA GLY I 98 15.73 21.77 -13.43
C GLY I 98 16.09 20.45 -12.81
N SER I 99 16.47 20.45 -11.53
CA SER I 99 16.86 19.23 -10.85
C SER I 99 15.66 18.45 -10.32
N GLU I 100 14.44 18.92 -10.56
CA GLU I 100 13.25 18.21 -10.11
C GLU I 100 12.81 17.13 -11.07
N VAL I 101 13.49 16.96 -12.20
CA VAL I 101 13.13 15.93 -13.16
C VAL I 101 13.73 14.57 -12.84
N TYR I 102 14.61 14.49 -11.84
CA TYR I 102 15.25 13.23 -11.48
C TYR I 102 14.42 12.52 -10.41
N SER I 103 13.25 12.06 -10.83
CA SER I 103 12.35 11.34 -9.95
C SER I 103 12.75 9.87 -9.88
N THR I 104 12.33 9.22 -8.80
CA THR I 104 12.56 7.79 -8.62
C THR I 104 11.34 6.96 -8.94
N GLU I 105 10.30 7.57 -9.48
CA GLU I 105 9.07 6.87 -9.83
C GLU I 105 8.74 6.93 -11.31
N ILE I 106 9.01 8.06 -11.97
CA ILE I 106 8.72 8.23 -13.38
C ILE I 106 9.96 8.78 -14.08
N LYS I 107 9.98 8.59 -15.40
CA LYS I 107 11.09 9.07 -16.20
C LYS I 107 11.08 10.59 -16.30
N LYS I 108 12.22 11.15 -16.72
CA LYS I 108 12.38 12.59 -16.75
C LYS I 108 11.41 13.24 -17.73
N THR I 109 11.22 12.62 -18.88
CA THR I 109 10.28 13.16 -19.86
C THR I 109 8.86 13.16 -19.33
N GLU I 110 8.51 12.18 -18.50
CA GLU I 110 7.20 12.19 -17.87
C GLU I 110 7.04 13.36 -16.92
N VAL I 111 8.07 13.67 -16.14
CA VAL I 111 8.03 14.84 -15.26
C VAL I 111 7.88 16.11 -16.08
N LEU I 112 8.64 16.23 -17.17
CA LEU I 112 8.56 17.43 -18.00
C LEU I 112 7.17 17.59 -18.59
N MET I 113 6.58 16.50 -19.08
CA MET I 113 5.25 16.61 -19.67
C MET I 113 4.20 16.89 -18.61
N GLU I 114 4.36 16.33 -17.41
CA GLU I 114 3.45 16.63 -16.33
C GLU I 114 3.48 18.12 -15.98
N ASN I 115 4.67 18.70 -15.95
CA ASN I 115 4.75 20.14 -15.69
C ASN I 115 4.16 20.94 -16.84
N PHE I 116 4.38 20.48 -18.07
CA PHE I 116 3.77 21.14 -19.22
C PHE I 116 2.25 21.18 -19.09
N ARG I 117 1.65 20.05 -18.71
CA ARG I 117 0.21 20.00 -18.53
C ARG I 117 -0.23 20.80 -17.30
N ARG I 118 0.63 20.89 -16.29
CA ARG I 118 0.33 21.72 -15.13
C ARG I 118 0.21 23.19 -15.54
N ALA I 119 1.03 23.62 -16.49
CA ALA I 119 1.01 25.02 -16.88
C ALA I 119 -0.25 25.38 -17.65
N ILE I 120 -0.85 24.43 -18.36
CA ILE I 120 -2.09 24.70 -19.09
C ILE I 120 -3.26 24.60 -18.13
N GLY I 121 -4.08 25.64 -18.10
CA GLY I 121 -5.18 25.74 -17.17
C GLY I 121 -6.53 25.73 -17.87
N LEU I 122 -7.55 25.27 -17.15
CA LEU I 122 -8.91 25.23 -17.67
C LEU I 122 -9.83 25.87 -16.63
N ARG I 123 -10.65 26.82 -17.06
CA ARG I 123 -11.57 27.53 -16.20
C ARG I 123 -12.99 27.08 -16.50
N ILE I 124 -13.70 26.60 -15.48
CA ILE I 124 -15.01 25.99 -15.64
C ILE I 124 -16.01 26.75 -14.77
N LYS I 125 -17.08 27.21 -15.39
CA LYS I 125 -18.15 27.92 -14.70
C LYS I 125 -19.32 26.98 -14.49
N GLU I 126 -19.76 26.85 -13.24
CA GLU I 126 -20.75 25.85 -12.89
C GLU I 126 -21.57 26.35 -11.69
N THR I 127 -22.85 26.01 -11.68
CA THR I 127 -23.72 26.29 -10.55
C THR I 127 -23.95 25.01 -9.76
N LYS I 128 -23.65 25.05 -8.48
CA LYS I 128 -23.77 23.88 -7.62
C LYS I 128 -24.99 24.01 -6.72
N GLU I 129 -25.66 22.87 -6.50
CA GLU I 129 -26.85 22.81 -5.66
C GLU I 129 -26.62 21.77 -4.58
N VAL I 130 -26.85 22.16 -3.33
CA VAL I 130 -26.67 21.27 -2.19
C VAL I 130 -27.88 21.41 -1.28
N TYR I 131 -28.46 20.28 -0.88
CA TYR I 131 -29.52 20.26 0.11
C TYR I 131 -28.92 19.88 1.45
N GLU I 132 -28.99 20.80 2.41
CA GLU I 132 -28.32 20.67 3.70
C GLU I 132 -29.30 20.95 4.82
N GLY I 133 -29.22 20.15 5.87
CA GLY I 133 -30.05 20.39 7.04
C GLY I 133 -30.14 19.15 7.91
N GLU I 134 -30.83 19.33 9.03
CA GLU I 134 -31.08 18.22 9.94
C GLU I 134 -32.18 17.32 9.39
N VAL I 135 -31.98 16.01 9.52
CA VAL I 135 -32.92 15.05 8.96
C VAL I 135 -34.08 14.87 9.94
N THR I 136 -35.28 15.19 9.48
CA THR I 136 -36.48 15.06 10.29
C THR I 136 -37.31 13.83 9.90
N GLU I 137 -37.04 13.24 8.75
CA GLU I 137 -37.79 12.09 8.27
C GLU I 137 -37.00 11.44 7.16
N LEU I 138 -36.96 10.10 7.16
CA LEU I 138 -36.24 9.33 6.15
C LEU I 138 -37.11 8.11 5.82
N THR I 139 -37.91 8.22 4.76
CA THR I 139 -38.90 7.21 4.43
C THR I 139 -38.69 6.71 3.01
N PRO I 140 -38.17 5.50 2.81
CA PRO I 140 -38.16 4.91 1.47
C PRO I 140 -39.56 4.47 1.07
N CYS I 141 -39.91 4.76 -0.18
CA CYS I 141 -41.23 4.42 -0.72
C CYS I 141 -41.11 3.17 -1.57
N GLU I 142 -41.76 2.10 -1.14
CA GLU I 142 -41.76 0.86 -1.89
C GLU I 142 -42.68 0.96 -3.11
N THR I 143 -42.37 0.18 -4.13
CA THR I 143 -43.14 0.20 -5.36
C THR I 143 -44.55 -0.37 -5.15
N THR I 153 -38.32 -3.46 -4.14
CA THR I 153 -37.53 -2.34 -4.65
C THR I 153 -38.05 -1.01 -4.10
N ILE I 154 -37.29 0.05 -4.32
CA ILE I 154 -37.59 1.37 -3.76
C ILE I 154 -37.82 2.32 -4.92
N SER I 155 -39.02 2.90 -4.98
CA SER I 155 -39.32 3.83 -6.07
C SER I 155 -38.59 5.15 -5.87
N HIS I 156 -38.59 5.68 -4.65
CA HIS I 156 -37.95 6.94 -4.34
C HIS I 156 -37.74 7.01 -2.84
N VAL I 157 -36.98 8.01 -2.41
CA VAL I 157 -36.74 8.26 -0.99
C VAL I 157 -37.28 9.64 -0.66
N ILE I 158 -38.13 9.71 0.35
CA ILE I 158 -38.65 10.97 0.85
C ILE I 158 -37.85 11.34 2.08
N ILE I 159 -37.22 12.50 2.06
CA ILE I 159 -36.39 12.95 3.17
C ILE I 159 -36.90 14.31 3.64
N GLY I 160 -36.74 14.57 4.93
CA GLY I 160 -37.13 15.84 5.49
C GLY I 160 -35.95 16.56 6.12
N LEU I 161 -35.58 17.71 5.56
CA LEU I 161 -34.42 18.46 6.01
C LEU I 161 -34.87 19.75 6.67
N LYS I 162 -34.26 20.06 7.81
CA LYS I 162 -34.64 21.22 8.61
C LYS I 162 -33.47 22.18 8.69
N THR I 163 -33.78 23.47 8.57
CA THR I 163 -32.82 24.54 8.78
C THR I 163 -33.47 25.61 9.62
N ALA I 164 -32.71 26.67 9.90
CA ALA I 164 -33.26 27.80 10.64
C ALA I 164 -34.34 28.53 9.88
N LYS I 165 -34.37 28.41 8.55
CA LYS I 165 -35.33 29.14 7.73
C LYS I 165 -36.53 28.31 7.32
N GLY I 166 -36.64 27.08 7.78
CA GLY I 166 -37.84 26.31 7.52
C GLY I 166 -37.52 24.84 7.33
N THR I 167 -38.48 24.14 6.75
CA THR I 167 -38.39 22.72 6.47
C THR I 167 -38.71 22.48 5.00
N LYS I 168 -38.00 21.54 4.39
CA LYS I 168 -38.24 21.18 3.00
C LYS I 168 -38.33 19.66 2.85
N GLN I 169 -39.28 19.21 2.04
CA GLN I 169 -39.45 17.81 1.72
C GLN I 169 -38.88 17.55 0.34
N LEU I 170 -38.00 16.55 0.23
CA LEU I 170 -37.30 16.26 -1.01
C LEU I 170 -37.58 14.83 -1.43
N LYS I 171 -37.76 14.64 -2.74
CA LYS I 171 -37.87 13.31 -3.33
C LYS I 171 -36.51 12.93 -3.89
N LEU I 172 -35.95 11.83 -3.42
CA LEU I 172 -34.60 11.43 -3.77
C LEU I 172 -34.62 10.28 -4.76
N ASP I 173 -33.65 10.31 -5.67
CA ASP I 173 -33.41 9.17 -6.56
C ASP I 173 -33.09 7.92 -5.72
N PRO I 174 -33.64 6.77 -6.06
CA PRO I 174 -33.45 5.57 -5.22
C PRO I 174 -31.99 5.16 -5.06
N SER I 175 -31.11 5.58 -5.96
CA SER I 175 -29.70 5.24 -5.81
C SER I 175 -29.07 5.95 -4.63
N ILE I 176 -29.65 7.06 -4.17
CA ILE I 176 -29.11 7.77 -3.02
C ILE I 176 -29.40 7.04 -1.72
N PHE I 177 -30.34 6.10 -1.73
CA PHE I 177 -30.66 5.37 -0.50
C PHE I 177 -29.48 4.51 -0.06
N GLU I 178 -28.75 3.94 -1.00
CA GLU I 178 -27.54 3.19 -0.64
C GLU I 178 -26.53 4.10 0.04
N SER I 179 -26.36 5.32 -0.47
CA SER I 179 -25.43 6.26 0.17
C SER I 179 -25.91 6.65 1.55
N LEU I 180 -27.23 6.85 1.71
CA LEU I 180 -27.77 7.19 3.02
C LEU I 180 -27.59 6.05 4.02
N GLN I 181 -27.76 4.81 3.57
CA GLN I 181 -27.59 3.67 4.47
C GLN I 181 -26.13 3.44 4.82
N LYS I 182 -25.23 3.65 3.86
CA LYS I 182 -23.81 3.49 4.14
C LYS I 182 -23.33 4.53 5.15
N GLU I 183 -23.79 5.77 5.02
CA GLU I 183 -23.39 6.83 5.94
C GLU I 183 -24.06 6.73 7.30
N ARG I 184 -25.00 5.79 7.49
CA ARG I 184 -25.67 5.60 8.77
C ARG I 184 -26.45 6.86 9.17
N VAL I 185 -27.31 7.31 8.26
CA VAL I 185 -28.06 8.54 8.45
C VAL I 185 -29.38 8.21 9.12
N GLU I 186 -29.64 8.84 10.27
CA GLU I 186 -30.87 8.66 11.01
C GLU I 186 -31.48 10.02 11.26
N ALA I 187 -32.69 10.02 11.82
CA ALA I 187 -33.34 11.27 12.17
C ALA I 187 -32.54 12.03 13.22
N GLY I 188 -32.42 13.35 13.02
CA GLY I 188 -31.65 14.19 13.91
C GLY I 188 -30.23 14.45 13.47
N ASP I 189 -29.75 13.76 12.44
CA ASP I 189 -28.41 14.00 11.93
C ASP I 189 -28.41 15.15 10.93
N VAL I 190 -27.30 15.90 10.93
CA VAL I 190 -27.10 16.99 9.98
C VAL I 190 -26.30 16.46 8.81
N ILE I 191 -26.90 16.51 7.62
CA ILE I 191 -26.30 15.97 6.41
C ILE I 191 -26.38 17.03 5.31
N TYR I 192 -25.64 16.80 4.24
CA TYR I 192 -25.85 17.52 3.00
C TYR I 192 -25.90 16.52 1.83
N ILE I 193 -26.71 16.85 0.83
CA ILE I 193 -26.87 16.03 -0.36
C ILE I 193 -26.54 16.88 -1.58
N GLU I 194 -25.65 16.37 -2.42
CA GLU I 194 -25.34 17.04 -3.68
C GLU I 194 -26.40 16.70 -4.72
N ALA I 195 -26.98 17.73 -5.32
CA ALA I 195 -28.06 17.51 -6.28
C ALA I 195 -27.55 16.81 -7.54
N ASN I 196 -26.35 17.18 -7.99
CA ASN I 196 -25.86 16.65 -9.26
C ASN I 196 -25.31 15.23 -9.13
N SER I 197 -24.78 14.87 -7.97
CA SER I 197 -24.13 13.59 -7.80
C SER I 197 -24.80 12.66 -6.81
N GLY I 198 -25.66 13.17 -5.94
CA GLY I 198 -26.28 12.34 -4.93
C GLY I 198 -25.38 11.97 -3.77
N ALA I 199 -24.20 12.59 -3.67
CA ALA I 199 -23.31 12.29 -2.56
C ALA I 199 -23.91 12.79 -1.25
N VAL I 200 -23.82 11.95 -0.22
CA VAL I 200 -24.34 12.27 1.11
C VAL I 200 -23.18 12.23 2.10
N LYS I 201 -23.05 13.28 2.89
CA LYS I 201 -22.10 13.32 3.99
C LYS I 201 -22.87 13.63 5.28
N ARG I 202 -22.76 12.74 6.26
CA ARG I 202 -23.38 12.95 7.56
C ARG I 202 -22.38 13.66 8.45
N GLN I 203 -22.53 14.97 8.59
CA GLN I 203 -21.60 15.79 9.34
C GLN I 203 -22.08 16.00 10.77
N GLY I 204 -22.30 14.89 11.47
CA GLY I 204 -22.62 14.95 12.88
C GLY I 204 -24.11 14.96 13.19
N ARG I 205 -24.37 15.03 14.49
CA ARG I 205 -25.72 15.09 15.04
C ARG I 205 -26.08 16.53 15.36
N CYS I 206 -27.38 16.82 15.35
CA CYS I 206 -27.84 18.15 15.70
C CYS I 206 -27.66 18.39 17.18
N ASP I 207 -27.25 19.62 17.53
CA ASP I 207 -26.97 19.94 18.92
C ASP I 207 -28.22 20.00 19.78
N THR I 208 -29.41 20.00 19.17
CA THR I 208 -30.64 19.89 19.96
C THR I 208 -30.78 18.54 20.62
N TYR I 209 -30.09 17.52 20.11
CA TYR I 209 -30.11 16.18 20.68
C TYR I 209 -28.86 15.88 21.50
N ALA I 210 -28.06 16.89 21.82
CA ALA I 210 -26.81 16.66 22.54
C ALA I 210 -27.03 16.10 23.94
N THR I 211 -28.21 16.31 24.52
CA THR I 211 -28.50 15.87 25.88
C THR I 211 -29.31 14.59 25.92
N GLU I 212 -29.46 13.90 24.79
CA GLU I 212 -30.22 12.66 24.78
C GLU I 212 -29.53 11.55 25.55
N PHE I 213 -28.21 11.62 25.70
CA PHE I 213 -27.46 10.74 26.58
C PHE I 213 -26.43 11.57 27.33
N ASP I 214 -26.03 11.07 28.50
CA ASP I 214 -25.02 11.77 29.28
C ASP I 214 -23.61 11.51 28.78
N LEU I 215 -23.41 10.44 28.00
CA LEU I 215 -22.06 10.12 27.51
C LEU I 215 -22.20 9.30 26.23
N GLU I 216 -22.11 9.96 25.09
CA GLU I 216 -22.02 9.29 23.80
C GLU I 216 -20.82 9.83 23.04
N ALA I 217 -20.19 8.96 22.25
CA ALA I 217 -19.07 9.35 21.41
C ALA I 217 -19.59 9.89 20.07
N GLU I 218 -20.18 11.08 20.14
CA GLU I 218 -20.78 11.71 18.98
C GLU I 218 -20.22 13.12 18.80
N GLU I 219 -20.22 13.57 17.55
CA GLU I 219 -19.83 14.94 17.21
C GLU I 219 -21.11 15.72 16.92
N TYR I 220 -21.44 16.65 17.80
CA TYR I 220 -22.68 17.41 17.70
C TYR I 220 -22.43 18.74 17.01
N VAL I 221 -23.24 19.05 16.00
CA VAL I 221 -22.99 20.17 15.10
C VAL I 221 -24.21 21.09 15.14
N PRO I 222 -24.04 22.40 15.08
CA PRO I 222 -25.20 23.30 15.06
C PRO I 222 -26.07 23.10 13.83
N LEU I 223 -27.34 23.42 13.99
CA LEU I 223 -28.26 23.41 12.87
C LEU I 223 -27.84 24.44 11.82
N PRO I 224 -27.86 24.08 10.54
CA PRO I 224 -27.47 25.04 9.50
C PRO I 224 -28.39 26.26 9.52
N LYS I 225 -27.80 27.40 9.13
CA LYS I 225 -28.48 28.68 9.29
C LYS I 225 -29.32 29.05 8.07
N GLY I 226 -28.77 28.88 6.87
CA GLY I 226 -29.47 29.31 5.68
C GLY I 226 -30.64 28.42 5.29
N ASP I 227 -31.02 28.46 4.03
CA ASP I 227 -32.08 27.62 3.50
C ASP I 227 -31.61 26.19 3.32
N VAL I 228 -32.59 25.28 3.22
CA VAL I 228 -32.26 23.89 2.93
C VAL I 228 -31.59 23.77 1.57
N HIS I 229 -32.13 24.45 0.57
CA HIS I 229 -31.59 24.44 -0.78
C HIS I 229 -30.64 25.61 -0.95
N LYS I 230 -29.37 25.34 -1.21
CA LYS I 230 -28.35 26.37 -1.37
C LYS I 230 -27.79 26.30 -2.77
N LYS I 231 -27.84 27.43 -3.47
CA LYS I 231 -27.32 27.55 -4.83
C LYS I 231 -26.13 28.51 -4.83
N LYS I 232 -25.05 28.11 -5.49
CA LYS I 232 -23.89 28.97 -5.64
C LYS I 232 -23.30 28.78 -7.02
N GLU I 233 -23.08 29.88 -7.74
CA GLU I 233 -22.43 29.85 -9.05
C GLU I 233 -20.95 30.12 -8.84
N ILE I 234 -20.11 29.16 -9.20
CA ILE I 234 -18.68 29.22 -8.88
C ILE I 234 -17.87 29.06 -10.14
N ILE I 235 -16.66 29.61 -10.12
CA ILE I 235 -15.70 29.49 -11.19
C ILE I 235 -14.43 28.91 -10.57
N GLN I 236 -14.08 27.69 -10.97
CA GLN I 236 -12.94 26.99 -10.43
C GLN I 236 -11.96 26.67 -11.55
N ASP I 237 -10.68 26.91 -11.30
CA ASP I 237 -9.64 26.66 -12.27
C ASP I 237 -9.01 25.30 -12.00
N VAL I 238 -8.91 24.48 -13.05
CA VAL I 238 -8.23 23.21 -12.99
C VAL I 238 -7.21 23.18 -14.14
N THR I 239 -6.19 22.36 -13.96
CA THR I 239 -5.17 22.19 -14.99
C THR I 239 -5.35 20.84 -15.67
N LEU I 240 -4.77 20.73 -16.87
CA LEU I 240 -4.87 19.48 -17.62
C LEU I 240 -4.24 18.33 -16.87
N HIS I 241 -3.23 18.61 -16.05
CA HIS I 241 -2.60 17.56 -15.26
C HIS I 241 -3.57 17.01 -14.22
N ASP I 242 -4.43 17.86 -13.67
CA ASP I 242 -5.42 17.38 -12.72
C ASP I 242 -6.35 16.37 -13.36
N LEU I 243 -6.77 16.63 -14.61
CA LEU I 243 -7.63 15.68 -15.30
C LEU I 243 -6.88 14.42 -15.69
N ASP I 244 -5.58 14.56 -15.99
CA ASP I 244 -4.78 13.39 -16.33
C ASP I 244 -4.66 12.46 -15.13
N VAL I 245 -4.32 13.01 -13.97
CA VAL I 245 -4.16 12.18 -12.79
C VAL I 245 -5.52 11.72 -12.28
N ALA I 246 -6.59 12.46 -12.57
CA ALA I 246 -7.92 12.01 -12.20
C ALA I 246 -8.36 10.83 -13.02
N ASN I 247 -7.84 10.69 -14.24
CA ASN I 247 -8.21 9.58 -15.11
C ASN I 247 -7.14 8.51 -15.20
N ALA I 248 -6.09 8.61 -14.39
CA ALA I 248 -5.03 7.61 -14.40
C ALA I 248 -5.43 6.35 -13.63
N ARG I 249 -6.13 6.51 -12.51
CA ARG I 249 -6.55 5.39 -11.68
C ARG I 249 -8.04 5.51 -11.40
N PRO I 250 -8.74 4.39 -11.26
CA PRO I 250 -10.16 4.45 -10.92
C PRO I 250 -10.37 4.90 -9.49
N GLN I 251 -11.56 5.44 -9.24
CA GLN I 251 -11.95 5.92 -7.93
C GLN I 251 -13.20 5.17 -7.47
N GLY I 252 -13.28 4.94 -6.16
CA GLY I 252 -14.41 4.18 -5.65
C GLY I 252 -14.33 2.73 -6.11
N GLY I 253 -15.49 2.15 -6.39
CA GLY I 253 -15.54 0.77 -6.83
C GLY I 253 -15.70 -0.21 -5.70
N GLN I 254 -16.80 -0.96 -5.73
CA GLN I 254 -17.11 -1.94 -4.69
C GLN I 254 -16.51 -3.31 -4.98
N ASP I 255 -15.83 -3.48 -6.11
CA ASP I 255 -15.22 -4.75 -6.42
C ASP I 255 -14.03 -5.02 -5.51
N ILE I 256 -13.65 -6.30 -5.44
CA ILE I 256 -12.54 -6.69 -4.58
C ILE I 256 -11.22 -6.14 -5.11
N LEU I 257 -11.04 -6.15 -6.43
CA LEU I 257 -9.82 -5.60 -7.01
C LEU I 257 -9.69 -4.11 -6.74
N SER I 258 -10.80 -3.37 -6.84
CA SER I 258 -10.76 -1.94 -6.56
C SER I 258 -10.43 -1.67 -5.11
N MET I 259 -11.06 -2.43 -4.20
CA MET I 259 -10.81 -2.23 -2.78
C MET I 259 -9.36 -2.54 -2.44
N MET I 260 -8.83 -3.64 -2.99
CA MET I 260 -7.44 -3.97 -2.73
C MET I 260 -6.51 -2.95 -3.37
N GLY I 261 -6.94 -2.32 -4.45
CA GLY I 261 -6.18 -1.25 -5.06
C GLY I 261 -6.17 0.02 -4.24
N GLN I 262 -7.19 0.21 -3.41
CA GLN I 262 -7.19 1.39 -2.55
C GLN I 262 -6.07 1.34 -1.52
N LEU I 263 -5.66 0.13 -1.12
CA LEU I 263 -4.57 -0.04 -0.18
C LEU I 263 -3.20 0.13 -0.82
N MET I 264 -3.11 0.03 -2.15
CA MET I 264 -1.84 0.12 -2.83
C MET I 264 -1.26 1.52 -2.69
N LYS I 265 0.06 1.59 -2.57
CA LYS I 265 0.74 2.86 -2.40
C LYS I 265 0.54 3.73 -3.63
N PRO I 266 0.19 5.01 -3.47
CA PRO I 266 -0.01 5.87 -4.63
C PRO I 266 1.33 6.23 -5.25
N LYS I 267 1.52 5.82 -6.50
CA LYS I 267 2.76 6.05 -7.22
C LYS I 267 2.45 6.79 -8.51
N LYS I 268 3.30 7.76 -8.84
CA LYS I 268 3.16 8.46 -10.10
C LYS I 268 3.42 7.50 -11.25
N THR I 269 2.64 7.66 -12.32
CA THR I 269 2.69 6.74 -13.44
C THR I 269 2.86 7.53 -14.73
N GLU I 270 3.45 6.88 -15.73
CA GLU I 270 3.67 7.47 -17.05
C GLU I 270 2.35 7.46 -17.81
N ILE I 271 1.60 8.56 -17.71
CA ILE I 271 0.29 8.64 -18.34
C ILE I 271 0.45 8.60 -19.85
N THR I 272 -0.39 7.80 -20.50
CA THR I 272 -0.27 7.55 -21.93
C THR I 272 -0.68 8.78 -22.76
N ASP I 273 -0.15 8.84 -23.98
CA ASP I 273 -0.54 9.89 -24.90
C ASP I 273 -1.97 9.70 -25.41
N LYS I 274 -2.44 8.45 -25.45
CA LYS I 274 -3.85 8.20 -25.80
C LYS I 274 -4.77 8.91 -24.82
N LEU I 275 -4.48 8.78 -23.52
CA LEU I 275 -5.30 9.44 -22.51
C LEU I 275 -5.18 10.95 -22.63
N ARG I 276 -3.99 11.45 -22.92
CA ARG I 276 -3.81 12.89 -23.10
C ARG I 276 -4.67 13.40 -24.25
N GLY I 277 -4.67 12.69 -25.38
CA GLY I 277 -5.47 13.12 -26.50
C GLY I 277 -6.95 13.05 -26.22
N GLU I 278 -7.40 12.00 -25.55
CA GLU I 278 -8.82 11.90 -25.21
C GLU I 278 -9.24 13.03 -24.27
N ILE I 279 -8.39 13.36 -23.30
CA ILE I 279 -8.70 14.46 -22.40
C ILE I 279 -8.72 15.79 -23.14
N ASN I 280 -7.82 15.95 -24.11
CA ASN I 280 -7.85 17.14 -24.95
C ASN I 280 -9.16 17.23 -25.73
N LYS I 281 -9.64 16.10 -26.25
CA LYS I 281 -10.92 16.09 -26.95
C LYS I 281 -12.06 16.48 -26.03
N VAL I 282 -12.07 15.95 -24.80
CA VAL I 282 -13.12 16.29 -23.85
C VAL I 282 -13.08 17.78 -23.52
N VAL I 283 -11.88 18.32 -23.32
CA VAL I 283 -11.73 19.74 -23.02
C VAL I 283 -12.24 20.58 -24.19
N ASN I 284 -11.94 20.17 -25.43
CA ASN I 284 -12.44 20.91 -26.58
C ASN I 284 -13.96 20.85 -26.67
N LYS I 285 -14.54 19.69 -26.35
CA LYS I 285 -15.99 19.57 -26.34
C LYS I 285 -16.61 20.55 -25.35
N TYR I 286 -16.05 20.62 -24.14
CA TYR I 286 -16.63 21.51 -23.14
C TYR I 286 -16.36 22.97 -23.47
N ILE I 287 -15.26 23.26 -24.15
CA ILE I 287 -15.01 24.63 -24.61
C ILE I 287 -16.03 25.03 -25.66
N ASP I 288 -16.33 24.13 -26.59
CA ASP I 288 -17.34 24.42 -27.60
C ASP I 288 -18.72 24.58 -26.97
N GLN I 289 -19.03 23.79 -25.95
CA GLN I 289 -20.30 23.95 -25.26
C GLN I 289 -20.40 25.32 -24.58
N GLY I 290 -19.28 25.90 -24.17
CA GLY I 290 -19.27 27.19 -23.54
C GLY I 290 -19.19 27.20 -22.04
N ILE I 291 -18.96 26.05 -21.40
CA ILE I 291 -18.81 25.99 -19.96
C ILE I 291 -17.36 26.02 -19.52
N ALA I 292 -16.42 25.95 -20.46
CA ALA I 292 -15.00 25.94 -20.16
C ALA I 292 -14.28 27.07 -20.89
N GLU I 293 -13.21 27.56 -20.27
CA GLU I 293 -12.34 28.55 -20.87
C GLU I 293 -10.90 28.08 -20.68
N LEU I 294 -10.07 28.31 -21.69
CA LEU I 294 -8.68 27.86 -21.68
C LEU I 294 -7.77 29.00 -21.27
N VAL I 295 -6.88 28.73 -20.32
CA VAL I 295 -5.87 29.68 -19.88
C VAL I 295 -4.50 29.04 -20.11
N PRO I 296 -3.80 29.42 -21.19
CA PRO I 296 -2.57 28.70 -21.55
C PRO I 296 -1.50 28.68 -20.47
N GLY I 297 -1.26 29.80 -19.80
CA GLY I 297 -0.36 29.81 -18.67
C GLY I 297 1.10 29.75 -19.07
N VAL I 298 1.95 29.67 -18.04
CA VAL I 298 3.39 29.79 -18.18
C VAL I 298 4.06 28.70 -17.33
N LEU I 299 5.10 28.08 -17.88
CA LEU I 299 5.92 27.15 -17.12
C LEU I 299 7.32 27.73 -16.99
N PHE I 300 7.75 27.95 -15.75
CA PHE I 300 9.05 28.53 -15.48
C PHE I 300 10.01 27.44 -15.02
N VAL I 301 11.08 27.23 -15.76
CA VAL I 301 12.10 26.25 -15.41
C VAL I 301 13.33 27.03 -14.98
N ASP I 302 13.66 26.95 -13.70
CA ASP I 302 14.84 27.60 -13.14
C ASP I 302 15.94 26.57 -12.99
N GLU I 303 17.19 27.03 -13.14
CA GLU I 303 18.35 26.16 -13.13
C GLU I 303 18.22 25.10 -14.21
N VAL I 304 17.86 25.55 -15.42
CA VAL I 304 17.63 24.66 -16.55
C VAL I 304 18.91 23.94 -16.93
N HIS I 305 20.06 24.47 -16.55
CA HIS I 305 21.33 23.81 -16.81
C HIS I 305 21.48 22.50 -16.05
N MET I 306 20.61 22.24 -15.08
CA MET I 306 20.61 20.96 -14.38
C MET I 306 19.93 19.85 -15.18
N LEU I 307 19.21 20.20 -16.24
CA LEU I 307 18.71 19.19 -17.16
C LEU I 307 19.84 18.58 -17.96
N ASP I 308 19.68 17.30 -18.29
CA ASP I 308 20.68 16.59 -19.08
C ASP I 308 20.27 16.61 -20.55
N ILE I 309 21.03 15.91 -21.38
CA ILE I 309 20.82 15.98 -22.81
C ILE I 309 19.47 15.38 -23.20
N GLU I 310 19.03 14.33 -22.50
CA GLU I 310 17.74 13.73 -22.81
C GLU I 310 16.61 14.71 -22.56
N CYS I 311 16.66 15.45 -21.46
CA CYS I 311 15.61 16.43 -21.18
C CYS I 311 15.57 17.52 -22.24
N PHE I 312 16.74 18.01 -22.66
CA PHE I 312 16.77 19.04 -23.70
C PHE I 312 16.24 18.51 -25.02
N THR I 313 16.61 17.27 -25.37
CA THR I 313 16.12 16.67 -26.61
C THR I 313 14.61 16.50 -26.56
N TYR I 314 14.07 16.07 -25.43
CA TYR I 314 12.62 15.97 -25.31
C TYR I 314 11.95 17.33 -25.37
N LEU I 315 12.59 18.35 -24.80
CA LEU I 315 12.03 19.70 -24.87
C LEU I 315 11.96 20.17 -26.32
N HIS I 316 12.91 19.76 -27.15
CA HIS I 316 12.84 20.11 -28.56
C HIS I 316 11.49 19.70 -29.16
N ARG I 317 11.04 18.48 -28.88
CA ARG I 317 9.76 18.01 -29.39
C ARG I 317 8.59 18.63 -28.65
N ALA I 318 8.70 18.76 -27.32
CA ALA I 318 7.57 19.22 -26.53
C ALA I 318 7.22 20.67 -26.86
N LEU I 319 8.24 21.52 -27.04
CA LEU I 319 7.98 22.91 -27.37
C LEU I 319 7.32 23.07 -28.73
N GLU I 320 7.54 22.12 -29.64
CA GLU I 320 6.95 22.19 -30.97
C GLU I 320 5.50 21.75 -31.01
N SER I 321 4.96 21.25 -29.90
CA SER I 321 3.56 20.86 -29.85
C SER I 321 2.66 22.10 -29.95
N SER I 322 1.49 21.90 -30.54
CA SER I 322 0.50 22.96 -30.62
C SER I 322 -0.31 23.11 -29.34
N ILE I 323 -0.01 22.31 -28.32
CA ILE I 323 -0.74 22.33 -27.06
C ILE I 323 0.12 22.82 -25.90
N ALA I 324 1.43 23.02 -26.13
CA ALA I 324 2.33 23.33 -25.04
C ALA I 324 2.12 24.75 -24.55
N PRO I 325 2.53 25.05 -23.32
CA PRO I 325 2.47 26.43 -22.83
C PRO I 325 3.67 27.27 -23.22
N ILE I 326 3.72 28.50 -22.72
CA ILE I 326 4.91 29.32 -22.82
C ILE I 326 5.88 28.91 -21.72
N VAL I 327 7.12 28.62 -22.08
CA VAL I 327 8.13 28.16 -21.15
C VAL I 327 9.21 29.23 -21.03
N ILE I 328 9.53 29.60 -19.80
CA ILE I 328 10.59 30.57 -19.51
C ILE I 328 11.71 29.84 -18.80
N PHE I 329 12.91 29.92 -19.37
CA PHE I 329 14.10 29.34 -18.79
C PHE I 329 14.97 30.43 -18.17
N ALA I 330 15.86 30.01 -17.27
CA ALA I 330 16.83 30.90 -16.67
C ALA I 330 18.13 30.15 -16.47
N SER I 331 19.24 30.80 -16.78
CA SER I 331 20.55 30.18 -16.65
C SER I 331 21.57 31.25 -16.32
N ASN I 332 22.49 30.92 -15.41
CA ASN I 332 23.61 31.78 -15.07
C ASN I 332 24.94 31.18 -15.50
N ARG I 333 24.93 29.99 -16.09
CA ARG I 333 26.18 29.37 -16.51
C ARG I 333 26.76 30.10 -17.72
N GLY I 334 28.08 30.04 -17.83
CA GLY I 334 28.73 30.44 -19.06
C GLY I 334 28.92 29.27 -19.98
N ASN I 335 30.05 29.23 -20.70
CA ASN I 335 30.32 28.11 -21.59
C ASN I 335 30.68 26.88 -20.76
N CYS I 336 29.69 26.03 -20.48
CA CYS I 336 29.88 24.89 -19.61
C CYS I 336 29.40 23.62 -20.29
N VAL I 337 29.73 22.49 -19.68
CA VAL I 337 29.44 21.18 -20.25
C VAL I 337 27.97 20.85 -20.05
N ILE I 338 27.30 20.41 -21.12
CA ILE I 338 25.94 19.91 -20.98
C ILE I 338 25.94 18.70 -20.07
N ARG I 339 24.93 18.61 -19.20
CA ARG I 339 25.00 17.70 -18.07
C ARG I 339 25.09 16.25 -18.51
N GLY I 340 24.30 15.86 -19.51
CA GLY I 340 24.31 14.46 -19.91
C GLY I 340 25.44 14.06 -20.82
N THR I 341 26.21 15.02 -21.31
CA THR I 341 27.24 14.76 -22.30
C THR I 341 28.59 14.55 -21.61
N GLU I 342 29.57 14.08 -22.39
CA GLU I 342 30.89 13.84 -21.83
C GLU I 342 31.69 15.13 -21.75
N ASP I 343 31.94 15.77 -22.89
CA ASP I 343 32.78 16.96 -22.94
C ASP I 343 32.19 18.06 -23.80
N ILE I 344 30.92 17.96 -24.19
CA ILE I 344 30.32 18.92 -25.11
C ILE I 344 29.95 20.18 -24.32
N THR I 345 30.56 21.31 -24.70
CA THR I 345 30.26 22.59 -24.09
C THR I 345 29.28 23.37 -24.96
N SER I 346 28.44 24.16 -24.31
CA SER I 346 27.43 24.97 -24.96
C SER I 346 27.35 26.31 -24.24
N PRO I 347 26.82 27.34 -24.91
CA PRO I 347 26.90 28.70 -24.35
C PRO I 347 26.33 28.86 -22.95
N HIS I 348 25.19 28.25 -22.63
CA HIS I 348 24.60 28.38 -21.31
C HIS I 348 24.40 27.05 -20.61
N GLY I 349 25.13 26.03 -21.01
CA GLY I 349 24.78 24.68 -20.61
C GLY I 349 23.61 24.11 -21.35
N ILE I 350 23.16 24.77 -22.42
CA ILE I 350 21.96 24.40 -23.14
C ILE I 350 22.38 24.11 -24.58
N PRO I 351 21.95 22.99 -25.17
CA PRO I 351 22.38 22.67 -26.53
C PRO I 351 22.01 23.76 -27.52
N LEU I 352 22.85 23.92 -28.54
CA LEU I 352 22.64 24.96 -29.53
C LEU I 352 21.32 24.78 -30.27
N ASP I 353 20.81 23.56 -30.34
CA ASP I 353 19.54 23.34 -31.03
C ASP I 353 18.38 23.91 -30.22
N LEU I 354 18.44 23.79 -28.89
CA LEU I 354 17.40 24.40 -28.07
C LEU I 354 17.59 25.91 -27.98
N LEU I 355 18.85 26.37 -27.99
CA LEU I 355 19.08 27.80 -27.99
C LEU I 355 18.58 28.43 -29.27
N ASP I 356 18.57 27.68 -30.37
CA ASP I 356 18.01 28.17 -31.62
C ASP I 356 16.50 28.33 -31.55
N ARG I 357 15.83 27.71 -30.58
CA ARG I 357 14.38 27.72 -30.48
C ARG I 357 13.86 28.71 -29.45
N VAL I 358 14.74 29.48 -28.81
CA VAL I 358 14.34 30.35 -27.71
C VAL I 358 14.75 31.78 -28.03
N MET I 359 14.00 32.71 -27.48
CA MET I 359 14.37 34.12 -27.47
C MET I 359 15.07 34.43 -26.16
N ILE I 360 16.27 35.00 -26.24
CA ILE I 360 17.13 35.19 -25.08
C ILE I 360 16.96 36.61 -24.57
N ILE I 361 16.65 36.75 -23.29
CA ILE I 361 16.61 38.03 -22.60
C ILE I 361 17.83 38.11 -21.72
N ARG I 362 18.63 39.16 -21.91
CA ARG I 362 19.90 39.32 -21.22
C ARG I 362 19.74 40.27 -20.04
N THR I 363 20.22 39.84 -18.87
CA THR I 363 20.25 40.67 -17.69
C THR I 363 21.68 41.13 -17.43
N MET I 364 21.82 42.41 -17.09
CA MET I 364 23.13 43.01 -16.86
C MET I 364 23.37 43.19 -15.37
N LEU I 365 24.62 43.48 -15.04
CA LEU I 365 24.99 43.76 -13.66
C LEU I 365 24.52 45.14 -13.24
N TYR I 366 24.40 45.34 -11.94
CA TYR I 366 23.84 46.54 -11.38
C TYR I 366 24.93 47.53 -10.98
N THR I 367 24.65 48.81 -11.18
CA THR I 367 25.52 49.87 -10.72
C THR I 367 25.35 50.06 -9.22
N PRO I 368 26.30 50.71 -8.55
CA PRO I 368 26.15 50.94 -7.10
C PRO I 368 24.87 51.64 -6.72
N GLN I 369 24.41 52.61 -7.52
CA GLN I 369 23.16 53.29 -7.20
C GLN I 369 21.97 52.35 -7.25
N GLU I 370 21.93 51.47 -8.26
CA GLU I 370 20.87 50.49 -8.34
C GLU I 370 20.92 49.52 -7.16
N MET I 371 22.12 49.13 -6.75
CA MET I 371 22.26 48.26 -5.59
C MET I 371 21.75 48.95 -4.33
N LYS I 372 22.05 50.23 -4.16
CA LYS I 372 21.56 50.97 -3.01
C LYS I 372 20.04 51.07 -3.03
N GLN I 373 19.46 51.29 -4.20
CA GLN I 373 18.00 51.32 -4.31
C GLN I 373 17.38 49.99 -3.93
N ILE I 374 17.99 48.88 -4.39
CA ILE I 374 17.46 47.57 -4.08
C ILE I 374 17.58 47.27 -2.59
N ILE I 375 18.70 47.69 -1.98
CA ILE I 375 18.87 47.51 -0.54
C ILE I 375 17.84 48.31 0.23
N LYS I 376 17.58 49.54 -0.20
CA LYS I 376 16.56 50.35 0.47
C LYS I 376 15.17 49.73 0.34
N ILE I 377 14.86 49.18 -0.84
CA ILE I 377 13.57 48.52 -1.03
C ILE I 377 13.45 47.30 -0.14
N ARG I 378 14.54 46.52 -0.03
CA ARG I 378 14.52 45.35 0.85
C ARG I 378 14.35 45.76 2.30
N ALA I 379 14.99 46.87 2.70
CA ALA I 379 14.84 47.35 4.07
C ALA I 379 13.39 47.77 4.34
N GLN I 380 12.76 48.46 3.39
CA GLN I 380 11.37 48.84 3.58
C GLN I 380 10.46 47.62 3.63
N THR I 381 10.73 46.62 2.79
CA THR I 381 9.91 45.41 2.78
C THR I 381 10.04 44.63 4.07
N GLU I 382 11.21 44.64 4.70
CA GLU I 382 11.45 43.90 5.93
C GLU I 382 11.12 44.70 7.17
N GLY I 383 10.58 45.91 7.02
CA GLY I 383 10.25 46.74 8.15
C GLY I 383 11.43 47.22 8.96
N ILE I 384 12.50 47.65 8.29
CA ILE I 384 13.75 48.04 8.94
C ILE I 384 14.04 49.48 8.57
N ASN I 385 14.28 50.32 9.57
CA ASN I 385 14.70 51.69 9.33
C ASN I 385 16.23 51.74 9.30
N ILE I 386 16.77 52.35 8.26
CA ILE I 386 18.20 52.42 8.05
C ILE I 386 18.58 53.86 7.74
N SER I 387 19.65 54.34 8.38
CA SER I 387 20.12 55.69 8.18
C SER I 387 20.88 55.81 6.87
N GLU I 388 21.09 57.05 6.44
CA GLU I 388 21.76 57.29 5.16
C GLU I 388 23.19 56.76 5.18
N GLU I 389 23.91 56.97 6.28
CA GLU I 389 25.29 56.50 6.34
C GLU I 389 25.35 54.98 6.38
N ALA I 390 24.42 54.34 7.10
CA ALA I 390 24.36 52.89 7.10
C ALA I 390 24.04 52.35 5.71
N LEU I 391 23.13 53.01 5.00
CA LEU I 391 22.81 52.58 3.65
C LEU I 391 24.01 52.74 2.72
N ASN I 392 24.76 53.83 2.85
CA ASN I 392 25.94 54.02 2.03
C ASN I 392 27.00 52.97 2.32
N HIS I 393 27.20 52.65 3.60
CA HIS I 393 28.14 51.60 3.95
C HIS I 393 27.70 50.26 3.40
N LEU I 394 26.41 49.96 3.47
CA LEU I 394 25.91 48.70 2.92
C LEU I 394 26.13 48.65 1.41
N GLY I 395 25.91 49.76 0.72
CA GLY I 395 26.17 49.79 -0.71
C GLY I 395 27.63 49.57 -1.03
N GLU I 396 28.52 50.17 -0.23
CA GLU I 396 29.95 49.94 -0.43
C GLU I 396 30.31 48.47 -0.20
N ILE I 397 29.71 47.86 0.82
CA ILE I 397 29.95 46.44 1.08
C ILE I 397 29.47 45.60 -0.09
N GLY I 398 28.28 45.91 -0.62
CA GLY I 398 27.77 45.17 -1.76
C GLY I 398 28.64 45.31 -3.00
N THR I 399 29.18 46.50 -3.22
CA THR I 399 30.14 46.68 -4.30
C THR I 399 31.39 45.85 -4.05
N LYS I 400 31.80 45.74 -2.79
CA LYS I 400 33.01 44.99 -2.48
C LYS I 400 32.79 43.50 -2.62
N THR I 401 31.66 42.98 -2.11
CA THR I 401 31.46 41.55 -2.07
C THR I 401 30.32 41.06 -2.96
N THR I 402 29.08 41.49 -2.69
CA THR I 402 27.90 40.98 -3.40
C THR I 402 26.65 41.72 -2.96
N LEU I 403 25.68 41.90 -3.87
CA LEU I 403 24.41 42.49 -3.49
C LEU I 403 23.63 41.61 -2.53
N ARG I 404 23.68 40.29 -2.74
CA ARG I 404 22.94 39.39 -1.86
C ARG I 404 23.47 39.45 -0.44
N TYR I 405 24.78 39.56 -0.27
CA TYR I 405 25.36 39.64 1.06
C TYR I 405 24.89 40.90 1.79
N SER I 406 24.86 42.04 1.08
CA SER I 406 24.40 43.27 1.69
C SER I 406 22.93 43.19 2.05
N VAL I 407 22.12 42.59 1.19
CA VAL I 407 20.71 42.45 1.50
C VAL I 407 20.53 41.55 2.72
N GLN I 408 21.35 40.50 2.82
CA GLN I 408 21.25 39.58 3.94
C GLN I 408 21.81 40.15 5.23
N LEU I 409 22.52 41.27 5.17
CA LEU I 409 23.02 41.89 6.40
C LEU I 409 22.01 42.81 7.08
N LEU I 410 20.87 43.11 6.44
CA LEU I 410 19.94 44.08 7.00
C LEU I 410 19.30 43.56 8.28
N THR I 411 18.74 42.35 8.24
CA THR I 411 18.01 41.85 9.41
C THR I 411 18.91 41.62 10.62
N PRO I 412 20.08 40.96 10.51
CA PRO I 412 20.95 40.86 11.70
C PRO I 412 21.39 42.20 12.24
N ALA I 413 21.63 43.18 11.37
CA ALA I 413 22.01 44.50 11.84
C ALA I 413 20.86 45.16 12.58
N ASN I 414 19.64 44.98 12.09
CA ASN I 414 18.48 45.49 12.81
C ASN I 414 18.31 44.81 14.16
N LEU I 415 18.63 43.52 14.23
CA LEU I 415 18.54 42.83 15.52
C LEU I 415 19.56 43.36 16.50
N LEU I 416 20.79 43.61 16.04
CA LEU I 416 21.78 44.21 16.93
C LEU I 416 21.35 45.62 17.36
N ALA I 417 20.77 46.39 16.45
CA ALA I 417 20.28 47.70 16.82
C ALA I 417 19.19 47.62 17.88
N LYS I 418 18.27 46.67 17.72
CA LYS I 418 17.19 46.51 18.69
C LYS I 418 17.72 46.06 20.04
N ILE I 419 18.72 45.19 20.05
CA ILE I 419 19.32 44.76 21.30
C ILE I 419 20.02 45.93 21.98
N ASN I 420 20.77 46.72 21.21
CA ASN I 420 21.43 47.89 21.78
C ASN I 420 20.46 48.98 22.18
N GLY I 421 19.19 48.87 21.80
CA GLY I 421 18.18 49.84 22.18
C GLY I 421 17.86 50.90 21.16
N LYS I 422 18.32 50.75 19.92
CA LYS I 422 18.10 51.74 18.88
C LYS I 422 17.12 51.20 17.84
N ASP I 423 16.22 52.07 17.40
CA ASP I 423 15.18 51.70 16.44
C ASP I 423 15.63 51.83 14.99
N SER I 424 16.86 52.24 14.74
CA SER I 424 17.37 52.40 13.39
C SER I 424 18.76 51.80 13.30
N ILE I 425 19.13 51.41 12.09
CA ILE I 425 20.45 50.84 11.85
C ILE I 425 21.45 51.97 11.68
N GLU I 426 22.50 51.96 12.51
CA GLU I 426 23.61 52.89 12.36
C GLU I 426 24.78 52.18 11.69
N LYS I 427 25.82 52.96 11.39
CA LYS I 427 26.98 52.39 10.71
C LYS I 427 27.69 51.38 11.59
N GLU I 428 27.70 51.61 12.91
CA GLU I 428 28.38 50.70 13.81
C GLU I 428 27.74 49.31 13.79
N HIS I 429 26.42 49.25 13.67
CA HIS I 429 25.75 47.95 13.60
C HIS I 429 26.14 47.21 12.32
N VAL I 430 26.19 47.91 11.19
CA VAL I 430 26.61 47.26 9.94
C VAL I 430 28.04 46.78 10.05
N GLU I 431 28.91 47.57 10.67
CA GLU I 431 30.30 47.15 10.86
C GLU I 431 30.36 45.90 11.74
N GLU I 432 29.57 45.87 12.82
CA GLU I 432 29.59 44.72 13.70
C GLU I 432 29.11 43.47 12.99
N ILE I 433 28.07 43.60 12.17
CA ILE I 433 27.57 42.45 11.43
C ILE I 433 28.58 41.99 10.39
N SER I 434 29.24 42.93 9.70
CA SER I 434 30.27 42.55 8.75
C SER I 434 31.43 41.86 9.43
N GLU I 435 31.68 42.18 10.70
CA GLU I 435 32.70 41.45 11.44
C GLU I 435 32.22 40.06 11.83
N LEU I 436 30.93 39.94 12.21
CA LEU I 436 30.44 38.66 12.69
C LEU I 436 30.33 37.63 11.57
N PHE I 437 29.86 38.04 10.39
CA PHE I 437 29.63 37.13 9.29
C PHE I 437 30.55 37.45 8.13
N TYR I 438 30.89 36.42 7.35
CA TYR I 438 31.77 36.55 6.20
C TYR I 438 31.01 36.24 4.92
N ASP I 439 31.46 36.82 3.83
CA ASP I 439 30.92 36.53 2.51
C ASP I 439 31.71 35.40 1.86
N ALA I 440 31.35 35.07 0.63
CA ALA I 440 32.02 33.96 -0.07
C ALA I 440 33.48 34.26 -0.34
N LYS I 441 33.80 35.49 -0.74
CA LYS I 441 35.17 35.83 -1.08
C LYS I 441 36.08 35.81 0.15
N SER I 442 35.61 36.38 1.26
CA SER I 442 36.41 36.40 2.47
C SER I 442 36.66 34.99 2.99
N SER I 443 35.62 34.15 3.00
CA SER I 443 35.80 32.78 3.42
C SER I 443 36.75 32.03 2.50
N ALA I 444 36.67 32.27 1.19
CA ALA I 444 37.59 31.62 0.27
C ALA I 444 39.02 32.06 0.51
N LYS I 445 39.23 33.35 0.81
CA LYS I 445 40.57 33.81 1.14
C LYS I 445 41.09 33.15 2.40
N ILE I 446 40.24 33.02 3.43
CA ILE I 446 40.64 32.34 4.66
C ILE I 446 41.01 30.90 4.35
N LEU I 447 40.22 30.24 3.51
CA LEU I 447 40.49 28.84 3.16
C LEU I 447 41.80 28.70 2.41
N ALA I 448 42.09 29.63 1.49
CA ALA I 448 43.33 29.58 0.75
C ALA I 448 44.53 29.86 1.65
N ASP I 449 44.34 30.67 2.69
CA ASP I 449 45.43 30.95 3.61
C ASP I 449 45.73 29.79 4.55
N GLN I 450 44.80 28.85 4.71
CA GLN I 450 44.93 27.72 5.63
C GLN I 450 44.55 26.41 4.93
N GLN I 451 45.11 26.19 3.74
CA GLN I 451 44.73 25.02 2.96
C GLN I 451 45.04 23.71 3.69
N ASP I 452 46.19 23.64 4.35
CA ASP I 452 46.61 22.39 4.97
C ASP I 452 45.66 21.97 6.08
N LYS I 453 45.16 22.92 6.86
CA LYS I 453 44.37 22.58 8.04
C LYS I 453 42.97 22.09 7.64
N TYR I 454 42.37 22.71 6.64
CA TYR I 454 41.03 22.32 6.22
C TYR I 454 41.06 21.00 5.46
N MET I 455 39.92 20.32 5.46
CA MET I 455 39.81 19.02 4.80
C MET I 455 39.83 19.21 3.28
N LYS I 456 40.41 18.22 2.59
CA LYS I 456 40.55 18.28 1.14
C LYS I 456 39.32 17.70 0.45
N VAL J 16 19.56 4.04 37.30
CA VAL J 16 19.27 3.09 36.23
C VAL J 16 19.73 3.66 34.90
N THR J 17 20.15 2.78 33.99
CA THR J 17 20.65 3.21 32.70
C THR J 17 19.48 3.48 31.76
N ARG J 18 19.34 4.74 31.34
CA ARG J 18 18.33 5.11 30.37
C ARG J 18 18.93 5.13 28.98
N ILE J 19 18.08 5.42 27.98
CA ILE J 19 18.53 5.42 26.59
C ILE J 19 19.56 6.52 26.36
N GLU J 20 19.30 7.70 26.89
CA GLU J 20 20.20 8.84 26.69
C GLU J 20 21.37 8.70 27.65
N ARG J 21 22.48 8.18 27.14
CA ARG J 21 23.71 8.11 27.90
C ARG J 21 24.58 9.32 27.55
N ILE J 22 25.83 9.31 28.02
CA ILE J 22 26.72 10.43 27.79
C ILE J 22 27.24 10.36 26.36
N GLY J 23 26.94 11.38 25.56
CA GLY J 23 27.40 11.47 24.20
C GLY J 23 28.49 12.51 24.01
N ALA J 24 28.72 12.87 22.75
CA ALA J 24 29.79 13.79 22.42
C ALA J 24 29.42 15.23 22.76
N HIS J 25 28.13 15.57 22.69
CA HIS J 25 27.66 16.92 22.95
C HIS J 25 26.70 16.98 24.13
N SER J 26 26.78 16.00 25.04
CA SER J 26 25.83 15.96 26.15
C SER J 26 26.01 17.13 27.11
N HIS J 27 27.21 17.71 27.17
CA HIS J 27 27.46 18.81 28.08
C HIS J 27 26.93 20.14 27.55
N ILE J 28 26.57 20.23 26.28
CA ILE J 28 26.09 21.49 25.71
C ILE J 28 24.64 21.67 26.11
N ARG J 29 24.36 22.75 26.85
CA ARG J 29 23.01 23.07 27.29
C ARG J 29 22.52 24.38 26.72
N GLY J 30 23.31 25.06 25.90
CA GLY J 30 22.93 26.34 25.35
C GLY J 30 24.15 27.03 24.78
N LEU J 31 23.97 28.30 24.44
CA LEU J 31 25.07 29.10 23.90
C LEU J 31 25.80 29.92 24.94
N GLY J 32 25.28 30.04 26.15
CA GLY J 32 25.98 30.78 27.18
C GLY J 32 26.13 32.27 26.90
N LEU J 33 25.07 32.92 26.45
CA LEU J 33 25.10 34.33 26.11
C LEU J 33 24.33 35.14 27.15
N ASP J 34 24.65 36.43 27.23
CA ASP J 34 23.92 37.35 28.08
C ASP J 34 22.81 38.00 27.27
N ASP J 35 22.15 39.01 27.84
CA ASP J 35 21.03 39.66 27.18
C ASP J 35 21.45 40.43 25.93
N ALA J 36 22.73 40.80 25.82
CA ALA J 36 23.25 41.52 24.67
C ALA J 36 23.89 40.59 23.65
N LEU J 37 23.65 39.28 23.77
CA LEU J 37 24.25 38.27 22.91
C LEU J 37 25.78 38.30 22.98
N GLU J 38 26.33 38.73 24.10
CA GLU J 38 27.76 38.70 24.30
C GLU J 38 28.12 37.41 25.00
N PRO J 39 28.87 36.51 24.37
CA PRO J 39 29.14 35.21 24.99
C PRO J 39 30.00 35.33 26.23
N ARG J 40 29.76 34.40 27.15
CA ARG J 40 30.60 34.25 28.32
C ARG J 40 31.71 33.25 28.02
N GLN J 41 32.82 33.37 28.77
CA GLN J 41 33.97 32.52 28.51
C GLN J 41 33.63 31.05 28.75
N ALA J 42 32.89 30.76 29.80
CA ALA J 42 32.43 29.39 30.06
C ALA J 42 31.02 29.47 30.64
N SER J 43 30.04 29.00 29.87
CA SER J 43 28.66 28.99 30.34
C SER J 43 27.86 27.98 29.53
N GLN J 44 27.01 27.23 30.23
CA GLN J 44 26.10 26.27 29.60
C GLN J 44 26.86 25.24 28.77
N GLY J 45 28.03 24.84 29.25
CA GLY J 45 28.81 23.83 28.57
C GLY J 45 29.67 24.33 27.42
N MET J 46 29.63 25.62 27.12
CA MET J 46 30.37 26.18 26.00
C MET J 46 31.60 26.92 26.50
N VAL J 47 32.72 26.70 25.82
CA VAL J 47 33.98 27.36 26.14
C VAL J 47 34.48 28.07 24.90
N GLY J 48 34.81 29.35 25.05
CA GLY J 48 35.49 30.07 24.00
C GLY J 48 34.65 30.26 22.76
N GLN J 49 35.35 30.47 21.65
CA GLN J 49 34.75 30.80 20.36
C GLN J 49 33.68 31.87 20.49
N LEU J 50 34.12 33.04 20.96
CA LEU J 50 33.20 34.12 21.27
C LEU J 50 32.51 34.64 20.00
N ALA J 51 33.26 34.79 18.91
CA ALA J 51 32.68 35.34 17.69
C ALA J 51 31.64 34.40 17.10
N ALA J 52 31.96 33.11 17.03
CA ALA J 52 31.00 32.15 16.48
C ALA J 52 29.76 32.06 17.34
N ARG J 53 29.91 32.08 18.66
CA ARG J 53 28.74 32.01 19.54
C ARG J 53 27.89 33.26 19.43
N ARG J 54 28.53 34.43 19.27
CA ARG J 54 27.76 35.65 19.09
C ARG J 54 26.98 35.61 17.77
N ALA J 55 27.62 35.14 16.70
CA ALA J 55 26.92 35.01 15.43
C ALA J 55 25.77 34.03 15.53
N ALA J 56 25.97 32.92 16.24
CA ALA J 56 24.90 31.95 16.43
C ALA J 56 23.75 32.55 17.24
N GLY J 57 24.07 33.40 18.22
CA GLY J 57 23.03 34.06 18.97
C GLY J 57 22.23 35.04 18.12
N VAL J 58 22.91 35.77 17.24
CA VAL J 58 22.19 36.64 16.32
C VAL J 58 21.27 35.83 15.41
N VAL J 59 21.77 34.70 14.91
CA VAL J 59 20.95 33.85 14.06
C VAL J 59 19.77 33.28 14.86
N LEU J 60 19.98 32.98 16.13
CA LEU J 60 18.89 32.49 16.98
C LEU J 60 17.83 33.56 17.18
N GLU J 61 18.25 34.81 17.40
CA GLU J 61 17.27 35.89 17.50
C GLU J 61 16.49 36.00 16.20
N MET J 62 17.16 35.83 15.06
CA MET J 62 16.47 35.85 13.79
C MET J 62 15.46 34.70 13.68
N ILE J 63 15.84 33.52 14.15
CA ILE J 63 14.94 32.37 14.10
C ILE J 63 13.70 32.62 14.97
N ARG J 64 13.91 33.14 16.18
CA ARG J 64 12.79 33.33 17.10
C ARG J 64 11.89 34.48 16.67
N GLU J 65 12.43 35.48 15.98
CA GLU J 65 11.58 36.56 15.48
C GLU J 65 10.55 36.02 14.50
N GLY J 66 10.98 35.13 13.60
CA GLY J 66 10.06 34.42 12.74
C GLY J 66 9.52 35.20 11.56
N LYS J 67 10.13 36.33 11.22
CA LYS J 67 9.60 37.17 10.15
C LYS J 67 10.22 36.86 8.80
N ILE J 68 11.53 36.63 8.77
CA ILE J 68 12.25 36.42 7.53
C ILE J 68 12.35 34.93 7.25
N ALA J 69 12.07 34.54 6.01
CA ALA J 69 12.00 33.14 5.63
C ALA J 69 13.16 32.76 4.74
N GLY J 70 13.66 31.54 4.92
CA GLY J 70 14.69 31.01 4.04
C GLY J 70 16.07 31.57 4.25
N ARG J 71 16.34 32.15 5.41
CA ARG J 71 17.69 32.63 5.68
C ARG J 71 18.60 31.45 5.98
N ALA J 72 19.78 31.44 5.36
CA ALA J 72 20.72 30.33 5.45
C ALA J 72 22.03 30.82 6.04
N VAL J 73 22.57 30.03 6.98
CA VAL J 73 23.83 30.34 7.64
C VAL J 73 24.72 29.11 7.55
N LEU J 74 25.99 29.31 7.20
CA LEU J 74 26.95 28.23 7.07
C LEU J 74 28.02 28.36 8.14
N ILE J 75 28.16 27.34 8.96
CA ILE J 75 29.22 27.28 9.96
C ILE J 75 30.38 26.51 9.34
N ALA J 76 31.47 27.21 9.06
CA ALA J 76 32.62 26.64 8.38
C ALA J 76 33.84 26.78 9.28
N GLY J 77 34.66 25.74 9.30
CA GLY J 77 35.85 25.76 10.14
C GLY J 77 36.54 24.42 10.08
N GLN J 78 37.71 24.38 10.72
CA GLN J 78 38.53 23.20 10.70
C GLN J 78 37.86 22.07 11.49
N PRO J 79 38.24 20.82 11.24
CA PRO J 79 37.66 19.72 12.01
C PRO J 79 37.91 19.87 13.50
N GLY J 80 36.91 19.52 14.28
CA GLY J 80 37.03 19.64 15.72
C GLY J 80 37.12 21.07 16.21
N THR J 81 36.32 21.98 15.65
CA THR J 81 36.32 23.37 16.06
C THR J 81 34.94 23.83 16.54
N GLY J 82 34.10 22.90 16.99
CA GLY J 82 32.86 23.27 17.64
C GLY J 82 31.70 23.56 16.71
N LYS J 83 31.79 23.21 15.43
CA LYS J 83 30.69 23.46 14.51
C LYS J 83 29.43 22.74 14.96
N THR J 84 29.52 21.43 15.17
CA THR J 84 28.38 20.68 15.65
C THR J 84 28.04 21.07 17.09
N ALA J 85 29.04 21.49 17.87
CA ALA J 85 28.75 22.00 19.20
C ALA J 85 27.90 23.26 19.12
N ILE J 86 28.23 24.17 18.21
CA ILE J 86 27.42 25.37 18.02
C ILE J 86 26.02 25.02 17.55
N ALA J 87 25.90 24.08 16.62
CA ALA J 87 24.57 23.69 16.16
C ALA J 87 23.73 23.08 17.27
N MET J 88 24.33 22.21 18.09
CA MET J 88 23.59 21.60 19.19
C MET J 88 23.23 22.63 20.25
N GLY J 89 24.12 23.59 20.51
CA GLY J 89 23.77 24.66 21.43
C GLY J 89 22.63 25.52 20.92
N MET J 90 22.61 25.78 19.62
CA MET J 90 21.48 26.49 19.03
C MET J 90 20.20 25.69 19.18
N ALA J 91 20.27 24.37 18.97
CA ALA J 91 19.10 23.54 19.13
C ALA J 91 18.61 23.53 20.58
N GLN J 92 19.54 23.55 21.53
CA GLN J 92 19.16 23.54 22.93
C GLN J 92 18.59 24.88 23.36
N ALA J 93 19.13 25.98 22.85
CA ALA J 93 18.63 27.30 23.21
C ALA J 93 17.19 27.48 22.74
N LEU J 94 16.87 27.01 21.54
CA LEU J 94 15.48 26.88 21.16
C LEU J 94 14.83 25.79 22.01
N GLY J 95 13.57 26.01 22.35
CA GLY J 95 12.85 24.99 23.09
C GLY J 95 12.37 23.89 22.18
N PRO J 96 11.72 22.90 22.79
CA PRO J 96 11.03 21.88 21.98
C PRO J 96 9.92 22.46 21.13
N ASP J 97 9.45 23.67 21.44
CA ASP J 97 8.35 24.26 20.69
C ASP J 97 8.73 24.51 19.24
N THR J 98 9.92 25.05 19.01
CA THR J 98 10.34 25.35 17.65
C THR J 98 10.95 24.10 17.02
N PRO J 99 10.49 23.69 15.84
CA PRO J 99 11.07 22.51 15.19
C PRO J 99 12.54 22.70 14.89
N PHE J 100 13.31 21.62 15.08
CA PHE J 100 14.74 21.61 14.76
C PHE J 100 15.06 20.27 14.11
N THR J 101 15.01 20.23 12.78
CA THR J 101 15.28 19.03 12.03
C THR J 101 16.77 18.94 11.74
N ALA J 102 17.42 17.90 12.23
CA ALA J 102 18.85 17.68 12.05
C ALA J 102 19.05 16.43 11.20
N ILE J 103 19.61 16.60 10.01
CA ILE J 103 19.93 15.48 9.13
C ILE J 103 21.37 15.63 8.68
N ALA J 104 21.91 14.53 8.17
CA ALA J 104 23.20 14.55 7.50
C ALA J 104 23.01 14.60 5.99
N GLY J 105 24.06 15.02 5.29
CA GLY J 105 23.97 15.12 3.85
C GLY J 105 23.72 13.79 3.18
N SER J 106 24.20 12.71 3.77
CA SER J 106 24.00 11.37 3.21
C SER J 106 22.55 10.94 3.29
N GLU J 107 21.77 11.48 4.22
CA GLU J 107 20.41 11.01 4.45
C GLU J 107 19.48 11.38 3.30
N ILE J 108 19.82 12.39 2.50
CA ILE J 108 18.95 12.78 1.40
C ILE J 108 19.07 11.85 0.21
N PHE J 109 20.06 10.96 0.21
CA PHE J 109 20.21 9.97 -0.85
C PHE J 109 19.39 8.75 -0.46
N SER J 110 18.28 8.53 -1.14
CA SER J 110 17.31 7.52 -0.75
C SER J 110 16.88 6.73 -1.97
N LEU J 111 16.50 5.48 -1.73
CA LEU J 111 15.89 4.65 -2.76
C LEU J 111 14.38 4.77 -2.78
N GLU J 112 13.80 5.46 -1.80
CA GLU J 112 12.36 5.61 -1.69
C GLU J 112 11.86 6.85 -2.42
N MET J 113 12.69 7.88 -2.53
CA MET J 113 12.28 9.14 -3.13
C MET J 113 13.49 9.81 -3.75
N SER J 114 13.24 10.87 -4.50
CA SER J 114 14.31 11.63 -5.12
C SER J 114 15.01 12.51 -4.09
N LYS J 115 16.16 13.05 -4.48
CA LYS J 115 16.90 13.95 -3.62
C LYS J 115 16.10 15.23 -3.37
N THR J 116 15.47 15.76 -4.42
CA THR J 116 14.66 16.95 -4.26
C THR J 116 13.46 16.68 -3.35
N GLU J 117 12.87 15.49 -3.46
CA GLU J 117 11.79 15.13 -2.55
C GLU J 117 12.29 15.02 -1.11
N ALA J 118 13.49 14.47 -0.92
CA ALA J 118 14.04 14.36 0.43
C ALA J 118 14.28 15.74 1.03
N LEU J 119 14.81 16.67 0.23
CA LEU J 119 15.02 18.01 0.74
C LEU J 119 13.71 18.75 0.96
N THR J 120 12.69 18.47 0.15
CA THR J 120 11.38 19.08 0.38
C THR J 120 10.77 18.57 1.68
N GLN J 121 10.91 17.28 1.96
CA GLN J 121 10.40 16.75 3.22
C GLN J 121 11.21 17.27 4.41
N ALA J 122 12.51 17.49 4.22
CA ALA J 122 13.31 18.09 5.27
C ALA J 122 12.88 19.52 5.55
N PHE J 123 12.58 20.28 4.50
CA PHE J 123 12.14 21.66 4.68
C PHE J 123 10.79 21.69 5.39
N ARG J 124 9.84 20.89 4.92
CA ARG J 124 8.49 20.95 5.47
C ARG J 124 8.41 20.38 6.87
N ARG J 125 9.34 19.48 7.24
CA ARG J 125 9.44 19.07 8.64
C ARG J 125 9.85 20.19 9.57
N SER J 126 10.45 21.25 9.04
CA SER J 126 10.97 22.34 9.86
C SER J 126 9.98 23.47 10.09
N ILE J 127 8.84 23.46 9.41
CA ILE J 127 7.80 24.46 9.62
C ILE J 127 6.63 23.77 10.31
N GLY J 128 6.18 24.35 11.42
CA GLY J 128 5.12 23.77 12.23
C GLY J 128 3.89 24.65 12.23
N VAL J 129 2.74 24.01 12.41
CA VAL J 129 1.46 24.69 12.47
C VAL J 129 0.86 24.38 13.83
N ARG J 130 0.76 25.40 14.68
CA ARG J 130 0.29 25.23 16.05
C ARG J 130 -1.20 25.53 16.11
N ILE J 131 -1.99 24.53 16.47
CA ILE J 131 -3.45 24.64 16.50
C ILE J 131 -3.92 24.36 17.92
N LYS J 132 -4.70 25.27 18.48
CA LYS J 132 -5.26 25.10 19.82
C LYS J 132 -6.74 24.76 19.70
N GLU J 133 -7.16 23.73 20.43
CA GLU J 133 -8.56 23.36 20.49
C GLU J 133 -8.90 22.92 21.90
N GLU J 134 -10.19 22.96 22.22
CA GLU J 134 -10.69 22.59 23.54
C GLU J 134 -11.41 21.25 23.45
N THR J 135 -11.16 20.39 24.43
CA THR J 135 -11.79 19.09 24.50
C THR J 135 -12.29 18.82 25.91
N GLU J 136 -13.30 17.97 26.02
CA GLU J 136 -13.82 17.53 27.31
C GLU J 136 -13.25 16.16 27.62
N ILE J 137 -12.58 16.04 28.76
CA ILE J 137 -11.90 14.82 29.16
C ILE J 137 -12.49 14.35 30.49
N ILE J 138 -12.91 13.09 30.53
CA ILE J 138 -13.48 12.49 31.73
C ILE J 138 -12.48 11.48 32.25
N GLU J 139 -11.93 11.75 33.44
CA GLU J 139 -10.92 10.89 34.05
C GLU J 139 -11.39 10.54 35.45
N GLY J 140 -11.49 9.25 35.75
CA GLY J 140 -11.93 8.83 37.05
C GLY J 140 -11.76 7.35 37.25
N GLU J 141 -12.27 6.87 38.38
CA GLU J 141 -12.23 5.46 38.73
C GLU J 141 -13.60 4.83 38.52
N VAL J 142 -13.62 3.69 37.83
CA VAL J 142 -14.87 3.01 37.53
C VAL J 142 -15.42 2.35 38.79
N VAL J 143 -16.69 2.62 39.08
CA VAL J 143 -17.37 2.01 40.22
C VAL J 143 -18.24 0.85 39.79
N GLU J 144 -19.11 1.08 38.82
CA GLU J 144 -20.02 0.05 38.33
C GLU J 144 -20.33 0.31 36.87
N ILE J 145 -20.30 -0.75 36.06
CA ILE J 145 -20.64 -0.66 34.65
C ILE J 145 -21.75 -1.67 34.36
N GLN J 146 -22.85 -1.17 33.80
CA GLN J 146 -24.02 -2.00 33.50
C GLN J 146 -24.41 -1.81 32.04
N ILE J 147 -24.58 -2.91 31.33
CA ILE J 147 -25.00 -2.89 29.93
C ILE J 147 -26.11 -3.91 29.75
N ASP J 148 -27.23 -3.46 29.18
CA ASP J 148 -28.40 -4.31 29.01
C ASP J 148 -28.90 -4.20 27.57
N ARG J 149 -29.49 -5.29 27.08
CA ARG J 149 -30.02 -5.33 25.72
C ARG J 149 -31.32 -4.54 25.61
N LYS J 157 -29.70 -0.44 22.37
CA LYS J 157 -29.02 -0.86 23.59
C LYS J 157 -28.92 0.29 24.59
N VAL J 158 -29.03 -0.04 25.88
CA VAL J 158 -28.95 0.95 26.94
C VAL J 158 -27.92 0.49 27.96
N GLY J 159 -27.41 1.44 28.73
CA GLY J 159 -26.41 1.14 29.73
C GLY J 159 -26.22 2.30 30.68
N LYS J 160 -25.61 1.99 31.82
CA LYS J 160 -25.26 2.98 32.81
C LYS J 160 -23.82 2.78 33.25
N LEU J 161 -23.16 3.88 33.59
CA LEU J 161 -21.77 3.85 34.06
C LEU J 161 -21.62 4.77 35.25
N THR J 162 -21.04 4.26 36.33
CA THR J 162 -20.83 5.01 37.56
C THR J 162 -19.34 5.22 37.76
N LEU J 163 -18.92 6.47 37.84
CA LEU J 163 -17.51 6.84 37.99
C LEU J 163 -17.35 7.69 39.24
N LYS J 164 -16.20 7.56 39.90
CA LYS J 164 -15.96 8.32 41.12
C LYS J 164 -14.55 8.88 41.12
N THR J 165 -14.40 10.03 41.75
CA THR J 165 -13.14 10.60 42.16
C THR J 165 -13.10 10.60 43.68
N THR J 166 -12.05 11.18 44.25
CA THR J 166 -12.02 11.30 45.70
C THR J 166 -12.98 12.36 46.22
N GLU J 167 -13.59 13.16 45.34
CA GLU J 167 -14.46 14.23 45.77
C GLU J 167 -15.90 14.12 45.27
N MET J 168 -16.17 13.36 44.21
CA MET J 168 -17.53 13.29 43.69
C MET J 168 -17.74 11.97 42.97
N GLU J 169 -19.02 11.57 42.91
CA GLU J 169 -19.43 10.35 42.23
C GLU J 169 -20.67 10.63 41.40
N THR J 170 -20.79 9.94 40.28
CA THR J 170 -21.80 10.26 39.28
C THR J 170 -22.18 8.99 38.55
N ILE J 171 -23.42 8.95 38.07
CA ILE J 171 -23.90 7.89 37.20
C ILE J 171 -24.24 8.50 35.86
N TYR J 172 -23.77 7.89 34.78
CA TYR J 172 -23.97 8.37 33.43
C TYR J 172 -24.91 7.44 32.68
N ASP J 173 -25.76 8.02 31.84
CA ASP J 173 -26.57 7.25 30.91
C ASP J 173 -25.81 7.18 29.59
N LEU J 174 -25.48 5.97 29.15
CA LEU J 174 -24.58 5.78 28.04
C LEU J 174 -25.33 5.68 26.72
N GLY J 175 -24.70 6.18 25.67
CA GLY J 175 -25.20 6.02 24.32
C GLY J 175 -24.66 4.78 23.65
N THR J 176 -25.15 4.55 22.43
CA THR J 176 -24.78 3.33 21.71
C THR J 176 -23.30 3.31 21.37
N LYS J 177 -22.76 4.44 20.91
CA LYS J 177 -21.37 4.46 20.48
C LYS J 177 -20.42 4.32 21.67
N MET J 178 -20.72 4.99 22.77
CA MET J 178 -19.89 4.84 23.97
C MET J 178 -20.01 3.45 24.56
N ILE J 179 -21.20 2.83 24.49
CA ILE J 179 -21.35 1.46 24.94
C ILE J 179 -20.49 0.53 24.10
N GLU J 180 -20.50 0.72 22.78
CA GLU J 180 -19.65 -0.10 21.91
C GLU J 180 -18.17 0.12 22.22
N SER J 181 -17.78 1.36 22.47
CA SER J 181 -16.38 1.65 22.79
C SER J 181 -15.97 0.99 24.10
N LEU J 182 -16.85 1.02 25.10
CA LEU J 182 -16.52 0.41 26.38
C LEU J 182 -16.55 -1.11 26.29
N THR J 183 -17.33 -1.66 25.36
CA THR J 183 -17.31 -3.11 25.17
C THR J 183 -16.05 -3.55 24.46
N LYS J 184 -15.59 -2.77 23.47
CA LYS J 184 -14.39 -3.13 22.72
C LYS J 184 -13.17 -3.17 23.63
N ASP J 185 -13.03 -2.19 24.51
CA ASP J 185 -11.94 -2.13 25.47
C ASP J 185 -12.46 -2.59 26.82
N LYS J 186 -12.11 -3.82 27.22
CA LYS J 186 -12.65 -4.44 28.43
C LYS J 186 -12.44 -3.53 29.63
N VAL J 187 -13.53 -3.02 30.19
CA VAL J 187 -13.51 -2.12 31.34
C VAL J 187 -14.30 -2.77 32.46
N GLN J 188 -13.68 -2.93 33.61
CA GLN J 188 -14.31 -3.52 34.78
C GLN J 188 -14.14 -2.60 35.98
N ALA J 189 -14.89 -2.88 37.03
CA ALA J 189 -14.86 -2.05 38.22
C ALA J 189 -13.47 -2.02 38.83
N GLY J 190 -13.05 -0.84 39.26
CA GLY J 190 -11.75 -0.64 39.87
C GLY J 190 -10.70 -0.09 38.94
N ASP J 191 -10.91 -0.16 37.63
CA ASP J 191 -9.94 0.39 36.69
C ASP J 191 -10.01 1.90 36.70
N VAL J 192 -8.86 2.55 36.59
CA VAL J 192 -8.77 4.00 36.45
C VAL J 192 -8.57 4.30 34.97
N ILE J 193 -9.55 4.96 34.36
CA ILE J 193 -9.57 5.20 32.92
C ILE J 193 -9.82 6.68 32.67
N THR J 194 -9.40 7.12 31.49
CA THR J 194 -9.74 8.43 30.97
C THR J 194 -10.47 8.28 29.65
N ILE J 195 -11.54 9.06 29.47
CA ILE J 195 -12.38 9.01 28.28
C ILE J 195 -12.35 10.37 27.61
N ASP J 196 -12.11 10.38 26.31
CA ASP J 196 -12.33 11.56 25.48
C ASP J 196 -13.79 11.54 25.04
N LYS J 197 -14.57 12.52 25.50
CA LYS J 197 -16.02 12.45 25.36
C LYS J 197 -16.44 12.44 23.90
N ALA J 198 -15.78 13.26 23.07
CA ALA J 198 -16.23 13.42 21.69
C ALA J 198 -15.89 12.20 20.85
N THR J 199 -14.85 11.45 21.22
CA THR J 199 -14.38 10.35 20.40
C THR J 199 -14.58 8.98 21.03
N GLY J 200 -14.84 8.91 22.33
CA GLY J 200 -14.88 7.62 22.98
C GLY J 200 -13.54 6.97 23.18
N LYS J 201 -12.45 7.70 23.01
CA LYS J 201 -11.11 7.16 23.16
C LYS J 201 -10.88 6.83 24.63
N ILE J 202 -10.95 5.55 24.97
CA ILE J 202 -10.78 5.09 26.34
C ILE J 202 -9.43 4.41 26.45
N SER J 203 -8.60 4.91 27.36
CA SER J 203 -7.30 4.32 27.66
C SER J 203 -7.22 4.03 29.14
N LYS J 204 -6.97 2.77 29.49
CA LYS J 204 -6.88 2.37 30.89
C LYS J 204 -5.48 2.67 31.39
N LEU J 205 -5.39 3.52 32.40
CA LEU J 205 -4.10 3.96 32.93
C LEU J 205 -3.75 3.28 34.26
N GLY J 206 -4.46 2.22 34.63
CA GLY J 206 -4.10 1.43 35.79
C GLY J 206 -5.34 1.00 36.54
N ARG J 207 -5.11 0.40 37.72
CA ARG J 207 -6.16 -0.04 38.61
C ARG J 207 -5.91 0.50 40.00
N SER J 208 -6.98 0.84 40.72
CA SER J 208 -6.89 1.39 42.06
C SER J 208 -7.71 0.55 43.02
N PHE J 209 -7.18 0.40 44.24
CA PHE J 209 -7.89 -0.33 45.28
C PHE J 209 -7.48 0.18 46.67
N PHE J 224 -0.69 0.22 39.57
CA PHE J 224 -1.59 0.83 40.54
C PHE J 224 -1.44 2.35 40.56
N VAL J 225 -2.54 3.05 40.31
CA VAL J 225 -2.56 4.50 40.23
C VAL J 225 -3.65 5.03 41.17
N GLN J 226 -3.32 6.10 41.89
CA GLN J 226 -4.28 6.71 42.80
C GLN J 226 -5.47 7.28 42.03
N CYS J 227 -6.65 7.19 42.63
CA CYS J 227 -7.86 7.68 41.99
C CYS J 227 -7.76 9.20 41.80
N PRO J 228 -8.31 9.73 40.70
CA PRO J 228 -8.26 11.18 40.50
C PRO J 228 -9.02 11.92 41.59
N ASP J 229 -8.60 13.16 41.84
CA ASP J 229 -9.08 13.92 42.99
C ASP J 229 -10.26 14.81 42.65
N GLY J 230 -10.08 15.73 41.70
CA GLY J 230 -11.04 16.80 41.49
C GLY J 230 -12.30 16.44 40.73
N GLU J 231 -12.72 17.35 39.85
CA GLU J 231 -13.93 17.15 39.07
C GLU J 231 -13.74 15.99 38.09
N LEU J 232 -14.83 15.26 37.84
CA LEU J 232 -14.77 14.14 36.92
C LEU J 232 -14.65 14.60 35.48
N GLN J 233 -15.43 15.61 35.10
CA GLN J 233 -15.46 16.11 33.73
C GLN J 233 -14.74 17.45 33.66
N LYS J 234 -13.67 17.51 32.88
CA LYS J 234 -12.82 18.69 32.77
C LYS J 234 -12.72 19.12 31.33
N ARG J 235 -12.87 20.42 31.09
CA ARG J 235 -12.63 21.00 29.77
C ARG J 235 -11.18 21.43 29.66
N LYS J 236 -10.44 20.81 28.76
CA LYS J 236 -9.00 21.02 28.63
C LYS J 236 -8.70 21.67 27.29
N GLU J 237 -7.65 22.50 27.29
CA GLU J 237 -7.12 23.09 26.06
C GLU J 237 -5.90 22.28 25.64
N VAL J 238 -6.00 21.62 24.49
CA VAL J 238 -4.93 20.80 23.95
C VAL J 238 -4.31 21.52 22.77
N VAL J 239 -2.98 21.61 22.76
CA VAL J 239 -2.24 22.32 21.73
C VAL J 239 -1.37 21.31 21.00
N HIS J 240 -1.49 21.28 19.68
CA HIS J 240 -0.69 20.40 18.83
C HIS J 240 0.13 21.24 17.86
N THR J 241 1.42 20.91 17.74
CA THR J 241 2.28 21.49 16.73
C THR J 241 2.54 20.44 15.66
N VAL J 242 1.98 20.65 14.48
CA VAL J 242 1.99 19.67 13.40
C VAL J 242 2.84 20.24 12.27
N SER J 243 3.82 19.48 11.82
CA SER J 243 4.67 19.95 10.74
C SER J 243 3.94 19.84 9.41
N LEU J 244 4.39 20.66 8.44
CA LEU J 244 3.79 20.61 7.12
C LEU J 244 3.94 19.24 6.49
N HIS J 245 5.08 18.59 6.72
CA HIS J 245 5.26 17.23 6.23
C HIS J 245 4.23 16.30 6.83
N GLU J 246 3.94 16.46 8.13
CA GLU J 246 2.93 15.62 8.77
C GLU J 246 1.56 15.82 8.15
N ILE J 247 1.19 17.08 7.87
CA ILE J 247 -0.10 17.36 7.24
C ILE J 247 -0.16 16.71 5.87
N ASP J 248 0.92 16.88 5.08
CA ASP J 248 0.95 16.30 3.74
C ASP J 248 0.81 14.78 3.78
N VAL J 249 1.53 14.13 4.70
CA VAL J 249 1.50 12.68 4.74
C VAL J 249 0.15 12.18 5.23
N ILE J 250 -0.42 12.85 6.23
CA ILE J 250 -1.74 12.45 6.74
C ILE J 250 -2.80 12.58 5.65
N ASN J 251 -2.73 13.65 4.87
CA ASN J 251 -3.74 13.91 3.84
C ASN J 251 -3.37 13.35 2.48
N SER J 252 -2.25 12.62 2.37
CA SER J 252 -1.86 12.09 1.07
C SER J 252 -2.77 10.95 0.62
N ARG J 253 -3.16 10.08 1.54
CA ARG J 253 -4.02 8.95 1.20
C ARG J 253 -4.75 8.50 2.46
N THR J 254 -5.70 7.60 2.28
CA THR J 254 -6.39 7.02 3.43
C THR J 254 -5.42 6.14 4.21
N GLN J 255 -5.48 6.25 5.54
CA GLN J 255 -4.50 5.61 6.42
C GLN J 255 -3.09 6.05 6.09
N GLY J 256 -2.95 7.26 5.55
CA GLY J 256 -1.66 7.75 5.09
C GLY J 256 -0.72 8.13 6.22
N PHE J 257 -1.24 8.36 7.41
CA PHE J 257 -0.40 8.69 8.55
C PHE J 257 0.61 7.60 8.87
N LEU J 258 0.33 6.37 8.44
CA LEU J 258 1.28 5.28 8.69
C LEU J 258 2.63 5.57 8.06
N ALA J 259 2.65 6.33 6.96
CA ALA J 259 3.90 6.68 6.31
C ALA J 259 4.78 7.59 7.16
N LEU J 260 4.20 8.26 8.17
CA LEU J 260 5.04 9.05 9.05
C LEU J 260 5.97 8.19 9.90
N PHE J 261 5.69 6.90 10.01
CA PHE J 261 6.47 6.00 10.84
C PHE J 261 7.28 4.99 10.05
N SER J 262 6.86 4.65 8.84
CA SER J 262 7.50 3.60 8.07
C SER J 262 8.07 4.10 6.74
N GLY J 263 8.38 5.39 6.65
CA GLY J 263 8.78 5.93 5.37
C GLY J 263 7.65 5.85 4.38
N ASP J 264 7.85 5.13 3.28
CA ASP J 264 6.76 4.77 2.36
C ASP J 264 5.95 5.98 1.90
N THR J 265 6.52 7.17 2.03
CA THR J 265 5.82 8.36 1.57
C THR J 265 5.80 8.45 0.05
N GLY J 266 6.74 7.78 -0.61
CA GLY J 266 6.86 7.99 -2.04
C GLY J 266 7.27 9.42 -2.33
N GLU J 267 6.79 9.92 -3.46
CA GLU J 267 6.99 11.31 -3.85
C GLU J 267 5.63 11.99 -3.86
N ILE J 268 5.38 12.82 -2.85
CA ILE J 268 4.08 13.47 -2.71
C ILE J 268 3.87 14.42 -3.87
N LYS J 269 2.66 14.41 -4.43
CA LYS J 269 2.36 15.26 -5.57
C LYS J 269 2.42 16.73 -5.19
N SER J 270 2.85 17.56 -6.14
CA SER J 270 2.89 19.00 -5.90
C SER J 270 1.51 19.61 -5.74
N GLU J 271 0.47 18.98 -6.30
CA GLU J 271 -0.88 19.50 -6.13
C GLU J 271 -1.32 19.40 -4.68
N VAL J 272 -1.06 18.27 -4.04
CA VAL J 272 -1.41 18.11 -2.63
C VAL J 272 -0.65 19.11 -1.77
N ARG J 273 0.63 19.30 -2.05
CA ARG J 273 1.43 20.24 -1.26
C ARG J 273 0.95 21.66 -1.44
N GLU J 274 0.62 22.05 -2.67
CA GLU J 274 0.10 23.39 -2.91
C GLU J 274 -1.23 23.59 -2.21
N GLN J 275 -2.11 22.58 -2.25
CA GLN J 275 -3.39 22.68 -1.56
C GLN J 275 -3.19 22.83 -0.06
N ILE J 276 -2.25 22.07 0.51
CA ILE J 276 -2.01 22.15 1.95
C ILE J 276 -1.45 23.52 2.31
N ASN J 277 -0.54 24.06 1.50
CA ASN J 277 -0.01 25.39 1.75
C ASN J 277 -1.12 26.44 1.68
N ALA J 278 -2.01 26.32 0.70
CA ALA J 278 -3.12 27.26 0.60
C ALA J 278 -4.03 27.16 1.82
N LYS J 279 -4.33 25.95 2.27
CA LYS J 279 -5.21 25.80 3.42
C LYS J 279 -4.55 26.32 4.69
N VAL J 280 -3.23 26.16 4.80
CA VAL J 280 -2.52 26.70 5.96
C VAL J 280 -2.53 28.22 5.93
N ALA J 281 -2.38 28.81 4.75
CA ALA J 281 -2.51 30.25 4.64
C ALA J 281 -3.91 30.72 5.03
N GLU J 282 -4.93 29.98 4.61
CA GLU J 282 -6.30 30.31 4.99
C GLU J 282 -6.48 30.24 6.50
N TRP J 283 -5.93 29.20 7.14
CA TRP J 283 -6.00 29.07 8.59
C TRP J 283 -5.31 30.23 9.27
N ARG J 284 -4.13 30.60 8.80
CA ARG J 284 -3.39 31.70 9.40
C ARG J 284 -4.17 33.01 9.28
N GLU J 285 -4.79 33.24 8.12
CA GLU J 285 -5.59 34.45 7.94
C GLU J 285 -6.81 34.43 8.84
N GLU J 286 -7.45 33.27 9.01
CA GLU J 286 -8.66 33.16 9.79
C GLU J 286 -8.39 33.01 11.29
N GLY J 287 -7.14 32.95 11.72
CA GLY J 287 -6.81 32.83 13.12
C GLY J 287 -6.90 31.43 13.68
N LYS J 288 -7.24 30.44 12.87
CA LYS J 288 -7.37 29.07 13.37
C LYS J 288 -6.03 28.44 13.70
N ALA J 289 -4.93 29.00 13.22
CA ALA J 289 -3.62 28.38 13.42
C ALA J 289 -2.52 29.44 13.35
N GLU J 290 -1.38 29.11 13.95
CA GLU J 290 -0.21 29.95 13.93
C GLU J 290 0.96 29.18 13.33
N ILE J 291 1.79 29.86 12.54
CA ILE J 291 2.95 29.25 11.91
C ILE J 291 4.16 29.42 12.81
N ILE J 292 4.91 28.34 13.01
CA ILE J 292 6.12 28.37 13.83
C ILE J 292 7.31 27.96 12.97
N PRO J 293 7.96 28.90 12.29
CA PRO J 293 9.15 28.54 11.50
C PRO J 293 10.26 28.01 12.39
N GLY J 294 10.97 27.00 11.90
CA GLY J 294 12.03 26.36 12.65
C GLY J 294 13.33 26.35 11.88
N VAL J 295 14.18 25.38 12.21
CA VAL J 295 15.55 25.32 11.70
C VAL J 295 15.78 23.93 11.12
N LEU J 296 16.34 23.89 9.92
CA LEU J 296 16.85 22.67 9.32
C LEU J 296 18.37 22.68 9.36
N PHE J 297 18.96 21.68 9.99
CA PHE J 297 20.40 21.57 10.11
C PHE J 297 20.88 20.41 9.27
N ILE J 298 21.78 20.69 8.34
CA ILE J 298 22.36 19.69 7.45
C ILE J 298 23.84 19.63 7.78
N ASP J 299 24.21 18.72 8.67
CA ASP J 299 25.61 18.52 8.98
C ASP J 299 26.31 17.83 7.81
N GLU J 300 27.54 18.28 7.52
CA GLU J 300 28.31 17.78 6.39
C GLU J 300 27.55 17.99 5.08
N VAL J 301 27.19 19.26 4.85
CA VAL J 301 26.49 19.66 3.63
C VAL J 301 27.27 19.28 2.38
N HIS J 302 28.59 19.20 2.48
CA HIS J 302 29.41 18.92 1.32
C HIS J 302 29.11 17.58 0.65
N MET J 303 28.37 16.69 1.33
CA MET J 303 27.97 15.43 0.71
C MET J 303 26.85 15.61 -0.30
N LEU J 304 26.15 16.74 -0.27
CA LEU J 304 25.14 17.03 -1.27
C LEU J 304 25.80 17.20 -2.64
N ASP J 305 25.07 16.85 -3.68
CA ASP J 305 25.55 16.99 -5.03
C ASP J 305 25.02 18.29 -5.64
N ILE J 306 25.38 18.53 -6.90
CA ILE J 306 25.06 19.81 -7.53
C ILE J 306 23.55 19.94 -7.70
N GLU J 307 22.86 18.83 -7.96
CA GLU J 307 21.41 18.88 -8.11
C GLU J 307 20.73 19.32 -6.81
N SER J 308 21.17 18.77 -5.69
CA SER J 308 20.58 19.15 -4.41
C SER J 308 20.85 20.62 -4.09
N PHE J 309 22.06 21.10 -4.37
CA PHE J 309 22.40 22.50 -4.15
C PHE J 309 21.53 23.41 -5.02
N SER J 310 21.38 23.07 -6.30
CA SER J 310 20.55 23.89 -7.17
C SER J 310 19.11 23.91 -6.67
N PHE J 311 18.63 22.78 -6.16
CA PHE J 311 17.29 22.75 -5.58
C PHE J 311 17.19 23.63 -4.35
N LEU J 312 18.20 23.59 -3.49
CA LEU J 312 18.18 24.43 -2.28
C LEU J 312 18.18 25.90 -2.64
N ASN J 313 18.84 26.26 -3.74
CA ASN J 313 18.94 27.65 -4.15
C ASN J 313 17.56 28.28 -4.30
N ARG J 314 16.63 27.54 -4.88
CA ARG J 314 15.29 28.06 -5.11
C ARG J 314 14.31 27.65 -4.00
N ALA J 315 14.56 26.54 -3.31
CA ALA J 315 13.72 26.17 -2.19
C ALA J 315 13.85 27.15 -1.04
N LEU J 316 14.98 27.85 -0.95
CA LEU J 316 15.12 28.86 0.09
C LEU J 316 14.36 30.13 -0.22
N GLU J 317 13.89 30.31 -1.44
CA GLU J 317 13.20 31.53 -1.86
C GLU J 317 11.72 31.51 -1.58
N SER J 318 11.18 30.41 -1.07
CA SER J 318 9.77 30.34 -0.71
C SER J 318 9.52 31.07 0.61
N ASP J 319 8.27 31.48 0.80
CA ASP J 319 7.88 32.11 2.05
C ASP J 319 7.69 31.11 3.18
N MET J 320 7.59 29.82 2.86
CA MET J 320 7.48 28.77 3.86
C MET J 320 8.81 28.09 4.13
N ALA J 321 9.91 28.65 3.65
CA ALA J 321 11.20 28.04 3.88
C ALA J 321 11.66 28.30 5.31
N PRO J 322 12.26 27.32 5.96
CA PRO J 322 12.80 27.52 7.31
C PRO J 322 14.18 28.16 7.25
N VAL J 323 14.77 28.33 8.42
CA VAL J 323 16.16 28.74 8.52
C VAL J 323 17.05 27.53 8.29
N LEU J 324 18.00 27.66 7.38
CA LEU J 324 18.87 26.56 7.01
C LEU J 324 20.25 26.78 7.62
N ILE J 325 20.72 25.79 8.37
CA ILE J 325 22.04 25.83 8.99
C ILE J 325 22.83 24.64 8.47
N MET J 326 24.03 24.90 7.99
CA MET J 326 24.90 23.89 7.40
C MET J 326 26.27 23.98 8.04
N ALA J 327 26.97 22.84 8.06
CA ALA J 327 28.31 22.76 8.61
C ALA J 327 29.19 22.00 7.62
N THR J 328 30.38 22.53 7.36
CA THR J 328 31.35 21.80 6.56
C THR J 328 32.76 22.25 6.91
N ASN J 329 33.71 21.32 6.80
CA ASN J 329 35.12 21.57 7.08
C ASN J 329 35.95 21.57 5.81
N ARG J 330 35.33 21.49 4.65
CA ARG J 330 36.06 21.39 3.40
C ARG J 330 36.72 22.71 3.03
N GLY J 331 37.94 22.61 2.52
CA GLY J 331 38.56 23.71 1.80
C GLY J 331 38.08 23.69 0.36
N ILE J 332 38.87 24.32 -0.51
CA ILE J 332 38.49 24.37 -1.92
C ILE J 332 38.48 22.94 -2.44
N THR J 333 37.29 22.44 -2.75
CA THR J 333 37.06 21.01 -2.86
C THR J 333 36.12 20.79 -4.04
N ARG J 334 36.25 19.65 -4.69
CA ARG J 334 35.34 19.28 -5.78
C ARG J 334 33.91 19.14 -5.29
N ILE J 335 32.99 19.78 -5.99
CA ILE J 335 31.57 19.61 -5.74
C ILE J 335 31.15 18.24 -6.24
N ARG J 336 30.50 17.46 -5.37
CA ARG J 336 30.06 16.13 -5.74
C ARG J 336 29.11 16.20 -6.93
N GLY J 337 29.35 15.33 -7.92
CA GLY J 337 28.57 15.33 -9.13
C GLY J 337 29.12 16.21 -10.23
N THR J 338 30.18 16.97 -9.97
CA THR J 338 30.80 17.83 -10.96
C THR J 338 32.30 17.60 -10.95
N SER J 339 33.01 18.37 -11.77
CA SER J 339 34.47 18.41 -11.77
C SER J 339 35.01 19.75 -11.32
N TYR J 340 34.13 20.63 -10.84
CA TYR J 340 34.50 21.98 -10.45
C TYR J 340 35.00 22.04 -9.01
N GLN J 341 35.92 22.96 -8.78
CA GLN J 341 36.45 23.26 -7.46
C GLN J 341 35.70 24.48 -6.93
N SER J 342 35.30 24.44 -5.67
CA SER J 342 34.65 25.60 -5.09
C SER J 342 34.91 25.62 -3.59
N PRO J 343 34.81 26.80 -2.97
CA PRO J 343 35.44 26.99 -1.66
C PRO J 343 35.11 25.93 -0.62
N HIS J 344 33.89 25.41 -0.62
CA HIS J 344 33.49 24.44 0.37
C HIS J 344 32.87 23.19 -0.25
N GLY J 345 33.09 22.95 -1.53
CA GLY J 345 32.28 21.97 -2.23
C GLY J 345 30.85 22.40 -2.42
N ILE J 346 30.57 23.68 -2.19
CA ILE J 346 29.26 24.28 -2.44
C ILE J 346 29.45 25.20 -3.63
N PRO J 347 28.53 25.22 -4.59
CA PRO J 347 28.68 26.15 -5.71
C PRO J 347 28.51 27.59 -5.26
N ILE J 348 29.14 28.51 -6.00
CA ILE J 348 29.21 29.88 -5.53
C ILE J 348 27.86 30.55 -5.57
N ASP J 349 26.95 30.05 -6.42
CA ASP J 349 25.62 30.63 -6.48
C ASP J 349 24.86 30.42 -5.17
N LEU J 350 25.04 29.26 -4.54
CA LEU J 350 24.46 29.03 -3.21
C LEU J 350 25.19 29.84 -2.15
N LEU J 351 26.52 29.83 -2.19
CA LEU J 351 27.32 30.59 -1.24
C LEU J 351 26.95 32.07 -1.22
N ASP J 352 26.51 32.61 -2.35
CA ASP J 352 26.12 34.02 -2.36
C ASP J 352 24.86 34.28 -1.53
N ARG J 353 24.06 33.26 -1.25
CA ARG J 353 22.86 33.40 -0.43
C ARG J 353 23.09 33.05 1.03
N LEU J 354 24.31 32.72 1.43
CA LEU J 354 24.62 32.26 2.77
C LEU J 354 25.36 33.32 3.57
N LEU J 355 25.17 33.28 4.87
CA LEU J 355 26.04 33.98 5.81
C LEU J 355 26.96 32.97 6.48
N ILE J 356 28.27 33.21 6.42
CA ILE J 356 29.26 32.24 6.85
C ILE J 356 29.79 32.64 8.21
N VAL J 357 29.80 31.70 9.14
CA VAL J 357 30.35 31.89 10.48
C VAL J 357 31.58 31.01 10.60
N SER J 358 32.73 31.63 10.86
CA SER J 358 34.00 30.92 10.89
C SER J 358 34.36 30.58 12.32
N THR J 359 34.77 29.34 12.54
CA THR J 359 35.21 28.87 13.85
C THR J 359 36.73 28.81 13.89
N THR J 360 37.30 29.30 14.94
CA THR J 360 38.74 29.39 15.10
C THR J 360 39.26 28.26 15.98
N PRO J 361 40.50 27.83 15.79
CA PRO J 361 41.06 26.77 16.63
C PRO J 361 41.17 27.23 18.09
N TYR J 362 41.15 26.26 18.99
CA TYR J 362 41.11 26.54 20.41
C TYR J 362 42.52 26.74 20.97
N SER J 363 42.60 27.53 22.04
CA SER J 363 43.86 27.80 22.71
C SER J 363 44.10 26.77 23.82
N GLU J 364 45.22 26.91 24.51
CA GLU J 364 45.52 26.03 25.64
C GLU J 364 44.50 26.21 26.77
N LYS J 365 44.17 27.46 27.08
CA LYS J 365 43.21 27.71 28.15
C LYS J 365 41.84 27.16 27.80
N ASP J 366 41.39 27.40 26.57
CA ASP J 366 40.10 26.89 26.14
C ASP J 366 40.10 25.37 26.12
N THR J 367 41.20 24.77 25.68
CA THR J 367 41.28 23.31 25.69
C THR J 367 41.17 22.76 27.11
N LYS J 368 41.88 23.37 28.06
CA LYS J 368 41.81 22.91 29.44
C LYS J 368 40.41 23.08 30.01
N GLN J 369 39.74 24.18 29.69
CA GLN J 369 38.38 24.38 30.19
C GLN J 369 37.41 23.36 29.58
N ILE J 370 37.57 23.06 28.29
CA ILE J 370 36.74 22.04 27.66
C ILE J 370 36.97 20.68 28.30
N LEU J 371 38.23 20.35 28.59
CA LEU J 371 38.53 19.08 29.24
C LEU J 371 37.91 19.03 30.63
N ARG J 372 37.95 20.14 31.38
CA ARG J 372 37.31 20.17 32.69
C ARG J 372 35.81 19.94 32.57
N ILE J 373 35.17 20.59 31.59
CA ILE J 373 33.73 20.42 31.43
C ILE J 373 33.40 18.98 31.08
N ARG J 374 34.18 18.37 30.18
CA ARG J 374 33.92 16.98 29.81
C ARG J 374 34.15 16.04 30.99
N CYS J 375 35.16 16.30 31.81
CA CYS J 375 35.40 15.49 33.00
C CYS J 375 34.24 15.61 33.97
N GLU J 376 33.71 16.82 34.17
CA GLU J 376 32.55 16.98 35.02
C GLU J 376 31.35 16.23 34.46
N GLU J 377 31.20 16.25 33.13
CA GLU J 377 30.09 15.53 32.50
C GLU J 377 30.22 14.02 32.71
N GLU J 378 31.43 13.49 32.62
CA GLU J 378 31.65 12.05 32.77
C GLU J 378 31.91 11.63 34.21
N ASP J 379 31.85 12.57 35.16
CA ASP J 379 32.10 12.28 36.57
C ASP J 379 33.48 11.67 36.77
N VAL J 380 34.50 12.37 36.27
CA VAL J 380 35.89 11.92 36.35
C VAL J 380 36.69 13.00 37.07
N GLU J 381 37.44 12.59 38.09
CA GLU J 381 38.29 13.51 38.84
C GLU J 381 39.73 13.32 38.41
N MET J 382 40.36 14.41 37.99
CA MET J 382 41.75 14.39 37.55
C MET J 382 42.59 15.33 38.40
N SER J 383 43.88 15.04 38.49
CA SER J 383 44.82 15.97 39.09
C SER J 383 45.16 17.08 38.11
N GLU J 384 45.72 18.17 38.63
CA GLU J 384 46.09 19.30 37.78
C GLU J 384 47.23 18.94 36.84
N ASP J 385 48.19 18.12 37.29
CA ASP J 385 49.24 17.65 36.41
C ASP J 385 48.67 16.80 35.29
N ALA J 386 47.69 15.96 35.60
CA ALA J 386 47.02 15.19 34.56
C ALA J 386 46.33 16.11 33.57
N TYR J 387 45.69 17.16 34.06
CA TYR J 387 45.05 18.12 33.17
C TYR J 387 46.08 18.81 32.26
N THR J 388 47.23 19.18 32.81
CA THR J 388 48.27 19.81 32.00
C THR J 388 48.76 18.86 30.91
N VAL J 389 49.02 17.61 31.28
CA VAL J 389 49.49 16.63 30.30
C VAL J 389 48.43 16.41 29.23
N LEU J 390 47.17 16.32 29.64
CA LEU J 390 46.08 16.08 28.69
C LEU J 390 45.90 17.27 27.77
N THR J 391 46.08 18.49 28.28
CA THR J 391 46.00 19.67 27.43
C THR J 391 47.12 19.68 26.41
N ARG J 392 48.33 19.29 26.83
CA ARG J 392 49.43 19.20 25.87
C ARG J 392 49.16 18.14 24.81
N ILE J 393 48.59 17.00 25.22
CA ILE J 393 48.25 15.96 24.26
C ILE J 393 47.19 16.45 23.28
N GLY J 394 46.17 17.15 23.79
CA GLY J 394 45.13 17.65 22.92
C GLY J 394 45.62 18.68 21.94
N LEU J 395 46.50 19.58 22.39
CA LEU J 395 47.07 20.56 21.47
C LEU J 395 47.96 19.89 20.44
N GLU J 396 48.73 18.88 20.87
CA GLU J 396 49.65 18.22 19.94
C GLU J 396 48.91 17.38 18.92
N THR J 397 47.82 16.71 19.31
CA THR J 397 47.15 15.78 18.42
C THR J 397 45.74 16.22 18.04
N SER J 398 44.83 16.32 19.01
CA SER J 398 43.44 16.67 18.74
C SER J 398 42.65 16.79 20.04
N LEU J 399 41.65 17.67 20.06
CA LEU J 399 40.82 17.80 21.25
C LEU J 399 39.98 16.55 21.46
N ARG J 400 39.49 15.96 20.38
CA ARG J 400 38.65 14.77 20.49
C ARG J 400 39.45 13.59 21.01
N TYR J 401 40.73 13.50 20.63
CA TYR J 401 41.57 12.43 21.15
C TYR J 401 41.72 12.52 22.66
N ALA J 402 41.91 13.73 23.18
CA ALA J 402 42.03 13.89 24.62
C ALA J 402 40.71 13.57 25.32
N ILE J 403 39.60 14.02 24.74
CA ILE J 403 38.30 13.70 25.32
C ILE J 403 38.08 12.20 25.36
N GLN J 404 38.50 11.50 24.30
CA GLN J 404 38.41 10.04 24.30
C GLN J 404 39.32 9.42 25.35
N LEU J 405 40.52 9.96 25.53
CA LEU J 405 41.45 9.42 26.51
C LEU J 405 40.96 9.63 27.93
N ILE J 406 40.09 10.60 28.17
CA ILE J 406 39.59 10.84 29.53
C ILE J 406 38.93 9.58 30.08
N THR J 407 38.01 8.98 29.31
CA THR J 407 37.28 7.81 29.81
C THR J 407 38.20 6.61 29.96
N ALA J 408 39.14 6.43 29.02
CA ALA J 408 40.08 5.32 29.12
C ALA J 408 40.93 5.45 30.37
N ALA J 409 41.40 6.67 30.67
CA ALA J 409 42.18 6.88 31.88
C ALA J 409 41.34 6.65 33.12
N SER J 410 40.06 7.04 33.09
CA SER J 410 39.19 6.76 34.23
C SER J 410 39.03 5.27 34.45
N LEU J 411 38.86 4.50 33.37
CA LEU J 411 38.74 3.05 33.51
C LEU J 411 40.03 2.45 34.04
N VAL J 412 41.18 2.93 33.56
CA VAL J 412 42.46 2.40 34.04
C VAL J 412 42.62 2.70 35.52
N CYS J 413 42.23 3.91 35.94
CA CYS J 413 42.31 4.26 37.36
C CYS J 413 41.39 3.37 38.19
N ARG J 414 40.19 3.08 37.69
CA ARG J 414 39.28 2.21 38.42
C ARG J 414 39.78 0.78 38.46
N LYS J 415 40.57 0.37 37.48
CA LYS J 415 41.13 -0.98 37.48
C LYS J 415 42.10 -1.18 38.64
N ARG J 416 42.93 -0.18 38.92
CA ARG J 416 43.90 -0.26 40.00
C ARG J 416 43.36 0.26 41.32
N LYS J 417 42.03 0.21 41.50
CA LYS J 417 41.37 0.58 42.74
C LYS J 417 41.63 2.04 43.13
N GLY J 418 42.03 2.86 42.18
CA GLY J 418 42.22 4.26 42.44
C GLY J 418 40.94 5.05 42.35
N THR J 419 41.01 6.30 42.80
CA THR J 419 39.86 7.20 42.79
C THR J 419 40.07 8.45 41.95
N GLU J 420 41.32 8.87 41.75
CA GLU J 420 41.62 10.06 40.96
C GLU J 420 42.60 9.71 39.87
N VAL J 421 42.35 10.23 38.67
CA VAL J 421 43.20 9.92 37.51
C VAL J 421 44.52 10.66 37.66
N GLN J 422 45.62 9.92 37.52
CA GLN J 422 46.96 10.47 37.63
C GLN J 422 47.60 10.54 36.25
N VAL J 423 48.81 11.12 36.21
CA VAL J 423 49.55 11.21 34.96
C VAL J 423 49.94 9.82 34.45
N ASP J 424 50.19 8.87 35.36
CA ASP J 424 50.56 7.53 34.94
C ASP J 424 49.43 6.86 34.16
N ASP J 425 48.19 7.02 34.60
CA ASP J 425 47.06 6.45 33.87
C ASP J 425 46.92 7.07 32.49
N ILE J 426 47.13 8.38 32.40
CA ILE J 426 47.03 9.06 31.10
C ILE J 426 48.12 8.56 30.16
N LYS J 427 49.34 8.38 30.68
CA LYS J 427 50.41 7.84 29.84
C LYS J 427 50.10 6.41 29.42
N ARG J 428 49.53 5.62 30.32
CA ARG J 428 49.17 4.25 30.00
C ARG J 428 48.16 4.20 28.86
N VAL J 429 47.12 5.03 28.93
CA VAL J 429 46.12 5.01 27.87
C VAL J 429 46.62 5.69 26.60
N TYR J 430 47.59 6.60 26.72
CA TYR J 430 48.26 7.15 25.55
C TYR J 430 49.02 6.05 24.81
N SER J 431 49.71 5.19 25.55
CA SER J 431 50.42 4.09 24.90
C SER J 431 49.46 3.06 24.36
N LEU J 432 48.36 2.79 25.05
CA LEU J 432 47.43 1.75 24.62
C LEU J 432 46.70 2.13 23.34
N PHE J 433 46.19 3.37 23.27
CA PHE J 433 45.37 3.82 22.15
C PHE J 433 46.13 4.88 21.37
N LEU J 434 46.29 4.66 20.07
CA LEU J 434 47.04 5.56 19.22
C LEU J 434 46.13 6.65 18.63
N ASP J 435 46.75 7.73 18.20
CA ASP J 435 46.10 8.78 17.45
C ASP J 435 46.35 8.59 15.96
N GLU J 436 45.88 9.53 15.16
CA GLU J 436 46.03 9.41 13.71
C GLU J 436 47.51 9.52 13.30
N SER J 437 48.25 10.42 13.94
CA SER J 437 49.64 10.67 13.53
C SER J 437 50.51 9.45 13.80
N ARG J 438 50.46 8.93 15.01
CA ARG J 438 51.30 7.78 15.36
C ARG J 438 50.87 6.54 14.59
N SER J 439 49.57 6.37 14.36
CA SER J 439 49.11 5.26 13.53
C SER J 439 49.64 5.36 12.12
N THR J 440 49.62 6.56 11.54
CA THR J 440 50.16 6.73 10.20
C THR J 440 51.65 6.47 10.16
N GLN J 441 52.39 6.90 11.19
CA GLN J 441 53.82 6.63 11.24
C GLN J 441 54.10 5.14 11.31
N TYR J 442 53.40 4.43 12.19
CA TYR J 442 53.61 2.98 12.30
C TYR J 442 53.22 2.26 11.02
N MET J 443 52.15 2.71 10.37
CA MET J 443 51.76 2.11 9.10
C MET J 443 52.81 2.35 8.02
N LYS J 444 53.37 3.55 7.98
CA LYS J 444 54.42 3.83 7.01
C LYS J 444 55.67 3.01 7.28
N GLU J 445 55.90 2.64 8.54
CA GLU J 445 57.04 1.78 8.85
C GLU J 445 56.89 0.43 8.16
N TYR J 446 55.68 -0.11 8.13
CA TYR J 446 55.39 -1.41 7.54
C TYR J 446 54.42 -1.29 6.38
N GLN J 447 54.65 -0.31 5.51
CA GLN J 447 53.69 -0.01 4.44
C GLN J 447 53.53 -1.17 3.48
N ASP J 448 54.55 -2.04 3.36
CA ASP J 448 54.44 -3.18 2.46
C ASP J 448 53.48 -4.24 2.99
N ALA J 449 53.33 -4.35 4.31
CA ALA J 449 52.45 -5.36 4.88
C ALA J 449 50.98 -5.03 4.73
N PHE J 450 50.64 -3.75 4.59
CA PHE J 450 49.25 -3.36 4.43
C PHE J 450 48.78 -3.62 3.00
N LEU J 451 47.50 -3.34 2.75
CA LEU J 451 46.84 -3.69 1.50
C LEU J 451 46.50 -2.44 0.72
N PHE J 452 46.87 -2.44 -0.56
CA PHE J 452 46.48 -1.39 -1.51
C PHE J 452 47.00 -0.03 -1.06
N ASN J 453 48.33 0.09 -1.03
CA ASN J 453 49.00 1.33 -0.74
C ASN J 453 49.27 2.08 -2.04
N GLU J 454 48.99 3.38 -2.02
CA GLU J 454 49.25 4.22 -3.19
C GLU J 454 50.54 5.02 -3.02
#